data_7WN6
#
_entry.id   7WN6
#
loop_
_entity.id
_entity.type
_entity.pdbx_description
1 polymer 'von Willebrand antigen 2'
2 polymer 'von Willebrand factor'
3 non-polymer 'CALCIUM ION'
4 non-polymer 2-acetamido-2-deoxy-beta-D-glucopyranose
#
loop_
_entity_poly.entity_id
_entity_poly.type
_entity_poly.pdbx_seq_one_letter_code
_entity_poly.pdbx_strand_id
1 'polypeptide(L)'
;AEGTRGRSSTARCSLFGSDFVNTFDGSMYSFAGYCSYLLAGGCQKRSFSIIGDFQNGKRVSLSVYLGEFFDIHLFVNGTV
TQGDQRVSMPYASKGLYLETEAGYYKLSGEAYGFVARIDGSGNFQVLLSDRYFNKTCGLCGNFNIFAEDDFMTQEGTLTS
DPYDFANSWALSSGEQWCERASPPSSSCNISSGEMQKGLWEQCQLLKSTSVFARCHPLVDPEPFVALCEKTLCECAGGLE
CACPALLEYARTCAQEGMVLYGWTDHSACSPVCPAGMEYRQCVSPCARTCQSLHINEMCQERCVDGCSCPEGQLLDEGLC
VESTECPCVHSGKRYPPGTSLSRDCNTCICRNSQWICSNEECPGECLVTGQSHFKSFDNRYFTFSGICQYLLARDCQDHS
FSIVIETVQCADDRDAVCTRSVTVRLPGLHNSLVKLKHGAGVAMDGQDVQLPLLKGDLRIQHTVTASVRLSYGEDLQMDW
DGRGRLLVKLSPVYAGKTCGLCGNYNGNQGDDFLTPSGLAEPRVEDFGNAWKLHGDCQDLQKQHSDPCALNPRMTRFSEE
ACAVLTSPTFEACHRAVSPLPYLRNCRYDVCSCSDGRECLCGALASYAAACAGRGVRVAWREPGRCELNCPKGQVYLQCG
TPCNLTCRSLSYPDEECNEACLEGCFCPPGLYMDERGDCVPKAQCPCYYDGEIFQPEDIFSDHHTMCYCEDGFMHCTMSG
VPGSLLPDAVLSSPLSHRSKR
;
A,B,E,G
2 'polypeptide(L)'
;SLSCRPPMVKLVCPADNLRAEGLECTKTCQNYDLECMSMGCVSGCLCPPGMVRHENRCVALERCPCFHQGKEYAPGETVK
IGCNTCVCQDRKWNCTDHVCDATCSTIGMAHYLTFDGLKYLFPGECQYVLVQDYCGSNPGTFRILVGNKGCSHPSVKCKK
RVTILVEGGEIELFDGEVNVKRPMKDETHFEVVESGRYIILLLGKALSVVWDRHLSISVVLKQTYQEKVCGLCGNFDGIQ
NNDLTSSNLQVEEDPVDFGNSWKVSSQCADTRKVPLDSSPATCHNNIMKQTMVDSSCRILTSDVFQDCNKLVDPEPYLDV
CIYDTCSCESIGDCACFCDTIAAYAHVCAQHGKVVTWRTATLCPQSCEERNLMENGYECMWRYNSCAPACQVTCQHPEPL
ACPVQCVEGCHAHCPPGKILDELLQTCVDPEDCPVCEVAGRRFASGKKVTLNPSDPEHCQICHCDVVNLTCEACQEPGGL
VVPPHHHHHH
;
F,H,C,D
#
loop_
_chem_comp.id
_chem_comp.type
_chem_comp.name
_chem_comp.formula
CA non-polymer 'CALCIUM ION' 'Ca 2'
NAG D-saccharide, beta linking 2-acetamido-2-deoxy-beta-D-glucopyranose 'C8 H15 N O6'
#
# COMPACT_ATOMS: atom_id res chain seq x y z
N SER A 8 -46.90 0.56 -49.81
CA SER A 8 -45.68 0.80 -49.04
C SER A 8 -44.54 -0.08 -49.54
N SER A 9 -44.49 -1.32 -49.07
CA SER A 9 -43.49 -2.31 -49.44
C SER A 9 -42.06 -1.90 -49.05
N THR A 10 -41.90 -0.86 -48.23
CA THR A 10 -40.59 -0.36 -47.85
C THR A 10 -40.64 0.08 -46.39
N ALA A 11 -39.54 0.66 -45.93
CA ALA A 11 -39.43 1.17 -44.57
C ALA A 11 -38.58 2.43 -44.60
N ARG A 12 -38.27 2.96 -43.43
CA ARG A 12 -37.41 4.12 -43.31
C ARG A 12 -36.98 4.35 -41.88
N CYS A 13 -35.67 4.49 -41.65
CA CYS A 13 -35.11 4.96 -40.40
C CYS A 13 -34.33 6.24 -40.66
N SER A 14 -34.12 7.02 -39.60
CA SER A 14 -33.40 8.27 -39.74
C SER A 14 -32.79 8.67 -38.41
N LEU A 15 -31.54 9.11 -38.46
CA LEU A 15 -30.80 9.63 -37.31
C LEU A 15 -30.46 11.08 -37.65
N PHE A 16 -31.38 11.98 -37.35
CA PHE A 16 -31.34 13.35 -37.83
C PHE A 16 -30.81 14.29 -36.76
N GLY A 17 -30.03 15.27 -37.19
CA GLY A 17 -29.55 16.28 -36.27
C GLY A 17 -28.51 15.72 -35.32
N SER A 18 -28.67 16.02 -34.05
CA SER A 18 -27.78 15.57 -32.98
C SER A 18 -28.53 14.61 -32.07
N ASP A 19 -28.07 13.36 -32.04
CA ASP A 19 -28.47 12.35 -31.05
C ASP A 19 -29.90 11.84 -31.23
N PHE A 20 -30.65 12.37 -32.18
CA PHE A 20 -32.05 11.98 -32.36
C PHE A 20 -32.17 10.81 -33.32
N VAL A 21 -33.31 10.13 -33.22
CA VAL A 21 -33.55 8.85 -33.89
C VAL A 21 -34.99 8.85 -34.38
N ASN A 22 -35.22 8.14 -35.48
CA ASN A 22 -36.57 7.85 -35.95
C ASN A 22 -36.58 6.42 -36.46
N THR A 23 -37.31 5.56 -35.77
CA THR A 23 -37.40 4.15 -36.13
C THR A 23 -38.30 3.97 -37.36
N PHE A 24 -38.47 2.71 -37.75
CA PHE A 24 -39.38 2.38 -38.84
C PHE A 24 -40.82 2.70 -38.50
N ASP A 25 -41.16 2.79 -37.21
CA ASP A 25 -42.54 3.04 -36.78
C ASP A 25 -42.64 4.22 -35.83
N GLY A 26 -42.64 5.43 -36.40
CA GLY A 26 -43.02 6.68 -35.75
C GLY A 26 -42.69 6.83 -34.28
N SER A 27 -41.50 6.38 -33.88
CA SER A 27 -41.09 6.38 -32.48
C SER A 27 -39.74 7.05 -32.39
N MET A 28 -39.71 8.26 -31.83
CA MET A 28 -38.50 9.04 -31.69
C MET A 28 -37.99 9.00 -30.26
N TYR A 29 -36.74 9.40 -30.11
CA TYR A 29 -36.08 9.59 -28.82
C TYR A 29 -34.73 10.23 -29.11
N SER A 30 -33.91 10.37 -28.08
CA SER A 30 -32.56 10.89 -28.21
C SER A 30 -31.58 9.91 -27.61
N PHE A 31 -30.37 9.91 -28.16
CA PHE A 31 -29.32 9.02 -27.68
C PHE A 31 -27.98 9.63 -28.06
N ALA A 32 -27.16 9.93 -27.05
CA ALA A 32 -25.80 10.41 -27.26
C ALA A 32 -24.84 9.26 -26.97
N GLY A 33 -24.67 8.41 -27.95
CA GLY A 33 -23.84 7.24 -27.79
C GLY A 33 -22.37 7.61 -27.71
N TYR A 34 -21.56 6.56 -27.63
CA TYR A 34 -20.12 6.67 -27.44
C TYR A 34 -19.30 5.79 -28.36
N CYS A 35 -19.90 4.76 -28.95
CA CYS A 35 -19.16 3.81 -29.78
C CYS A 35 -20.10 3.29 -30.87
N SER A 36 -19.72 2.19 -31.48
CA SER A 36 -20.54 1.55 -32.49
C SER A 36 -21.84 1.01 -31.91
N TYR A 37 -22.89 1.01 -32.73
CA TYR A 37 -24.18 0.45 -32.36
C TYR A 37 -24.85 -0.10 -33.61
N LEU A 38 -25.65 -1.14 -33.42
CA LEU A 38 -26.30 -1.81 -34.54
C LEU A 38 -27.57 -1.07 -34.91
N LEU A 39 -27.62 -0.58 -36.14
CA LEU A 39 -28.83 0.07 -36.63
C LEU A 39 -29.90 -0.96 -36.97
N ALA A 40 -29.60 -1.83 -37.93
CA ALA A 40 -30.55 -2.82 -38.40
C ALA A 40 -29.80 -4.09 -38.74
N GLY A 41 -30.56 -5.11 -39.10
CA GLY A 41 -30.02 -6.43 -39.40
C GLY A 41 -30.92 -7.49 -38.84
N GLY A 42 -30.81 -8.69 -39.40
CA GLY A 42 -31.55 -9.83 -38.90
C GLY A 42 -31.20 -10.12 -37.46
N CYS A 43 -32.02 -11.00 -36.87
CA CYS A 43 -32.01 -11.36 -35.46
C CYS A 43 -31.95 -12.87 -35.29
N GLN A 44 -32.61 -13.59 -36.20
CA GLN A 44 -32.43 -15.03 -36.28
C GLN A 44 -31.15 -15.36 -37.02
N LYS A 45 -30.96 -14.76 -38.20
CA LYS A 45 -29.76 -14.95 -39.00
C LYS A 45 -29.48 -13.66 -39.75
N ARG A 46 -28.22 -13.26 -39.79
CA ARG A 46 -27.81 -11.98 -40.37
C ARG A 46 -27.01 -12.22 -41.64
N SER A 47 -27.62 -11.86 -42.77
CA SER A 47 -26.88 -11.79 -44.02
C SER A 47 -26.10 -10.48 -44.12
N PHE A 48 -26.47 -9.47 -43.33
CA PHE A 48 -25.77 -8.20 -43.31
C PHE A 48 -25.98 -7.56 -41.95
N SER A 49 -25.43 -6.36 -41.79
CA SER A 49 -25.65 -5.57 -40.58
C SER A 49 -25.22 -4.14 -40.85
N ILE A 50 -26.16 -3.19 -40.79
CA ILE A 50 -25.82 -1.78 -40.88
C ILE A 50 -25.47 -1.29 -39.49
N ILE A 51 -24.38 -0.54 -39.41
CA ILE A 51 -23.77 -0.16 -38.14
C ILE A 51 -23.44 1.31 -38.19
N GLY A 52 -23.54 1.98 -37.04
CA GLY A 52 -23.30 3.40 -36.91
C GLY A 52 -22.39 3.70 -35.75
N ASP A 53 -21.34 4.50 -35.99
CA ASP A 53 -20.36 4.82 -34.97
C ASP A 53 -20.56 6.25 -34.48
N PHE A 54 -20.54 6.41 -33.16
CA PHE A 54 -20.62 7.71 -32.52
C PHE A 54 -19.32 7.98 -31.79
N GLN A 55 -18.72 9.13 -32.07
CA GLN A 55 -17.46 9.49 -31.42
C GLN A 55 -17.70 9.87 -29.96
N ASN A 56 -18.45 10.94 -29.73
CA ASN A 56 -18.90 11.32 -28.39
C ASN A 56 -20.25 12.03 -28.56
N GLY A 57 -21.33 11.25 -28.49
CA GLY A 57 -22.64 11.78 -28.78
C GLY A 57 -22.86 12.03 -30.26
N LYS A 58 -22.03 12.89 -30.85
CA LYS A 58 -22.13 13.19 -32.28
C LYS A 58 -21.67 12.01 -33.11
N ARG A 59 -22.28 11.87 -34.28
CA ARG A 59 -22.09 10.70 -35.13
C ARG A 59 -20.98 10.93 -36.13
N VAL A 60 -20.38 9.81 -36.57
CA VAL A 60 -19.30 9.85 -37.55
C VAL A 60 -19.68 9.02 -38.78
N SER A 61 -19.79 7.70 -38.59
CA SER A 61 -19.73 6.76 -39.70
C SER A 61 -20.95 5.86 -39.76
N LEU A 62 -21.33 5.54 -40.99
CA LEU A 62 -22.17 4.39 -41.30
C LEU A 62 -21.28 3.26 -41.74
N SER A 63 -21.63 2.03 -41.37
CA SER A 63 -20.85 0.86 -41.74
C SER A 63 -21.79 -0.28 -42.07
N VAL A 64 -21.39 -1.06 -43.08
CA VAL A 64 -22.13 -2.23 -43.53
C VAL A 64 -21.16 -3.39 -43.49
N TYR A 65 -21.40 -4.34 -42.61
CA TYR A 65 -20.65 -5.58 -42.55
C TYR A 65 -21.52 -6.67 -43.12
N LEU A 66 -21.07 -7.26 -44.23
CA LEU A 66 -21.90 -8.14 -45.03
C LEU A 66 -21.65 -9.60 -44.64
N GLY A 67 -22.08 -9.91 -43.42
CA GLY A 67 -21.89 -11.24 -42.88
C GLY A 67 -20.63 -11.32 -42.05
N GLU A 68 -19.55 -11.78 -42.68
CA GLU A 68 -18.30 -12.10 -42.01
C GLU A 68 -17.08 -11.52 -42.67
N PHE A 69 -17.12 -11.22 -43.97
CA PHE A 69 -15.93 -11.10 -44.80
C PHE A 69 -15.68 -9.72 -45.36
N PHE A 70 -16.70 -8.87 -45.46
CA PHE A 70 -16.60 -7.60 -46.17
C PHE A 70 -17.08 -6.48 -45.27
N ASP A 71 -16.50 -5.31 -45.46
CA ASP A 71 -16.75 -4.18 -44.57
C ASP A 71 -16.45 -2.87 -45.27
N ILE A 72 -17.36 -1.91 -45.10
CA ILE A 72 -17.21 -0.55 -45.59
C ILE A 72 -17.38 0.38 -44.39
N HIS A 73 -16.68 1.50 -44.43
CA HIS A 73 -16.79 2.53 -43.39
C HIS A 73 -16.83 3.89 -44.11
N LEU A 74 -18.03 4.34 -44.45
CA LEU A 74 -18.26 5.74 -44.87
C LEU A 74 -18.43 6.61 -43.61
N PHE A 75 -17.75 7.75 -43.54
CA PHE A 75 -17.78 8.62 -42.34
C PHE A 75 -18.47 9.94 -42.67
N VAL A 76 -18.79 10.72 -41.64
CA VAL A 76 -19.39 12.08 -41.82
C VAL A 76 -18.48 12.90 -42.74
N ASN A 77 -17.18 12.88 -42.47
CA ASN A 77 -16.22 13.65 -43.31
C ASN A 77 -15.75 12.74 -44.46
N GLY A 78 -16.57 11.75 -44.81
CA GLY A 78 -16.31 10.87 -45.97
C GLY A 78 -15.27 9.82 -45.66
N THR A 79 -14.10 9.90 -46.31
CA THR A 79 -12.92 9.07 -45.94
C THR A 79 -13.34 7.59 -45.87
N VAL A 80 -14.10 7.13 -46.86
CA VAL A 80 -14.58 5.70 -46.89
C VAL A 80 -13.36 4.78 -46.91
N THR A 81 -13.53 3.54 -46.46
CA THR A 81 -12.43 2.53 -46.48
C THR A 81 -13.03 1.13 -46.55
N GLN A 82 -12.33 0.21 -47.23
CA GLN A 82 -12.74 -1.19 -47.29
C GLN A 82 -11.78 -1.94 -46.38
N GLY A 83 -12.24 -2.32 -45.19
CA GLY A 83 -11.36 -2.84 -44.17
C GLY A 83 -10.58 -1.72 -43.53
N ASP A 84 -9.30 -1.61 -43.87
CA ASP A 84 -8.46 -0.50 -43.46
C ASP A 84 -7.82 0.23 -44.64
N GLN A 85 -7.92 -0.31 -45.85
CA GLN A 85 -7.37 0.34 -47.03
C GLN A 85 -8.37 1.37 -47.56
N ARG A 86 -7.98 2.63 -47.56
CA ARG A 86 -8.85 3.66 -48.10
C ARG A 86 -8.95 3.50 -49.62
N VAL A 87 -10.18 3.38 -50.11
CA VAL A 87 -10.44 3.25 -51.53
C VAL A 87 -10.93 4.59 -52.05
N SER A 88 -11.00 4.70 -53.38
CA SER A 88 -11.57 5.87 -54.02
C SER A 88 -13.10 5.77 -53.94
N MET A 89 -13.79 6.62 -54.69
CA MET A 89 -15.23 6.60 -54.75
C MET A 89 -15.58 7.04 -56.17
N PRO A 90 -16.61 6.47 -56.79
CA PRO A 90 -17.53 5.39 -56.38
C PRO A 90 -16.85 4.02 -56.27
N TYR A 91 -17.64 3.00 -55.97
CA TYR A 91 -17.13 1.68 -55.62
C TYR A 91 -18.31 0.72 -55.58
N ALA A 92 -18.09 -0.51 -56.08
CA ALA A 92 -19.23 -1.37 -56.40
C ALA A 92 -19.00 -2.85 -56.07
N SER A 93 -18.05 -3.16 -55.19
CA SER A 93 -17.74 -4.57 -54.94
C SER A 93 -18.87 -5.28 -54.23
N LYS A 94 -18.92 -6.60 -54.42
CA LYS A 94 -19.74 -7.52 -53.64
C LYS A 94 -21.22 -7.15 -53.66
N GLY A 95 -21.68 -6.55 -54.76
CA GLY A 95 -23.07 -6.20 -54.88
C GLY A 95 -23.47 -4.98 -54.07
N LEU A 96 -22.51 -4.12 -53.73
CA LEU A 96 -22.77 -2.91 -52.95
C LEU A 96 -22.24 -1.70 -53.72
N TYR A 97 -23.09 -1.13 -54.56
CA TYR A 97 -22.76 0.11 -55.24
C TYR A 97 -22.70 1.24 -54.23
N LEU A 98 -21.57 1.94 -54.21
CA LEU A 98 -21.30 3.03 -53.28
C LEU A 98 -21.17 4.30 -54.12
N GLU A 99 -22.28 5.01 -54.23
CA GLU A 99 -22.48 6.04 -55.22
C GLU A 99 -22.73 7.39 -54.54
N THR A 100 -22.99 8.41 -55.36
CA THR A 100 -23.44 9.71 -54.88
C THR A 100 -24.64 10.15 -55.70
N GLU A 101 -25.73 10.48 -55.01
CA GLU A 101 -26.98 10.87 -55.65
C GLU A 101 -27.39 12.25 -55.14
N ALA A 102 -27.67 13.14 -56.07
CA ALA A 102 -28.16 14.48 -55.75
C ALA A 102 -27.17 15.23 -54.86
N GLY A 103 -25.88 15.02 -55.12
CA GLY A 103 -24.84 15.58 -54.30
C GLY A 103 -24.71 14.96 -52.93
N TYR A 104 -25.47 13.91 -52.63
CA TYR A 104 -25.44 13.22 -51.35
C TYR A 104 -25.10 11.76 -51.57
N TYR A 105 -24.38 11.19 -50.60
CA TYR A 105 -23.77 9.89 -50.77
C TYR A 105 -24.77 8.76 -50.50
N LYS A 106 -24.63 7.67 -51.24
CA LYS A 106 -25.57 6.56 -51.23
C LYS A 106 -24.81 5.25 -51.12
N LEU A 107 -25.48 4.25 -50.54
CA LEU A 107 -24.97 2.89 -50.43
C LEU A 107 -26.16 1.96 -50.67
N SER A 108 -26.15 1.26 -51.80
CA SER A 108 -27.26 0.42 -52.21
C SER A 108 -26.91 -1.05 -52.07
N GLY A 109 -27.89 -1.85 -51.64
CA GLY A 109 -27.72 -3.27 -51.42
C GLY A 109 -28.92 -4.05 -51.90
N GLU A 110 -29.51 -3.61 -53.01
CA GLU A 110 -30.81 -4.12 -53.48
C GLU A 110 -30.89 -5.64 -53.50
N ALA A 111 -29.78 -6.32 -53.75
CA ALA A 111 -29.75 -7.76 -53.58
C ALA A 111 -30.05 -8.13 -52.14
N TYR A 112 -29.41 -7.44 -51.20
CA TYR A 112 -29.61 -7.68 -49.78
C TYR A 112 -30.72 -6.83 -49.18
N GLY A 113 -31.40 -6.03 -49.99
CA GLY A 113 -32.63 -5.39 -49.57
C GLY A 113 -32.43 -4.22 -48.63
N PHE A 114 -31.59 -3.28 -49.00
CA PHE A 114 -31.47 -2.05 -48.23
C PHE A 114 -30.80 -0.99 -49.09
N VAL A 115 -31.07 0.26 -48.74
CA VAL A 115 -30.47 1.42 -49.37
C VAL A 115 -30.18 2.41 -48.24
N ALA A 116 -28.91 2.71 -48.03
CA ALA A 116 -28.49 3.73 -47.08
C ALA A 116 -28.03 4.97 -47.84
N ARG A 117 -27.78 6.03 -47.07
CA ARG A 117 -27.31 7.28 -47.63
C ARG A 117 -26.95 8.21 -46.48
N ILE A 118 -26.26 9.30 -46.81
CA ILE A 118 -26.01 10.38 -45.88
C ILE A 118 -26.10 11.70 -46.65
N ASP A 119 -26.39 12.77 -45.93
CA ASP A 119 -26.45 14.11 -46.50
C ASP A 119 -25.18 14.87 -46.16
N GLY A 120 -25.14 16.15 -46.53
CA GLY A 120 -23.94 16.94 -46.28
C GLY A 120 -23.75 17.25 -44.81
N SER A 121 -24.84 17.58 -44.12
CA SER A 121 -24.75 17.83 -42.68
C SER A 121 -24.38 16.57 -41.91
N GLY A 122 -24.95 15.44 -42.31
CA GLY A 122 -24.82 14.19 -41.59
C GLY A 122 -26.15 13.81 -40.98
N ASN A 123 -26.90 12.98 -41.71
CA ASN A 123 -28.21 12.51 -41.26
C ASN A 123 -28.37 11.12 -41.87
N PHE A 124 -28.05 10.10 -41.11
CA PHE A 124 -28.15 8.74 -41.61
C PHE A 124 -29.59 8.40 -41.93
N GLN A 125 -29.77 7.69 -43.05
CA GLN A 125 -31.09 7.24 -43.48
C GLN A 125 -30.94 5.82 -44.00
N VAL A 126 -31.98 5.01 -43.79
CA VAL A 126 -31.97 3.59 -44.14
C VAL A 126 -33.32 3.22 -44.72
N LEU A 127 -33.35 2.94 -46.02
CA LEU A 127 -34.53 2.38 -46.65
C LEU A 127 -34.36 0.87 -46.76
N LEU A 128 -35.44 0.15 -46.46
CA LEU A 128 -35.37 -1.29 -46.24
C LEU A 128 -36.69 -1.89 -46.70
N SER A 129 -36.60 -3.08 -47.29
CA SER A 129 -37.75 -3.68 -47.96
C SER A 129 -38.80 -4.14 -46.96
N ASP A 130 -39.87 -4.72 -47.49
CA ASP A 130 -40.89 -5.37 -46.67
C ASP A 130 -40.55 -6.81 -46.34
N ARG A 131 -39.41 -7.32 -46.80
CA ARG A 131 -39.07 -8.71 -46.60
C ARG A 131 -38.75 -9.01 -45.14
N TYR A 132 -38.29 -8.00 -44.39
CA TYR A 132 -37.92 -8.16 -42.99
C TYR A 132 -39.04 -7.75 -42.04
N PHE A 133 -40.29 -7.82 -42.51
CA PHE A 133 -41.42 -7.39 -41.63
C PHE A 133 -41.46 -8.30 -40.40
N ASN A 134 -41.16 -7.72 -39.22
CA ASN A 134 -41.09 -8.49 -37.95
C ASN A 134 -39.78 -9.31 -37.92
N LYS A 135 -38.71 -8.75 -38.49
CA LYS A 135 -37.38 -9.41 -38.48
C LYS A 135 -36.35 -8.49 -37.83
N THR A 136 -35.83 -7.53 -38.60
CA THR A 136 -34.72 -6.66 -38.14
C THR A 136 -35.03 -6.08 -36.76
N CYS A 137 -34.36 -6.58 -35.71
CA CYS A 137 -34.41 -5.97 -34.40
C CYS A 137 -33.05 -5.34 -34.13
N GLY A 138 -33.06 -4.09 -33.71
CA GLY A 138 -31.86 -3.32 -33.52
C GLY A 138 -32.15 -1.95 -32.94
N LEU A 139 -31.47 -0.93 -33.44
CA LEU A 139 -31.62 0.42 -32.92
C LEU A 139 -32.68 1.22 -33.65
N CYS A 140 -32.99 0.87 -34.91
CA CYS A 140 -34.14 1.42 -35.62
C CYS A 140 -35.39 0.57 -35.43
N GLY A 141 -35.38 -0.35 -34.46
CA GLY A 141 -36.56 -1.12 -34.13
C GLY A 141 -37.05 -2.06 -35.21
N ASN A 142 -38.05 -2.86 -34.86
CA ASN A 142 -38.62 -3.83 -35.78
C ASN A 142 -39.44 -3.14 -36.87
N PHE A 143 -39.56 -3.83 -38.01
CA PHE A 143 -40.45 -3.38 -39.09
C PHE A 143 -41.79 -4.10 -38.90
N ASN A 144 -42.56 -3.61 -37.95
CA ASN A 144 -43.95 -4.00 -37.76
C ASN A 144 -44.89 -2.84 -38.10
N ILE A 145 -46.17 -3.02 -37.79
CA ILE A 145 -47.11 -1.90 -37.92
C ILE A 145 -47.07 -1.03 -36.66
N PHE A 146 -47.03 -1.66 -35.49
CA PHE A 146 -47.06 -0.91 -34.24
C PHE A 146 -45.81 -0.06 -34.07
N ALA A 147 -45.90 0.87 -33.12
CA ALA A 147 -44.84 1.83 -32.83
C ALA A 147 -44.51 1.91 -31.35
N GLU A 148 -45.25 1.22 -30.49
CA GLU A 148 -45.04 1.27 -29.05
C GLU A 148 -44.16 0.15 -28.54
N ASP A 149 -44.26 -1.03 -29.15
CA ASP A 149 -43.61 -2.31 -28.91
C ASP A 149 -42.28 -2.45 -29.63
N ASP A 150 -41.81 -1.42 -30.33
CA ASP A 150 -40.55 -1.54 -31.07
C ASP A 150 -39.35 -1.10 -30.22
N PHE A 151 -39.32 -1.55 -28.96
CA PHE A 151 -38.12 -1.61 -28.13
C PHE A 151 -38.05 -3.05 -27.61
N MET A 152 -37.48 -3.95 -28.41
CA MET A 152 -37.30 -5.34 -28.01
C MET A 152 -35.80 -5.61 -27.98
N THR A 153 -35.25 -5.66 -26.77
CA THR A 153 -33.81 -5.64 -26.56
C THR A 153 -33.12 -6.83 -27.19
N GLN A 154 -31.80 -6.83 -27.14
CA GLN A 154 -30.99 -7.94 -27.63
C GLN A 154 -31.30 -9.24 -26.88
N GLU A 155 -31.83 -9.14 -25.67
CA GLU A 155 -32.45 -10.29 -25.02
C GLU A 155 -33.84 -10.57 -25.59
N GLY A 156 -34.59 -9.49 -25.82
CA GLY A 156 -35.99 -9.53 -26.17
C GLY A 156 -36.77 -9.20 -24.91
N THR A 157 -37.06 -7.92 -24.74
CA THR A 157 -37.64 -7.40 -23.49
C THR A 157 -38.26 -6.06 -23.85
N LEU A 158 -39.56 -5.93 -23.68
CA LEU A 158 -40.20 -4.64 -23.90
C LEU A 158 -39.83 -3.71 -22.76
N THR A 159 -39.13 -2.62 -23.08
CA THR A 159 -38.64 -1.66 -22.10
C THR A 159 -39.34 -0.32 -22.27
N SER A 160 -39.48 0.39 -21.15
CA SER A 160 -40.09 1.71 -21.19
C SER A 160 -39.09 2.83 -21.49
N ASP A 161 -37.80 2.58 -21.31
CA ASP A 161 -36.79 3.61 -21.50
C ASP A 161 -36.27 3.56 -22.94
N PRO A 162 -36.28 4.66 -23.68
CA PRO A 162 -35.58 4.70 -24.97
C PRO A 162 -34.07 4.82 -24.88
N TYR A 163 -33.48 4.68 -23.70
CA TYR A 163 -32.05 4.94 -23.52
C TYR A 163 -31.25 3.68 -23.26
N ASP A 164 -31.57 2.90 -22.23
CA ASP A 164 -30.85 1.66 -21.98
C ASP A 164 -31.02 0.69 -23.13
N PHE A 165 -32.16 0.77 -23.83
CA PHE A 165 -32.39 -0.02 -25.03
C PHE A 165 -31.25 0.13 -26.02
N ALA A 166 -30.98 1.37 -26.42
CA ALA A 166 -29.91 1.64 -27.38
C ALA A 166 -28.55 1.18 -26.89
N ASN A 167 -28.38 1.05 -25.57
CA ASN A 167 -27.14 0.57 -25.00
C ASN A 167 -27.05 -0.95 -24.98
N SER A 168 -28.20 -1.65 -25.04
CA SER A 168 -28.16 -3.09 -25.23
C SER A 168 -27.55 -3.45 -26.57
N TRP A 169 -27.85 -2.65 -27.60
CA TRP A 169 -27.40 -2.91 -28.96
C TRP A 169 -26.07 -2.24 -29.26
N ALA A 170 -25.10 -2.44 -28.37
CA ALA A 170 -23.74 -2.00 -28.58
C ALA A 170 -22.89 -3.15 -29.09
N LEU A 171 -21.79 -2.80 -29.77
CA LEU A 171 -20.90 -3.77 -30.37
C LEU A 171 -19.51 -3.17 -30.36
N SER A 172 -18.53 -3.91 -29.85
CA SER A 172 -17.19 -3.40 -29.58
C SER A 172 -16.15 -4.08 -30.44
N SER A 173 -14.98 -3.43 -30.54
CA SER A 173 -13.84 -3.95 -31.29
C SER A 173 -12.63 -4.18 -30.41
N GLY A 174 -11.57 -4.72 -31.02
CA GLY A 174 -10.29 -4.82 -30.36
C GLY A 174 -9.58 -3.49 -30.33
N GLU A 175 -9.78 -2.69 -31.38
CA GLU A 175 -9.24 -1.34 -31.38
C GLU A 175 -9.81 -0.52 -30.24
N GLN A 176 -11.08 -0.73 -29.90
CA GLN A 176 -11.70 -0.02 -28.79
C GLN A 176 -12.83 -0.87 -28.22
N TRP A 177 -12.80 -1.08 -26.92
CA TRP A 177 -13.96 -1.57 -26.18
C TRP A 177 -14.66 -0.40 -25.52
N CYS A 178 -16.00 -0.44 -25.53
CA CYS A 178 -16.80 0.69 -25.12
C CYS A 178 -17.77 0.28 -24.02
N GLU A 179 -18.27 1.30 -23.31
CA GLU A 179 -18.99 1.14 -22.06
C GLU A 179 -20.39 1.73 -22.19
N ARG A 180 -21.11 1.77 -21.08
CA ARG A 180 -22.39 2.46 -21.00
C ARG A 180 -22.18 3.97 -21.01
N ALA A 181 -22.60 4.62 -22.10
CA ALA A 181 -22.57 6.07 -22.13
C ALA A 181 -23.56 6.62 -21.12
N SER A 182 -23.38 7.91 -20.79
CA SER A 182 -24.25 8.59 -19.83
C SER A 182 -25.19 9.55 -20.57
N PRO A 183 -26.42 9.76 -20.10
CA PRO A 183 -27.22 10.84 -20.66
C PRO A 183 -26.57 12.18 -20.38
N PRO A 184 -26.66 13.15 -21.30
CA PRO A 184 -25.99 14.43 -21.06
C PRO A 184 -26.74 15.25 -20.02
N SER A 185 -25.98 15.87 -19.13
CA SER A 185 -26.56 16.80 -18.16
C SER A 185 -26.90 18.11 -18.86
N SER A 186 -28.20 18.38 -18.99
CA SER A 186 -28.65 19.51 -19.80
C SER A 186 -28.34 20.82 -19.09
N SER A 187 -27.54 21.67 -19.73
CA SER A 187 -27.32 23.04 -19.27
C SER A 187 -28.49 23.96 -19.55
N CYS A 188 -29.48 23.50 -20.33
CA CYS A 188 -30.65 24.31 -20.62
C CYS A 188 -31.44 24.66 -19.36
N ASN A 189 -31.36 23.82 -18.33
CA ASN A 189 -32.19 23.96 -17.15
C ASN A 189 -32.00 25.27 -16.38
N ILE A 190 -30.90 25.99 -16.59
CA ILE A 190 -30.61 27.22 -15.86
C ILE A 190 -30.66 28.41 -16.80
N SER A 191 -30.19 28.24 -18.04
CA SER A 191 -30.13 29.33 -19.01
C SER A 191 -31.44 29.42 -19.79
N SER A 192 -32.55 29.53 -19.06
CA SER A 192 -33.86 29.50 -19.69
C SER A 192 -34.18 30.83 -20.37
N GLY A 193 -34.35 31.88 -19.56
CA GLY A 193 -34.52 33.23 -20.06
C GLY A 193 -35.62 33.38 -21.09
N GLU A 194 -35.31 34.14 -22.14
CA GLU A 194 -36.23 34.44 -23.24
C GLU A 194 -36.30 33.32 -24.27
N MET A 195 -35.34 32.40 -24.27
CA MET A 195 -35.17 31.46 -25.38
C MET A 195 -36.41 30.59 -25.63
N GLN A 196 -37.27 30.42 -24.63
CA GLN A 196 -38.48 29.62 -24.80
C GLN A 196 -39.67 30.44 -25.28
N LYS A 197 -39.63 31.76 -25.15
CA LYS A 197 -40.76 32.61 -25.53
C LYS A 197 -40.70 33.06 -26.98
N GLY A 198 -39.52 33.45 -27.47
CA GLY A 198 -39.39 33.91 -28.84
C GLY A 198 -39.23 32.81 -29.86
N LEU A 199 -38.57 31.72 -29.49
CA LEU A 199 -38.23 30.65 -30.42
C LEU A 199 -39.21 29.49 -30.41
N TRP A 200 -40.27 29.57 -29.60
CA TRP A 200 -41.33 28.57 -29.64
C TRP A 200 -42.06 28.52 -30.98
N GLU A 201 -41.94 29.56 -31.80
CA GLU A 201 -42.72 29.65 -33.02
C GLU A 201 -42.18 28.73 -34.12
N GLN A 202 -40.86 28.55 -34.18
CA GLN A 202 -40.29 27.76 -35.27
C GLN A 202 -40.66 26.29 -35.14
N CYS A 203 -40.81 25.80 -33.91
CA CYS A 203 -41.43 24.50 -33.71
C CYS A 203 -42.91 24.54 -34.02
N GLN A 204 -43.55 25.68 -33.76
CA GLN A 204 -44.99 25.79 -33.92
C GLN A 204 -45.41 25.84 -35.38
N LEU A 205 -44.57 26.36 -36.27
CA LEU A 205 -44.99 26.56 -37.65
C LEU A 205 -45.15 25.26 -38.42
N LEU A 206 -44.71 24.13 -37.87
CA LEU A 206 -45.10 22.84 -38.41
C LEU A 206 -46.62 22.67 -38.39
N LYS A 207 -47.28 23.27 -37.40
CA LYS A 207 -48.72 23.14 -37.22
C LYS A 207 -49.51 24.28 -37.84
N SER A 208 -48.95 25.48 -37.88
CA SER A 208 -49.70 26.66 -38.32
C SER A 208 -49.68 26.82 -39.84
N THR A 209 -48.50 26.76 -40.44
CA THR A 209 -48.36 27.07 -41.85
C THR A 209 -49.11 26.05 -42.71
N SER A 210 -49.69 26.53 -43.80
CA SER A 210 -50.53 25.67 -44.62
C SER A 210 -49.74 24.58 -45.31
N VAL A 211 -48.46 24.83 -45.63
CA VAL A 211 -47.68 23.84 -46.38
C VAL A 211 -47.44 22.59 -45.54
N PHE A 212 -47.48 22.70 -44.22
CA PHE A 212 -47.42 21.56 -43.32
C PHE A 212 -48.78 21.15 -42.78
N ALA A 213 -49.85 21.86 -43.15
CA ALA A 213 -51.16 21.66 -42.54
C ALA A 213 -51.99 20.60 -43.25
N ARG A 214 -51.33 19.66 -43.94
CA ARG A 214 -52.02 18.66 -44.74
C ARG A 214 -51.45 17.25 -44.62
N CYS A 215 -50.29 17.05 -43.98
CA CYS A 215 -49.81 15.72 -43.65
C CYS A 215 -50.43 15.16 -42.36
N HIS A 216 -51.17 15.99 -41.62
CA HIS A 216 -51.80 15.54 -40.38
C HIS A 216 -52.72 14.33 -40.52
N PRO A 217 -53.48 14.11 -41.61
CA PRO A 217 -54.19 12.83 -41.72
C PRO A 217 -53.28 11.66 -42.00
N LEU A 218 -52.02 11.90 -42.36
CA LEU A 218 -51.04 10.86 -42.63
C LEU A 218 -50.09 10.63 -41.46
N VAL A 219 -49.68 11.70 -40.79
CA VAL A 219 -48.75 11.65 -39.67
C VAL A 219 -49.26 12.59 -38.58
N ASP A 220 -48.48 12.71 -37.50
CA ASP A 220 -48.78 13.62 -36.41
C ASP A 220 -47.52 14.39 -36.07
N PRO A 221 -47.52 15.72 -36.10
CA PRO A 221 -46.32 16.47 -35.70
C PRO A 221 -46.10 16.53 -34.19
N GLU A 222 -46.98 15.96 -33.39
CA GLU A 222 -46.88 16.12 -31.94
C GLU A 222 -45.57 15.58 -31.37
N PRO A 223 -45.01 14.46 -31.83
CA PRO A 223 -43.66 14.11 -31.37
C PRO A 223 -42.58 15.03 -31.91
N PHE A 224 -42.66 15.39 -33.19
CA PHE A 224 -41.67 16.26 -33.83
C PHE A 224 -41.55 17.60 -33.09
N VAL A 225 -42.68 18.19 -32.73
CA VAL A 225 -42.64 19.41 -31.93
C VAL A 225 -42.18 19.10 -30.52
N ALA A 226 -42.40 17.87 -30.04
CA ALA A 226 -41.97 17.52 -28.70
C ALA A 226 -40.46 17.37 -28.63
N LEU A 227 -39.84 16.79 -29.66
CA LEU A 227 -38.40 16.58 -29.64
C LEU A 227 -37.61 17.83 -29.96
N CYS A 228 -38.21 18.83 -30.58
CA CYS A 228 -37.47 20.04 -30.91
C CYS A 228 -37.30 20.93 -29.69
N GLU A 229 -38.35 21.10 -28.91
CA GLU A 229 -38.35 22.07 -27.81
C GLU A 229 -37.25 21.82 -26.79
N LYS A 230 -36.71 20.60 -26.73
CA LYS A 230 -35.58 20.32 -25.86
C LYS A 230 -34.23 20.63 -26.50
N THR A 231 -34.17 20.85 -27.82
CA THR A 231 -32.91 21.18 -28.50
C THR A 231 -32.84 22.62 -29.00
N LEU A 232 -33.90 23.40 -28.84
CA LEU A 232 -33.83 24.83 -29.15
C LEU A 232 -33.14 25.64 -28.05
N CYS A 233 -32.67 25.00 -26.99
CA CYS A 233 -32.22 25.67 -25.78
C CYS A 233 -30.71 25.69 -25.57
N GLU A 234 -29.98 24.78 -26.21
CA GLU A 234 -28.52 24.71 -26.03
C GLU A 234 -27.77 25.64 -26.98
N CYS A 235 -28.27 25.80 -28.20
CA CYS A 235 -27.70 26.68 -29.21
C CYS A 235 -28.10 28.12 -28.93
N ALA A 236 -27.15 29.04 -29.09
CA ALA A 236 -27.32 30.42 -28.68
C ALA A 236 -27.54 31.30 -29.92
N GLY A 237 -28.67 32.01 -29.94
CA GLY A 237 -28.93 33.01 -30.96
C GLY A 237 -29.09 32.45 -32.36
N GLY A 238 -30.15 31.68 -32.58
CA GLY A 238 -30.45 31.21 -33.93
C GLY A 238 -31.79 30.53 -34.06
N LEU A 239 -32.58 30.95 -35.05
CA LEU A 239 -33.80 30.24 -35.40
C LEU A 239 -33.53 28.97 -36.18
N GLU A 240 -32.34 28.83 -36.78
CA GLU A 240 -32.03 27.68 -37.60
C GLU A 240 -31.99 26.38 -36.80
N CYS A 241 -31.95 26.46 -35.46
CA CYS A 241 -31.94 25.27 -34.63
C CYS A 241 -33.23 24.46 -34.73
N ALA A 242 -34.29 25.00 -35.31
CA ALA A 242 -35.54 24.27 -35.48
C ALA A 242 -35.60 23.48 -36.77
N CYS A 243 -34.93 23.94 -37.82
CA CYS A 243 -35.08 23.30 -39.12
C CYS A 243 -34.57 21.85 -39.19
N PRO A 244 -33.62 21.40 -38.35
CA PRO A 244 -33.32 19.96 -38.39
C PRO A 244 -34.50 19.08 -38.03
N ALA A 245 -35.12 19.30 -36.88
CA ALA A 245 -36.31 18.55 -36.51
C ALA A 245 -37.44 18.75 -37.50
N LEU A 246 -37.51 19.92 -38.12
CA LEU A 246 -38.50 20.21 -39.15
C LEU A 246 -38.17 19.48 -40.45
N LEU A 247 -36.89 19.50 -40.83
CA LEU A 247 -36.48 18.90 -42.10
C LEU A 247 -36.82 17.42 -42.15
N GLU A 248 -36.74 16.74 -41.01
CA GLU A 248 -37.15 15.34 -40.96
C GLU A 248 -38.62 15.20 -41.29
N TYR A 249 -39.46 16.09 -40.75
CA TYR A 249 -40.91 15.96 -40.94
C TYR A 249 -41.29 16.05 -42.41
N ALA A 250 -40.50 16.76 -43.21
CA ALA A 250 -40.75 16.79 -44.65
C ALA A 250 -40.61 15.41 -45.25
N ARG A 251 -39.48 14.75 -44.99
CA ARG A 251 -39.22 13.46 -45.61
C ARG A 251 -40.16 12.39 -45.10
N THR A 252 -40.48 12.41 -43.79
CA THR A 252 -41.35 11.40 -43.22
C THR A 252 -42.71 11.38 -43.89
N CYS A 253 -43.24 12.55 -44.25
CA CYS A 253 -44.50 12.60 -44.98
C CYS A 253 -44.29 12.20 -46.43
N ALA A 254 -43.12 12.50 -46.99
CA ALA A 254 -42.83 12.14 -48.37
C ALA A 254 -42.82 10.62 -48.54
N GLN A 255 -42.22 9.90 -47.60
CA GLN A 255 -42.11 8.45 -47.71
C GLN A 255 -43.48 7.78 -47.69
N GLU A 256 -44.46 8.40 -47.05
CA GLU A 256 -45.78 7.79 -46.89
C GLU A 256 -46.62 7.83 -48.16
N GLY A 257 -46.10 8.37 -49.26
CA GLY A 257 -46.84 8.49 -50.49
C GLY A 257 -47.48 9.85 -50.71
N MET A 258 -47.20 10.83 -49.86
CA MET A 258 -47.77 12.18 -49.98
C MET A 258 -46.65 13.20 -49.80
N VAL A 259 -46.18 13.74 -50.92
CA VAL A 259 -45.05 14.65 -50.92
C VAL A 259 -45.55 16.07 -50.65
N LEU A 260 -44.62 16.94 -50.25
CA LEU A 260 -44.87 18.36 -50.05
C LEU A 260 -43.85 19.15 -50.87
N TYR A 261 -44.19 20.41 -51.16
CA TYR A 261 -43.44 21.21 -52.12
C TYR A 261 -43.10 22.58 -51.55
N GLY A 262 -41.95 23.09 -51.97
CA GLY A 262 -41.57 24.49 -51.76
C GLY A 262 -41.59 24.97 -50.32
N TRP A 263 -41.58 24.06 -49.36
CA TRP A 263 -41.72 24.45 -47.97
C TRP A 263 -40.50 25.23 -47.46
N THR A 264 -39.33 25.03 -48.08
CA THR A 264 -38.12 25.73 -47.66
C THR A 264 -38.05 27.16 -48.19
N ASP A 265 -39.01 27.57 -49.02
CA ASP A 265 -38.96 28.91 -49.61
C ASP A 265 -38.99 29.99 -48.53
N HIS A 266 -39.88 29.86 -47.57
CA HIS A 266 -40.04 30.83 -46.49
C HIS A 266 -39.50 30.34 -45.15
N SER A 267 -39.08 29.08 -45.05
CA SER A 267 -38.64 28.53 -43.78
C SER A 267 -37.33 29.11 -43.29
N ALA A 268 -36.58 29.82 -44.14
CA ALA A 268 -35.31 30.43 -43.75
C ALA A 268 -34.29 29.41 -43.29
N CYS A 269 -34.35 28.20 -43.84
CA CYS A 269 -33.32 27.19 -43.62
C CYS A 269 -33.32 26.23 -44.80
N SER A 270 -32.19 26.15 -45.49
CA SER A 270 -31.97 25.22 -46.59
C SER A 270 -30.85 24.26 -46.21
N PRO A 271 -30.98 22.95 -46.50
CA PRO A 271 -29.91 22.03 -46.12
C PRO A 271 -28.67 22.25 -46.95
N VAL A 272 -27.52 22.02 -46.31
CA VAL A 272 -26.24 22.34 -46.92
C VAL A 272 -25.98 21.45 -48.13
N CYS A 273 -25.34 22.01 -49.14
CA CYS A 273 -24.86 21.30 -50.31
C CYS A 273 -23.63 22.01 -50.84
N PRO A 274 -22.81 21.32 -51.65
CA PRO A 274 -21.62 22.00 -52.20
C PRO A 274 -22.00 23.09 -53.19
N ALA A 275 -20.99 23.77 -53.73
CA ALA A 275 -21.23 24.89 -54.64
C ALA A 275 -21.95 24.43 -55.90
N GLY A 276 -22.67 25.36 -56.52
CA GLY A 276 -23.35 25.13 -57.77
C GLY A 276 -24.75 24.58 -57.64
N MET A 277 -25.07 23.96 -56.51
CA MET A 277 -26.35 23.32 -56.29
C MET A 277 -26.98 23.81 -54.99
N GLU A 278 -28.30 23.74 -54.93
CA GLU A 278 -29.04 23.97 -53.70
C GLU A 278 -30.18 22.97 -53.65
N TYR A 279 -30.90 22.97 -52.53
CA TYR A 279 -31.86 21.92 -52.24
C TYR A 279 -33.10 22.08 -53.10
N ARG A 280 -33.24 21.22 -54.11
CA ARG A 280 -34.51 21.01 -54.79
C ARG A 280 -35.36 20.09 -53.92
N GLN A 281 -36.52 19.71 -54.43
CA GLN A 281 -37.37 18.71 -53.83
C GLN A 281 -37.93 17.86 -54.95
N CYS A 282 -37.81 16.54 -54.81
CA CYS A 282 -38.25 15.60 -55.84
C CYS A 282 -37.55 15.88 -57.17
N VAL A 283 -36.25 15.65 -57.15
CA VAL A 283 -35.45 15.56 -58.37
C VAL A 283 -35.28 14.08 -58.71
N SER A 284 -35.20 13.80 -60.00
CA SER A 284 -34.99 12.42 -60.43
C SER A 284 -33.58 11.97 -60.04
N PRO A 285 -33.40 10.71 -59.64
CA PRO A 285 -32.03 10.27 -59.33
C PRO A 285 -31.16 10.16 -60.56
N CYS A 286 -31.75 9.88 -61.72
CA CYS A 286 -30.99 9.71 -62.96
C CYS A 286 -30.71 11.07 -63.56
N ALA A 287 -29.84 11.81 -62.88
CA ALA A 287 -29.46 13.14 -63.32
C ALA A 287 -28.73 13.07 -64.65
N ARG A 288 -29.36 13.59 -65.69
CA ARG A 288 -28.72 13.68 -66.99
C ARG A 288 -27.48 14.54 -66.86
N THR A 289 -26.30 13.92 -66.97
CA THR A 289 -25.03 14.60 -66.83
C THR A 289 -24.38 14.81 -68.18
N CYS A 290 -23.12 15.24 -68.16
CA CYS A 290 -22.42 15.62 -69.39
C CYS A 290 -21.99 14.39 -70.20
N GLN A 291 -21.10 13.57 -69.63
CA GLN A 291 -20.57 12.40 -70.33
C GLN A 291 -21.56 11.25 -70.18
N SER A 292 -22.72 11.43 -70.82
CA SER A 292 -23.85 10.53 -70.65
C SER A 292 -24.41 10.11 -71.99
N LEU A 293 -24.99 8.92 -71.99
CA LEU A 293 -25.65 8.34 -73.14
C LEU A 293 -27.12 8.72 -73.09
N HIS A 294 -27.63 9.26 -74.19
CA HIS A 294 -29.00 9.79 -74.24
C HIS A 294 -29.97 8.62 -74.37
N ILE A 295 -30.31 8.06 -73.22
CA ILE A 295 -31.27 6.96 -73.11
C ILE A 295 -32.34 7.35 -72.10
N ASN A 296 -33.55 6.83 -72.32
CA ASN A 296 -34.72 7.19 -71.53
C ASN A 296 -35.56 5.95 -71.26
N GLU A 297 -36.65 6.16 -70.52
CA GLU A 297 -37.63 5.16 -70.08
C GLU A 297 -36.99 3.84 -69.67
N MET A 298 -35.86 3.93 -68.97
CA MET A 298 -35.39 2.89 -68.07
C MET A 298 -35.42 3.33 -66.62
N CYS A 299 -35.28 4.63 -66.37
CA CYS A 299 -35.26 5.16 -65.01
C CYS A 299 -36.67 5.52 -64.57
N GLN A 300 -37.46 4.48 -64.38
CA GLN A 300 -38.79 4.60 -63.80
C GLN A 300 -38.77 4.55 -62.28
N GLU A 301 -37.60 4.77 -61.68
CA GLU A 301 -37.48 4.77 -60.23
C GLU A 301 -38.32 5.87 -59.61
N ARG A 302 -38.56 5.75 -58.31
CA ARG A 302 -39.33 6.76 -57.61
C ARG A 302 -38.52 8.05 -57.51
N CYS A 303 -39.20 9.12 -57.13
CA CYS A 303 -38.64 10.45 -57.11
C CYS A 303 -38.08 10.74 -55.72
N VAL A 304 -36.91 11.36 -55.69
CA VAL A 304 -36.10 11.47 -54.48
C VAL A 304 -35.69 12.92 -54.26
N ASP A 305 -35.58 13.29 -52.99
CA ASP A 305 -35.17 14.63 -52.62
C ASP A 305 -33.64 14.74 -52.60
N GLY A 306 -33.17 15.95 -52.86
CA GLY A 306 -31.74 16.23 -52.84
C GLY A 306 -31.40 17.35 -53.80
N CYS A 307 -30.27 17.98 -53.53
CA CYS A 307 -29.85 19.15 -54.31
C CYS A 307 -29.27 18.73 -55.65
N SER A 308 -29.50 19.57 -56.66
CA SER A 308 -29.16 19.27 -58.03
C SER A 308 -28.89 20.57 -58.77
N CYS A 309 -28.41 20.44 -60.01
CA CYS A 309 -27.95 21.58 -60.78
C CYS A 309 -29.12 22.41 -61.27
N PRO A 310 -28.84 23.60 -61.86
CA PRO A 310 -29.90 24.36 -62.54
C PRO A 310 -30.41 23.67 -63.79
N GLU A 311 -31.29 24.35 -64.53
CA GLU A 311 -31.99 23.74 -65.66
C GLU A 311 -31.02 23.15 -66.68
N GLY A 312 -30.08 23.97 -67.16
CA GLY A 312 -28.99 23.46 -67.96
C GLY A 312 -27.89 23.00 -67.04
N GLN A 313 -26.67 23.47 -67.28
CA GLN A 313 -25.56 23.38 -66.33
C GLN A 313 -25.33 21.93 -65.88
N LEU A 314 -25.01 21.09 -66.85
CA LEU A 314 -24.89 19.66 -66.61
C LEU A 314 -23.76 19.35 -65.62
N LEU A 315 -23.84 18.18 -65.02
CA LEU A 315 -22.85 17.75 -64.04
C LEU A 315 -21.61 17.21 -64.71
N ASP A 316 -20.45 17.51 -64.11
CA ASP A 316 -19.19 16.91 -64.55
C ASP A 316 -18.24 16.92 -63.36
N GLU A 317 -18.10 15.76 -62.73
CA GLU A 317 -17.14 15.55 -61.63
C GLU A 317 -17.45 16.48 -60.45
N GLY A 318 -18.63 16.30 -59.89
CA GLY A 318 -18.98 16.96 -58.64
C GLY A 318 -19.19 18.46 -58.74
N LEU A 319 -19.44 18.98 -59.94
CA LEU A 319 -19.80 20.38 -60.09
C LEU A 319 -20.75 20.53 -61.26
N CYS A 320 -21.47 21.65 -61.28
CA CYS A 320 -22.37 21.97 -62.37
C CYS A 320 -21.63 22.85 -63.37
N VAL A 321 -21.70 22.48 -64.65
CA VAL A 321 -21.02 23.22 -65.70
C VAL A 321 -21.92 23.28 -66.93
N GLU A 322 -21.80 24.39 -67.66
CA GLU A 322 -22.71 24.68 -68.76
C GLU A 322 -22.55 23.66 -69.88
N SER A 323 -23.67 23.40 -70.56
CA SER A 323 -23.74 22.32 -71.55
C SER A 323 -22.76 22.53 -72.70
N THR A 324 -22.43 23.77 -73.02
CA THR A 324 -21.55 24.04 -74.14
C THR A 324 -20.16 23.46 -73.90
N GLU A 325 -19.70 23.52 -72.65
CA GLU A 325 -18.33 23.15 -72.29
C GLU A 325 -18.19 21.69 -71.90
N CYS A 326 -19.04 20.82 -72.44
CA CYS A 326 -18.89 19.39 -72.23
C CYS A 326 -17.56 18.89 -72.82
N PRO A 327 -16.66 18.32 -72.02
CA PRO A 327 -15.39 17.82 -72.56
C PRO A 327 -15.57 16.48 -73.25
N CYS A 328 -14.45 15.94 -73.71
CA CYS A 328 -14.32 14.55 -74.12
C CYS A 328 -13.32 13.87 -73.19
N VAL A 329 -12.97 12.63 -73.51
CA VAL A 329 -12.10 11.83 -72.66
C VAL A 329 -11.30 10.87 -73.55
N HIS A 330 -10.12 10.48 -73.07
CA HIS A 330 -9.30 9.50 -73.77
C HIS A 330 -8.47 8.73 -72.77
N SER A 331 -8.46 7.41 -72.91
CA SER A 331 -7.55 6.54 -72.16
C SER A 331 -7.63 6.77 -70.66
N GLY A 332 -8.83 7.08 -70.18
CA GLY A 332 -9.02 7.33 -68.77
C GLY A 332 -8.53 8.66 -68.29
N LYS A 333 -8.50 9.67 -69.15
CA LYS A 333 -8.22 11.04 -68.72
C LYS A 333 -9.00 12.02 -69.60
N ARG A 334 -9.29 13.16 -69.01
CA ARG A 334 -10.17 14.16 -69.60
C ARG A 334 -9.38 15.17 -70.43
N TYR A 335 -10.06 15.75 -71.42
CA TYR A 335 -9.50 16.83 -72.22
C TYR A 335 -10.59 17.87 -72.48
N PRO A 336 -10.26 19.17 -72.49
CA PRO A 336 -11.28 20.18 -72.76
C PRO A 336 -11.76 20.13 -74.20
N PRO A 337 -12.83 20.85 -74.52
CA PRO A 337 -13.29 20.89 -75.91
C PRO A 337 -12.38 21.75 -76.77
N GLY A 338 -12.44 21.51 -78.07
CA GLY A 338 -11.60 22.20 -79.02
C GLY A 338 -10.19 21.68 -79.13
N THR A 339 -9.76 20.80 -78.23
CA THR A 339 -8.42 20.24 -78.31
C THR A 339 -8.31 19.35 -79.54
N SER A 340 -7.06 19.08 -79.94
CA SER A 340 -6.78 18.23 -81.10
C SER A 340 -5.59 17.34 -80.76
N LEU A 341 -5.88 16.17 -80.20
CA LEU A 341 -4.84 15.15 -80.06
C LEU A 341 -4.67 14.44 -81.39
N SER A 342 -3.48 13.90 -81.59
CA SER A 342 -3.11 13.27 -82.87
C SER A 342 -2.59 11.88 -82.61
N ARG A 343 -3.31 10.88 -83.11
CA ARG A 343 -2.75 9.56 -83.24
C ARG A 343 -1.60 9.61 -84.27
N ASP A 344 -0.83 8.52 -84.33
CA ASP A 344 0.16 8.41 -85.39
C ASP A 344 -0.48 8.48 -86.77
N CYS A 345 -1.71 7.98 -86.88
CA CYS A 345 -2.37 7.86 -88.18
C CYS A 345 -2.95 9.21 -88.63
N ASN A 346 -3.69 9.88 -87.74
CA ASN A 346 -4.36 11.12 -88.09
C ASN A 346 -4.74 11.86 -86.81
N THR A 347 -5.56 12.89 -86.95
CA THR A 347 -5.93 13.79 -85.87
C THR A 347 -7.41 13.65 -85.52
N CYS A 348 -7.75 14.07 -84.31
CA CYS A 348 -9.13 14.03 -83.83
C CYS A 348 -9.36 15.19 -82.88
N ILE A 349 -10.57 15.78 -82.94
CA ILE A 349 -10.88 17.02 -82.25
C ILE A 349 -12.19 16.86 -81.46
N CYS A 350 -12.20 17.40 -80.24
CA CYS A 350 -13.34 17.26 -79.34
C CYS A 350 -14.37 18.35 -79.60
N ARG A 351 -15.61 17.93 -79.83
CA ARG A 351 -16.74 18.86 -80.03
C ARG A 351 -18.00 18.17 -79.54
N ASN A 352 -18.59 18.71 -78.47
CA ASN A 352 -19.84 18.19 -77.91
C ASN A 352 -19.69 16.74 -77.44
N SER A 353 -18.64 16.49 -76.68
CA SER A 353 -18.33 15.16 -76.14
C SER A 353 -18.19 14.10 -77.23
N GLN A 354 -17.78 14.50 -78.43
CA GLN A 354 -17.67 13.58 -79.56
C GLN A 354 -16.44 13.94 -80.37
N TRP A 355 -15.37 13.17 -80.20
CA TRP A 355 -14.19 13.34 -81.04
C TRP A 355 -14.56 13.11 -82.49
N ILE A 356 -14.35 14.11 -83.32
CA ILE A 356 -14.46 13.95 -84.76
C ILE A 356 -13.11 13.47 -85.27
N CYS A 357 -13.10 12.68 -86.34
CA CYS A 357 -11.88 12.06 -86.82
C CYS A 357 -11.91 11.92 -88.33
N SER A 358 -10.74 11.96 -88.95
CA SER A 358 -10.56 11.65 -90.36
C SER A 358 -10.36 10.15 -90.54
N ASN A 359 -10.52 9.70 -91.79
CA ASN A 359 -10.36 8.30 -92.16
C ASN A 359 -9.32 8.12 -93.26
N GLU A 360 -8.32 8.99 -93.29
CA GLU A 360 -7.28 8.91 -94.30
C GLU A 360 -6.26 7.84 -93.95
N GLU A 361 -5.87 7.05 -94.96
CA GLU A 361 -5.00 5.92 -94.74
C GLU A 361 -3.64 6.37 -94.20
N CYS A 362 -2.93 5.43 -93.60
CA CYS A 362 -1.65 5.69 -92.97
C CYS A 362 -0.79 4.43 -93.07
N PRO A 363 0.53 4.56 -93.08
CA PRO A 363 1.37 3.46 -93.57
C PRO A 363 1.37 2.26 -92.63
N GLY A 364 1.52 1.08 -93.25
CA GLY A 364 1.57 -0.16 -92.53
C GLY A 364 2.99 -0.59 -92.25
N GLU A 365 3.09 -1.65 -91.45
CA GLU A 365 4.39 -2.14 -90.99
C GLU A 365 4.27 -3.64 -90.77
N CYS A 366 4.68 -4.44 -91.75
CA CYS A 366 4.97 -5.84 -91.47
C CYS A 366 6.26 -5.90 -90.67
N LEU A 367 6.37 -6.92 -89.82
CA LEU A 367 7.50 -7.06 -88.92
C LEU A 367 7.82 -8.53 -88.73
N VAL A 368 9.10 -8.84 -88.72
CA VAL A 368 9.62 -10.13 -88.30
C VAL A 368 10.64 -9.85 -87.20
N THR A 369 10.68 -10.71 -86.19
CA THR A 369 11.62 -10.52 -85.10
C THR A 369 11.71 -11.82 -84.31
N GLY A 370 12.49 -11.75 -83.24
CA GLY A 370 12.64 -12.86 -82.31
C GLY A 370 13.00 -14.14 -83.02
N GLN A 371 12.27 -15.20 -82.70
CA GLN A 371 12.41 -16.43 -83.44
C GLN A 371 11.56 -16.39 -84.69
N SER A 372 10.24 -16.40 -84.52
CA SER A 372 9.33 -16.66 -85.63
C SER A 372 8.09 -15.80 -85.55
N HIS A 373 8.14 -14.72 -84.78
CA HIS A 373 6.98 -13.92 -84.47
C HIS A 373 6.78 -12.86 -85.56
N PHE A 374 5.65 -12.94 -86.24
CA PHE A 374 5.33 -12.05 -87.33
C PHE A 374 4.31 -11.00 -86.88
N LYS A 375 4.21 -9.96 -87.69
CA LYS A 375 3.16 -8.96 -87.58
C LYS A 375 2.71 -8.60 -88.98
N SER A 376 1.39 -8.62 -89.20
CA SER A 376 0.89 -8.26 -90.51
C SER A 376 0.81 -6.75 -90.63
N PHE A 377 0.50 -6.30 -91.85
CA PHE A 377 0.27 -4.88 -92.06
C PHE A 377 -0.95 -4.40 -91.29
N ASP A 378 -1.94 -5.26 -91.12
CA ASP A 378 -3.19 -4.94 -90.44
C ASP A 378 -3.09 -5.14 -88.93
N ASN A 379 -1.89 -5.05 -88.37
CA ASN A 379 -1.65 -5.12 -86.94
C ASN A 379 -2.06 -6.45 -86.33
N ARG A 380 -2.10 -7.51 -87.13
CA ARG A 380 -2.24 -8.86 -86.61
C ARG A 380 -0.90 -9.35 -86.09
N TYR A 381 -0.96 -10.24 -85.11
CA TYR A 381 0.18 -11.00 -84.65
C TYR A 381 -0.09 -12.49 -84.84
N PHE A 382 0.96 -13.25 -85.13
CA PHE A 382 0.88 -14.71 -85.20
C PHE A 382 2.29 -15.26 -85.22
N THR A 383 2.41 -16.55 -85.48
CA THR A 383 3.67 -17.28 -85.43
C THR A 383 3.59 -18.44 -86.40
N PHE A 384 4.70 -18.72 -87.08
CA PHE A 384 4.76 -19.86 -88.01
C PHE A 384 6.20 -20.29 -88.14
N SER A 385 6.56 -21.39 -87.48
CA SER A 385 7.94 -21.85 -87.41
C SER A 385 8.21 -22.86 -88.52
N GLY A 386 8.16 -22.36 -89.76
CA GLY A 386 8.51 -23.13 -90.92
C GLY A 386 9.96 -22.89 -91.31
N ILE A 387 10.55 -23.88 -91.98
CA ILE A 387 11.95 -23.85 -92.38
C ILE A 387 11.98 -24.04 -93.89
N CYS A 388 11.95 -22.94 -94.61
CA CYS A 388 12.11 -22.94 -96.06
C CYS A 388 12.32 -21.47 -96.48
N GLN A 389 12.27 -21.22 -97.77
CA GLN A 389 12.24 -19.87 -98.31
C GLN A 389 10.78 -19.49 -98.51
N TYR A 390 10.28 -18.61 -97.65
CA TYR A 390 8.92 -18.12 -97.71
C TYR A 390 8.87 -16.73 -98.31
N LEU A 391 7.75 -16.41 -98.95
CA LEU A 391 7.47 -15.05 -99.37
C LEU A 391 7.06 -14.26 -98.15
N LEU A 392 7.36 -12.97 -98.14
CA LEU A 392 6.96 -12.07 -97.06
C LEU A 392 6.03 -10.98 -97.56
N ALA A 393 6.34 -10.41 -98.72
CA ALA A 393 5.49 -9.39 -99.31
C ALA A 393 5.75 -9.35 -100.80
N ARG A 394 4.82 -8.74 -101.52
CA ARG A 394 4.84 -8.72 -102.97
C ARG A 394 3.77 -7.76 -103.45
N ASP A 395 4.09 -6.98 -104.47
CA ASP A 395 3.08 -6.21 -105.16
C ASP A 395 2.41 -7.12 -106.16
N CYS A 396 1.07 -7.13 -106.16
CA CYS A 396 0.32 -8.26 -106.70
C CYS A 396 -0.66 -7.90 -107.81
N GLN A 397 -0.87 -6.62 -108.10
CA GLN A 397 -1.59 -6.21 -109.31
C GLN A 397 -0.64 -5.73 -110.40
N ASP A 398 0.40 -5.00 -110.04
CA ASP A 398 1.64 -4.94 -110.80
C ASP A 398 2.74 -5.51 -109.92
N HIS A 399 3.98 -5.51 -110.42
CA HIS A 399 5.07 -6.26 -109.84
C HIS A 399 6.26 -5.36 -109.56
N SER A 400 5.99 -4.25 -108.87
CA SER A 400 7.03 -3.28 -108.54
C SER A 400 8.12 -3.86 -107.65
N PHE A 401 7.82 -4.89 -106.85
CA PHE A 401 8.83 -5.51 -106.01
C PHE A 401 8.32 -6.86 -105.52
N SER A 402 9.18 -7.54 -104.77
CA SER A 402 8.85 -8.80 -104.12
C SER A 402 9.94 -9.16 -103.13
N ILE A 403 9.55 -9.47 -101.90
CA ILE A 403 10.47 -9.79 -100.82
C ILE A 403 10.29 -11.26 -100.46
N VAL A 404 11.39 -11.89 -100.08
CA VAL A 404 11.43 -13.31 -99.78
C VAL A 404 12.28 -13.52 -98.55
N ILE A 405 11.69 -14.04 -97.49
CA ILE A 405 12.41 -14.41 -96.29
C ILE A 405 12.97 -15.81 -96.47
N GLU A 406 13.94 -16.16 -95.63
CA GLU A 406 14.48 -17.52 -95.58
C GLU A 406 14.67 -17.88 -94.11
N THR A 407 14.00 -18.94 -93.69
CA THR A 407 13.96 -19.35 -92.29
C THR A 407 14.79 -20.61 -92.09
N VAL A 408 15.43 -20.70 -90.92
CA VAL A 408 16.19 -21.87 -90.53
C VAL A 408 15.99 -22.10 -89.04
N GLN A 409 16.11 -23.36 -88.63
CA GLN A 409 16.27 -23.63 -87.22
C GLN A 409 17.53 -22.92 -86.72
N CYS A 410 17.49 -22.50 -85.47
CA CYS A 410 18.42 -21.50 -84.98
C CYS A 410 18.92 -21.81 -83.57
N ALA A 411 18.63 -22.98 -83.05
CA ALA A 411 19.15 -23.44 -81.77
C ALA A 411 18.81 -24.92 -81.66
N ASP A 412 19.09 -25.51 -80.50
CA ASP A 412 18.95 -26.95 -80.36
C ASP A 412 17.49 -27.37 -80.45
N ASP A 413 16.59 -26.61 -79.81
CA ASP A 413 15.18 -26.93 -79.84
C ASP A 413 14.63 -26.93 -81.25
N ARG A 414 13.50 -27.60 -81.42
CA ARG A 414 12.75 -27.53 -82.68
C ARG A 414 11.86 -26.30 -82.76
N ASP A 415 11.45 -25.75 -81.63
CA ASP A 415 10.63 -24.55 -81.58
C ASP A 415 11.50 -23.29 -81.47
N ALA A 416 12.47 -23.18 -82.38
CA ALA A 416 13.34 -22.01 -82.45
C ALA A 416 13.78 -21.88 -83.90
N VAL A 417 13.12 -21.01 -84.64
CA VAL A 417 13.30 -20.90 -86.09
C VAL A 417 13.47 -19.41 -86.38
N CYS A 418 14.72 -18.95 -86.38
CA CYS A 418 15.03 -17.55 -86.60
C CYS A 418 15.29 -17.29 -88.07
N THR A 419 15.37 -16.01 -88.41
CA THR A 419 15.59 -15.57 -89.77
C THR A 419 17.08 -15.47 -90.04
N ARG A 420 17.51 -16.00 -91.18
CA ARG A 420 18.90 -15.94 -91.62
C ARG A 420 19.13 -14.81 -92.60
N SER A 421 18.37 -14.79 -93.69
CA SER A 421 18.60 -13.88 -94.79
C SER A 421 17.28 -13.60 -95.46
N VAL A 422 17.15 -12.37 -95.98
CA VAL A 422 16.01 -11.96 -96.78
C VAL A 422 16.52 -11.50 -98.12
N THR A 423 15.73 -11.76 -99.15
CA THR A 423 16.04 -11.38 -100.52
C THR A 423 15.03 -10.34 -100.99
N VAL A 424 15.52 -9.38 -101.76
CA VAL A 424 14.71 -8.32 -102.33
C VAL A 424 14.92 -8.32 -103.83
N ARG A 425 13.89 -7.90 -104.56
CA ARG A 425 13.89 -7.98 -106.02
C ARG A 425 13.16 -6.77 -106.57
N LEU A 426 13.81 -6.09 -107.51
CA LEU A 426 13.27 -4.88 -108.14
C LEU A 426 13.22 -5.08 -109.64
N PRO A 427 12.09 -5.51 -110.22
CA PRO A 427 11.99 -5.56 -111.69
C PRO A 427 12.14 -4.20 -112.37
N GLY A 428 12.08 -3.09 -111.64
CA GLY A 428 12.23 -1.78 -112.24
C GLY A 428 13.65 -1.33 -112.50
N LEU A 429 14.64 -2.05 -111.96
CA LEU A 429 16.05 -1.71 -112.12
C LEU A 429 16.84 -2.98 -112.41
N HIS A 430 17.08 -3.28 -113.69
CA HIS A 430 17.88 -4.41 -114.14
C HIS A 430 17.19 -5.75 -113.86
N ASN A 431 16.04 -5.75 -113.18
CA ASN A 431 15.52 -6.95 -112.53
C ASN A 431 16.62 -7.57 -111.67
N SER A 432 17.22 -6.73 -110.83
CA SER A 432 18.36 -7.12 -110.01
C SER A 432 17.88 -8.01 -108.87
N LEU A 433 18.79 -8.31 -107.94
CA LEU A 433 18.49 -9.22 -106.84
C LEU A 433 19.39 -8.84 -105.67
N VAL A 434 18.82 -8.15 -104.71
CA VAL A 434 19.54 -7.74 -103.51
C VAL A 434 19.37 -8.84 -102.48
N LYS A 435 20.36 -8.96 -101.59
CA LYS A 435 20.35 -9.98 -100.56
C LYS A 435 20.94 -9.41 -99.29
N LEU A 436 20.13 -9.31 -98.27
CA LEU A 436 20.58 -8.95 -96.93
C LEU A 436 21.05 -10.22 -96.25
N LYS A 437 22.23 -10.16 -95.66
CA LYS A 437 22.90 -11.35 -95.14
C LYS A 437 22.93 -11.32 -93.62
N HIS A 438 23.42 -12.42 -93.03
CA HIS A 438 23.25 -12.64 -91.60
C HIS A 438 24.09 -11.69 -90.76
N GLY A 439 25.08 -11.04 -91.34
CA GLY A 439 25.71 -9.90 -90.72
C GLY A 439 24.94 -8.64 -91.04
N ALA A 440 25.64 -7.51 -91.02
CA ALA A 440 25.10 -6.27 -91.56
C ALA A 440 25.47 -6.07 -93.03
N GLY A 441 25.71 -7.16 -93.76
CA GLY A 441 26.16 -7.08 -95.12
C GLY A 441 25.04 -7.19 -96.13
N VAL A 442 25.36 -6.78 -97.34
CA VAL A 442 24.43 -6.80 -98.47
C VAL A 442 25.19 -7.29 -99.69
N ALA A 443 24.45 -7.83 -100.66
CA ALA A 443 25.06 -8.38 -101.86
C ALA A 443 24.10 -8.19 -103.03
N MET A 444 24.53 -7.41 -104.02
CA MET A 444 23.79 -7.23 -105.26
C MET A 444 24.34 -8.20 -106.30
N ASP A 445 23.52 -9.16 -106.70
CA ASP A 445 23.86 -10.11 -107.76
C ASP A 445 25.16 -10.84 -107.45
N GLY A 446 25.31 -11.25 -106.19
CA GLY A 446 26.47 -11.98 -105.75
C GLY A 446 27.63 -11.13 -105.29
N GLN A 447 27.65 -9.85 -105.66
CA GLN A 447 28.77 -8.97 -105.35
C GLN A 447 28.54 -8.27 -104.02
N ASP A 448 29.48 -8.42 -103.09
CA ASP A 448 29.44 -7.65 -101.87
C ASP A 448 29.63 -6.17 -102.19
N VAL A 449 29.16 -5.31 -101.29
CA VAL A 449 29.02 -3.89 -101.56
C VAL A 449 29.31 -3.11 -100.30
N GLN A 450 30.05 -2.00 -100.44
CA GLN A 450 30.25 -1.06 -99.36
C GLN A 450 29.08 -0.12 -99.29
N LEU A 451 28.71 0.25 -98.08
CA LEU A 451 27.63 1.20 -97.87
C LEU A 451 28.19 2.62 -97.77
N PRO A 452 27.51 3.65 -98.29
CA PRO A 452 26.25 3.67 -99.05
C PRO A 452 26.30 3.19 -100.50
N LEU A 453 25.11 3.03 -101.08
CA LEU A 453 24.92 2.48 -102.42
C LEU A 453 23.87 3.29 -103.19
N LEU A 454 24.10 4.58 -103.37
CA LEU A 454 23.21 5.42 -104.17
C LEU A 454 23.31 4.96 -105.62
N LYS A 455 22.36 4.12 -106.02
CA LYS A 455 21.95 3.98 -107.41
C LYS A 455 20.83 4.99 -107.61
N GLY A 456 20.23 5.02 -108.80
CA GLY A 456 19.13 5.91 -109.11
C GLY A 456 18.04 6.03 -108.07
N ASP A 457 17.32 4.94 -107.81
CA ASP A 457 16.18 4.99 -106.90
C ASP A 457 16.56 4.55 -105.48
N LEU A 458 17.05 3.33 -105.32
CA LEU A 458 17.20 2.76 -103.99
C LEU A 458 18.48 3.24 -103.31
N ARG A 459 18.32 3.63 -102.05
CA ARG A 459 19.42 3.99 -101.17
C ARG A 459 19.56 2.91 -100.11
N ILE A 460 20.80 2.52 -99.85
CA ILE A 460 21.12 1.59 -98.77
C ILE A 460 22.23 2.23 -97.97
N GLN A 461 21.99 2.42 -96.67
CA GLN A 461 23.01 2.98 -95.81
C GLN A 461 22.81 2.46 -94.39
N HIS A 462 23.88 2.49 -93.63
CA HIS A 462 23.78 2.20 -92.21
C HIS A 462 22.90 3.25 -91.54
N THR A 463 22.44 2.90 -90.34
CA THR A 463 21.55 3.73 -89.55
C THR A 463 22.21 4.19 -88.27
N VAL A 464 22.67 3.23 -87.47
CA VAL A 464 23.49 3.48 -86.29
C VAL A 464 24.91 2.94 -86.49
N THR A 465 25.28 2.63 -87.74
CA THR A 465 26.47 1.83 -88.07
C THR A 465 26.40 0.43 -87.48
N ALA A 466 25.18 -0.05 -87.19
CA ALA A 466 24.95 -1.43 -86.78
C ALA A 466 23.70 -2.01 -87.42
N SER A 467 23.13 -1.35 -88.42
CA SER A 467 21.88 -1.80 -89.01
C SER A 467 21.62 -1.14 -90.35
N VAL A 468 21.39 -1.95 -91.35
CA VAL A 468 21.18 -1.50 -92.72
C VAL A 468 19.78 -0.93 -92.86
N ARG A 469 19.59 -0.05 -93.84
CA ARG A 469 18.30 0.55 -94.14
C ARG A 469 18.18 0.77 -95.64
N LEU A 470 17.49 -0.14 -96.33
CA LEU A 470 17.14 0.08 -97.72
C LEU A 470 16.07 1.15 -97.82
N SER A 471 16.06 1.86 -98.95
CA SER A 471 15.02 2.85 -99.21
C SER A 471 14.84 2.99 -100.72
N TYR A 472 13.88 2.25 -101.27
CA TYR A 472 13.53 2.35 -102.69
C TYR A 472 12.44 3.40 -102.84
N GLY A 473 12.69 4.40 -103.69
CA GLY A 473 11.73 5.46 -103.89
C GLY A 473 11.45 6.19 -102.59
N GLU A 474 10.19 6.56 -102.41
CA GLU A 474 9.68 7.12 -101.16
C GLU A 474 8.56 6.28 -100.57
N ASP A 475 8.29 5.10 -101.16
CA ASP A 475 7.17 4.26 -100.77
C ASP A 475 7.63 2.91 -100.25
N LEU A 476 8.83 2.84 -99.66
CA LEU A 476 9.40 1.57 -99.25
C LEU A 476 10.60 1.81 -98.33
N GLN A 477 10.64 1.12 -97.20
CA GLN A 477 11.82 1.06 -96.34
C GLN A 477 12.01 -0.38 -95.89
N MET A 478 13.09 -0.61 -95.16
CA MET A 478 13.45 -1.93 -94.67
C MET A 478 14.19 -1.73 -93.36
N ASP A 479 14.81 -2.80 -92.86
CA ASP A 479 15.64 -2.72 -91.66
C ASP A 479 16.46 -4.01 -91.59
N TRP A 480 17.31 -4.11 -90.58
CA TRP A 480 18.38 -5.10 -90.59
C TRP A 480 17.85 -6.52 -90.49
N ASP A 481 18.47 -7.42 -91.28
CA ASP A 481 18.21 -8.86 -91.23
C ASP A 481 19.46 -9.61 -90.79
N GLY A 482 20.28 -8.99 -89.96
CA GLY A 482 21.45 -9.69 -89.48
C GLY A 482 21.11 -10.82 -88.54
N ARG A 483 20.67 -10.47 -87.33
CA ARG A 483 20.12 -11.41 -86.37
C ARG A 483 18.60 -11.48 -86.41
N GLY A 484 17.97 -11.05 -87.50
CA GLY A 484 16.55 -11.25 -87.67
C GLY A 484 15.61 -10.29 -86.96
N ARG A 485 15.58 -9.02 -87.37
CA ARG A 485 14.54 -8.08 -86.98
C ARG A 485 14.07 -7.30 -88.21
N LEU A 486 13.67 -8.03 -89.24
CA LEU A 486 13.22 -7.40 -90.46
C LEU A 486 11.97 -6.55 -90.22
N LEU A 487 11.95 -5.36 -90.82
CA LEU A 487 10.79 -4.48 -90.85
C LEU A 487 10.49 -4.10 -92.30
N VAL A 488 9.36 -3.43 -92.49
CA VAL A 488 9.04 -2.76 -93.75
C VAL A 488 8.29 -1.48 -93.42
N LYS A 489 8.16 -0.63 -94.44
CA LYS A 489 7.30 0.55 -94.38
C LYS A 489 6.69 0.73 -95.76
N LEU A 490 5.39 0.51 -95.88
CA LEU A 490 4.66 0.68 -97.13
C LEU A 490 3.72 1.85 -96.98
N SER A 491 3.75 2.77 -97.94
CA SER A 491 2.85 3.91 -97.94
C SER A 491 1.52 3.53 -98.56
N PRO A 492 0.46 4.34 -98.34
CA PRO A 492 -0.88 3.95 -98.81
C PRO A 492 -1.08 3.85 -100.31
N VAL A 493 -0.04 4.10 -101.12
CA VAL A 493 -0.19 3.88 -102.55
C VAL A 493 -0.36 2.39 -102.84
N TYR A 494 0.09 1.52 -101.95
CA TYR A 494 -0.05 0.07 -102.09
C TYR A 494 -1.28 -0.46 -101.37
N ALA A 495 -2.32 0.36 -101.24
CA ALA A 495 -3.51 -0.02 -100.49
C ALA A 495 -4.19 -1.25 -101.09
N GLY A 496 -4.12 -2.36 -100.37
CA GLY A 496 -4.86 -3.55 -100.72
C GLY A 496 -4.35 -4.31 -101.92
N LYS A 497 -3.23 -3.91 -102.51
CA LYS A 497 -2.73 -4.50 -103.74
C LYS A 497 -1.40 -5.23 -103.53
N THR A 498 -1.24 -5.85 -102.37
CA THR A 498 -0.13 -6.74 -102.11
C THR A 498 -0.67 -8.06 -101.59
N CYS A 499 0.17 -9.10 -101.65
CA CYS A 499 -0.22 -10.41 -101.22
C CYS A 499 1.01 -11.17 -100.73
N GLY A 500 0.90 -11.71 -99.53
CA GLY A 500 1.99 -12.42 -98.91
C GLY A 500 1.63 -12.80 -97.49
N LEU A 501 2.63 -13.27 -96.75
CA LEU A 501 2.41 -13.59 -95.35
C LEU A 501 1.97 -12.37 -94.55
N CYS A 502 2.40 -11.18 -94.95
CA CYS A 502 2.09 -9.97 -94.22
C CYS A 502 0.70 -9.43 -94.51
N GLY A 503 -0.01 -10.01 -95.47
CA GLY A 503 -1.41 -9.71 -95.67
C GLY A 503 -1.65 -8.72 -96.78
N ASN A 504 -2.91 -8.31 -96.88
CA ASN A 504 -3.37 -7.51 -98.00
C ASN A 504 -3.02 -6.04 -97.89
N TYR A 505 -2.75 -5.53 -96.68
CA TYR A 505 -2.64 -4.10 -96.43
C TYR A 505 -3.93 -3.40 -96.85
N ASN A 506 -5.02 -3.82 -96.21
CA ASN A 506 -6.36 -3.32 -96.47
C ASN A 506 -7.07 -2.86 -95.20
N GLY A 507 -6.37 -2.80 -94.08
CA GLY A 507 -7.00 -2.55 -92.80
C GLY A 507 -7.57 -3.77 -92.12
N ASN A 508 -8.27 -4.64 -92.85
CA ASN A 508 -8.98 -5.74 -92.24
C ASN A 508 -7.99 -6.75 -91.66
N GLN A 509 -8.09 -6.94 -90.34
CA GLN A 509 -7.19 -7.82 -89.61
C GLN A 509 -7.53 -9.29 -89.76
N GLY A 510 -8.71 -9.62 -90.30
CA GLY A 510 -9.18 -10.98 -90.30
C GLY A 510 -8.79 -11.78 -91.52
N ASP A 511 -8.87 -11.17 -92.69
CA ASP A 511 -8.61 -11.88 -93.93
C ASP A 511 -7.16 -12.29 -94.10
N ASP A 512 -6.25 -11.81 -93.24
CA ASP A 512 -4.81 -11.94 -93.50
C ASP A 512 -4.35 -13.38 -93.62
N PHE A 513 -5.10 -14.36 -93.10
CA PHE A 513 -4.80 -15.75 -93.39
C PHE A 513 -5.43 -16.17 -94.72
N LEU A 514 -5.19 -15.42 -95.79
CA LEU A 514 -5.69 -15.78 -97.11
C LEU A 514 -4.54 -16.35 -97.93
N THR A 515 -4.60 -17.65 -98.16
CA THR A 515 -3.65 -18.36 -99.01
C THR A 515 -3.62 -17.75 -100.40
N PRO A 516 -2.57 -18.02 -101.20
CA PRO A 516 -2.59 -17.54 -102.59
C PRO A 516 -3.75 -18.07 -103.39
N SER A 517 -4.34 -19.20 -103.00
CA SER A 517 -5.51 -19.72 -103.68
C SER A 517 -6.80 -19.00 -103.31
N GLY A 518 -6.71 -17.86 -102.62
CA GLY A 518 -7.84 -16.94 -102.53
C GLY A 518 -8.94 -17.35 -101.57
N LEU A 519 -8.58 -17.65 -100.32
CA LEU A 519 -9.58 -18.03 -99.33
C LEU A 519 -8.95 -17.95 -97.95
N ALA A 520 -9.73 -17.47 -96.98
CA ALA A 520 -9.21 -17.26 -95.63
C ALA A 520 -9.12 -18.57 -94.87
N GLU A 521 -7.91 -18.94 -94.47
CA GLU A 521 -7.66 -20.18 -93.75
C GLU A 521 -7.68 -19.94 -92.25
N PRO A 522 -8.29 -20.80 -91.42
CA PRO A 522 -8.22 -20.60 -89.96
C PRO A 522 -6.97 -21.14 -89.30
N ARG A 523 -6.39 -22.21 -89.83
CA ARG A 523 -5.26 -22.88 -89.21
C ARG A 523 -3.99 -22.27 -89.78
N VAL A 524 -3.20 -21.63 -88.92
CA VAL A 524 -1.99 -20.93 -89.35
C VAL A 524 -1.01 -21.90 -90.01
N GLU A 525 -1.00 -23.15 -89.56
CA GLU A 525 -0.11 -24.15 -90.12
C GLU A 525 -0.40 -24.44 -91.58
N ASP A 526 -1.55 -24.01 -92.10
CA ASP A 526 -1.87 -24.08 -93.51
C ASP A 526 -1.50 -22.80 -94.25
N PHE A 527 -1.44 -21.68 -93.54
CA PHE A 527 -1.18 -20.42 -94.20
C PHE A 527 0.29 -20.26 -94.54
N GLY A 528 1.17 -20.44 -93.55
CA GLY A 528 2.58 -20.22 -93.79
C GLY A 528 3.15 -21.19 -94.81
N ASN A 529 2.78 -22.46 -94.71
CA ASN A 529 3.26 -23.44 -95.66
C ASN A 529 2.66 -23.26 -97.05
N ALA A 530 1.63 -22.41 -97.18
CA ALA A 530 1.07 -22.08 -98.47
C ALA A 530 1.88 -21.04 -99.22
N TRP A 531 2.82 -20.37 -98.55
CA TRP A 531 3.70 -19.38 -99.16
C TRP A 531 5.14 -19.84 -99.27
N LYS A 532 5.41 -21.14 -99.13
CA LYS A 532 6.77 -21.64 -99.31
C LYS A 532 7.13 -21.64 -100.78
N LEU A 533 8.44 -21.66 -101.06
CA LEU A 533 8.95 -21.55 -102.42
C LEU A 533 9.54 -22.84 -102.98
N HIS A 534 9.88 -23.81 -102.13
CA HIS A 534 10.50 -25.06 -102.56
C HIS A 534 9.67 -26.23 -102.10
N GLY A 535 9.34 -27.12 -103.03
CA GLY A 535 8.49 -28.27 -102.72
C GLY A 535 9.16 -29.28 -101.81
N ASP A 536 10.49 -29.38 -101.87
CA ASP A 536 11.20 -30.34 -101.04
C ASP A 536 11.12 -30.02 -99.56
N CYS A 537 10.83 -28.78 -99.20
CA CYS A 537 10.77 -28.40 -97.81
C CYS A 537 9.60 -29.09 -97.12
N GLN A 538 9.84 -29.53 -95.88
CA GLN A 538 8.80 -30.18 -95.09
C GLN A 538 7.84 -29.12 -94.55
N ASP A 539 6.57 -29.26 -94.87
CA ASP A 539 5.54 -28.50 -94.20
C ASP A 539 5.30 -29.07 -92.82
N LEU A 540 5.11 -28.19 -91.84
CA LEU A 540 4.88 -28.63 -90.48
C LEU A 540 3.41 -28.98 -90.28
N GLN A 541 3.12 -29.56 -89.11
CA GLN A 541 1.78 -30.02 -88.78
C GLN A 541 1.23 -29.40 -87.50
N LYS A 542 2.09 -28.94 -86.60
CA LYS A 542 1.64 -28.32 -85.37
C LYS A 542 2.60 -27.21 -84.97
N GLN A 543 2.06 -26.04 -84.66
CA GLN A 543 2.82 -24.93 -84.10
C GLN A 543 2.64 -24.96 -82.59
N HIS A 544 3.69 -25.33 -81.88
CA HIS A 544 3.62 -25.41 -80.43
C HIS A 544 3.66 -24.02 -79.83
N SER A 545 3.05 -23.91 -78.65
CA SER A 545 2.89 -22.63 -77.96
C SER A 545 3.66 -22.52 -76.66
N ASP A 546 4.11 -23.64 -76.10
CA ASP A 546 4.81 -23.66 -74.82
C ASP A 546 6.02 -24.57 -74.95
N PRO A 547 7.08 -24.12 -75.62
CA PRO A 547 8.33 -24.87 -75.64
C PRO A 547 9.06 -24.88 -74.32
N CYS A 548 8.61 -24.09 -73.34
CA CYS A 548 9.15 -24.17 -72.00
C CYS A 548 8.93 -25.54 -71.37
N ALA A 549 8.00 -26.34 -71.91
CA ALA A 549 7.84 -27.72 -71.47
C ALA A 549 9.08 -28.54 -71.80
N LEU A 550 9.60 -28.40 -73.01
CA LEU A 550 10.81 -29.12 -73.40
C LEU A 550 12.06 -28.58 -72.71
N ASN A 551 11.96 -27.45 -72.01
CA ASN A 551 13.05 -26.93 -71.20
C ASN A 551 12.44 -26.40 -69.91
N PRO A 552 12.08 -27.29 -68.98
CA PRO A 552 11.47 -26.84 -67.72
C PRO A 552 12.34 -25.95 -66.88
N ARG A 553 13.65 -25.91 -67.14
CA ARG A 553 14.54 -25.11 -66.32
C ARG A 553 14.27 -23.62 -66.46
N MET A 554 13.84 -23.19 -67.64
CA MET A 554 13.63 -21.77 -67.93
C MET A 554 12.24 -21.29 -67.56
N THR A 555 11.41 -22.13 -66.94
CA THR A 555 10.02 -21.76 -66.70
C THR A 555 9.94 -20.66 -65.66
N ARG A 556 10.70 -20.79 -64.58
CA ARG A 556 10.80 -19.73 -63.59
C ARG A 556 11.31 -18.45 -64.23
N PHE A 557 12.51 -18.50 -64.80
CA PHE A 557 13.18 -17.31 -65.30
C PHE A 557 12.34 -16.57 -66.33
N SER A 558 11.59 -17.29 -67.17
CA SER A 558 10.76 -16.62 -68.16
C SER A 558 9.60 -15.86 -67.52
N GLU A 559 9.29 -16.13 -66.26
CA GLU A 559 8.25 -15.39 -65.58
C GLU A 559 8.77 -14.06 -65.04
N GLU A 560 9.76 -14.10 -64.14
CA GLU A 560 10.27 -12.88 -63.55
C GLU A 560 10.96 -12.00 -64.57
N ALA A 561 11.50 -12.57 -65.64
CA ALA A 561 12.29 -11.79 -66.59
C ALA A 561 11.41 -10.79 -67.32
N CYS A 562 10.44 -11.29 -68.09
CA CYS A 562 9.51 -10.45 -68.82
C CYS A 562 8.30 -10.04 -67.98
N ALA A 563 8.39 -10.17 -66.66
CA ALA A 563 7.41 -9.51 -65.79
C ALA A 563 7.67 -8.01 -65.70
N VAL A 564 8.85 -7.55 -66.09
CA VAL A 564 9.08 -6.11 -66.14
C VAL A 564 8.32 -5.46 -67.27
N LEU A 565 7.92 -6.24 -68.28
CA LEU A 565 7.16 -5.71 -69.40
C LEU A 565 5.86 -5.07 -68.94
N THR A 566 5.25 -5.60 -67.87
CA THR A 566 4.05 -5.04 -67.29
C THR A 566 4.32 -4.16 -66.08
N SER A 567 5.50 -4.29 -65.46
CA SER A 567 5.94 -3.41 -64.40
C SER A 567 5.83 -1.95 -64.86
N PRO A 568 5.68 -0.98 -63.93
CA PRO A 568 5.41 0.39 -64.38
C PRO A 568 6.58 1.11 -65.05
N THR A 569 7.70 0.41 -65.26
CA THR A 569 8.74 0.93 -66.14
C THR A 569 8.17 1.27 -67.51
N PHE A 570 7.27 0.42 -68.01
CA PHE A 570 6.57 0.64 -69.27
C PHE A 570 5.18 1.21 -69.06
N GLU A 571 4.94 1.87 -67.92
CA GLU A 571 3.64 2.45 -67.62
C GLU A 571 3.19 3.43 -68.71
N ALA A 572 4.13 4.07 -69.38
CA ALA A 572 3.82 5.16 -70.29
C ALA A 572 3.21 4.69 -71.60
N CYS A 573 3.36 3.43 -71.98
CA CYS A 573 2.87 2.94 -73.28
C CYS A 573 2.04 1.68 -73.13
N HIS A 574 1.47 1.43 -71.95
CA HIS A 574 0.28 0.59 -71.88
C HIS A 574 -0.89 1.29 -72.56
N ARG A 575 -0.91 2.62 -72.51
CA ARG A 575 -1.89 3.43 -73.20
C ARG A 575 -1.41 3.89 -74.57
N ALA A 576 -0.58 3.08 -75.22
CA ALA A 576 -0.21 3.29 -76.62
C ALA A 576 -0.37 2.03 -77.46
N VAL A 577 -0.06 0.86 -76.89
CA VAL A 577 -0.07 -0.37 -77.65
C VAL A 577 -0.22 -1.53 -76.68
N SER A 578 -0.92 -2.58 -77.12
CA SER A 578 -1.25 -3.70 -76.26
C SER A 578 0.00 -4.50 -75.91
N PRO A 579 0.38 -4.62 -74.63
CA PRO A 579 1.61 -5.36 -74.30
C PRO A 579 1.45 -6.88 -74.27
N LEU A 580 0.24 -7.40 -74.21
CA LEU A 580 0.05 -8.82 -73.96
C LEU A 580 0.75 -9.74 -74.95
N PRO A 581 0.81 -9.45 -76.24
CA PRO A 581 1.59 -10.31 -77.14
C PRO A 581 3.09 -10.15 -76.99
N TYR A 582 3.56 -8.91 -76.82
CA TYR A 582 4.98 -8.68 -76.60
C TYR A 582 5.47 -9.38 -75.32
N LEU A 583 4.55 -9.72 -74.42
CA LEU A 583 4.84 -10.65 -73.35
C LEU A 583 4.73 -12.10 -73.82
N ARG A 584 3.70 -12.40 -74.60
CA ARG A 584 3.51 -13.76 -75.10
C ARG A 584 4.68 -14.21 -75.95
N ASN A 585 5.31 -13.29 -76.67
CA ASN A 585 6.40 -13.66 -77.57
C ASN A 585 7.75 -13.69 -76.86
N CYS A 586 7.82 -13.21 -75.62
CA CYS A 586 9.00 -13.40 -74.81
C CYS A 586 9.14 -14.84 -74.37
N ARG A 587 8.13 -15.36 -73.68
CA ARG A 587 8.21 -16.68 -73.07
C ARG A 587 8.43 -17.79 -74.10
N TYR A 588 8.07 -17.55 -75.36
CA TYR A 588 8.39 -18.48 -76.42
C TYR A 588 9.84 -18.38 -76.87
N ASP A 589 10.50 -17.25 -76.63
CA ASP A 589 11.87 -17.04 -77.07
C ASP A 589 12.87 -17.40 -75.99
N VAL A 590 12.66 -16.93 -74.76
CA VAL A 590 13.63 -17.13 -73.69
C VAL A 590 13.79 -18.61 -73.37
N CYS A 591 12.73 -19.39 -73.48
CA CYS A 591 12.83 -20.83 -73.25
C CYS A 591 13.44 -21.56 -74.43
N SER A 592 13.28 -21.04 -75.65
CA SER A 592 13.59 -21.77 -76.86
C SER A 592 15.01 -21.56 -77.34
N CYS A 593 15.56 -20.36 -77.21
CA CYS A 593 16.79 -20.02 -77.90
C CYS A 593 18.01 -20.51 -77.12
N SER A 594 19.15 -20.47 -77.79
CA SER A 594 20.38 -21.00 -77.22
C SER A 594 20.81 -20.21 -75.98
N ASP A 595 20.76 -18.88 -76.06
CA ASP A 595 21.16 -18.01 -74.96
C ASP A 595 20.02 -17.04 -74.68
N GLY A 596 19.37 -17.20 -73.53
CA GLY A 596 18.25 -16.37 -73.18
C GLY A 596 18.57 -14.95 -72.77
N ARG A 597 19.85 -14.62 -72.59
CA ARG A 597 20.23 -13.26 -72.20
C ARG A 597 19.77 -12.25 -73.23
N GLU A 598 20.24 -12.39 -74.47
CA GLU A 598 19.95 -11.40 -75.49
C GLU A 598 18.57 -11.63 -76.11
N CYS A 599 18.10 -12.88 -76.12
CA CYS A 599 16.73 -13.15 -76.55
C CYS A 599 15.75 -12.36 -75.70
N LEU A 600 16.02 -12.26 -74.40
CA LEU A 600 15.25 -11.39 -73.53
C LEU A 600 15.35 -9.96 -73.99
N CYS A 601 16.56 -9.48 -74.15
CA CYS A 601 16.83 -8.06 -74.39
C CYS A 601 16.80 -7.72 -75.87
N GLY A 602 16.27 -8.60 -76.70
CA GLY A 602 15.88 -8.29 -78.06
C GLY A 602 14.38 -8.40 -78.25
N ALA A 603 13.66 -8.78 -77.19
CA ALA A 603 12.20 -8.81 -77.17
C ALA A 603 11.61 -7.63 -76.43
N LEU A 604 12.24 -7.23 -75.31
CA LEU A 604 11.84 -5.99 -74.66
C LEU A 604 11.97 -4.81 -75.60
N ALA A 605 13.08 -4.71 -76.32
CA ALA A 605 13.27 -3.64 -77.29
C ALA A 605 12.24 -3.72 -78.41
N SER A 606 11.72 -4.90 -78.72
CA SER A 606 10.64 -5.01 -79.68
C SER A 606 9.41 -4.24 -79.22
N TYR A 607 9.20 -4.17 -77.91
CA TYR A 607 8.08 -3.44 -77.34
C TYR A 607 8.35 -1.95 -77.28
N ALA A 608 9.53 -1.57 -76.79
CA ALA A 608 9.88 -0.17 -76.73
C ALA A 608 9.91 0.47 -78.10
N ALA A 609 10.37 -0.27 -79.11
CA ALA A 609 10.44 0.26 -80.46
C ALA A 609 9.07 0.59 -81.02
N ALA A 610 8.04 -0.14 -80.61
CA ALA A 610 6.67 0.16 -81.01
C ALA A 610 6.03 1.19 -80.10
N CYS A 611 6.48 1.26 -78.84
CA CYS A 611 6.06 2.35 -77.98
C CYS A 611 6.58 3.68 -78.50
N ALA A 612 7.79 3.69 -79.07
CA ALA A 612 8.37 4.91 -79.60
C ALA A 612 7.81 5.24 -80.98
N GLY A 613 7.40 4.25 -81.76
CA GLY A 613 6.78 4.50 -83.04
C GLY A 613 5.46 5.23 -82.95
N ARG A 614 4.85 5.28 -81.76
CA ARG A 614 3.64 6.04 -81.52
C ARG A 614 3.88 7.34 -80.78
N GLY A 615 5.00 7.45 -80.06
CA GLY A 615 5.40 8.72 -79.46
C GLY A 615 6.05 8.59 -78.10
N VAL A 616 5.83 7.47 -77.41
CA VAL A 616 6.29 7.28 -76.05
C VAL A 616 7.67 6.63 -76.09
N ARG A 617 8.66 7.34 -75.57
CA ARG A 617 9.97 6.77 -75.30
C ARG A 617 10.01 6.30 -73.85
N VAL A 618 10.78 5.25 -73.60
CA VAL A 618 10.93 4.66 -72.28
C VAL A 618 12.42 4.52 -71.98
N ALA A 619 12.77 4.67 -70.70
CA ALA A 619 14.15 4.53 -70.22
C ALA A 619 14.24 3.24 -69.43
N TRP A 620 14.48 2.13 -70.13
CA TRP A 620 14.43 0.80 -69.52
C TRP A 620 15.78 0.10 -69.46
N ARG A 621 16.88 0.82 -69.55
CA ARG A 621 18.20 0.21 -69.56
C ARG A 621 18.88 0.37 -68.22
N GLU A 622 19.55 -0.70 -67.79
CA GLU A 622 20.23 -0.82 -66.51
C GLU A 622 21.48 -1.67 -66.69
N PRO A 623 22.39 -1.72 -65.70
CA PRO A 623 23.47 -2.70 -65.78
C PRO A 623 22.99 -4.14 -65.69
N GLY A 624 21.78 -4.37 -65.20
CA GLY A 624 21.20 -5.70 -65.18
C GLY A 624 20.31 -5.95 -66.38
N ARG A 625 19.54 -4.94 -66.78
CA ARG A 625 18.60 -5.09 -67.89
C ARG A 625 19.21 -4.65 -69.22
N CYS A 626 20.39 -5.19 -69.51
CA CYS A 626 21.00 -5.20 -70.84
C CYS A 626 21.20 -3.78 -71.39
N GLU A 627 22.10 -3.06 -70.74
CA GLU A 627 22.62 -1.82 -71.32
C GLU A 627 23.74 -2.18 -72.29
N LEU A 628 23.62 -1.69 -73.52
CA LEU A 628 24.65 -2.00 -74.50
C LEU A 628 25.93 -1.23 -74.17
N ASN A 629 27.04 -1.76 -74.66
CA ASN A 629 28.37 -1.25 -74.34
C ASN A 629 28.89 -0.44 -75.54
N CYS A 630 28.52 0.83 -75.59
CA CYS A 630 29.08 1.70 -76.59
C CYS A 630 30.60 1.77 -76.39
N PRO A 631 31.40 1.72 -77.46
CA PRO A 631 32.87 1.76 -77.25
C PRO A 631 33.32 3.04 -76.58
N LYS A 632 34.60 3.04 -76.20
CA LYS A 632 35.15 4.15 -75.43
C LYS A 632 35.03 5.48 -76.15
N GLY A 633 35.07 5.46 -77.48
CA GLY A 633 34.88 6.69 -78.22
C GLY A 633 33.45 7.22 -78.13
N GLN A 634 32.48 6.32 -78.15
CA GLN A 634 31.07 6.68 -78.14
C GLN A 634 30.52 6.66 -76.71
N VAL A 635 29.28 7.12 -76.58
CA VAL A 635 28.56 7.13 -75.31
C VAL A 635 27.13 6.69 -75.58
N TYR A 636 26.52 6.04 -74.58
CA TYR A 636 25.11 5.70 -74.67
C TYR A 636 24.27 6.97 -74.76
N LEU A 637 23.16 6.87 -75.48
CA LEU A 637 22.28 8.01 -75.68
C LEU A 637 20.87 7.50 -75.94
N GLN A 638 19.88 8.21 -75.42
CA GLN A 638 18.49 7.79 -75.48
C GLN A 638 17.79 8.30 -76.74
N CYS A 639 17.75 9.62 -76.93
CA CYS A 639 17.05 10.24 -78.05
C CYS A 639 17.98 11.27 -78.64
N GLY A 640 18.47 11.02 -79.85
CA GLY A 640 19.50 11.85 -80.46
C GLY A 640 19.27 12.03 -81.95
N THR A 641 20.16 12.80 -82.56
CA THR A 641 20.00 13.26 -83.93
C THR A 641 21.06 12.62 -84.82
N PRO A 642 20.74 11.56 -85.58
CA PRO A 642 21.69 11.03 -86.56
C PRO A 642 21.67 11.83 -87.87
N CYS A 643 22.02 13.11 -87.77
CA CYS A 643 22.24 13.99 -88.92
C CYS A 643 23.59 14.67 -88.86
N ASN A 644 24.03 15.10 -87.68
CA ASN A 644 25.29 15.77 -87.47
C ASN A 644 26.34 14.85 -86.84
N LEU A 645 26.31 13.57 -87.19
CA LEU A 645 27.21 12.57 -86.63
C LEU A 645 28.33 12.16 -87.58
N THR A 646 27.98 11.70 -88.79
CA THR A 646 28.98 11.14 -89.67
C THR A 646 29.78 12.24 -90.37
N CYS A 647 31.02 11.91 -90.70
CA CYS A 647 31.89 12.84 -91.39
C CYS A 647 31.43 13.08 -92.82
N ARG A 648 30.70 12.13 -93.40
CA ARG A 648 30.12 12.34 -94.72
C ARG A 648 29.12 13.48 -94.73
N SER A 649 28.54 13.81 -93.57
CA SER A 649 27.56 14.89 -93.51
C SER A 649 28.19 16.22 -93.90
N LEU A 650 29.41 16.48 -93.45
CA LEU A 650 30.07 17.73 -93.76
C LEU A 650 30.50 17.79 -95.22
N SER A 651 30.65 16.64 -95.86
CA SER A 651 30.93 16.64 -97.30
C SER A 651 29.69 17.03 -98.10
N TYR A 652 28.53 16.54 -97.68
CA TYR A 652 27.25 16.81 -98.33
C TYR A 652 26.31 17.43 -97.29
N PRO A 653 26.57 18.66 -96.86
CA PRO A 653 25.71 19.30 -95.85
C PRO A 653 24.37 19.75 -96.41
N ASP A 654 24.34 20.07 -97.71
CA ASP A 654 23.13 20.56 -98.33
C ASP A 654 22.01 19.53 -98.31
N GLU A 655 22.35 18.24 -98.27
CA GLU A 655 21.33 17.20 -98.30
C GLU A 655 20.43 17.28 -97.06
N GLU A 656 19.15 17.01 -97.26
CA GLU A 656 18.19 17.05 -96.17
C GLU A 656 18.34 15.81 -95.30
N CYS A 657 18.11 15.99 -93.99
CA CYS A 657 18.06 14.89 -93.03
C CYS A 657 16.73 15.01 -92.29
N ASN A 658 15.67 14.48 -92.89
CA ASN A 658 14.34 14.48 -92.29
C ASN A 658 14.15 13.21 -91.46
N GLU A 659 15.06 13.04 -90.51
CA GLU A 659 15.11 11.86 -89.67
C GLU A 659 14.60 12.18 -88.27
N ALA A 660 14.28 11.13 -87.55
CA ALA A 660 13.65 11.24 -86.25
C ALA A 660 14.69 11.46 -85.16
N CYS A 661 14.28 11.30 -83.91
CA CYS A 661 15.14 11.41 -82.74
C CYS A 661 15.42 9.99 -82.25
N LEU A 662 16.48 9.39 -82.78
CA LEU A 662 16.72 7.96 -82.63
C LEU A 662 17.54 7.66 -81.37
N GLU A 663 17.72 6.36 -81.11
CA GLU A 663 18.41 5.85 -79.93
C GLU A 663 19.61 5.02 -80.36
N GLY A 664 20.74 5.19 -79.69
CA GLY A 664 21.91 4.39 -79.99
C GLY A 664 23.17 4.94 -79.36
N CYS A 665 24.30 4.63 -80.00
CA CYS A 665 25.62 5.05 -79.53
C CYS A 665 26.09 6.24 -80.35
N PHE A 666 26.10 7.41 -79.74
CA PHE A 666 26.65 8.64 -80.32
C PHE A 666 27.84 9.09 -79.48
N CYS A 667 28.42 10.22 -79.84
CA CYS A 667 29.45 10.87 -79.04
C CYS A 667 29.19 12.37 -79.07
N PRO A 668 29.79 13.14 -78.15
CA PRO A 668 29.37 14.55 -77.94
C PRO A 668 29.45 15.38 -79.20
N PRO A 669 28.84 16.59 -79.21
CA PRO A 669 28.67 17.31 -80.48
C PRO A 669 29.96 17.80 -81.08
N GLY A 670 30.96 18.15 -80.25
CA GLY A 670 32.29 18.53 -80.68
C GLY A 670 33.01 17.44 -81.47
N LEU A 671 32.57 16.20 -81.33
CA LEU A 671 33.17 15.06 -82.01
C LEU A 671 32.22 14.54 -83.07
N TYR A 672 32.76 14.27 -84.26
CA TYR A 672 32.02 13.66 -85.36
C TYR A 672 32.66 12.34 -85.74
N MET A 673 31.87 11.47 -86.36
CA MET A 673 32.27 10.07 -86.54
C MET A 673 33.28 9.86 -87.66
N ASP A 674 34.32 9.08 -87.36
CA ASP A 674 35.32 8.66 -88.32
C ASP A 674 35.01 7.25 -88.80
N GLU A 675 35.63 6.87 -89.92
CA GLU A 675 35.38 5.55 -90.49
C GLU A 675 35.90 4.44 -89.58
N ARG A 676 36.92 4.72 -88.77
CA ARG A 676 37.65 3.69 -88.03
C ARG A 676 37.18 3.53 -86.60
N GLY A 677 35.89 3.73 -86.34
CA GLY A 677 35.30 3.39 -85.05
C GLY A 677 35.39 4.46 -84.00
N ASP A 678 36.47 5.21 -84.00
CA ASP A 678 36.54 6.41 -83.18
C ASP A 678 35.79 7.53 -83.87
N CYS A 679 35.42 8.55 -83.11
CA CYS A 679 34.87 9.81 -83.59
C CYS A 679 35.82 10.93 -83.21
N VAL A 680 35.85 11.96 -84.04
CA VAL A 680 36.92 12.96 -84.06
C VAL A 680 36.35 14.35 -84.25
N PRO A 681 37.08 15.39 -83.84
CA PRO A 681 36.63 16.75 -84.18
C PRO A 681 36.66 16.96 -85.68
N LYS A 682 36.11 18.09 -86.10
CA LYS A 682 36.02 18.39 -87.53
C LYS A 682 37.32 18.92 -88.12
N ALA A 683 38.42 18.89 -87.36
CA ALA A 683 39.75 19.26 -87.82
C ALA A 683 40.32 18.21 -88.76
N GLN A 684 40.25 16.93 -88.37
CA GLN A 684 40.74 15.81 -89.19
C GLN A 684 39.59 14.96 -89.71
N CYS A 685 38.50 15.60 -90.08
CA CYS A 685 37.35 14.93 -90.64
C CYS A 685 37.51 14.95 -92.16
N PRO A 686 37.74 13.81 -92.82
CA PRO A 686 38.07 13.86 -94.25
C PRO A 686 36.89 14.24 -95.13
N CYS A 687 37.22 14.44 -96.40
CA CYS A 687 36.25 14.73 -97.45
C CYS A 687 36.01 13.48 -98.29
N TYR A 688 34.83 13.40 -98.88
CA TYR A 688 34.39 12.26 -99.68
C TYR A 688 33.97 12.72 -101.06
N TYR A 689 34.81 13.54 -101.69
CA TYR A 689 34.59 14.10 -103.02
C TYR A 689 34.61 13.00 -104.07
N ASP A 690 33.50 12.85 -104.79
CA ASP A 690 33.39 11.87 -105.86
C ASP A 690 33.67 10.46 -105.34
N GLY A 691 33.33 10.22 -104.08
CA GLY A 691 33.65 8.98 -103.42
C GLY A 691 35.04 8.98 -102.78
N GLU A 692 35.95 9.79 -103.31
CA GLU A 692 37.35 9.68 -102.94
C GLU A 692 37.59 10.25 -101.55
N ILE A 693 38.16 9.43 -100.68
CA ILE A 693 38.39 9.79 -99.29
C ILE A 693 39.71 10.55 -99.21
N PHE A 694 39.63 11.87 -99.24
CA PHE A 694 40.81 12.73 -99.14
C PHE A 694 41.11 13.03 -97.68
N GLN A 695 42.39 13.11 -97.36
CA GLN A 695 42.84 13.40 -96.02
C GLN A 695 42.56 14.86 -95.70
N PRO A 696 42.70 15.26 -94.43
CA PRO A 696 42.24 16.61 -94.04
C PRO A 696 42.95 17.75 -94.74
N GLU A 697 44.16 17.54 -95.25
CA GLU A 697 44.89 18.56 -96.02
C GLU A 697 45.39 17.91 -97.30
N ASP A 698 44.64 18.12 -98.39
CA ASP A 698 44.99 17.59 -99.70
C ASP A 698 44.58 18.64 -100.74
N ILE A 699 45.53 19.48 -101.11
CA ILE A 699 45.44 20.44 -102.21
C ILE A 699 45.52 19.66 -103.51
N PHE A 700 44.74 20.10 -104.50
CA PHE A 700 44.13 19.17 -105.42
C PHE A 700 43.62 19.88 -106.66
N SER A 701 44.11 19.53 -107.85
CA SER A 701 43.71 20.30 -109.02
C SER A 701 44.11 19.60 -110.30
N ASP A 702 43.19 19.60 -111.27
CA ASP A 702 43.51 19.38 -112.66
C ASP A 702 44.03 20.70 -113.23
N HIS A 703 44.19 20.77 -114.55
CA HIS A 703 44.58 22.00 -115.23
C HIS A 703 43.60 23.15 -115.01
N HIS A 704 42.29 22.86 -115.04
CA HIS A 704 41.28 23.89 -115.20
C HIS A 704 40.49 24.18 -113.93
N THR A 705 40.34 23.18 -113.06
CA THR A 705 39.73 23.39 -111.76
C THR A 705 40.78 23.64 -110.69
N MET A 706 40.31 23.86 -109.46
CA MET A 706 41.16 24.07 -108.31
C MET A 706 40.31 23.75 -107.08
N CYS A 707 40.82 22.85 -106.23
CA CYS A 707 39.99 22.24 -105.20
C CYS A 707 40.85 21.88 -104.00
N TYR A 708 40.25 21.89 -102.83
CA TYR A 708 40.94 21.44 -101.63
C TYR A 708 39.94 21.06 -100.54
N CYS A 709 40.40 20.21 -99.63
CA CYS A 709 39.63 19.74 -98.48
C CYS A 709 40.15 20.41 -97.23
N GLU A 710 39.29 21.18 -96.57
CA GLU A 710 39.69 22.01 -95.44
C GLU A 710 39.43 21.32 -94.10
N ASP A 711 38.15 21.05 -93.79
CA ASP A 711 37.76 20.54 -92.48
C ASP A 711 36.62 19.53 -92.56
N GLY A 712 36.41 18.91 -93.72
CA GLY A 712 35.30 18.02 -93.93
C GLY A 712 34.57 18.35 -95.21
N PHE A 713 34.53 19.63 -95.55
CA PHE A 713 33.90 20.08 -96.79
C PHE A 713 34.95 20.22 -97.89
N MET A 714 34.53 19.94 -99.11
CA MET A 714 35.38 20.00 -100.30
C MET A 714 35.16 21.30 -101.07
N HIS A 715 36.03 22.28 -100.84
CA HIS A 715 36.10 23.63 -101.42
C HIS A 715 36.69 23.55 -102.83
N CYS A 716 35.81 23.43 -103.83
CA CYS A 716 36.19 23.55 -105.22
C CYS A 716 35.94 24.95 -105.77
N THR A 717 36.74 25.31 -106.76
CA THR A 717 36.61 26.55 -107.52
C THR A 717 36.85 26.22 -108.98
N MET A 718 37.02 27.25 -109.80
CA MET A 718 37.34 27.06 -111.22
C MET A 718 38.29 28.14 -111.70
N SER B 1 -7.09 -43.54 35.88
CA SER B 1 -8.45 -43.54 36.41
C SER B 1 -8.58 -43.38 37.93
N LEU B 2 -9.80 -43.03 38.37
CA LEU B 2 -10.12 -42.74 39.76
C LEU B 2 -11.63 -42.84 39.93
N SER B 3 -12.09 -43.83 40.69
CA SER B 3 -13.52 -43.94 41.02
C SER B 3 -13.85 -42.90 42.07
N CYS B 4 -14.53 -41.83 41.65
CA CYS B 4 -14.84 -40.74 42.56
C CYS B 4 -15.77 -41.22 43.67
N ARG B 5 -15.74 -40.50 44.79
CA ARG B 5 -16.27 -40.64 46.14
C ARG B 5 -17.77 -40.92 46.07
N PRO B 6 -18.38 -41.47 47.13
CA PRO B 6 -19.80 -41.85 47.05
C PRO B 6 -20.73 -40.67 46.78
N PRO B 7 -20.67 -39.56 47.54
CA PRO B 7 -21.80 -38.61 47.51
C PRO B 7 -22.03 -37.91 46.18
N MET B 8 -21.17 -38.08 45.18
CA MET B 8 -21.34 -37.41 43.90
C MET B 8 -21.00 -38.35 42.74
N VAL B 9 -21.47 -37.97 41.56
CA VAL B 9 -21.65 -38.88 40.43
C VAL B 9 -20.78 -38.45 39.26
N LYS B 10 -20.25 -39.43 38.55
CA LYS B 10 -19.54 -39.18 37.30
C LYS B 10 -20.54 -38.89 36.17
N LEU B 11 -20.26 -37.84 35.40
CA LEU B 11 -21.12 -37.40 34.32
C LEU B 11 -20.40 -37.48 32.97
N VAL B 12 -21.21 -37.49 31.92
CA VAL B 12 -20.76 -37.77 30.56
C VAL B 12 -21.47 -36.86 29.57
N CYS B 13 -20.72 -36.26 28.66
CA CYS B 13 -21.31 -35.43 27.61
C CYS B 13 -22.16 -36.29 26.69
N PRO B 14 -23.46 -35.98 26.49
CA PRO B 14 -24.18 -36.65 25.41
C PRO B 14 -23.85 -36.04 24.06
N ALA B 15 -23.95 -36.87 23.02
CA ALA B 15 -23.58 -36.44 21.68
C ALA B 15 -24.60 -35.51 21.03
N ASP B 16 -25.85 -35.51 21.49
CA ASP B 16 -26.96 -34.70 20.98
C ASP B 16 -27.11 -33.35 21.68
N ASN B 17 -27.02 -33.29 23.01
CA ASN B 17 -27.35 -32.07 23.73
C ASN B 17 -26.15 -31.14 23.84
N LEU B 18 -26.17 -30.05 23.07
CA LEU B 18 -25.18 -29.00 23.20
C LEU B 18 -25.06 -28.47 24.65
N ARG B 19 -26.15 -28.53 25.42
CA ARG B 19 -26.17 -28.00 26.78
C ARG B 19 -25.68 -29.07 27.75
N ALA B 20 -24.38 -29.37 27.65
CA ALA B 20 -23.59 -30.26 28.47
C ALA B 20 -22.95 -29.49 29.63
N GLU B 21 -23.81 -28.79 30.38
CA GLU B 21 -23.38 -28.04 31.56
C GLU B 21 -23.10 -29.02 32.69
N GLY B 22 -21.91 -29.62 32.63
CA GLY B 22 -21.17 -30.61 33.39
C GLY B 22 -20.08 -30.01 34.27
N LEU B 23 -18.84 -30.45 34.02
CA LEU B 23 -17.75 -30.10 34.93
C LEU B 23 -17.35 -28.64 34.80
N GLU B 24 -17.45 -28.07 33.60
CA GLU B 24 -17.08 -26.67 33.42
C GLU B 24 -17.96 -25.76 34.25
N CYS B 25 -19.26 -26.06 34.32
CA CYS B 25 -20.19 -25.33 35.18
C CYS B 25 -20.37 -26.06 36.51
N THR B 26 -19.30 -26.09 37.29
CA THR B 26 -19.15 -26.61 38.64
C THR B 26 -19.84 -25.66 39.61
N LYS B 27 -21.09 -25.96 39.95
CA LYS B 27 -21.84 -25.11 40.88
C LYS B 27 -21.33 -25.29 42.30
N THR B 28 -20.77 -24.23 42.88
CA THR B 28 -20.45 -23.91 44.26
C THR B 28 -21.52 -22.95 44.80
N CYS B 29 -21.30 -22.43 46.00
CA CYS B 29 -22.28 -21.54 46.60
C CYS B 29 -22.25 -20.16 45.97
N GLN B 30 -21.08 -19.71 45.55
CA GLN B 30 -20.95 -18.39 44.95
C GLN B 30 -21.72 -18.31 43.64
N ASN B 31 -21.59 -19.33 42.81
CA ASN B 31 -22.07 -19.32 41.43
C ASN B 31 -23.48 -19.81 41.22
N TYR B 32 -24.21 -20.13 42.29
CA TYR B 32 -25.48 -20.81 42.11
C TYR B 32 -26.52 -19.87 41.49
N ASP B 33 -26.76 -18.74 42.13
CA ASP B 33 -27.63 -17.73 41.52
C ASP B 33 -27.06 -17.23 40.22
N LEU B 34 -25.75 -17.30 40.05
CA LEU B 34 -25.11 -16.81 38.84
C LEU B 34 -25.33 -17.77 37.68
N GLU B 35 -25.00 -17.29 36.49
CA GLU B 35 -25.09 -18.09 35.27
C GLU B 35 -23.71 -18.34 34.67
N CYS B 36 -23.55 -19.53 34.08
CA CYS B 36 -22.26 -20.10 33.79
C CYS B 36 -22.12 -20.44 32.30
N MET B 37 -20.89 -20.44 31.83
CA MET B 37 -20.59 -20.86 30.46
C MET B 37 -20.27 -22.35 30.43
N SER B 38 -20.49 -22.94 29.26
CA SER B 38 -20.08 -24.32 29.04
C SER B 38 -20.12 -24.66 27.55
N MET B 39 -18.99 -25.16 27.03
CA MET B 39 -18.94 -25.72 25.68
C MET B 39 -19.36 -27.19 25.70
N GLY B 40 -18.69 -27.98 26.52
CA GLY B 40 -19.03 -29.37 26.74
C GLY B 40 -18.46 -29.80 28.06
N CYS B 41 -19.03 -30.86 28.63
CA CYS B 41 -18.57 -31.33 29.92
C CYS B 41 -17.18 -31.95 29.76
N VAL B 42 -16.61 -32.42 30.86
CA VAL B 42 -15.37 -33.17 30.87
C VAL B 42 -15.58 -34.51 31.55
N SER B 43 -14.52 -35.30 31.64
CA SER B 43 -14.43 -36.58 32.33
C SER B 43 -14.23 -36.39 33.83
N GLY B 44 -15.12 -35.59 34.44
CA GLY B 44 -15.05 -35.29 35.85
C GLY B 44 -16.22 -35.91 36.61
N CYS B 45 -16.26 -35.61 37.91
CA CYS B 45 -17.28 -36.13 38.81
C CYS B 45 -17.89 -34.94 39.52
N LEU B 46 -19.20 -34.98 39.74
CA LEU B 46 -20.02 -33.78 39.89
C LEU B 46 -21.17 -34.03 40.86
N CYS B 47 -21.42 -33.04 41.73
CA CYS B 47 -22.44 -33.19 42.76
C CYS B 47 -23.83 -33.33 42.11
N PRO B 48 -24.79 -33.91 42.83
CA PRO B 48 -26.13 -34.07 42.25
C PRO B 48 -26.81 -32.73 42.00
N PRO B 49 -28.00 -32.74 41.39
CA PRO B 49 -28.71 -31.47 41.15
C PRO B 49 -29.03 -30.59 42.36
N GLY B 50 -29.29 -31.17 43.54
CA GLY B 50 -29.78 -30.41 44.68
C GLY B 50 -28.75 -30.26 45.77
N MET B 51 -27.49 -30.09 45.39
CA MET B 51 -26.27 -30.20 46.18
C MET B 51 -25.14 -29.54 45.42
N VAL B 52 -24.13 -29.06 46.16
CA VAL B 52 -23.01 -28.31 45.59
C VAL B 52 -21.70 -28.70 46.26
N ARG B 53 -20.60 -28.10 45.77
CA ARG B 53 -19.22 -28.16 46.25
C ARG B 53 -18.95 -27.03 47.24
N HIS B 54 -18.13 -27.34 48.23
CA HIS B 54 -17.81 -26.38 49.29
C HIS B 54 -16.47 -26.74 49.94
N GLU B 55 -15.43 -25.96 49.62
CA GLU B 55 -14.00 -26.07 49.99
C GLU B 55 -13.51 -27.52 50.08
N ASN B 56 -13.75 -28.25 48.99
CA ASN B 56 -13.40 -29.66 48.72
C ASN B 56 -14.34 -30.63 49.45
N ARG B 57 -15.55 -30.16 49.75
CA ARG B 57 -16.53 -30.97 50.45
C ARG B 57 -17.89 -30.69 49.83
N CYS B 58 -18.47 -31.71 49.21
CA CYS B 58 -19.78 -31.56 48.58
C CYS B 58 -20.86 -31.46 49.66
N VAL B 59 -20.99 -30.26 50.22
CA VAL B 59 -21.94 -30.03 51.31
C VAL B 59 -23.34 -30.35 50.83
N ALA B 60 -24.08 -31.10 51.65
CA ALA B 60 -25.34 -31.73 51.26
C ALA B 60 -26.43 -30.72 50.90
N LEU B 61 -26.72 -29.77 51.79
CA LEU B 61 -27.92 -28.93 51.74
C LEU B 61 -27.59 -27.54 51.23
N GLU B 62 -28.65 -26.79 50.95
CA GLU B 62 -28.54 -25.37 50.62
C GLU B 62 -28.52 -24.47 51.86
N ARG B 63 -27.64 -24.83 52.79
CA ARG B 63 -27.42 -24.11 54.03
C ARG B 63 -26.05 -23.46 54.08
N CYS B 64 -25.32 -23.46 52.98
CA CYS B 64 -23.93 -23.02 53.00
C CYS B 64 -23.89 -21.52 53.25
N PRO B 65 -22.70 -20.99 53.64
CA PRO B 65 -22.68 -19.68 54.31
C PRO B 65 -23.10 -18.51 53.45
N CYS B 66 -23.02 -17.33 54.04
CA CYS B 66 -23.45 -16.08 53.43
C CYS B 66 -22.34 -15.06 53.62
N PHE B 67 -21.39 -15.03 52.70
CA PHE B 67 -20.09 -14.45 52.96
C PHE B 67 -20.16 -12.94 53.10
N HIS B 68 -19.52 -12.45 54.17
CA HIS B 68 -19.22 -11.04 54.33
C HIS B 68 -17.82 -10.88 54.92
N GLN B 69 -17.10 -9.86 54.44
CA GLN B 69 -15.66 -9.67 54.65
C GLN B 69 -14.86 -10.93 54.38
N GLY B 70 -15.27 -11.68 53.34
CA GLY B 70 -14.58 -12.88 52.95
C GLY B 70 -14.52 -13.91 54.06
N LYS B 71 -15.55 -13.94 54.90
CA LYS B 71 -15.57 -14.74 56.11
C LYS B 71 -16.86 -15.54 56.18
N GLU B 72 -16.77 -16.71 56.80
CA GLU B 72 -17.91 -17.57 56.97
C GLU B 72 -18.98 -17.00 57.90
N TYR B 73 -20.23 -17.28 57.56
CA TYR B 73 -21.37 -17.04 58.44
C TYR B 73 -22.37 -18.16 58.25
N ALA B 74 -22.59 -18.94 59.30
CA ALA B 74 -23.66 -19.92 59.25
C ALA B 74 -25.01 -19.24 59.08
N PRO B 75 -26.00 -19.94 58.52
CA PRO B 75 -27.35 -19.38 58.50
C PRO B 75 -27.85 -19.13 59.92
N GLY B 76 -28.50 -17.98 60.11
CA GLY B 76 -28.98 -17.36 61.32
C GLY B 76 -27.96 -16.47 61.99
N GLU B 77 -26.67 -16.60 61.65
CA GLU B 77 -25.66 -15.69 62.14
C GLU B 77 -25.95 -14.26 61.68
N THR B 78 -25.71 -13.31 62.58
CA THR B 78 -26.01 -11.89 62.43
C THR B 78 -24.75 -11.02 62.39
N VAL B 79 -24.93 -9.83 61.83
CA VAL B 79 -23.87 -8.83 61.76
C VAL B 79 -24.48 -7.47 62.09
N LYS B 80 -23.61 -6.53 62.41
CA LYS B 80 -24.01 -5.16 62.75
C LYS B 80 -23.27 -4.21 61.82
N ILE B 81 -23.98 -3.68 60.83
CA ILE B 81 -23.48 -2.63 59.96
C ILE B 81 -24.18 -1.32 60.32
N GLY B 82 -23.39 -0.34 60.78
CA GLY B 82 -23.97 0.90 61.24
C GLY B 82 -24.87 0.67 62.44
N CYS B 83 -26.08 1.23 62.36
CA CYS B 83 -27.15 1.14 63.33
C CYS B 83 -28.10 -0.03 63.11
N ASN B 84 -27.86 -0.84 62.08
CA ASN B 84 -28.73 -1.91 61.61
C ASN B 84 -28.11 -3.26 61.90
N THR B 85 -28.96 -4.22 62.25
CA THR B 85 -28.62 -5.63 62.17
C THR B 85 -29.01 -6.20 60.82
N CYS B 86 -28.52 -7.40 60.53
CA CYS B 86 -28.85 -8.03 59.25
C CYS B 86 -28.45 -9.49 59.34
N VAL B 87 -29.36 -10.37 58.93
CA VAL B 87 -29.16 -11.82 59.02
C VAL B 87 -29.27 -12.42 57.63
N CYS B 88 -28.56 -13.53 57.42
CA CYS B 88 -28.73 -14.44 56.29
C CYS B 88 -29.75 -15.54 56.62
N GLN B 89 -30.94 -15.43 56.04
CA GLN B 89 -31.99 -16.48 56.23
C GLN B 89 -31.59 -17.73 55.44
N ASP B 90 -31.75 -17.68 54.11
CA ASP B 90 -31.47 -18.82 53.22
C ASP B 90 -30.07 -18.79 52.61
N ARG B 91 -29.83 -17.80 51.73
CA ARG B 91 -28.49 -17.52 51.20
C ARG B 91 -28.18 -16.04 51.16
N LYS B 92 -29.17 -15.17 51.26
CA LYS B 92 -28.98 -13.73 51.19
C LYS B 92 -29.22 -13.08 52.55
N TRP B 93 -28.35 -12.12 52.88
CA TRP B 93 -28.51 -11.30 54.10
C TRP B 93 -29.81 -10.49 54.00
N ASN B 94 -30.40 -10.15 55.15
CA ASN B 94 -31.75 -9.57 55.21
C ASN B 94 -31.72 -8.37 56.14
N CYS B 95 -31.36 -7.19 55.60
CA CYS B 95 -30.98 -6.03 56.44
C CYS B 95 -32.21 -5.17 56.72
N THR B 96 -32.27 -4.63 57.94
CA THR B 96 -33.34 -3.74 58.38
C THR B 96 -33.27 -2.46 57.54
N ASP B 97 -34.11 -1.49 57.87
CA ASP B 97 -34.16 -0.23 57.11
C ASP B 97 -34.29 0.95 58.05
N HIS B 98 -33.56 0.93 59.15
CA HIS B 98 -33.45 2.06 60.06
C HIS B 98 -32.26 2.88 59.59
N VAL B 99 -32.52 3.97 58.86
CA VAL B 99 -31.43 4.83 58.40
C VAL B 99 -30.74 5.43 59.62
N CYS B 100 -29.41 5.45 59.57
CA CYS B 100 -28.43 5.79 60.58
C CYS B 100 -28.15 7.30 60.56
N ASP B 101 -27.39 7.76 61.55
CA ASP B 101 -27.11 9.18 61.72
C ASP B 101 -25.90 9.56 60.89
N ALA B 102 -26.09 10.44 59.91
CA ALA B 102 -25.00 10.85 59.05
C ALA B 102 -24.12 11.87 59.77
N THR B 103 -23.03 12.25 59.10
CA THR B 103 -21.94 12.96 59.78
C THR B 103 -21.11 13.67 58.72
N CYS B 104 -21.14 15.00 58.72
CA CYS B 104 -20.15 15.75 57.96
C CYS B 104 -18.80 15.65 58.64
N SER B 105 -17.81 16.31 58.06
CA SER B 105 -16.47 16.48 58.59
C SER B 105 -15.75 17.51 57.74
N THR B 106 -14.69 18.06 58.31
CA THR B 106 -13.78 18.95 57.61
C THR B 106 -12.39 18.39 57.89
N ILE B 107 -11.97 17.42 57.08
CA ILE B 107 -10.73 16.71 57.33
C ILE B 107 -9.61 17.66 56.92
N GLY B 108 -8.78 18.04 57.88
CA GLY B 108 -7.73 18.98 57.62
C GLY B 108 -8.28 20.35 57.33
N MET B 109 -7.46 21.13 56.64
CA MET B 109 -7.75 22.52 56.41
C MET B 109 -8.79 22.71 55.32
N ALA B 110 -8.55 22.11 54.14
CA ALA B 110 -9.42 22.30 52.97
C ALA B 110 -9.79 20.96 52.37
N HIS B 111 -10.79 20.33 52.96
CA HIS B 111 -11.53 19.20 52.39
C HIS B 111 -12.87 19.16 53.11
N TYR B 112 -13.81 18.41 52.54
CA TYR B 112 -15.14 18.28 53.12
C TYR B 112 -15.70 16.92 52.82
N LEU B 113 -16.29 16.29 53.83
CA LEU B 113 -16.96 15.01 53.73
C LEU B 113 -18.45 15.24 53.88
N THR B 114 -19.21 14.87 52.86
CA THR B 114 -20.66 15.07 52.88
C THR B 114 -21.34 13.99 53.72
N PHE B 115 -22.66 14.10 53.83
CA PHE B 115 -23.43 13.12 54.57
C PHE B 115 -23.42 11.78 53.88
N ASP B 116 -23.91 11.75 52.64
CA ASP B 116 -23.94 10.54 51.84
C ASP B 116 -22.54 9.97 51.62
N GLY B 117 -21.51 10.81 51.75
CA GLY B 117 -20.13 10.41 51.70
C GLY B 117 -19.50 10.82 50.40
N LEU B 118 -18.82 11.96 50.39
CA LEU B 118 -18.21 12.45 49.16
C LEU B 118 -17.09 13.41 49.56
N LYS B 119 -15.87 12.92 49.54
CA LYS B 119 -14.73 13.79 49.73
C LYS B 119 -14.53 14.63 48.49
N TYR B 120 -14.29 15.92 48.71
CA TYR B 120 -13.95 16.82 47.62
C TYR B 120 -13.10 17.94 48.16
N LEU B 121 -12.48 18.66 47.25
CA LEU B 121 -11.50 19.68 47.55
C LEU B 121 -12.09 21.06 47.35
N PHE B 122 -11.90 21.94 48.34
CA PHE B 122 -12.36 23.31 48.24
C PHE B 122 -11.55 24.22 49.13
N PRO B 123 -10.43 24.74 48.63
CA PRO B 123 -9.71 25.79 49.35
C PRO B 123 -10.42 27.12 49.15
N GLY B 124 -11.04 27.62 50.23
CA GLY B 124 -11.67 28.91 50.21
C GLY B 124 -11.05 29.80 51.26
N GLU B 125 -11.41 31.08 51.18
CA GLU B 125 -10.95 32.07 52.14
C GLU B 125 -12.09 32.92 52.68
N CYS B 126 -13.20 33.01 51.98
CA CYS B 126 -14.37 33.73 52.45
C CYS B 126 -15.13 32.90 53.49
N GLN B 127 -16.27 33.41 53.94
CA GLN B 127 -17.18 32.71 54.82
C GLN B 127 -18.19 31.93 54.01
N TYR B 128 -18.46 30.69 54.43
CA TYR B 128 -19.22 29.73 53.62
C TYR B 128 -20.30 29.07 54.45
N VAL B 129 -21.36 28.64 53.75
CA VAL B 129 -22.46 27.92 54.37
C VAL B 129 -22.10 26.45 54.40
N LEU B 130 -21.74 25.96 55.58
CA LEU B 130 -21.51 24.54 55.75
C LEU B 130 -22.79 23.75 55.49
N VAL B 131 -23.88 24.18 56.11
CA VAL B 131 -25.18 23.53 55.96
C VAL B 131 -26.29 24.42 56.52
N GLN B 132 -27.49 24.30 55.98
CA GLN B 132 -28.64 24.98 56.54
C GLN B 132 -29.91 24.23 56.16
N ASP B 133 -31.04 24.74 56.66
CA ASP B 133 -32.36 24.22 56.35
C ASP B 133 -33.15 25.12 55.43
N TYR B 134 -32.87 26.42 55.40
CA TYR B 134 -33.60 27.36 54.55
C TYR B 134 -33.19 27.09 53.11
N CYS B 135 -33.89 26.14 52.49
CA CYS B 135 -33.47 25.62 51.19
C CYS B 135 -34.69 25.38 50.31
N GLY B 136 -35.03 26.36 49.50
CA GLY B 136 -36.11 26.25 48.54
C GLY B 136 -37.49 26.55 49.08
N SER B 137 -38.10 25.60 49.80
CA SER B 137 -39.51 25.70 50.17
C SER B 137 -39.72 25.19 51.60
N ASN B 138 -38.91 25.66 52.53
CA ASN B 138 -38.93 25.18 53.90
C ASN B 138 -38.79 26.36 54.86
N PRO B 139 -39.06 26.15 56.16
CA PRO B 139 -39.04 27.30 57.09
C PRO B 139 -37.68 27.98 57.20
N GLY B 140 -36.61 27.23 57.41
CA GLY B 140 -35.29 27.81 57.62
C GLY B 140 -34.87 27.86 59.07
N THR B 141 -34.99 26.74 59.77
CA THR B 141 -34.72 26.70 61.20
C THR B 141 -33.27 27.05 61.54
N PHE B 142 -32.32 26.22 61.12
CA PHE B 142 -30.92 26.39 61.50
C PHE B 142 -30.06 26.70 60.28
N ARG B 143 -29.04 27.52 60.52
CA ARG B 143 -28.17 28.07 59.47
C ARG B 143 -26.72 28.02 59.94
N ILE B 144 -26.22 26.83 60.24
CA ILE B 144 -24.81 26.66 60.53
C ILE B 144 -23.98 27.25 59.40
N LEU B 145 -22.96 28.03 59.76
CA LEU B 145 -21.98 28.57 58.83
C LEU B 145 -20.59 28.15 59.25
N VAL B 146 -19.63 28.42 58.37
CA VAL B 146 -18.22 28.28 58.68
C VAL B 146 -17.48 29.42 57.99
N GLY B 147 -16.42 29.88 58.64
CA GLY B 147 -15.61 30.94 58.10
C GLY B 147 -14.13 30.72 58.36
N ASN B 148 -13.37 30.69 57.28
CA ASN B 148 -11.93 30.47 57.31
C ASN B 148 -11.20 31.75 56.94
N LYS B 149 -9.96 31.85 57.39
CA LYS B 149 -9.12 33.01 57.12
C LYS B 149 -7.70 32.54 56.87
N GLY B 150 -7.15 32.92 55.71
CA GLY B 150 -5.84 32.46 55.31
C GLY B 150 -5.76 30.95 55.35
N CYS B 151 -6.50 30.29 54.46
CA CYS B 151 -6.57 28.84 54.50
C CYS B 151 -6.62 28.23 53.09
N SER B 152 -6.28 29.00 52.05
CA SER B 152 -6.22 28.44 50.72
C SER B 152 -5.02 27.53 50.55
N HIS B 153 -3.93 27.84 51.23
CA HIS B 153 -2.78 26.95 51.35
C HIS B 153 -2.70 26.49 52.80
N PRO B 154 -2.99 25.22 53.12
CA PRO B 154 -2.93 24.78 54.52
C PRO B 154 -1.59 25.03 55.18
N SER B 155 -1.64 25.53 56.41
CA SER B 155 -0.45 25.86 57.17
C SER B 155 -0.83 25.97 58.64
N VAL B 156 0.12 26.40 59.47
CA VAL B 156 -0.11 26.61 60.90
C VAL B 156 -1.13 27.71 61.18
N LYS B 157 -1.46 28.50 60.17
CA LYS B 157 -2.46 29.54 60.03
C LYS B 157 -3.81 28.85 59.86
N CYS B 158 -4.83 29.53 59.37
CA CYS B 158 -6.16 28.95 59.14
C CYS B 158 -6.80 28.60 60.47
N LYS B 159 -7.03 29.62 61.29
CA LYS B 159 -7.94 29.49 62.41
C LYS B 159 -9.36 29.67 61.89
N LYS B 160 -10.23 28.72 62.20
CA LYS B 160 -11.61 28.76 61.73
C LYS B 160 -12.48 29.65 62.62
N ARG B 161 -13.60 30.07 62.06
CA ARG B 161 -14.65 30.74 62.80
C ARG B 161 -15.99 30.14 62.41
N VAL B 162 -16.76 29.75 63.42
CA VAL B 162 -17.99 29.00 63.24
C VAL B 162 -19.11 29.78 63.91
N THR B 163 -20.13 30.12 63.12
CA THR B 163 -21.27 30.89 63.60
C THR B 163 -22.53 30.11 63.24
N ILE B 164 -23.26 29.68 64.27
CA ILE B 164 -24.39 28.78 64.12
C ILE B 164 -25.64 29.49 64.62
N LEU B 165 -26.69 29.47 63.79
CA LEU B 165 -27.86 30.34 63.92
C LEU B 165 -29.10 29.46 64.02
N VAL B 166 -29.53 29.17 65.24
CA VAL B 166 -30.71 28.34 65.48
C VAL B 166 -31.57 28.95 66.59
N GLU B 167 -32.88 28.87 66.41
CA GLU B 167 -33.85 29.43 67.36
C GLU B 167 -33.60 30.91 67.59
N GLY B 168 -33.30 31.62 66.50
CA GLY B 168 -33.01 33.03 66.59
C GLY B 168 -31.81 33.38 67.43
N GLY B 169 -30.91 32.41 67.66
CA GLY B 169 -29.74 32.62 68.48
C GLY B 169 -28.50 32.94 67.65
N GLU B 170 -27.43 33.28 68.37
CA GLU B 170 -26.12 33.51 67.77
C GLU B 170 -25.09 33.07 68.81
N ILE B 171 -24.68 31.81 68.71
CA ILE B 171 -23.57 31.27 69.47
C ILE B 171 -22.49 30.92 68.45
N GLU B 172 -21.25 31.28 68.76
CA GLU B 172 -20.14 31.11 67.84
C GLU B 172 -18.90 30.77 68.63
N LEU B 173 -17.89 30.25 67.92
CA LEU B 173 -16.70 29.76 68.57
C LEU B 173 -15.49 29.95 67.66
N PHE B 174 -14.38 30.31 68.29
CA PHE B 174 -13.07 30.29 67.67
C PHE B 174 -12.04 30.57 68.76
N ASP B 175 -10.80 30.18 68.49
CA ASP B 175 -9.65 30.45 69.36
C ASP B 175 -9.76 29.66 70.68
N GLY B 176 -10.34 28.47 70.61
CA GLY B 176 -10.40 27.55 71.73
C GLY B 176 -11.73 27.48 72.45
N GLU B 177 -12.40 28.60 72.63
CA GLU B 177 -13.61 28.69 73.42
C GLU B 177 -14.82 28.98 72.54
N VAL B 178 -15.99 28.74 73.11
CA VAL B 178 -17.27 29.13 72.53
C VAL B 178 -17.69 30.47 73.09
N ASN B 179 -18.50 31.20 72.32
CA ASN B 179 -18.98 32.51 72.73
C ASN B 179 -20.43 32.67 72.30
N VAL B 180 -21.27 33.08 73.25
CA VAL B 180 -22.67 33.38 72.99
C VAL B 180 -22.76 34.87 72.71
N LYS B 181 -23.34 35.21 71.56
CA LYS B 181 -23.61 36.60 71.21
C LYS B 181 -25.07 36.96 71.39
N ARG B 182 -25.97 35.99 71.22
CA ARG B 182 -27.40 36.17 71.42
C ARG B 182 -27.99 34.86 71.91
N PRO B 183 -28.40 34.75 73.18
CA PRO B 183 -28.98 33.48 73.63
C PRO B 183 -30.30 33.21 72.92
N MET B 184 -30.52 31.95 72.61
CA MET B 184 -31.75 31.53 71.96
C MET B 184 -32.86 31.30 72.98
N LYS B 185 -34.11 31.36 72.49
CA LYS B 185 -35.30 31.34 73.32
C LYS B 185 -35.37 30.06 74.15
N ASP B 186 -35.50 28.91 73.49
CA ASP B 186 -35.60 27.59 74.10
C ASP B 186 -34.22 27.14 74.55
N GLU B 187 -33.82 27.63 75.71
CA GLU B 187 -32.58 27.21 76.36
C GLU B 187 -32.64 25.76 76.83
N THR B 188 -33.81 25.13 76.81
CA THR B 188 -33.94 23.77 77.35
C THR B 188 -33.12 22.75 76.57
N HIS B 189 -33.18 22.79 75.24
CA HIS B 189 -32.43 21.83 74.43
C HIS B 189 -30.95 22.13 74.40
N PHE B 190 -30.54 23.36 74.71
CA PHE B 190 -29.14 23.73 74.71
C PHE B 190 -28.35 22.88 75.70
N GLU B 191 -27.09 22.61 75.34
CA GLU B 191 -26.24 21.71 76.09
C GLU B 191 -24.84 21.79 75.52
N VAL B 192 -23.84 21.77 76.41
CA VAL B 192 -22.44 21.85 76.02
C VAL B 192 -21.67 20.89 76.91
N VAL B 193 -20.84 20.04 76.32
CA VAL B 193 -20.10 18.98 76.98
C VAL B 193 -18.66 19.09 76.51
N GLU B 194 -17.83 19.74 77.33
CA GLU B 194 -16.39 19.84 77.09
C GLU B 194 -15.66 18.62 77.63
N SER B 195 -15.88 17.49 76.95
CA SER B 195 -15.30 16.20 77.34
C SER B 195 -14.10 15.90 76.43
N GLY B 196 -12.91 15.88 77.02
CA GLY B 196 -11.72 15.52 76.29
C GLY B 196 -11.26 16.61 75.34
N ARG B 197 -10.79 16.22 74.17
CA ARG B 197 -10.40 17.16 73.14
C ARG B 197 -11.56 17.97 72.60
N TYR B 198 -12.79 17.47 72.74
CA TYR B 198 -13.91 17.93 71.94
C TYR B 198 -14.83 18.88 72.69
N ILE B 199 -15.63 19.57 71.89
CA ILE B 199 -16.75 20.38 72.36
C ILE B 199 -17.99 19.77 71.72
N ILE B 200 -18.59 18.80 72.39
CA ILE B 200 -19.87 18.27 71.94
C ILE B 200 -20.97 19.26 72.28
N LEU B 201 -21.93 19.42 71.37
CA LEU B 201 -22.78 20.59 71.37
C LEU B 201 -24.13 20.18 70.77
N LEU B 202 -25.09 19.89 71.64
CA LEU B 202 -26.45 19.62 71.20
C LEU B 202 -27.21 20.92 71.02
N LEU B 203 -28.23 20.86 70.17
CA LEU B 203 -29.09 22.01 69.92
C LEU B 203 -30.56 21.63 69.77
N GLY B 204 -30.91 20.37 69.97
CA GLY B 204 -32.28 19.96 69.74
C GLY B 204 -32.38 18.44 69.72
N LYS B 205 -33.57 17.99 69.32
CA LYS B 205 -33.82 16.56 69.22
C LYS B 205 -33.10 15.92 68.04
N ALA B 206 -32.80 16.70 66.99
CA ALA B 206 -32.27 16.18 65.73
C ALA B 206 -31.13 17.05 65.24
N LEU B 207 -30.18 17.34 66.12
CA LEU B 207 -29.03 18.14 65.73
C LEU B 207 -27.97 18.03 66.81
N SER B 208 -26.70 18.15 66.40
CA SER B 208 -25.51 18.03 67.23
C SER B 208 -24.30 18.48 66.44
N VAL B 209 -23.27 18.92 67.15
CA VAL B 209 -22.04 19.43 66.56
C VAL B 209 -20.88 18.99 67.45
N VAL B 210 -19.70 18.85 66.84
CA VAL B 210 -18.45 18.44 67.46
C VAL B 210 -17.33 19.33 66.91
N TRP B 211 -16.32 19.55 67.74
CA TRP B 211 -15.24 20.47 67.41
C TRP B 211 -14.01 20.07 68.19
N ASP B 212 -12.91 19.77 67.50
CA ASP B 212 -11.70 19.31 68.16
C ASP B 212 -10.84 20.44 68.67
N ARG B 213 -11.39 21.64 68.82
CA ARG B 213 -10.72 22.80 69.38
C ARG B 213 -9.69 23.40 68.43
N HIS B 214 -9.42 22.73 67.30
CA HIS B 214 -8.40 23.19 66.36
C HIS B 214 -8.98 23.45 64.97
N LEU B 215 -9.55 22.45 64.28
CA LEU B 215 -10.19 22.68 62.99
C LEU B 215 -11.45 21.87 62.71
N SER B 216 -11.64 20.70 63.29
CA SER B 216 -12.62 19.76 62.75
C SER B 216 -14.03 20.22 63.07
N ILE B 217 -14.90 20.13 62.07
CA ILE B 217 -16.32 20.44 62.22
C ILE B 217 -17.12 19.24 61.74
N SER B 218 -17.77 18.55 62.67
CA SER B 218 -18.52 17.33 62.39
C SER B 218 -19.92 17.43 62.99
N VAL B 219 -20.83 18.05 62.24
CA VAL B 219 -22.25 18.17 62.52
C VAL B 219 -22.92 16.82 62.25
N VAL B 220 -23.89 16.47 63.10
CA VAL B 220 -24.51 15.16 63.11
C VAL B 220 -26.01 15.35 63.14
N LEU B 221 -26.70 14.74 62.18
CA LEU B 221 -28.15 14.85 62.02
C LEU B 221 -28.79 13.50 62.24
N LYS B 222 -30.12 13.51 62.38
CA LYS B 222 -30.91 12.33 62.66
C LYS B 222 -31.79 11.99 61.46
N GLN B 223 -32.63 10.98 61.63
CA GLN B 223 -33.61 10.57 60.62
C GLN B 223 -34.62 11.63 60.23
N THR B 224 -34.72 12.74 60.98
CA THR B 224 -35.86 13.64 60.85
C THR B 224 -35.92 14.29 59.48
N TYR B 225 -34.77 14.70 58.94
CA TYR B 225 -34.79 15.59 57.78
C TYR B 225 -35.01 14.82 56.48
N GLN B 226 -34.03 14.00 56.08
CA GLN B 226 -34.14 13.18 54.87
C GLN B 226 -34.54 14.03 53.66
N GLU B 227 -33.57 14.82 53.20
CA GLU B 227 -33.74 15.84 52.17
C GLU B 227 -34.59 17.00 52.66
N LYS B 228 -34.06 17.73 53.66
CA LYS B 228 -34.57 19.04 54.02
C LYS B 228 -33.48 20.12 54.03
N VAL B 229 -32.24 19.78 53.70
CA VAL B 229 -31.10 20.68 53.88
C VAL B 229 -30.43 20.94 52.53
N CYS B 230 -29.45 21.84 52.56
CA CYS B 230 -28.48 21.99 51.49
C CYS B 230 -27.36 22.89 51.99
N GLY B 231 -26.34 23.03 51.16
CA GLY B 231 -25.11 23.69 51.53
C GLY B 231 -23.93 22.95 50.95
N LEU B 232 -22.79 23.03 51.65
CA LEU B 232 -21.61 22.27 51.24
C LEU B 232 -21.78 20.77 51.43
N CYS B 233 -22.29 20.33 52.58
CA CYS B 233 -22.45 18.90 52.85
C CYS B 233 -23.52 18.22 52.00
N GLY B 234 -24.22 18.95 51.16
CA GLY B 234 -25.22 18.33 50.31
C GLY B 234 -26.58 18.26 50.96
N ASN B 235 -27.39 17.31 50.46
CA ASN B 235 -28.81 17.30 50.69
C ASN B 235 -29.29 16.25 51.69
N PHE B 236 -28.46 15.26 52.02
CA PHE B 236 -28.82 14.21 52.97
C PHE B 236 -30.04 13.43 52.47
N ASP B 237 -29.82 12.74 51.34
CA ASP B 237 -30.84 11.93 50.70
C ASP B 237 -30.46 10.48 50.47
N GLY B 238 -29.21 10.10 50.69
CA GLY B 238 -28.73 8.77 50.37
C GLY B 238 -28.06 8.71 49.02
N ILE B 239 -28.53 9.54 48.08
CA ILE B 239 -27.91 9.63 46.77
C ILE B 239 -26.64 10.45 46.92
N GLN B 240 -25.53 9.92 46.42
CA GLN B 240 -24.21 10.45 46.71
C GLN B 240 -23.67 11.39 45.63
N ASN B 241 -24.16 11.29 44.40
CA ASN B 241 -23.66 12.11 43.31
C ASN B 241 -24.39 13.44 43.19
N ASN B 242 -25.51 13.60 43.89
CA ASN B 242 -26.22 14.88 43.95
C ASN B 242 -25.87 15.73 45.17
N ASP B 243 -24.66 15.59 45.69
CA ASP B 243 -24.11 16.47 46.70
C ASP B 243 -23.31 17.62 46.11
N LEU B 244 -23.46 17.88 44.81
CA LEU B 244 -22.90 19.07 44.18
C LEU B 244 -24.01 19.92 43.57
N THR B 245 -25.14 19.99 44.25
CA THR B 245 -26.29 20.80 43.82
C THR B 245 -26.12 22.22 44.31
N SER B 246 -25.57 23.09 43.46
CA SER B 246 -25.22 24.44 43.84
C SER B 246 -26.47 25.22 44.24
N SER B 247 -26.25 26.42 44.79
CA SER B 247 -27.35 27.24 45.27
C SER B 247 -28.31 27.61 44.16
N ASN B 248 -27.84 27.66 42.92
CA ASN B 248 -28.68 27.93 41.76
C ASN B 248 -29.39 26.69 41.22
N LEU B 249 -29.42 25.60 41.99
CA LEU B 249 -30.22 24.39 41.74
C LEU B 249 -29.81 23.69 40.44
N GLN B 250 -28.56 23.25 40.43
CA GLN B 250 -28.05 22.37 39.38
C GLN B 250 -26.83 21.64 39.92
N VAL B 251 -26.50 20.53 39.28
CA VAL B 251 -25.31 19.77 39.65
C VAL B 251 -24.12 20.30 38.85
N GLU B 252 -23.06 20.63 39.56
CA GLU B 252 -21.75 20.84 38.95
C GLU B 252 -20.88 19.60 39.05
N GLU B 253 -19.68 19.70 38.46
CA GLU B 253 -18.63 18.72 38.28
C GLU B 253 -17.30 19.14 38.88
N ASP B 254 -17.06 20.44 39.02
CA ASP B 254 -15.81 20.97 39.51
C ASP B 254 -16.07 21.64 40.86
N PRO B 255 -15.80 21.00 42.00
CA PRO B 255 -16.30 21.53 43.28
C PRO B 255 -15.76 22.89 43.65
N VAL B 256 -14.66 23.34 43.04
CA VAL B 256 -14.16 24.68 43.30
C VAL B 256 -15.17 25.72 42.87
N ASP B 257 -15.97 25.44 41.85
CA ASP B 257 -17.07 26.31 41.45
C ASP B 257 -18.33 26.08 42.28
N PHE B 258 -18.42 24.96 42.98
CA PHE B 258 -19.56 24.67 43.84
C PHE B 258 -19.59 25.59 45.05
N GLY B 259 -18.54 25.53 45.86
CA GLY B 259 -18.52 26.31 47.09
C GLY B 259 -18.53 27.80 46.84
N ASN B 260 -18.03 28.25 45.69
CA ASN B 260 -18.10 29.66 45.35
C ASN B 260 -19.53 30.15 45.25
N SER B 261 -20.48 29.26 44.99
CA SER B 261 -21.89 29.64 45.01
C SER B 261 -22.42 29.82 46.42
N TRP B 262 -21.82 29.15 47.41
CA TRP B 262 -22.38 29.10 48.75
C TRP B 262 -21.76 30.12 49.71
N LYS B 263 -20.89 31.01 49.23
CA LYS B 263 -20.31 31.99 50.12
C LYS B 263 -21.35 33.02 50.54
N VAL B 264 -21.13 33.61 51.71
CA VAL B 264 -22.06 34.60 52.23
C VAL B 264 -21.82 35.96 51.58
N SER B 265 -20.64 36.52 51.82
CA SER B 265 -20.30 37.81 51.23
C SER B 265 -20.12 37.61 49.73
N SER B 266 -21.10 38.02 48.96
CA SER B 266 -21.11 37.80 47.52
C SER B 266 -20.17 38.73 46.76
N GLN B 267 -19.40 39.56 47.46
CA GLN B 267 -18.44 40.46 46.84
C GLN B 267 -17.01 40.22 47.30
N CYS B 268 -16.76 39.20 48.13
CA CYS B 268 -15.40 38.82 48.47
C CYS B 268 -14.87 37.88 47.39
N ALA B 269 -13.75 37.22 47.65
CA ALA B 269 -12.98 36.57 46.60
C ALA B 269 -13.50 35.16 46.35
N ASP B 270 -13.81 34.88 45.08
CA ASP B 270 -13.97 33.52 44.62
C ASP B 270 -12.60 32.89 44.39
N THR B 271 -12.46 31.65 44.85
CA THR B 271 -11.15 31.02 44.79
C THR B 271 -10.78 30.67 43.35
N ARG B 272 -9.51 30.33 43.16
CA ARG B 272 -8.90 30.22 41.84
C ARG B 272 -8.75 28.75 41.48
N LYS B 273 -9.15 28.41 40.25
CA LYS B 273 -9.01 27.04 39.78
C LYS B 273 -7.53 26.67 39.65
N VAL B 274 -7.04 25.90 40.61
CA VAL B 274 -5.66 25.42 40.64
C VAL B 274 -5.36 24.40 39.55
N PRO B 275 -4.19 24.43 38.91
CA PRO B 275 -3.83 23.31 38.02
C PRO B 275 -3.60 22.01 38.78
N LEU B 276 -4.41 21.00 38.46
CA LEU B 276 -4.39 19.77 39.22
C LEU B 276 -3.06 19.06 39.06
N ASP B 277 -2.60 18.43 40.14
CA ASP B 277 -1.34 17.69 40.17
C ASP B 277 -1.27 16.97 41.50
N SER B 278 -0.58 15.82 41.49
CA SER B 278 -0.50 14.98 42.68
C SER B 278 0.43 15.54 43.74
N SER B 279 1.16 16.62 43.45
CA SER B 279 2.10 17.25 44.38
C SER B 279 1.68 18.69 44.66
N PRO B 280 1.36 19.07 45.91
CA PRO B 280 1.10 20.49 46.18
C PRO B 280 2.37 21.34 46.13
N ALA B 281 2.24 22.59 46.58
CA ALA B 281 3.24 23.63 46.36
C ALA B 281 4.65 23.17 46.72
N THR B 282 4.87 22.77 47.97
CA THR B 282 6.22 22.42 48.40
C THR B 282 6.68 21.10 47.77
N CYS B 283 5.87 20.06 47.87
CA CYS B 283 6.20 18.77 47.27
C CYS B 283 6.35 18.83 45.75
N HIS B 284 5.83 19.85 45.11
CA HIS B 284 6.00 20.03 43.67
C HIS B 284 7.48 20.22 43.36
N ASN B 285 8.04 19.32 42.55
CA ASN B 285 9.44 19.33 42.17
C ASN B 285 10.37 19.17 43.38
N ASN B 286 9.91 18.46 44.41
CA ASN B 286 10.74 18.10 45.56
C ASN B 286 10.51 16.64 45.94
N ILE B 287 10.64 15.75 44.96
CA ILE B 287 10.35 14.33 45.00
C ILE B 287 10.86 13.64 46.28
N MET B 288 12.00 14.07 46.83
CA MET B 288 12.58 13.54 48.06
C MET B 288 11.60 13.67 49.21
N LYS B 289 11.22 14.91 49.54
CA LYS B 289 10.30 15.17 50.63
C LYS B 289 8.98 14.41 50.44
N GLN B 290 8.55 14.22 49.20
CA GLN B 290 7.29 13.56 48.90
CA GLN B 290 7.28 13.57 48.93
C GLN B 290 7.27 12.12 49.40
N THR B 291 8.41 11.48 49.50
CA THR B 291 8.46 10.09 49.90
C THR B 291 8.62 9.92 51.39
N MET B 292 9.07 10.96 52.09
CA MET B 292 9.12 10.91 53.54
C MET B 292 7.74 11.19 54.14
N VAL B 293 6.91 11.95 53.44
CA VAL B 293 5.52 12.20 53.81
C VAL B 293 4.64 11.03 53.38
N ASP B 294 4.89 10.47 52.19
CA ASP B 294 4.18 9.31 51.71
C ASP B 294 4.30 8.16 52.69
N SER B 295 5.54 7.79 53.04
CA SER B 295 5.77 6.74 54.01
C SER B 295 5.11 7.06 55.34
N SER B 296 5.30 8.28 55.83
CA SER B 296 4.81 8.62 57.16
C SER B 296 3.29 8.70 57.19
N CYS B 297 2.65 8.94 56.05
CA CYS B 297 1.20 8.84 55.87
C CYS B 297 0.73 7.40 55.69
N ARG B 298 1.64 6.43 55.56
CA ARG B 298 1.23 5.04 55.55
C ARG B 298 1.01 4.48 56.96
N ILE B 299 1.03 5.33 58.00
CA ILE B 299 0.50 4.87 59.27
C ILE B 299 -0.98 4.55 59.12
N LEU B 300 -1.66 5.23 58.20
CA LEU B 300 -3.05 4.90 57.89
C LEU B 300 -3.19 3.50 57.30
N THR B 301 -2.08 2.86 56.90
CA THR B 301 -2.04 1.43 56.63
C THR B 301 -0.88 0.88 57.46
N SER B 302 -1.14 0.62 58.73
CA SER B 302 -0.16 0.05 59.65
C SER B 302 -0.77 -1.13 60.38
N ASP B 303 0.06 -1.79 61.18
CA ASP B 303 -0.38 -3.02 61.84
C ASP B 303 -1.50 -2.76 62.84
N VAL B 304 -1.53 -1.57 63.43
CA VAL B 304 -2.50 -1.29 64.48
C VAL B 304 -3.88 -0.94 63.93
N PHE B 305 -3.95 -0.37 62.73
CA PHE B 305 -5.19 -0.02 62.04
C PHE B 305 -5.78 -1.16 61.23
N GLN B 306 -5.13 -2.34 61.20
CA GLN B 306 -5.58 -3.43 60.34
C GLN B 306 -7.05 -3.82 60.53
N ASP B 307 -7.61 -3.59 61.73
CA ASP B 307 -9.02 -3.85 61.94
C ASP B 307 -9.87 -2.82 61.20
N CYS B 308 -9.49 -1.55 61.28
CA CYS B 308 -10.28 -0.48 60.69
C CYS B 308 -10.04 -0.35 59.19
N ASN B 309 -8.88 -0.80 58.70
CA ASN B 309 -8.65 -0.79 57.27
C ASN B 309 -9.69 -1.63 56.52
N LYS B 310 -10.21 -2.68 57.17
CA LYS B 310 -11.22 -3.51 56.55
C LYS B 310 -12.56 -2.78 56.39
N LEU B 311 -12.94 -1.94 57.35
CA LEU B 311 -14.26 -1.31 57.35
C LEU B 311 -14.25 0.01 56.59
N VAL B 312 -13.40 0.93 57.00
CA VAL B 312 -13.38 2.29 56.50
C VAL B 312 -12.21 2.42 55.55
N ASP B 313 -12.51 2.71 54.29
CA ASP B 313 -11.47 2.85 53.28
C ASP B 313 -10.53 3.99 53.68
N PRO B 314 -9.22 3.75 53.80
CA PRO B 314 -8.31 4.84 54.12
C PRO B 314 -7.84 5.65 52.93
N GLU B 315 -8.15 5.21 51.71
CA GLU B 315 -7.70 5.94 50.53
C GLU B 315 -8.21 7.38 50.50
N PRO B 316 -9.44 7.69 50.90
CA PRO B 316 -9.76 9.12 51.11
C PRO B 316 -8.89 9.84 52.13
N TYR B 317 -8.86 9.38 53.39
CA TYR B 317 -8.10 10.06 54.43
C TYR B 317 -6.61 10.07 54.17
N LEU B 318 -6.11 9.22 53.28
CA LEU B 318 -4.71 9.24 52.91
C LEU B 318 -4.38 10.44 52.05
N ASP B 319 -5.18 10.67 51.00
CA ASP B 319 -4.88 11.73 50.05
C ASP B 319 -4.85 13.10 50.72
N VAL B 320 -5.54 13.24 51.86
CA VAL B 320 -5.51 14.50 52.59
C VAL B 320 -4.19 14.63 53.35
N CYS B 321 -3.72 13.52 53.92
CA CYS B 321 -2.46 13.52 54.67
C CYS B 321 -1.31 14.02 53.80
N ILE B 322 -1.33 13.66 52.53
CA ILE B 322 -0.25 14.05 51.62
C ILE B 322 -0.49 15.44 51.09
N TYR B 323 -1.75 15.87 51.02
CA TYR B 323 -2.06 17.19 50.50
C TYR B 323 -1.72 18.29 51.49
N ASP B 324 -2.06 18.10 52.77
CA ASP B 324 -1.86 19.16 53.74
C ASP B 324 -0.38 19.35 54.04
N THR B 325 0.29 18.30 54.48
CA THR B 325 1.64 18.44 55.00
C THR B 325 2.66 18.81 53.94
N CYS B 326 2.36 18.57 52.66
CA CYS B 326 3.14 19.22 51.61
C CYS B 326 3.03 20.73 51.72
N SER B 327 1.82 21.26 51.56
CA SER B 327 1.58 22.68 51.77
C SER B 327 2.06 23.16 53.14
N CYS B 328 1.58 22.54 54.23
CA CYS B 328 1.90 22.99 55.57
C CYS B 328 3.39 22.89 55.85
N GLU B 329 3.96 23.97 56.36
CA GLU B 329 5.34 24.00 56.81
C GLU B 329 5.33 23.78 58.32
N SER B 330 5.16 22.52 58.71
CA SER B 330 5.19 22.15 60.12
C SER B 330 6.59 22.35 60.67
N ILE B 331 6.70 23.14 61.74
CA ILE B 331 8.00 23.51 62.30
C ILE B 331 8.04 23.12 63.77
N GLY B 332 7.17 23.73 64.57
CA GLY B 332 7.14 23.52 66.00
C GLY B 332 5.98 22.65 66.38
N ASP B 333 4.83 22.93 65.79
CA ASP B 333 3.63 22.12 65.95
C ASP B 333 3.48 21.28 64.69
N CYS B 334 3.61 19.96 64.85
CA CYS B 334 3.27 19.03 63.78
C CYS B 334 1.79 18.68 63.77
N ALA B 335 0.93 19.69 63.87
CA ALA B 335 -0.51 19.47 64.01
C ALA B 335 -1.22 19.30 62.69
N CYS B 336 -0.65 19.83 61.60
CA CYS B 336 -1.21 19.59 60.28
C CYS B 336 -0.95 18.18 59.76
N PHE B 337 -0.26 17.34 60.54
CA PHE B 337 -0.18 15.91 60.33
C PHE B 337 -0.93 15.11 61.38
N CYS B 338 -0.67 15.41 62.65
CA CYS B 338 -1.25 14.67 63.76
C CYS B 338 -2.77 14.72 63.77
N ASP B 339 -3.36 15.76 63.20
CA ASP B 339 -4.81 15.92 63.24
C ASP B 339 -5.53 15.09 62.18
N THR B 340 -4.86 14.71 61.11
CA THR B 340 -5.52 13.97 60.05
C THR B 340 -5.73 12.51 60.41
N ILE B 341 -4.86 11.94 61.24
CA ILE B 341 -5.00 10.54 61.63
C ILE B 341 -6.03 10.39 62.72
N ALA B 342 -6.07 11.35 63.65
CA ALA B 342 -7.14 11.36 64.65
C ALA B 342 -8.50 11.48 63.98
N ALA B 343 -8.56 12.18 62.85
CA ALA B 343 -9.79 12.25 62.08
C ALA B 343 -10.12 10.91 61.43
N TYR B 344 -9.12 10.04 61.29
CA TYR B 344 -9.36 8.68 60.85
C TYR B 344 -9.61 7.76 62.03
N ALA B 345 -8.90 7.99 63.13
CA ALA B 345 -9.05 7.15 64.32
C ALA B 345 -10.44 7.30 64.91
N HIS B 346 -10.98 8.52 64.93
CA HIS B 346 -12.29 8.72 65.51
C HIS B 346 -13.35 7.97 64.74
N VAL B 347 -13.29 8.02 63.41
CA VAL B 347 -14.22 7.31 62.54
C VAL B 347 -14.07 5.81 62.72
N CYS B 348 -12.86 5.36 63.03
CA CYS B 348 -12.67 3.96 63.37
C CYS B 348 -13.35 3.63 64.69
N ALA B 349 -13.37 4.57 65.62
CA ALA B 349 -13.98 4.32 66.92
C ALA B 349 -15.50 4.30 66.83
N GLN B 350 -16.08 5.13 65.96
CA GLN B 350 -17.53 5.19 65.85
C GLN B 350 -18.10 3.85 65.41
N HIS B 351 -17.34 3.08 64.63
CA HIS B 351 -17.62 1.71 64.25
C HIS B 351 -17.15 0.70 65.31
N GLY B 352 -16.88 1.17 66.53
CA GLY B 352 -16.59 0.29 67.63
C GLY B 352 -15.16 -0.20 67.72
N LYS B 353 -14.24 0.34 66.92
CA LYS B 353 -12.85 -0.10 66.89
C LYS B 353 -12.00 0.97 67.55
N VAL B 354 -11.78 0.81 68.85
CA VAL B 354 -10.82 1.66 69.55
C VAL B 354 -9.43 1.41 68.97
N VAL B 355 -8.60 2.45 69.00
CA VAL B 355 -7.21 2.32 68.58
C VAL B 355 -6.35 3.17 69.50
N THR B 356 -5.16 2.66 69.81
CA THR B 356 -4.13 3.41 70.51
C THR B 356 -2.93 3.42 69.58
N TRP B 357 -2.76 4.53 68.88
CA TRP B 357 -1.71 4.72 67.88
C TRP B 357 -0.73 5.82 68.25
N ARG B 358 -0.90 6.43 69.42
CA ARG B 358 -0.24 7.68 69.77
C ARG B 358 0.84 7.44 70.83
N THR B 359 2.10 7.59 70.43
CA THR B 359 3.24 7.32 71.30
C THR B 359 4.03 8.62 71.53
N ALA B 360 5.19 8.48 72.18
CA ALA B 360 5.92 9.63 72.68
C ALA B 360 6.77 10.29 71.61
N THR B 361 7.29 9.51 70.65
CA THR B 361 7.97 10.08 69.50
C THR B 361 7.00 10.57 68.43
N LEU B 362 5.70 10.38 68.63
CA LEU B 362 4.71 10.62 67.57
C LEU B 362 3.44 11.19 68.18
N CYS B 363 3.33 12.51 68.18
CA CYS B 363 2.18 13.35 68.52
C CYS B 363 1.77 13.10 69.96
N PRO B 364 2.60 13.47 70.94
CA PRO B 364 2.45 12.87 72.29
C PRO B 364 1.12 13.11 72.99
N GLN B 365 0.65 14.37 73.08
CA GLN B 365 -0.58 14.71 73.79
C GLN B 365 -0.50 14.32 75.27
N SER B 366 0.35 15.03 75.98
CA SER B 366 0.38 14.95 77.43
C SER B 366 -0.93 15.49 78.02
N CYS B 367 -1.11 15.25 79.32
CA CYS B 367 -2.27 15.75 80.05
C CYS B 367 -1.88 16.24 81.44
N GLU B 368 -0.59 16.41 81.71
CA GLU B 368 0.02 16.61 83.01
C GLU B 368 -0.09 18.04 83.53
N GLU B 369 -0.29 19.01 82.65
CA GLU B 369 -0.40 20.39 83.10
C GLU B 369 -1.64 20.62 83.96
N ARG B 370 -2.65 19.76 83.83
CA ARG B 370 -3.88 19.96 84.59
C ARG B 370 -3.71 19.54 86.05
N ASN B 371 -2.99 18.45 86.30
CA ASN B 371 -2.71 18.01 87.68
C ASN B 371 -1.55 18.83 88.28
N LEU B 372 -1.74 20.16 88.27
CA LEU B 372 -0.69 21.10 88.62
C LEU B 372 -1.10 22.14 89.65
N MET B 373 -2.30 22.72 89.50
CA MET B 373 -2.73 23.82 90.42
C MET B 373 -2.65 23.32 91.87
N GLU B 374 -3.18 22.13 92.16
CA GLU B 374 -3.15 21.61 93.52
C GLU B 374 -1.71 21.28 93.88
N ASN B 375 -1.26 21.83 95.01
CA ASN B 375 0.07 21.46 95.52
C ASN B 375 0.22 19.96 95.71
N GLY B 376 -0.81 19.33 96.27
CA GLY B 376 -0.79 17.87 96.45
C GLY B 376 -1.03 17.17 95.13
N TYR B 377 0.03 16.94 94.34
CA TYR B 377 -0.12 16.30 93.00
C TYR B 377 -1.21 15.22 93.04
N GLU B 378 -2.43 15.58 92.66
CA GLU B 378 -3.53 14.57 92.60
C GLU B 378 -3.82 14.27 91.12
N CYS B 379 -3.09 13.31 90.55
CA CYS B 379 -3.24 13.02 89.09
C CYS B 379 -4.39 12.05 88.85
N MET B 380 -5.60 12.55 88.64
CA MET B 380 -6.76 11.68 88.31
C MET B 380 -7.00 11.77 86.80
N TRP B 381 -6.35 12.74 86.15
CA TRP B 381 -6.54 12.94 84.72
C TRP B 381 -5.59 12.05 83.92
N ARG B 382 -6.07 11.60 82.76
CA ARG B 382 -5.35 10.62 81.90
C ARG B 382 -5.87 10.73 80.47
N TYR B 383 -4.97 10.68 79.49
CA TYR B 383 -5.34 10.43 78.07
C TYR B 383 -5.56 8.92 77.86
N ASN B 384 -6.77 8.54 77.45
CA ASN B 384 -7.13 7.12 77.21
C ASN B 384 -6.71 6.72 75.79
N SER B 385 -7.60 6.00 75.11
CA SER B 385 -7.64 5.93 73.63
C SER B 385 -9.01 6.44 73.14
N CYS B 386 -10.03 6.34 74.01
CA CYS B 386 -11.43 6.64 73.59
C CYS B 386 -12.37 6.42 74.78
N ALA B 387 -12.45 7.40 75.68
CA ALA B 387 -13.42 7.35 76.80
C ALA B 387 -14.78 7.87 76.34
N PRO B 388 -15.91 7.49 76.98
CA PRO B 388 -17.23 8.07 76.65
C PRO B 388 -17.23 9.58 76.73
N ALA B 389 -18.02 10.20 75.86
CA ALA B 389 -18.14 11.64 75.80
C ALA B 389 -19.25 12.17 76.68
N CYS B 390 -20.26 11.35 76.96
CA CYS B 390 -21.46 11.74 77.69
C CYS B 390 -21.43 11.06 79.06
N GLN B 391 -20.76 11.70 80.01
CA GLN B 391 -20.66 11.23 81.38
C GLN B 391 -21.39 12.19 82.30
N VAL B 392 -21.29 11.94 83.61
CA VAL B 392 -22.05 12.66 84.63
C VAL B 392 -21.17 13.65 85.36
N THR B 393 -21.71 14.85 85.60
CA THR B 393 -20.99 15.93 86.28
C THR B 393 -21.92 16.66 87.23
N CYS B 394 -21.32 17.51 88.06
CA CYS B 394 -22.00 18.46 88.94
C CYS B 394 -22.82 19.47 88.14
N GLN B 395 -22.34 19.80 86.94
CA GLN B 395 -22.96 20.73 86.01
C GLN B 395 -24.01 20.07 85.14
N HIS B 396 -23.85 18.77 84.86
CA HIS B 396 -24.73 17.98 84.00
C HIS B 396 -24.86 16.59 84.62
N PRO B 397 -25.57 16.47 85.74
CA PRO B 397 -25.70 15.16 86.39
C PRO B 397 -26.51 14.13 85.61
N GLU B 398 -27.38 14.54 84.69
CA GLU B 398 -28.29 13.62 84.06
C GLU B 398 -27.64 12.98 82.83
N PRO B 399 -28.12 11.80 82.42
CA PRO B 399 -27.66 11.25 81.14
C PRO B 399 -28.33 11.87 79.92
N LEU B 400 -27.50 12.46 79.07
CA LEU B 400 -27.76 13.24 77.87
C LEU B 400 -27.84 12.37 76.63
N ALA B 401 -28.63 12.82 75.66
CA ALA B 401 -28.62 12.22 74.33
C ALA B 401 -27.21 12.29 73.78
N CYS B 402 -26.66 11.13 73.43
CA CYS B 402 -25.22 10.93 73.28
C CYS B 402 -24.92 10.60 71.82
N PRO B 403 -24.66 11.61 70.97
CA PRO B 403 -24.44 11.31 69.54
C PRO B 403 -23.12 10.64 69.25
N VAL B 404 -22.16 10.71 70.16
CA VAL B 404 -20.82 10.17 69.96
C VAL B 404 -20.55 9.19 71.09
N GLN B 405 -20.15 7.97 70.73
CA GLN B 405 -19.96 6.83 71.62
C GLN B 405 -18.78 7.07 72.57
N CYS B 406 -17.59 7.32 72.02
CA CYS B 406 -16.39 7.63 72.77
C CYS B 406 -15.53 8.62 71.99
N VAL B 407 -14.50 9.12 72.67
CA VAL B 407 -13.57 10.12 72.13
C VAL B 407 -12.19 9.97 72.78
N GLU B 408 -11.14 10.24 72.00
CA GLU B 408 -9.80 10.43 72.53
C GLU B 408 -9.80 11.68 73.42
N GLY B 409 -8.73 11.84 74.19
CA GLY B 409 -8.49 13.04 74.94
C GLY B 409 -8.16 12.76 76.38
N CYS B 410 -7.94 13.85 77.12
CA CYS B 410 -7.58 13.76 78.53
C CYS B 410 -8.86 13.61 79.34
N HIS B 411 -8.91 12.59 80.18
CA HIS B 411 -10.11 12.28 80.95
C HIS B 411 -9.76 12.02 82.41
N ALA B 412 -10.65 12.46 83.29
CA ALA B 412 -10.51 12.21 84.72
C ALA B 412 -10.90 10.78 85.08
N HIS B 413 -10.26 10.23 86.10
CA HIS B 413 -10.59 8.95 86.71
C HIS B 413 -10.07 8.91 88.14
N CYS B 414 -11.01 9.00 89.08
CA CYS B 414 -10.75 8.75 90.50
C CYS B 414 -11.69 7.64 90.96
N PRO B 415 -11.47 7.08 92.15
CA PRO B 415 -12.34 5.98 92.60
C PRO B 415 -13.80 6.40 92.67
N PRO B 416 -14.73 5.44 92.70
CA PRO B 416 -16.15 5.81 92.74
C PRO B 416 -16.54 6.59 93.98
N GLY B 417 -17.80 7.05 94.04
CA GLY B 417 -18.31 8.01 94.99
C GLY B 417 -17.69 9.38 94.88
N LYS B 418 -17.10 9.71 93.72
CA LYS B 418 -16.56 11.04 93.47
C LYS B 418 -16.86 11.39 92.02
N ILE B 419 -17.63 12.47 91.84
CA ILE B 419 -18.10 12.91 90.53
C ILE B 419 -17.44 14.23 90.15
N LEU B 420 -17.18 14.39 88.87
CA LEU B 420 -16.37 15.48 88.35
C LEU B 420 -17.07 16.83 88.33
N ASP B 421 -16.29 17.88 88.57
CA ASP B 421 -16.68 19.26 88.32
C ASP B 421 -15.52 19.93 87.58
N GLU B 422 -15.87 20.71 86.55
CA GLU B 422 -14.83 21.31 85.71
C GLU B 422 -14.18 22.54 86.32
N LEU B 423 -14.93 23.35 87.08
CA LEU B 423 -14.34 24.54 87.68
C LEU B 423 -13.21 24.18 88.64
N LEU B 424 -13.48 23.30 89.59
CA LEU B 424 -12.41 22.68 90.39
C LEU B 424 -11.88 21.47 89.66
N GLN B 425 -10.68 21.59 89.09
CA GLN B 425 -10.16 20.61 88.15
C GLN B 425 -10.16 19.17 88.67
N THR B 426 -10.21 18.98 89.99
CA THR B 426 -10.27 17.64 90.56
C THR B 426 -11.72 17.15 90.64
N CYS B 427 -11.87 15.83 90.72
CA CYS B 427 -13.16 15.22 90.99
C CYS B 427 -13.52 15.43 92.46
N VAL B 428 -14.78 15.13 92.79
CA VAL B 428 -15.32 15.43 94.11
C VAL B 428 -16.57 14.62 94.40
N ASP B 429 -16.87 14.45 95.70
CA ASP B 429 -18.04 13.69 96.12
C ASP B 429 -19.33 14.23 95.51
N PRO B 430 -20.41 13.44 95.53
CA PRO B 430 -21.69 13.94 95.00
C PRO B 430 -22.25 15.17 95.70
N GLU B 431 -22.18 15.23 97.04
CA GLU B 431 -22.87 16.30 97.77
C GLU B 431 -22.25 17.66 97.52
N ASP B 432 -20.96 17.72 97.18
CA ASP B 432 -20.32 18.99 96.90
C ASP B 432 -20.78 19.60 95.57
N CYS B 433 -21.55 18.87 94.77
CA CYS B 433 -22.13 19.45 93.58
C CYS B 433 -23.19 20.50 93.91
N PRO B 434 -23.23 21.64 93.20
CA PRO B 434 -24.39 22.53 93.35
C PRO B 434 -25.60 21.95 92.64
N VAL B 435 -26.16 20.90 93.23
CA VAL B 435 -27.29 20.17 92.67
C VAL B 435 -28.61 20.68 93.22
N CYS B 436 -29.69 20.48 92.46
CA CYS B 436 -31.01 20.99 92.82
C CYS B 436 -32.08 19.90 92.72
N GLU B 437 -32.83 19.74 93.81
CA GLU B 437 -34.01 18.87 93.85
C GLU B 437 -35.14 19.55 94.64
N VAL B 438 -35.97 20.32 93.94
CA VAL B 438 -37.03 21.11 94.56
C VAL B 438 -38.38 20.42 94.37
N ALA B 439 -39.07 20.17 95.49
CA ALA B 439 -40.35 19.47 95.67
C ALA B 439 -40.30 18.03 95.16
N GLY B 440 -39.12 17.41 95.22
CA GLY B 440 -39.00 15.98 95.05
C GLY B 440 -38.49 15.47 93.72
N ARG B 441 -38.94 16.02 92.61
CA ARG B 441 -38.67 15.39 91.32
C ARG B 441 -37.20 15.57 90.92
N ARG B 442 -36.65 14.52 90.31
CA ARG B 442 -35.29 14.51 89.80
C ARG B 442 -35.17 15.23 88.46
N PHE B 443 -34.25 16.18 88.39
CA PHE B 443 -33.97 17.04 87.23
C PHE B 443 -32.49 17.45 87.25
N ALA B 444 -32.17 18.48 86.47
CA ALA B 444 -30.78 18.92 86.33
C ALA B 444 -30.32 19.66 87.59
N SER B 445 -29.07 20.13 87.55
CA SER B 445 -28.44 20.83 88.67
C SER B 445 -28.75 22.32 88.60
N GLY B 446 -30.03 22.64 88.73
CA GLY B 446 -30.47 24.02 88.77
C GLY B 446 -30.21 24.78 87.49
N LYS B 447 -30.78 24.29 86.39
CA LYS B 447 -30.79 25.07 85.15
C LYS B 447 -31.45 26.43 85.33
N LYS B 448 -31.03 27.39 84.50
CA LYS B 448 -31.56 28.75 84.56
C LYS B 448 -32.60 28.92 83.46
N VAL B 449 -33.77 28.33 83.73
CA VAL B 449 -34.88 28.27 82.79
C VAL B 449 -36.17 28.54 83.57
N THR B 450 -37.08 29.29 82.96
CA THR B 450 -38.42 29.58 83.47
C THR B 450 -39.39 28.51 82.97
N LEU B 451 -39.71 27.54 83.82
CA LEU B 451 -40.61 26.43 83.55
C LEU B 451 -42.05 26.91 83.44
N ASN B 452 -42.87 26.09 82.77
CA ASN B 452 -44.31 26.27 82.69
C ASN B 452 -44.72 27.62 82.12
N PRO B 453 -44.46 27.88 80.83
CA PRO B 453 -45.08 29.05 80.18
C PRO B 453 -46.47 28.79 79.63
N SER B 454 -46.97 27.56 79.70
CA SER B 454 -48.17 27.19 78.96
C SER B 454 -49.43 27.85 79.51
N ASP B 455 -49.86 27.48 80.77
CA ASP B 455 -50.98 27.65 81.72
C ASP B 455 -50.70 28.77 82.71
N PRO B 456 -51.51 29.87 82.77
CA PRO B 456 -51.26 30.90 83.78
C PRO B 456 -51.64 30.45 85.18
N GLU B 457 -52.81 29.81 85.31
CA GLU B 457 -53.38 29.40 86.59
C GLU B 457 -52.48 28.39 87.30
N HIS B 458 -51.87 27.48 86.55
CA HIS B 458 -50.89 26.48 87.00
C HIS B 458 -49.47 27.03 87.03
N CYS B 459 -49.29 28.35 86.91
CA CYS B 459 -47.94 28.90 86.93
C CYS B 459 -47.40 28.78 88.35
N GLN B 460 -46.87 27.60 88.67
CA GLN B 460 -46.25 27.32 89.96
C GLN B 460 -44.76 27.10 89.70
N ILE B 461 -44.03 28.20 89.67
CA ILE B 461 -42.63 28.22 89.27
C ILE B 461 -41.76 27.82 90.46
N CYS B 462 -40.64 27.16 90.17
CA CYS B 462 -39.61 26.78 91.13
C CYS B 462 -38.27 26.76 90.40
N HIS B 463 -37.52 27.85 90.53
CA HIS B 463 -36.15 27.90 90.05
C HIS B 463 -35.22 27.30 91.12
N CYS B 464 -33.95 27.21 90.76
CA CYS B 464 -32.90 26.86 91.72
C CYS B 464 -31.57 27.30 91.14
N ASP B 465 -30.91 28.25 91.81
CA ASP B 465 -29.62 28.75 91.33
C ASP B 465 -28.51 27.71 91.48
N VAL B 466 -28.22 27.30 92.72
CA VAL B 466 -27.16 26.34 92.99
C VAL B 466 -27.70 25.19 93.84
N VAL B 467 -28.32 25.52 94.98
CA VAL B 467 -28.91 24.52 95.87
C VAL B 467 -30.29 24.93 96.37
N ASN B 468 -30.69 26.19 96.21
CA ASN B 468 -31.79 26.76 96.99
C ASN B 468 -33.11 26.03 96.82
N LEU B 469 -33.73 25.73 97.96
CA LEU B 469 -35.01 25.02 98.03
C LEU B 469 -36.18 26.00 97.91
N THR B 470 -36.16 26.77 96.83
CA THR B 470 -36.95 27.98 96.67
C THR B 470 -37.98 27.82 95.56
N CYS B 471 -39.05 28.61 95.67
CA CYS B 471 -40.07 28.71 94.62
C CYS B 471 -40.59 30.13 94.53
N GLU B 472 -40.44 30.75 93.37
CA GLU B 472 -40.85 32.13 93.14
C GLU B 472 -42.35 32.24 92.89
N ALA B 473 -42.83 33.48 92.85
CA ALA B 473 -44.22 33.80 92.53
C ALA B 473 -44.34 34.27 91.10
N CYS B 474 -45.43 33.89 90.44
CA CYS B 474 -45.69 34.33 89.08
C CYS B 474 -46.41 35.68 89.05
N GLN B 475 -45.97 36.58 88.18
CA GLN B 475 -46.63 37.86 87.98
C GLN B 475 -47.92 37.66 87.17
N GLU B 476 -49.04 38.08 87.74
CA GLU B 476 -50.32 37.88 87.08
C GLU B 476 -50.42 38.79 85.85
N PRO B 477 -51.15 38.37 84.81
CA PRO B 477 -51.37 39.29 83.68
C PRO B 477 -52.33 40.42 84.01
N GLY B 478 -53.39 40.14 84.76
CA GLY B 478 -54.34 41.17 85.15
C GLY B 478 -53.73 42.21 86.07
N SER C 8 11.64 -58.47 -69.36
CA SER C 8 12.31 -57.19 -69.14
C SER C 8 11.35 -56.18 -68.53
N SER C 9 10.57 -55.52 -69.39
CA SER C 9 9.58 -54.51 -68.98
C SER C 9 10.19 -53.30 -68.30
N THR C 10 11.51 -53.13 -68.35
CA THR C 10 12.20 -52.03 -67.68
C THR C 10 13.36 -51.58 -68.55
N ALA C 11 14.15 -50.65 -68.02
CA ALA C 11 15.32 -50.13 -68.70
C ALA C 11 16.39 -49.85 -67.66
N ARG C 12 17.48 -49.25 -68.11
CA ARG C 12 18.56 -48.85 -67.20
C ARG C 12 19.54 -47.93 -67.89
N CYS C 13 19.84 -46.79 -67.27
CA CYS C 13 20.95 -45.93 -67.65
C CYS C 13 21.91 -45.82 -66.48
N SER C 14 23.14 -45.43 -66.77
CA SER C 14 24.15 -45.30 -65.74
C SER C 14 25.24 -44.33 -66.17
N LEU C 15 25.62 -43.46 -65.25
CA LEU C 15 26.72 -42.51 -65.44
C LEU C 15 27.75 -42.86 -64.37
N PHE C 16 28.64 -43.78 -64.71
CA PHE C 16 29.53 -44.41 -63.75
C PHE C 16 30.92 -43.80 -63.81
N GLY C 17 31.54 -43.67 -62.64
CA GLY C 17 32.91 -43.19 -62.59
C GLY C 17 32.99 -41.72 -62.94
N SER C 18 33.94 -41.39 -63.82
CA SER C 18 34.18 -40.03 -64.28
C SER C 18 33.84 -39.93 -65.75
N ASP C 19 32.82 -39.12 -66.06
CA ASP C 19 32.50 -38.69 -67.42
C ASP C 19 31.90 -39.78 -68.31
N PHE C 20 31.81 -41.00 -67.82
CA PHE C 20 31.33 -42.12 -68.64
C PHE C 20 29.82 -42.27 -68.52
N VAL C 21 29.25 -42.94 -69.52
CA VAL C 21 27.81 -43.01 -69.73
C VAL C 21 27.48 -44.43 -70.18
N ASN C 22 26.28 -44.88 -69.83
CA ASN C 22 25.71 -46.12 -70.36
C ASN C 22 24.23 -45.88 -70.62
N THR C 23 23.86 -45.90 -71.89
CA THR C 23 22.49 -45.67 -72.30
C THR C 23 21.63 -46.90 -72.00
N PHE C 24 20.36 -46.80 -72.36
CA PHE C 24 19.45 -47.93 -72.24
C PHE C 24 19.84 -49.09 -73.13
N ASP C 25 20.60 -48.83 -74.20
CA ASP C 25 20.98 -49.87 -75.15
C ASP C 25 22.49 -49.92 -75.38
N GLY C 26 23.19 -50.57 -74.45
CA GLY C 26 24.57 -51.02 -74.58
C GLY C 26 25.52 -50.13 -75.36
N SER C 27 25.40 -48.81 -75.20
CA SER C 27 26.19 -47.86 -75.97
C SER C 27 26.86 -46.91 -74.99
N MET C 28 28.17 -47.04 -74.86
CA MET C 28 28.96 -46.22 -73.94
C MET C 28 29.73 -45.15 -74.70
N TYR C 29 30.18 -44.17 -73.94
CA TYR C 29 31.07 -43.12 -74.42
C TYR C 29 31.51 -42.34 -73.19
N SER C 30 32.23 -41.24 -73.41
CA SER C 30 32.65 -40.35 -72.34
C SER C 30 32.20 -38.93 -72.65
N PHE C 31 31.95 -38.17 -71.59
CA PHE C 31 31.50 -36.79 -71.74
C PHE C 31 31.87 -36.04 -70.46
N ALA C 32 32.70 -35.01 -70.60
CA ALA C 32 33.05 -34.13 -69.49
C ALA C 32 32.29 -32.82 -69.68
N GLY C 33 31.03 -32.84 -69.25
CA GLY C 33 30.18 -31.68 -69.41
C GLY C 33 30.60 -30.55 -68.49
N TYR C 34 29.79 -29.48 -68.56
CA TYR C 34 30.06 -28.25 -67.85
C TYR C 34 28.85 -27.69 -67.13
N CYS C 35 27.64 -28.10 -67.49
CA CYS C 35 26.43 -27.55 -66.91
C CYS C 35 25.37 -28.64 -66.87
N SER C 36 24.11 -28.23 -66.71
CA SER C 36 23.00 -29.16 -66.72
C SER C 36 22.81 -29.80 -68.08
N TYR C 37 22.32 -31.03 -68.07
CA TYR C 37 22.00 -31.76 -69.29
C TYR C 37 20.83 -32.69 -69.01
N LEU C 38 20.01 -32.93 -70.04
CA LEU C 38 18.82 -33.74 -69.91
C LEU C 38 19.18 -35.22 -70.01
N LEU C 39 18.93 -35.97 -68.95
CA LEU C 39 19.16 -37.41 -68.98
C LEU C 39 18.06 -38.11 -69.78
N ALA C 40 16.82 -38.01 -69.31
CA ALA C 40 15.69 -38.68 -69.93
C ALA C 40 14.48 -37.77 -69.83
N GLY C 41 13.40 -38.22 -70.43
CA GLY C 41 12.16 -37.48 -70.49
C GLY C 41 11.52 -37.63 -71.85
N GLY C 42 10.22 -37.39 -71.91
CA GLY C 42 9.50 -37.41 -73.16
C GLY C 42 10.06 -36.39 -74.13
N CYS C 43 9.62 -36.52 -75.39
CA CYS C 43 10.08 -35.76 -76.54
C CYS C 43 8.90 -35.14 -77.27
N GLN C 44 7.78 -35.85 -77.32
CA GLN C 44 6.54 -35.27 -77.78
C GLN C 44 5.90 -34.42 -76.69
N LYS C 45 5.78 -34.98 -75.49
CA LYS C 45 5.24 -34.28 -74.33
C LYS C 45 5.92 -34.81 -73.08
N ARG C 46 6.29 -33.89 -72.18
CA ARG C 46 7.06 -34.24 -70.99
C ARG C 46 6.21 -34.07 -69.75
N SER C 47 5.85 -35.19 -69.12
CA SER C 47 5.28 -35.15 -67.79
C SER C 47 6.35 -34.98 -66.73
N PHE C 48 7.61 -35.27 -67.05
CA PHE C 48 8.72 -35.09 -66.13
C PHE C 48 9.99 -34.87 -66.93
N SER C 49 11.10 -34.75 -66.23
CA SER C 49 12.41 -34.65 -66.86
C SER C 49 13.48 -34.88 -65.81
N ILE C 50 14.27 -35.95 -65.96
CA ILE C 50 15.42 -36.18 -65.10
C ILE C 50 16.60 -35.44 -65.68
N ILE C 51 17.33 -34.73 -64.82
CA ILE C 51 18.35 -33.78 -65.22
C ILE C 51 19.58 -34.02 -64.36
N GLY C 52 20.76 -33.81 -64.95
CA GLY C 52 22.03 -34.02 -64.28
C GLY C 52 22.96 -32.84 -64.48
N ASP C 53 23.53 -32.35 -63.39
CA ASP C 53 24.40 -31.18 -63.43
C ASP C 53 25.84 -31.60 -63.27
N PHE C 54 26.70 -31.06 -64.13
CA PHE C 54 28.14 -31.27 -64.07
C PHE C 54 28.81 -29.94 -63.74
N GLN C 55 29.66 -29.94 -62.71
CA GLN C 55 30.36 -28.73 -62.34
C GLN C 55 31.47 -28.40 -63.33
N ASN C 56 32.46 -29.28 -63.45
CA ASN C 56 33.48 -29.19 -64.49
C ASN C 56 33.93 -30.62 -64.81
N GLY C 57 33.27 -31.23 -65.78
CA GLY C 57 33.49 -32.63 -66.07
C GLY C 57 32.90 -33.55 -65.03
N LYS C 58 33.32 -33.41 -63.78
CA LYS C 58 32.81 -34.22 -62.69
C LYS C 58 31.38 -33.83 -62.36
N ARG C 59 30.60 -34.80 -61.92
CA ARG C 59 29.17 -34.64 -61.72
C ARG C 59 28.85 -34.22 -60.29
N VAL C 60 27.70 -33.56 -60.13
CA VAL C 60 27.25 -33.11 -58.82
C VAL C 60 25.87 -33.69 -58.52
N SER C 61 24.86 -33.28 -59.29
CA SER C 61 23.48 -33.40 -58.87
C SER C 61 22.64 -34.14 -59.89
N LEU C 62 21.68 -34.90 -59.36
CA LEU C 62 20.52 -35.37 -60.11
C LEU C 62 19.36 -34.43 -59.79
N SER C 63 18.53 -34.16 -60.79
CA SER C 63 17.38 -33.30 -60.60
C SER C 63 16.19 -33.84 -61.38
N VAL C 64 15.02 -33.70 -60.78
CA VAL C 64 13.76 -34.14 -61.37
C VAL C 64 12.85 -32.93 -61.36
N TYR C 65 12.52 -32.43 -62.55
CA TYR C 65 11.54 -31.36 -62.70
C TYR C 65 10.28 -31.98 -63.26
N LEU C 66 9.21 -31.90 -62.48
CA LEU C 66 7.99 -32.66 -62.75
C LEU C 66 7.00 -31.79 -63.52
N GLY C 67 7.37 -31.51 -64.76
CA GLY C 67 6.57 -30.68 -65.62
C GLY C 67 7.00 -29.22 -65.56
N GLU C 68 6.32 -28.46 -64.70
CA GLU C 68 6.47 -27.01 -64.64
C GLU C 68 6.65 -26.47 -63.23
N PHE C 69 6.19 -27.19 -62.20
CA PHE C 69 5.90 -26.60 -60.91
C PHE C 69 6.75 -27.10 -59.75
N PHE C 70 7.38 -28.28 -59.89
CA PHE C 70 8.05 -28.93 -58.78
C PHE C 70 9.46 -29.30 -59.19
N ASP C 71 10.37 -29.28 -58.22
CA ASP C 71 11.78 -29.47 -58.50
C ASP C 71 12.52 -29.96 -57.28
N ILE C 72 13.33 -31.00 -57.48
CA ILE C 72 14.23 -31.54 -56.42
C ILE C 72 15.65 -31.62 -57.01
N HIS C 73 16.67 -31.40 -56.18
CA HIS C 73 18.06 -31.26 -56.68
C HIS C 73 19.00 -32.09 -55.80
N LEU C 74 18.80 -33.40 -55.78
CA LEU C 74 19.63 -34.32 -54.94
C LEU C 74 21.06 -34.36 -55.49
N PHE C 75 21.99 -34.92 -54.71
CA PHE C 75 23.42 -35.00 -55.10
C PHE C 75 24.19 -35.80 -54.05
N VAL C 76 25.46 -36.08 -54.32
CA VAL C 76 26.34 -36.79 -53.33
C VAL C 76 26.27 -36.04 -52.00
N ASN C 77 26.25 -34.70 -52.05
CA ASN C 77 26.14 -33.87 -50.82
C ASN C 77 24.97 -34.37 -49.97
N GLY C 78 23.92 -34.88 -50.63
CA GLY C 78 22.77 -35.47 -49.92
C GLY C 78 21.87 -34.41 -49.31
N THR C 79 22.36 -33.17 -49.26
CA THR C 79 21.58 -32.03 -48.69
C THR C 79 20.45 -31.65 -49.68
N VAL C 80 19.52 -32.57 -49.90
CA VAL C 80 18.45 -32.41 -50.94
C VAL C 80 17.71 -31.09 -50.69
N THR C 81 17.17 -30.50 -51.76
CA THR C 81 16.42 -29.22 -51.66
C THR C 81 15.19 -29.26 -52.57
N GLN C 82 14.20 -28.43 -52.27
CA GLN C 82 12.98 -28.32 -53.07
C GLN C 82 12.89 -26.86 -53.51
N GLY C 83 13.19 -26.61 -54.78
CA GLY C 83 13.35 -25.24 -55.24
C GLY C 83 14.68 -24.68 -54.78
N ASP C 84 14.64 -23.80 -53.78
CA ASP C 84 15.82 -23.29 -53.12
C ASP C 84 15.83 -23.52 -51.62
N GLN C 85 14.70 -23.97 -51.04
CA GLN C 85 14.63 -24.25 -49.62
C GLN C 85 15.15 -25.65 -49.35
N ARG C 86 16.23 -25.74 -48.59
CA ARG C 86 16.76 -27.05 -48.22
C ARG C 86 15.80 -27.74 -47.28
N VAL C 87 15.38 -28.95 -47.65
CA VAL C 87 14.49 -29.76 -46.85
C VAL C 87 15.31 -30.85 -46.16
N SER C 88 14.67 -31.53 -45.21
CA SER C 88 15.28 -32.67 -44.57
C SER C 88 15.17 -33.88 -45.51
N MET C 89 15.47 -35.06 -44.99
CA MET C 89 15.34 -36.28 -45.74
C MET C 89 14.93 -37.35 -44.74
N PRO C 90 14.07 -38.30 -45.11
CA PRO C 90 13.36 -38.52 -46.37
C PRO C 90 12.29 -37.46 -46.67
N TYR C 91 11.56 -37.64 -47.77
CA TYR C 91 10.67 -36.63 -48.31
C TYR C 91 9.84 -37.28 -49.40
N ALA C 92 8.54 -36.92 -49.47
CA ALA C 92 7.60 -37.72 -50.23
C ALA C 92 6.56 -36.89 -50.99
N SER C 93 6.80 -35.61 -51.22
CA SER C 93 5.79 -34.77 -51.84
C SER C 93 5.52 -35.16 -53.29
N LYS C 94 4.30 -34.86 -53.74
CA LYS C 94 3.92 -34.88 -55.15
C LYS C 94 4.17 -36.25 -55.79
N GLY C 95 4.05 -37.32 -55.00
CA GLY C 95 4.23 -38.65 -55.53
C GLY C 95 5.66 -39.02 -55.80
N LEU C 96 6.61 -38.36 -55.14
CA LEU C 96 8.03 -38.63 -55.31
C LEU C 96 8.65 -38.93 -53.95
N TYR C 97 8.64 -40.19 -53.57
CA TYR C 97 9.32 -40.63 -52.37
C TYR C 97 10.82 -40.49 -52.56
N LEU C 98 11.47 -39.79 -51.66
CA LEU C 98 12.89 -39.51 -51.70
C LEU C 98 13.50 -40.19 -50.48
N GLU C 99 14.01 -41.40 -50.69
CA GLU C 99 14.32 -42.36 -49.65
C GLU C 99 15.81 -42.70 -49.69
N THR C 100 16.21 -43.61 -48.81
CA THR C 100 17.54 -44.21 -48.83
C THR C 100 17.41 -45.71 -48.72
N GLU C 101 18.02 -46.43 -49.67
CA GLU C 101 17.95 -47.88 -49.74
C GLU C 101 19.35 -48.44 -49.72
N ALA C 102 19.59 -49.39 -48.83
CA ALA C 102 20.86 -50.10 -48.75
C ALA C 102 22.02 -49.12 -48.50
N GLY C 103 21.75 -48.10 -47.69
CA GLY C 103 22.72 -47.06 -47.47
C GLY C 103 22.95 -46.14 -48.65
N TYR C 104 22.19 -46.28 -49.73
CA TYR C 104 22.31 -45.46 -50.92
C TYR C 104 20.98 -44.79 -51.21
N TYR C 105 21.06 -43.59 -51.76
CA TYR C 105 19.91 -42.72 -51.87
C TYR C 105 19.07 -43.05 -53.10
N LYS C 106 17.75 -42.91 -52.96
CA LYS C 106 16.79 -43.32 -53.97
C LYS C 106 15.78 -42.21 -54.21
N LEU C 107 15.24 -42.17 -55.42
CA LEU C 107 14.17 -41.26 -55.81
C LEU C 107 13.21 -42.04 -56.70
N SER C 108 12.02 -42.31 -56.19
CA SER C 108 11.04 -43.14 -56.88
C SER C 108 9.89 -42.29 -57.41
N GLY C 109 9.43 -42.66 -58.61
CA GLY C 109 8.36 -41.95 -59.29
C GLY C 109 7.39 -42.91 -59.96
N GLU C 110 7.12 -44.03 -59.29
CA GLU C 110 6.40 -45.15 -59.90
C GLU C 110 5.11 -44.73 -60.59
N ALA C 111 4.45 -43.69 -60.09
CA ALA C 111 3.33 -43.12 -60.82
C ALA C 111 3.80 -42.60 -62.18
N TYR C 112 4.91 -41.88 -62.20
CA TYR C 112 5.48 -41.34 -63.42
C TYR C 112 6.46 -42.27 -64.09
N GLY C 113 6.66 -43.47 -63.54
CA GLY C 113 7.38 -44.52 -64.24
C GLY C 113 8.87 -44.31 -64.30
N PHE C 114 9.50 -44.09 -63.15
CA PHE C 114 10.95 -44.07 -63.10
C PHE C 114 11.41 -44.22 -61.66
N VAL C 115 12.63 -44.72 -61.52
CA VAL C 115 13.30 -44.88 -60.23
C VAL C 115 14.74 -44.46 -60.45
N ALA C 116 15.16 -43.41 -59.77
CA ALA C 116 16.56 -42.98 -59.76
C ALA C 116 17.21 -43.33 -58.44
N ARG C 117 18.51 -43.13 -58.38
CA ARG C 117 19.29 -43.41 -57.18
C ARG C 117 20.70 -42.90 -57.41
N ILE C 118 21.46 -42.84 -56.32
CA ILE C 118 22.89 -42.57 -56.36
C ILE C 118 23.57 -43.42 -55.30
N ASP C 119 24.85 -43.69 -55.51
CA ASP C 119 25.66 -44.44 -54.56
C ASP C 119 26.53 -43.48 -53.75
N GLY C 120 27.40 -44.04 -52.91
CA GLY C 120 28.25 -43.20 -52.09
C GLY C 120 29.32 -42.48 -52.90
N SER C 121 29.92 -43.18 -53.85
CA SER C 121 30.92 -42.56 -54.71
C SER C 121 30.30 -41.49 -55.60
N GLY C 122 29.11 -41.76 -56.13
CA GLY C 122 28.46 -40.93 -57.11
C GLY C 122 28.42 -41.64 -58.45
N ASN C 123 27.30 -42.31 -58.70
CA ASN C 123 27.08 -43.04 -59.94
C ASN C 123 25.59 -43.00 -60.20
N PHE C 124 25.16 -42.05 -61.01
CA PHE C 124 23.74 -41.91 -61.29
C PHE C 124 23.22 -43.14 -62.01
N GLN C 125 22.02 -43.56 -61.63
CA GLN C 125 21.34 -44.69 -62.24
C GLN C 125 19.88 -44.34 -62.41
N VAL C 126 19.27 -44.84 -63.48
CA VAL C 126 17.89 -44.51 -63.84
C VAL C 126 17.21 -45.77 -64.33
N LEU C 127 16.27 -46.29 -63.55
CA LEU C 127 15.40 -47.37 -63.99
C LEU C 127 14.09 -46.78 -64.48
N LEU C 128 13.60 -47.30 -65.60
CA LEU C 128 12.51 -46.68 -66.35
C LEU C 128 11.70 -47.78 -67.00
N SER C 129 10.39 -47.58 -67.06
CA SER C 129 9.47 -48.63 -67.47
C SER C 129 9.58 -48.90 -68.96
N ASP C 130 8.76 -49.84 -69.43
CA ASP C 130 8.63 -50.12 -70.86
C ASP C 130 7.62 -49.21 -71.53
N ARG C 131 6.99 -48.30 -70.79
CA ARG C 131 5.94 -47.46 -71.35
C ARG C 131 6.51 -46.45 -72.35
N TYR C 132 7.79 -46.12 -72.17
CA TYR C 132 8.46 -45.07 -72.98
C TYR C 132 9.35 -45.70 -74.05
N PHE C 133 9.01 -46.92 -74.49
CA PHE C 133 9.77 -47.57 -75.58
C PHE C 133 9.57 -46.77 -76.88
N ASN C 134 10.66 -46.21 -77.41
CA ASN C 134 10.61 -45.37 -78.64
C ASN C 134 10.15 -43.96 -78.26
N LYS C 135 10.24 -43.61 -76.97
CA LYS C 135 9.82 -42.27 -76.48
C LYS C 135 11.05 -41.50 -75.98
N THR C 136 11.30 -41.56 -74.67
CA THR C 136 12.34 -40.74 -74.01
C THR C 136 13.57 -40.62 -74.92
N CYS C 137 13.79 -39.43 -75.49
CA CYS C 137 15.04 -39.12 -76.24
C CYS C 137 15.80 -38.01 -75.50
N GLY C 138 17.08 -38.27 -75.21
CA GLY C 138 17.88 -37.43 -74.35
C GLY C 138 19.33 -37.87 -74.33
N LEU C 139 19.94 -37.85 -73.14
CA LEU C 139 21.35 -38.20 -73.00
C LEU C 139 21.58 -39.67 -72.73
N CYS C 140 20.59 -40.38 -72.17
CA CYS C 140 20.61 -41.83 -72.05
C CYS C 140 19.94 -42.50 -73.25
N GLY C 141 19.71 -41.76 -74.32
CA GLY C 141 19.19 -42.34 -75.55
C GLY C 141 17.80 -42.92 -75.46
N ASN C 142 17.27 -43.32 -76.60
CA ASN C 142 15.93 -43.90 -76.69
C ASN C 142 15.88 -45.29 -76.06
N PHE C 143 14.69 -45.67 -75.61
CA PHE C 143 14.44 -47.04 -75.15
C PHE C 143 13.88 -47.83 -76.33
N ASN C 144 14.78 -48.21 -77.22
CA ASN C 144 14.49 -49.15 -78.30
C ASN C 144 15.24 -50.47 -78.07
N ILE C 145 15.21 -51.35 -79.07
CA ILE C 145 16.04 -52.55 -79.02
C ILE C 145 17.44 -52.25 -79.51
N PHE C 146 17.56 -51.49 -80.60
CA PHE C 146 18.86 -51.20 -81.18
C PHE C 146 19.72 -50.37 -80.23
N ALA C 147 21.01 -50.33 -80.56
CA ALA C 147 22.02 -49.63 -79.77
C ALA C 147 22.91 -48.72 -80.59
N GLU C 148 22.77 -48.73 -81.92
CA GLU C 148 23.61 -47.93 -82.81
C GLU C 148 22.98 -46.60 -83.18
N ASP C 149 21.65 -46.57 -83.31
CA ASP C 149 20.74 -45.49 -83.67
C ASP C 149 20.28 -44.67 -82.48
N ASP C 150 20.78 -44.92 -81.28
CA ASP C 150 20.34 -44.17 -80.11
C ASP C 150 21.22 -42.94 -79.86
N PHE C 151 21.52 -42.20 -80.94
CA PHE C 151 21.99 -40.81 -80.90
C PHE C 151 21.06 -40.05 -81.84
N MET C 152 19.89 -39.63 -81.37
CA MET C 152 18.95 -38.85 -82.15
C MET C 152 18.80 -37.50 -81.46
N THR C 153 19.44 -36.48 -82.04
CA THR C 153 19.64 -35.20 -81.38
C THR C 153 18.32 -34.50 -81.08
N GLN C 154 18.41 -33.38 -80.37
CA GLN C 154 17.24 -32.56 -80.07
C GLN C 154 16.55 -32.06 -81.33
N GLU C 155 17.27 -31.99 -82.45
CA GLU C 155 16.63 -31.84 -83.75
C GLU C 155 16.04 -33.16 -84.22
N GLY C 156 16.77 -34.24 -84.01
CA GLY C 156 16.50 -35.55 -84.55
C GLY C 156 17.41 -35.75 -85.74
N THR C 157 18.58 -36.34 -85.47
CA THR C 157 19.66 -36.43 -86.44
C THR C 157 20.57 -37.56 -85.95
N LEU C 158 20.71 -38.62 -86.73
CA LEU C 158 21.65 -39.67 -86.36
C LEU C 158 23.07 -39.16 -86.57
N THR C 159 23.83 -39.08 -85.49
CA THR C 159 25.18 -38.55 -85.49
C THR C 159 26.19 -39.65 -85.18
N SER C 160 27.39 -39.51 -85.74
CA SER C 160 28.46 -40.47 -85.48
C SER C 160 29.27 -40.14 -84.23
N ASP C 161 29.21 -38.90 -83.76
CA ASP C 161 30.02 -38.48 -82.61
C ASP C 161 29.21 -38.67 -81.33
N PRO C 162 29.73 -39.37 -80.32
CA PRO C 162 29.08 -39.38 -79.01
C PRO C 162 29.30 -38.12 -78.19
N TYR C 163 29.85 -37.05 -78.75
CA TYR C 163 30.23 -35.86 -77.99
C TYR C 163 29.34 -34.67 -78.27
N ASP C 164 29.25 -34.23 -79.52
CA ASP C 164 28.36 -33.11 -79.84
C ASP C 164 26.91 -33.44 -79.54
N PHE C 165 26.57 -34.72 -79.63
CA PHE C 165 25.23 -35.19 -79.25
C PHE C 165 24.87 -34.72 -77.85
N ALA C 166 25.70 -35.08 -76.88
CA ALA C 166 25.46 -34.71 -75.49
C ALA C 166 25.39 -33.21 -75.29
N ASN C 167 26.01 -32.44 -76.18
CA ASN C 167 25.97 -30.99 -76.11
C ASN C 167 24.71 -30.42 -76.74
N SER C 168 24.04 -31.16 -77.63
CA SER C 168 22.73 -30.73 -78.10
C SER C 168 21.74 -30.71 -76.96
N TRP C 169 21.83 -31.68 -76.06
CA TRP C 169 20.88 -31.82 -74.95
C TRP C 169 21.35 -31.07 -73.71
N ALA C 170 21.70 -29.81 -73.89
CA ALA C 170 22.01 -28.90 -72.80
C ALA C 170 20.80 -28.05 -72.47
N LEU C 171 20.78 -27.55 -71.24
CA LEU C 171 19.67 -26.75 -70.74
C LEU C 171 20.24 -25.78 -69.71
N SER C 172 19.93 -24.51 -69.85
CA SER C 172 20.57 -23.44 -69.09
C SER C 172 19.58 -22.72 -68.20
N SER C 173 20.11 -22.01 -67.20
CA SER C 173 19.32 -21.23 -66.26
C SER C 173 19.65 -19.74 -66.31
N GLY C 174 18.91 -18.95 -65.54
CA GLY C 174 19.24 -17.56 -65.34
C GLY C 174 20.41 -17.39 -64.39
N GLU C 175 20.49 -18.29 -63.41
CA GLU C 175 21.65 -18.30 -62.52
C GLU C 175 22.94 -18.54 -63.29
N GLN C 176 22.89 -19.36 -64.33
CA GLN C 176 24.06 -19.62 -65.16
C GLN C 176 23.62 -20.03 -66.55
N TRP C 177 24.14 -19.36 -67.56
CA TRP C 177 24.09 -19.83 -68.93
C TRP C 177 25.40 -20.52 -69.28
N CYS C 178 25.31 -21.61 -70.03
CA CYS C 178 26.44 -22.47 -70.28
C CYS C 178 26.66 -22.66 -71.77
N GLU C 179 27.86 -23.09 -72.10
CA GLU C 179 28.39 -23.10 -73.46
C GLU C 179 28.76 -24.51 -73.88
N ARG C 180 29.35 -24.62 -75.07
CA ARG C 180 29.93 -25.88 -75.51
C ARG C 180 31.20 -26.22 -74.74
N ALA C 181 31.13 -27.26 -73.91
CA ALA C 181 32.33 -27.72 -73.25
C ALA C 181 33.30 -28.29 -74.27
N SER C 182 34.57 -28.42 -73.86
CA SER C 182 35.62 -28.94 -74.71
C SER C 182 35.99 -30.36 -74.29
N PRO C 183 36.37 -31.25 -75.22
CA PRO C 183 36.94 -32.53 -74.80
C PRO C 183 38.24 -32.31 -74.04
N PRO C 184 38.55 -33.11 -73.02
CA PRO C 184 39.77 -32.87 -72.27
C PRO C 184 40.99 -33.29 -73.06
N SER C 185 42.04 -32.48 -73.00
CA SER C 185 43.31 -32.83 -73.61
C SER C 185 44.02 -33.86 -72.75
N SER C 186 44.12 -35.08 -73.25
CA SER C 186 44.61 -36.19 -72.42
C SER C 186 46.12 -36.05 -72.19
N SER C 187 46.51 -35.96 -70.92
CA SER C 187 47.91 -36.02 -70.54
C SER C 187 48.48 -37.43 -70.58
N CYS C 188 47.63 -38.44 -70.78
CA CYS C 188 48.10 -39.81 -70.87
C CYS C 188 49.05 -40.02 -72.04
N ASN C 189 48.91 -39.21 -73.10
CA ASN C 189 49.63 -39.44 -74.34
C ASN C 189 51.16 -39.37 -74.21
N ILE C 190 51.69 -38.77 -73.13
CA ILE C 190 53.14 -38.62 -72.97
C ILE C 190 53.62 -39.48 -71.80
N SER C 191 52.81 -39.57 -70.75
CA SER C 191 53.21 -40.32 -69.55
C SER C 191 52.80 -41.79 -69.67
N SER C 192 53.26 -42.41 -70.75
CA SER C 192 52.82 -43.78 -71.04
C SER C 192 53.56 -44.79 -70.17
N GLY C 193 54.87 -44.92 -70.37
CA GLY C 193 55.73 -45.73 -69.52
C GLY C 193 55.24 -47.14 -69.33
N GLU C 194 55.32 -47.61 -68.07
CA GLU C 194 54.93 -48.95 -67.68
C GLU C 194 53.43 -49.11 -67.47
N MET C 195 52.69 -48.01 -67.34
CA MET C 195 51.31 -48.05 -66.87
C MET C 195 50.40 -48.90 -67.75
N GLN C 196 50.76 -49.12 -69.01
CA GLN C 196 49.94 -49.94 -69.90
C GLN C 196 50.33 -51.41 -69.86
N LYS C 197 51.52 -51.76 -69.35
CA LYS C 197 51.97 -53.15 -69.35
C LYS C 197 51.55 -53.89 -68.08
N GLY C 198 51.66 -53.25 -66.91
CA GLY C 198 51.31 -53.91 -65.67
C GLY C 198 49.84 -53.87 -65.33
N LEU C 199 49.15 -52.79 -65.71
CA LEU C 199 47.77 -52.57 -65.31
C LEU C 199 46.77 -53.00 -66.38
N TRP C 200 47.22 -53.55 -67.50
CA TRP C 200 46.31 -54.11 -68.49
C TRP C 200 45.51 -55.30 -67.96
N GLU C 201 45.95 -55.91 -66.86
CA GLU C 201 45.32 -57.13 -66.37
C GLU C 201 43.98 -56.87 -65.70
N GLN C 202 43.85 -55.73 -65.00
CA GLN C 202 42.63 -55.48 -64.25
C GLN C 202 41.44 -55.24 -65.19
N CYS C 203 41.70 -54.67 -66.36
CA CYS C 203 40.68 -54.66 -67.40
C CYS C 203 40.49 -56.04 -68.00
N GLN C 204 41.56 -56.84 -68.03
CA GLN C 204 41.51 -58.15 -68.66
C GLN C 204 40.73 -59.17 -67.83
N LEU C 205 40.72 -59.03 -66.51
CA LEU C 205 40.13 -60.07 -65.67
C LEU C 205 38.61 -60.11 -65.77
N LEU C 206 37.98 -59.12 -66.42
CA LEU C 206 36.59 -59.27 -66.81
C LEU C 206 36.39 -60.46 -67.73
N LYS C 207 37.41 -60.77 -68.55
CA LYS C 207 37.33 -61.85 -69.52
C LYS C 207 37.92 -63.16 -69.03
N SER C 208 38.94 -63.10 -68.17
CA SER C 208 39.64 -64.31 -67.76
C SER C 208 38.96 -65.02 -66.59
N THR C 209 38.63 -64.29 -65.54
CA THR C 209 38.12 -64.91 -64.32
C THR C 209 36.77 -65.56 -64.58
N SER C 210 36.55 -66.69 -63.90
CA SER C 210 35.36 -67.49 -64.15
C SER C 210 34.09 -66.75 -63.72
N VAL C 211 34.18 -65.94 -62.67
CA VAL C 211 32.99 -65.29 -62.13
C VAL C 211 32.40 -64.30 -63.13
N PHE C 212 33.22 -63.77 -64.04
CA PHE C 212 32.74 -62.96 -65.16
C PHE C 212 32.65 -63.72 -66.47
N ALA C 213 32.99 -65.00 -66.49
CA ALA C 213 33.10 -65.76 -67.72
C ALA C 213 31.79 -66.41 -68.14
N ARG C 214 30.65 -65.86 -67.70
CA ARG C 214 29.35 -66.45 -67.94
C ARG C 214 28.26 -65.47 -68.33
N CYS C 215 28.49 -64.16 -68.23
CA CYS C 215 27.57 -63.17 -68.78
C CYS C 215 27.78 -62.93 -70.27
N HIS C 216 28.84 -63.48 -70.85
CA HIS C 216 29.12 -63.31 -72.27
C HIS C 216 27.99 -63.74 -73.21
N PRO C 217 27.19 -64.78 -72.95
CA PRO C 217 26.03 -65.00 -73.81
C PRO C 217 24.91 -63.98 -73.62
N LEU C 218 24.98 -63.17 -72.57
CA LEU C 218 24.00 -62.12 -72.29
C LEU C 218 24.49 -60.75 -72.69
N VAL C 219 25.77 -60.46 -72.48
CA VAL C 219 26.37 -59.17 -72.79
C VAL C 219 27.73 -59.42 -73.45
N ASP C 220 28.45 -58.33 -73.72
CA ASP C 220 29.79 -58.40 -74.27
C ASP C 220 30.68 -57.44 -73.48
N PRO C 221 31.78 -57.90 -72.88
CA PRO C 221 32.67 -56.96 -72.18
C PRO C 221 33.55 -56.14 -73.10
N GLU C 222 33.47 -56.32 -74.42
CA GLU C 222 34.40 -55.65 -75.32
C GLU C 222 34.32 -54.13 -75.24
N PRO C 223 33.14 -53.50 -75.09
CA PRO C 223 33.16 -52.05 -74.82
C PRO C 223 33.68 -51.70 -73.45
N PHE C 224 33.29 -52.45 -72.41
CA PHE C 224 33.71 -52.21 -71.03
C PHE C 224 35.23 -52.21 -70.91
N VAL C 225 35.88 -53.19 -71.54
CA VAL C 225 37.34 -53.20 -71.55
C VAL C 225 37.87 -52.08 -72.44
N ALA C 226 37.09 -51.66 -73.43
CA ALA C 226 37.55 -50.58 -74.31
C ALA C 226 37.52 -49.24 -73.59
N LEU C 227 36.50 -49.01 -72.76
CA LEU C 227 36.39 -47.72 -72.08
C LEU C 227 37.30 -47.62 -70.87
N CYS C 228 37.77 -48.73 -70.32
CA CYS C 228 38.63 -48.65 -69.14
C CYS C 228 40.06 -48.25 -69.54
N GLU C 229 40.59 -48.84 -70.61
CA GLU C 229 41.99 -48.68 -70.97
C GLU C 229 42.38 -47.23 -71.20
N LYS C 230 41.42 -46.35 -71.47
CA LYS C 230 41.70 -44.92 -71.58
C LYS C 230 41.67 -44.19 -70.25
N THR C 231 41.15 -44.80 -69.17
CA THR C 231 41.10 -44.16 -67.86
C THR C 231 42.03 -44.79 -66.85
N LEU C 232 42.74 -45.87 -67.20
CA LEU C 232 43.77 -46.42 -66.31
C LEU C 232 45.07 -45.63 -66.37
N CYS C 233 45.13 -44.55 -67.14
CA CYS C 233 46.37 -43.87 -67.47
C CYS C 233 46.56 -42.52 -66.77
N GLU C 234 45.49 -41.89 -66.30
CA GLU C 234 45.58 -40.58 -65.66
C GLU C 234 45.87 -40.68 -64.17
N CYS C 235 45.32 -41.69 -63.50
CA CYS C 235 45.54 -41.95 -62.09
C CYS C 235 46.89 -42.64 -61.89
N ALA C 236 47.61 -42.22 -60.85
CA ALA C 236 48.99 -42.64 -60.62
C ALA C 236 49.03 -43.66 -59.49
N GLY C 237 49.57 -44.84 -59.78
CA GLY C 237 49.84 -45.83 -58.77
C GLY C 237 48.60 -46.42 -58.11
N GLY C 238 47.79 -47.15 -58.87
CA GLY C 238 46.65 -47.83 -58.28
C GLY C 238 45.97 -48.78 -59.24
N LEU C 239 45.74 -50.01 -58.77
CA LEU C 239 44.91 -50.96 -59.51
C LEU C 239 43.42 -50.66 -59.35
N GLU C 240 43.04 -49.89 -58.32
CA GLU C 240 41.63 -49.61 -58.07
C GLU C 240 40.99 -48.80 -59.19
N CYS C 241 41.77 -48.19 -60.08
CA CYS C 241 41.23 -47.42 -61.19
C CYS C 241 40.44 -48.27 -62.18
N ALA C 242 40.54 -49.60 -62.11
CA ALA C 242 39.79 -50.47 -63.00
C ALA C 242 38.42 -50.84 -62.46
N CYS C 243 38.26 -50.89 -61.14
CA CYS C 243 37.02 -51.39 -60.57
C CYS C 243 35.79 -50.52 -60.87
N PRO C 244 35.90 -49.20 -61.15
CA PRO C 244 34.69 -48.48 -61.57
C PRO C 244 34.09 -49.03 -62.86
N ALA C 245 34.88 -49.11 -63.93
CA ALA C 245 34.39 -49.68 -65.18
C ALA C 245 33.97 -51.13 -65.00
N LEU C 246 34.62 -51.85 -64.08
CA LEU C 246 34.26 -53.23 -63.78
C LEU C 246 32.96 -53.29 -62.99
N LEU C 247 32.81 -52.40 -62.01
CA LEU C 247 31.64 -52.42 -61.13
C LEU C 247 30.36 -52.24 -61.93
N GLU C 248 30.42 -51.44 -62.99
CA GLU C 248 29.26 -51.30 -63.86
C GLU C 248 28.88 -52.62 -64.50
N TYR C 249 29.89 -53.38 -64.96
CA TYR C 249 29.62 -54.62 -65.68
C TYR C 249 28.87 -55.62 -64.81
N ALA C 250 29.07 -55.55 -63.49
CA ALA C 250 28.31 -56.42 -62.60
C ALA C 250 26.83 -56.12 -62.69
N ARG C 251 26.46 -54.84 -62.54
CA ARG C 251 25.05 -54.47 -62.51
C ARG C 251 24.40 -54.67 -63.87
N THR C 252 25.12 -54.37 -64.96
CA THR C 252 24.53 -54.50 -66.28
C THR C 252 24.10 -55.93 -66.56
N CYS C 253 24.87 -56.91 -66.10
CA CYS C 253 24.46 -58.29 -66.25
C CYS C 253 23.34 -58.64 -65.27
N ALA C 254 23.34 -58.00 -64.10
CA ALA C 254 22.29 -58.26 -63.12
C ALA C 254 20.93 -57.83 -63.65
N GLN C 255 20.87 -56.67 -64.30
CA GLN C 255 19.59 -56.15 -64.78
C GLN C 255 18.99 -57.06 -65.85
N GLU C 256 19.82 -57.81 -66.58
CA GLU C 256 19.33 -58.63 -67.68
C GLU C 256 18.64 -59.90 -67.23
N GLY C 257 18.53 -60.14 -65.92
CA GLY C 257 17.92 -61.35 -65.40
C GLY C 257 18.91 -62.42 -65.01
N MET C 258 20.22 -62.14 -65.04
CA MET C 258 21.25 -63.11 -64.67
C MET C 258 22.25 -62.43 -63.74
N VAL C 259 22.11 -62.71 -62.45
CA VAL C 259 22.93 -62.08 -61.42
C VAL C 259 24.24 -62.85 -61.28
N LEU C 260 25.23 -62.18 -60.69
CA LEU C 260 26.52 -62.77 -60.34
C LEU C 260 26.77 -62.54 -58.85
N TYR C 261 27.65 -63.36 -58.29
CA TYR C 261 27.84 -63.44 -56.84
C TYR C 261 29.31 -63.35 -56.47
N GLY C 262 29.57 -62.75 -55.30
CA GLY C 262 30.86 -62.80 -54.64
C GLY C 262 32.04 -62.33 -55.47
N TRP C 263 31.80 -61.60 -56.55
CA TRP C 263 32.89 -61.22 -57.45
C TRP C 263 33.86 -60.25 -56.79
N THR C 264 33.41 -59.48 -55.80
CA THR C 264 34.28 -58.52 -55.12
C THR C 264 35.18 -59.16 -54.08
N ASP C 265 35.04 -60.47 -53.84
CA ASP C 265 35.84 -61.13 -52.82
C ASP C 265 37.33 -61.02 -53.13
N HIS C 266 37.71 -61.30 -54.37
CA HIS C 266 39.10 -61.28 -54.80
C HIS C 266 39.44 -60.07 -55.66
N SER C 267 38.46 -59.25 -56.05
CA SER C 267 38.71 -58.14 -56.96
C SER C 267 39.52 -57.02 -56.32
N ALA C 268 39.68 -57.01 -55.00
CA ALA C 268 40.46 -55.99 -54.30
C ALA C 268 39.89 -54.59 -54.52
N CYS C 269 38.58 -54.49 -54.68
CA CYS C 269 37.89 -53.20 -54.71
C CYS C 269 36.45 -53.41 -54.29
N SER C 270 36.05 -52.74 -53.20
CA SER C 270 34.68 -52.74 -52.71
C SER C 270 34.12 -51.32 -52.78
N PRO C 271 32.88 -51.14 -53.21
CA PRO C 271 32.36 -49.77 -53.30
C PRO C 271 32.14 -49.18 -51.92
N VAL C 272 32.34 -47.86 -51.83
CA VAL C 272 32.34 -47.17 -50.56
C VAL C 272 30.94 -47.20 -49.94
N CYS C 273 30.90 -47.30 -48.62
CA CYS C 273 29.67 -47.19 -47.84
C CYS C 273 30.03 -46.63 -46.47
N PRO C 274 29.06 -46.08 -45.73
CA PRO C 274 29.38 -45.57 -44.40
C PRO C 274 29.73 -46.68 -43.43
N ALA C 275 30.05 -46.30 -42.19
CA ALA C 275 30.49 -47.28 -41.19
C ALA C 275 29.38 -48.27 -40.89
N GLY C 276 29.79 -49.46 -40.44
CA GLY C 276 28.89 -50.51 -40.03
C GLY C 276 28.44 -51.43 -41.13
N MET C 277 28.52 -51.00 -42.38
CA MET C 277 28.05 -51.76 -43.53
C MET C 277 29.15 -51.86 -44.58
N GLU C 278 29.07 -52.90 -45.38
CA GLU C 278 29.89 -53.06 -46.57
C GLU C 278 29.04 -53.66 -47.68
N TYR C 279 29.62 -53.75 -48.87
CA TYR C 279 28.85 -54.08 -50.06
C TYR C 279 28.46 -55.55 -50.07
N ARG C 280 27.19 -55.82 -49.79
CA ARG C 280 26.60 -57.11 -50.10
C ARG C 280 26.26 -57.13 -51.59
N GLN C 281 25.61 -58.20 -52.02
CA GLN C 281 25.07 -58.31 -53.36
C GLN C 281 23.72 -59.00 -53.24
N CYS C 282 22.69 -58.40 -53.84
CA CYS C 282 21.33 -58.91 -53.77
C CYS C 282 20.88 -59.02 -52.31
N VAL C 283 20.75 -57.84 -51.71
CA VAL C 283 20.03 -57.69 -50.44
C VAL C 283 18.63 -57.22 -50.74
N SER C 284 17.68 -57.63 -49.90
CA SER C 284 16.31 -57.19 -50.07
C SER C 284 16.21 -55.70 -49.77
N PRO C 285 15.37 -54.94 -50.51
CA PRO C 285 15.22 -53.52 -50.17
C PRO C 285 14.50 -53.31 -48.86
N CYS C 286 13.61 -54.22 -48.48
CA CYS C 286 12.83 -54.08 -47.25
C CYS C 286 13.66 -54.57 -46.07
N ALA C 287 14.68 -53.79 -45.76
CA ALA C 287 15.58 -54.10 -44.66
C ALA C 287 14.82 -54.06 -43.35
N ARG C 288 14.67 -55.23 -42.72
CA ARG C 288 14.06 -55.30 -41.39
C ARG C 288 14.90 -54.48 -40.43
N THR C 289 14.38 -53.35 -39.98
CA THR C 289 15.07 -52.44 -39.08
C THR C 289 14.54 -52.59 -37.66
N CYS C 290 14.97 -51.68 -36.80
CA CYS C 290 14.64 -51.76 -35.38
C CYS C 290 13.20 -51.35 -35.10
N GLN C 291 12.85 -50.09 -35.37
CA GLN C 291 11.52 -49.57 -35.08
C GLN C 291 10.58 -49.95 -36.23
N SER C 292 10.35 -51.26 -36.34
CA SER C 292 9.63 -51.82 -37.48
C SER C 292 8.53 -52.75 -37.01
N LEU C 293 7.51 -52.83 -37.85
CA LEU C 293 6.37 -53.71 -37.65
C LEU C 293 6.65 -55.03 -38.34
N HIS C 294 6.49 -56.13 -37.59
CA HIS C 294 6.84 -57.46 -38.08
C HIS C 294 5.76 -57.94 -39.04
N ILE C 295 5.88 -57.53 -40.29
CA ILE C 295 4.99 -57.92 -41.37
C ILE C 295 5.83 -58.49 -42.51
N ASN C 296 5.22 -59.42 -43.25
CA ASN C 296 5.90 -60.17 -44.29
C ASN C 296 4.97 -60.34 -45.49
N GLU C 297 5.50 -61.00 -46.52
CA GLU C 297 4.86 -61.28 -47.81
C GLU C 297 4.00 -60.13 -48.32
N MET C 298 4.51 -58.90 -48.16
CA MET C 298 4.15 -57.77 -49.00
C MET C 298 5.30 -57.30 -49.86
N CYS C 299 6.54 -57.51 -49.40
CA CYS C 299 7.72 -57.05 -50.10
C CYS C 299 8.21 -58.15 -51.05
N GLN C 300 7.39 -58.38 -52.08
CA GLN C 300 7.76 -59.28 -53.17
C GLN C 300 8.55 -58.56 -54.27
N GLU C 301 9.11 -57.39 -53.95
CA GLU C 301 9.89 -56.64 -54.92
C GLU C 301 11.12 -57.43 -55.34
N ARG C 302 11.71 -57.02 -56.46
CA ARG C 302 12.91 -57.67 -56.94
C ARG C 302 14.08 -57.38 -56.01
N CYS C 303 15.15 -58.14 -56.19
CA CYS C 303 16.31 -58.10 -55.31
C CYS C 303 17.33 -57.11 -55.86
N VAL C 304 17.92 -56.33 -54.97
CA VAL C 304 18.69 -55.15 -55.35
C VAL C 304 20.05 -55.19 -54.65
N ASP C 305 21.06 -54.66 -55.33
CA ASP C 305 22.40 -54.59 -54.78
C ASP C 305 22.57 -53.36 -53.90
N GLY C 306 23.45 -53.46 -52.93
CA GLY C 306 23.76 -52.37 -52.03
C GLY C 306 24.19 -52.87 -50.68
N CYS C 307 24.93 -52.02 -49.96
CA CYS C 307 25.49 -52.41 -48.68
C CYS C 307 24.43 -52.38 -47.58
N SER C 308 24.58 -53.30 -46.63
CA SER C 308 23.58 -53.52 -45.60
C SER C 308 24.29 -54.06 -44.36
N CYS C 309 23.53 -54.16 -43.26
CA CYS C 309 24.08 -54.50 -41.97
C CYS C 309 24.47 -55.98 -41.90
N PRO C 310 25.15 -56.39 -40.81
CA PRO C 310 25.37 -57.82 -40.58
C PRO C 310 24.09 -58.58 -40.27
N GLU C 311 24.24 -59.86 -39.93
CA GLU C 311 23.08 -60.75 -39.79
C GLU C 311 22.08 -60.20 -38.78
N GLY C 312 22.53 -59.90 -37.56
CA GLY C 312 21.72 -59.19 -36.61
C GLY C 312 21.88 -57.71 -36.86
N GLN C 313 22.20 -56.95 -35.80
CA GLN C 313 22.68 -55.57 -35.92
C GLN C 313 21.72 -54.70 -36.74
N LEU C 314 20.50 -54.58 -36.23
CA LEU C 314 19.43 -53.91 -36.96
C LEU C 314 19.77 -52.43 -37.17
N LEU C 315 19.10 -51.84 -38.16
CA LEU C 315 19.32 -50.44 -38.50
C LEU C 315 18.56 -49.53 -37.56
N ASP C 316 19.18 -48.41 -37.22
CA ASP C 316 18.50 -47.35 -36.47
C ASP C 316 19.19 -46.02 -36.79
N GLU C 317 18.56 -45.24 -37.67
CA GLU C 317 19.03 -43.89 -38.01
C GLU C 317 20.43 -43.93 -38.62
N GLY C 318 20.54 -44.60 -39.76
CA GLY C 318 21.76 -44.56 -40.54
C GLY C 318 22.94 -45.27 -39.94
N LEU C 319 22.73 -46.19 -39.00
CA LEU C 319 23.81 -47.01 -38.48
C LEU C 319 23.25 -48.38 -38.11
N CYS C 320 24.15 -49.35 -38.01
CA CYS C 320 23.80 -50.69 -37.59
C CYS C 320 24.01 -50.81 -36.08
N VAL C 321 23.00 -51.32 -35.38
CA VAL C 321 23.07 -51.46 -33.93
C VAL C 321 22.43 -52.77 -33.52
N GLU C 322 22.96 -53.36 -32.46
CA GLU C 322 22.57 -54.71 -32.05
C GLU C 322 21.11 -54.73 -31.61
N SER C 323 20.47 -55.89 -31.85
CA SER C 323 19.03 -56.03 -31.66
C SER C 323 18.62 -55.79 -30.21
N THR C 324 19.51 -56.07 -29.26
CA THR C 324 19.15 -55.92 -27.84
C THR C 324 18.86 -54.46 -27.51
N GLU C 325 19.60 -53.54 -28.12
CA GLU C 325 19.54 -52.12 -27.77
C GLU C 325 18.54 -51.35 -28.61
N CYS C 326 17.50 -52.02 -29.07
CA CYS C 326 16.40 -51.31 -29.76
C CYS C 326 15.73 -50.31 -28.83
N PRO C 327 15.72 -49.01 -29.15
CA PRO C 327 15.06 -48.03 -28.28
C PRO C 327 13.55 -48.04 -28.47
N CYS C 328 12.89 -47.14 -27.75
CA CYS C 328 11.51 -46.76 -27.99
C CYS C 328 11.50 -45.28 -28.40
N VAL C 329 10.29 -44.73 -28.52
CA VAL C 329 10.11 -43.36 -28.99
C VAL C 329 8.86 -42.78 -28.34
N HIS C 330 8.85 -41.45 -28.19
CA HIS C 330 7.69 -40.76 -27.67
C HIS C 330 7.62 -39.37 -28.25
N SER C 331 6.44 -38.98 -28.73
CA SER C 331 6.14 -37.60 -29.14
C SER C 331 7.16 -37.08 -30.15
N GLY C 332 7.62 -37.96 -31.02
CA GLY C 332 8.58 -37.58 -32.02
C GLY C 332 9.99 -37.40 -31.51
N LYS C 333 10.38 -38.09 -30.44
CA LYS C 333 11.76 -38.12 -30.01
C LYS C 333 12.07 -39.48 -29.39
N ARG C 334 13.34 -39.84 -29.46
CA ARG C 334 13.83 -41.17 -29.10
C ARG C 334 14.24 -41.21 -27.63
N TYR C 335 14.17 -42.41 -27.04
CA TYR C 335 14.66 -42.66 -25.70
C TYR C 335 15.35 -44.02 -25.67
N PRO C 336 16.44 -44.18 -24.90
CA PRO C 336 17.10 -45.49 -24.84
C PRO C 336 16.25 -46.50 -24.11
N PRO C 337 16.64 -47.78 -24.16
CA PRO C 337 15.90 -48.80 -23.41
C PRO C 337 16.19 -48.70 -21.92
N GLY C 338 15.27 -49.25 -21.13
CA GLY C 338 15.38 -49.20 -19.68
C GLY C 338 14.94 -47.89 -19.06
N THR C 339 14.72 -46.84 -19.84
CA THR C 339 14.25 -45.59 -19.28
C THR C 339 12.84 -45.74 -18.73
N SER C 340 12.46 -44.80 -17.88
CA SER C 340 11.13 -44.79 -17.27
C SER C 340 10.62 -43.35 -17.24
N LEU C 341 9.92 -42.96 -18.30
CA LEU C 341 9.19 -41.70 -18.27
C LEU C 341 7.87 -41.92 -17.54
N SER C 342 7.36 -40.83 -16.98
CA SER C 342 6.16 -40.88 -16.15
C SER C 342 5.15 -39.87 -16.65
N ARG C 343 4.01 -40.37 -17.12
CA ARG C 343 2.85 -39.53 -17.28
C ARG C 343 2.38 -39.05 -15.91
N ASP C 344 1.49 -38.07 -15.90
CA ASP C 344 0.85 -37.67 -14.65
C ASP C 344 0.14 -38.85 -14.00
N CYS C 345 -0.40 -39.76 -14.81
CA CYS C 345 -1.23 -40.84 -14.30
C CYS C 345 -0.37 -41.96 -13.72
N ASN C 346 0.63 -42.42 -14.47
CA ASN C 346 1.46 -43.54 -14.04
C ASN C 346 2.76 -43.52 -14.84
N THR C 347 3.52 -44.62 -14.75
CA THR C 347 4.85 -44.74 -15.34
C THR C 347 4.85 -45.78 -16.46
N CYS C 348 5.85 -45.66 -17.33
CA CYS C 348 6.02 -46.59 -18.44
C CYS C 348 7.50 -46.74 -18.74
N ILE C 349 7.91 -47.95 -19.13
CA ILE C 349 9.32 -48.33 -19.25
C ILE C 349 9.55 -49.00 -20.59
N CYS C 350 10.67 -48.65 -21.24
CA CYS C 350 10.99 -49.16 -22.56
C CYS C 350 11.72 -50.49 -22.48
N ARG C 351 11.19 -51.49 -23.18
CA ARG C 351 11.81 -52.81 -23.25
C ARG C 351 11.45 -53.42 -24.59
N ASN C 352 12.45 -53.61 -25.45
CA ASN C 352 12.27 -54.24 -26.76
C ASN C 352 11.31 -53.43 -27.64
N SER C 353 11.56 -52.12 -27.71
CA SER C 353 10.76 -51.20 -28.51
C SER C 353 9.29 -51.21 -28.11
N GLN C 354 8.98 -51.54 -26.86
CA GLN C 354 7.60 -51.65 -26.40
C GLN C 354 7.52 -51.10 -24.98
N TRP C 355 7.01 -49.88 -24.85
CA TRP C 355 6.74 -49.33 -23.53
C TRP C 355 5.74 -50.20 -22.80
N ILE C 356 6.14 -50.72 -21.66
CA ILE C 356 5.22 -51.40 -20.76
C ILE C 356 4.59 -50.34 -19.86
N CYS C 357 3.35 -50.56 -19.44
CA CYS C 357 2.63 -49.55 -18.68
C CYS C 357 1.68 -50.21 -17.69
N SER C 358 1.43 -49.50 -16.59
CA SER C 358 0.41 -49.89 -15.62
C SER C 358 -0.94 -49.30 -16.03
N ASN C 359 -1.99 -49.84 -15.43
CA ASN C 359 -3.37 -49.41 -15.69
C ASN C 359 -4.07 -48.98 -14.41
N GLU C 360 -3.32 -48.44 -13.45
CA GLU C 360 -3.89 -48.00 -12.20
C GLU C 360 -4.56 -46.64 -12.34
N GLU C 361 -5.74 -46.51 -11.76
CA GLU C 361 -6.55 -45.31 -11.92
C GLU C 361 -5.81 -44.09 -11.36
N CYS C 362 -6.25 -42.92 -11.81
CA CYS C 362 -5.63 -41.65 -11.44
C CYS C 362 -6.70 -40.58 -11.43
N PRO C 363 -6.55 -39.52 -10.64
CA PRO C 363 -7.69 -38.67 -10.31
C PRO C 363 -8.20 -37.86 -11.49
N GLY C 364 -9.50 -37.62 -11.48
CA GLY C 364 -10.15 -36.85 -12.51
C GLY C 364 -10.31 -35.40 -12.12
N GLU C 365 -10.75 -34.61 -13.09
CA GLU C 365 -10.86 -33.16 -12.91
C GLU C 365 -12.01 -32.67 -13.78
N CYS C 366 -13.19 -32.50 -13.20
CA CYS C 366 -14.19 -31.67 -13.85
C CYS C 366 -13.77 -30.22 -13.75
N LEU C 367 -14.15 -29.42 -14.74
CA LEU C 367 -13.72 -28.03 -14.81
C LEU C 367 -14.84 -27.20 -15.40
N VAL C 368 -15.04 -26.02 -14.83
CA VAL C 368 -15.87 -24.97 -15.41
C VAL C 368 -15.00 -23.73 -15.51
N THR C 369 -15.17 -22.97 -16.57
CA THR C 369 -14.37 -21.76 -16.76
C THR C 369 -15.03 -20.90 -17.82
N GLY C 370 -14.36 -19.79 -18.13
CA GLY C 370 -14.78 -18.90 -19.19
C GLY C 370 -16.21 -18.49 -19.04
N GLN C 371 -16.96 -18.61 -20.13
CA GLN C 371 -18.39 -18.41 -20.08
C GLN C 371 -19.09 -19.69 -19.63
N SER C 372 -19.06 -20.70 -20.48
CA SER C 372 -19.91 -21.88 -20.30
C SER C 372 -19.19 -23.16 -20.66
N HIS C 373 -17.87 -23.12 -20.72
CA HIS C 373 -17.08 -24.23 -21.24
C HIS C 373 -16.80 -25.21 -20.12
N PHE C 374 -17.28 -26.44 -20.29
CA PHE C 374 -17.13 -27.49 -19.30
C PHE C 374 -16.06 -28.47 -19.73
N LYS C 375 -15.63 -29.27 -18.76
CA LYS C 375 -14.77 -30.42 -18.98
C LYS C 375 -15.25 -31.54 -18.08
N SER C 376 -15.44 -32.73 -18.64
CA SER C 376 -15.87 -33.85 -17.85
C SER C 376 -14.68 -34.47 -17.14
N PHE C 377 -14.97 -35.42 -16.25
CA PHE C 377 -13.91 -36.17 -15.61
C PHE C 377 -13.14 -36.99 -16.62
N ASP C 378 -13.81 -37.46 -17.67
CA ASP C 378 -13.22 -38.31 -18.69
C ASP C 378 -12.57 -37.49 -19.81
N ASN C 379 -12.14 -36.26 -19.51
CA ASN C 379 -11.40 -35.40 -20.42
C ASN C 379 -12.21 -35.03 -21.66
N ARG C 380 -13.54 -35.07 -21.57
CA ARG C 380 -14.39 -34.51 -22.61
C ARG C 380 -14.47 -33.01 -22.45
N TYR C 381 -14.67 -32.33 -23.57
CA TYR C 381 -15.02 -30.92 -23.59
C TYR C 381 -16.38 -30.75 -24.25
N PHE C 382 -17.13 -29.75 -23.80
CA PHE C 382 -18.39 -29.37 -24.43
C PHE C 382 -18.80 -28.01 -23.87
N THR C 383 -20.03 -27.61 -24.18
CA THR C 383 -20.55 -26.30 -23.84
C THR C 383 -22.06 -26.42 -23.70
N PHE C 384 -22.62 -25.70 -22.71
CA PHE C 384 -24.07 -25.69 -22.52
C PHE C 384 -24.44 -24.40 -21.82
N SER C 385 -24.99 -23.45 -22.57
CA SER C 385 -25.29 -22.12 -22.06
C SER C 385 -26.73 -22.05 -21.56
N GLY C 386 -26.98 -22.80 -20.50
CA GLY C 386 -28.25 -22.77 -19.80
C GLY C 386 -28.20 -21.82 -18.61
N ILE C 387 -29.36 -21.29 -18.26
CA ILE C 387 -29.50 -20.31 -17.18
C ILE C 387 -30.48 -20.90 -16.17
N CYS C 388 -29.94 -21.62 -15.19
CA CYS C 388 -30.72 -22.12 -14.07
C CYS C 388 -29.72 -22.62 -13.03
N GLN C 389 -30.21 -23.31 -12.01
CA GLN C 389 -29.36 -24.03 -11.06
C GLN C 389 -29.22 -25.46 -11.56
N TYR C 390 -28.04 -25.78 -12.08
CA TYR C 390 -27.72 -27.10 -12.57
C TYR C 390 -26.88 -27.87 -11.56
N LEU C 391 -27.00 -29.19 -11.59
CA LEU C 391 -26.11 -30.06 -10.84
C LEU C 391 -24.79 -30.12 -11.61
N LEU C 392 -23.70 -30.29 -10.88
CA LEU C 392 -22.38 -30.44 -11.49
C LEU C 392 -21.78 -31.80 -11.16
N ALA C 393 -21.92 -32.24 -9.93
CA ALA C 393 -21.42 -33.54 -9.52
C ALA C 393 -22.18 -34.01 -8.30
N ARG C 394 -22.10 -35.31 -8.05
CA ARG C 394 -22.87 -35.93 -6.98
C ARG C 394 -22.37 -37.35 -6.83
N ASP C 395 -22.26 -37.80 -5.58
CA ASP C 395 -22.03 -39.21 -5.31
C ASP C 395 -23.37 -39.92 -5.37
N CYS C 396 -23.44 -41.02 -6.11
CA CYS C 396 -24.70 -41.51 -6.63
C CYS C 396 -25.05 -42.94 -6.22
N GLN C 397 -24.14 -43.67 -5.57
CA GLN C 397 -24.48 -44.93 -4.94
C GLN C 397 -24.64 -44.79 -3.42
N ASP C 398 -23.78 -44.00 -2.79
CA ASP C 398 -24.10 -43.33 -1.53
C ASP C 398 -24.04 -41.83 -1.80
N HIS C 399 -24.27 -41.04 -0.76
CA HIS C 399 -24.53 -39.61 -0.90
C HIS C 399 -23.57 -38.80 -0.05
N SER C 400 -22.28 -39.08 -0.22
CA SER C 400 -21.24 -38.38 0.54
C SER C 400 -21.21 -36.88 0.26
N PHE C 401 -21.64 -36.45 -0.92
CA PHE C 401 -21.67 -35.02 -1.23
C PHE C 401 -22.56 -34.79 -2.44
N SER C 402 -22.69 -33.51 -2.80
CA SER C 402 -23.41 -33.09 -3.99
C SER C 402 -23.11 -31.63 -4.26
N ILE C 403 -22.71 -31.30 -5.48
CA ILE C 403 -22.36 -29.94 -5.88
C ILE C 403 -23.41 -29.46 -6.87
N VAL C 404 -23.68 -28.15 -6.81
CA VAL C 404 -24.71 -27.52 -7.61
C VAL C 404 -24.18 -26.19 -8.11
N ILE C 405 -24.06 -26.05 -9.41
CA ILE C 405 -23.69 -24.79 -10.03
C ILE C 405 -24.94 -23.94 -10.21
N GLU C 406 -24.73 -22.64 -10.43
CA GLU C 406 -25.82 -21.72 -10.75
C GLU C 406 -25.32 -20.79 -11.85
N THR C 407 -25.99 -20.81 -12.98
CA THR C 407 -25.60 -20.09 -14.18
C THR C 407 -26.50 -18.89 -14.40
N VAL C 408 -25.91 -17.82 -14.92
CA VAL C 408 -26.65 -16.61 -15.30
C VAL C 408 -26.05 -16.05 -16.57
N GLN C 409 -26.87 -15.36 -17.34
CA GLN C 409 -26.31 -14.49 -18.37
C GLN C 409 -25.41 -13.47 -17.71
N CYS C 410 -24.37 -13.08 -18.44
CA CYS C 410 -23.22 -12.41 -17.85
C CYS C 410 -22.70 -11.27 -18.70
N ALA C 411 -23.41 -10.90 -19.75
CA ALA C 411 -23.07 -9.74 -20.58
C ALA C 411 -24.27 -9.50 -21.48
N ASP C 412 -24.13 -8.54 -22.40
CA ASP C 412 -25.27 -8.13 -23.22
C ASP C 412 -25.72 -9.25 -24.14
N ASP C 413 -24.78 -9.95 -24.76
CA ASP C 413 -25.12 -11.04 -25.66
C ASP C 413 -25.92 -12.12 -24.95
N ARG C 414 -26.61 -12.93 -25.74
CA ARG C 414 -27.27 -14.12 -25.23
C ARG C 414 -26.33 -15.31 -25.14
N ASP C 415 -25.26 -15.32 -25.93
CA ASP C 415 -24.26 -16.39 -25.90
C ASP C 415 -23.12 -16.03 -24.95
N ALA C 416 -23.47 -15.66 -23.71
CA ALA C 416 -22.50 -15.36 -22.68
C ALA C 416 -23.17 -15.67 -21.35
N VAL C 417 -22.85 -16.85 -20.80
CA VAL C 417 -23.54 -17.38 -19.63
C VAL C 417 -22.44 -17.85 -18.68
N CYS C 418 -22.01 -16.96 -17.78
CA CYS C 418 -20.94 -17.26 -16.85
C CYS C 418 -21.52 -17.79 -15.54
N THR C 419 -20.62 -18.29 -14.71
CA THR C 419 -20.99 -18.86 -13.43
C THR C 419 -20.98 -17.77 -12.37
N ARG C 420 -22.02 -17.75 -11.55
CA ARG C 420 -22.16 -16.80 -10.45
C ARG C 420 -21.74 -17.41 -9.13
N SER C 421 -22.35 -18.54 -8.77
CA SER C 421 -22.16 -19.14 -7.46
C SER C 421 -22.35 -20.64 -7.58
N VAL C 422 -21.61 -21.37 -6.77
CA VAL C 422 -21.75 -22.81 -6.65
C VAL C 422 -22.07 -23.14 -5.20
N THR C 423 -22.89 -24.17 -5.02
CA THR C 423 -23.30 -24.65 -3.70
C THR C 423 -22.72 -26.04 -3.47
N VAL C 424 -22.31 -26.29 -2.24
CA VAL C 424 -21.77 -27.57 -1.82
C VAL C 424 -22.58 -28.06 -0.64
N ARG C 425 -22.67 -29.37 -0.50
CA ARG C 425 -23.52 -30.00 0.49
C ARG C 425 -22.84 -31.25 1.01
N LEU C 426 -22.76 -31.36 2.34
CA LEU C 426 -22.12 -32.48 3.01
C LEU C 426 -23.10 -33.13 3.97
N PRO C 427 -23.81 -34.19 3.57
CA PRO C 427 -24.65 -34.91 4.54
C PRO C 427 -23.89 -35.53 5.70
N GLY C 428 -22.56 -35.61 5.62
CA GLY C 428 -21.79 -36.20 6.70
C GLY C 428 -21.49 -35.27 7.86
N LEU C 429 -21.76 -33.97 7.72
CA LEU C 429 -21.50 -32.99 8.77
C LEU C 429 -22.68 -32.04 8.84
N HIS C 430 -23.62 -32.31 9.76
CA HIS C 430 -24.79 -31.46 10.03
C HIS C 430 -25.78 -31.47 8.87
N ASN C 431 -25.47 -32.13 7.75
CA ASN C 431 -26.13 -31.88 6.49
C ASN C 431 -26.14 -30.37 6.20
N SER C 432 -24.96 -29.78 6.30
CA SER C 432 -24.79 -28.34 6.18
C SER C 432 -24.93 -27.93 4.72
N LEU C 433 -24.64 -26.66 4.42
CA LEU C 433 -24.82 -26.13 3.08
C LEU C 433 -23.83 -24.98 2.91
N VAL C 434 -22.75 -25.25 2.23
CA VAL C 434 -21.73 -24.27 1.93
C VAL C 434 -22.10 -23.57 0.64
N LYS C 435 -21.66 -22.32 0.49
CA LYS C 435 -21.97 -21.54 -0.69
C LYS C 435 -20.77 -20.67 -1.02
N LEU C 436 -20.16 -20.93 -2.16
CA LEU C 436 -19.12 -20.07 -2.70
C LEU C 436 -19.79 -18.96 -3.48
N LYS C 437 -19.37 -17.72 -3.22
CA LYS C 437 -20.06 -16.56 -3.73
C LYS C 437 -19.21 -15.85 -4.79
N HIS C 438 -19.78 -14.83 -5.42
CA HIS C 438 -19.19 -14.26 -6.62
C HIS C 438 -17.91 -13.50 -6.35
N GLY C 439 -17.64 -13.15 -5.10
CA GLY C 439 -16.32 -12.72 -4.70
C GLY C 439 -15.48 -13.92 -4.36
N ALA C 440 -14.49 -13.70 -3.49
CA ALA C 440 -13.76 -14.80 -2.86
C ALA C 440 -14.38 -15.21 -1.53
N GLY C 441 -15.68 -14.99 -1.36
CA GLY C 441 -16.33 -15.24 -0.10
C GLY C 441 -17.03 -16.58 -0.05
N VAL C 442 -17.32 -16.99 1.18
CA VAL C 442 -17.99 -18.26 1.45
C VAL C 442 -19.03 -18.01 2.53
N ALA C 443 -20.04 -18.87 2.58
CA ALA C 443 -21.13 -18.72 3.53
C ALA C 443 -21.64 -20.10 3.92
N MET C 444 -21.52 -20.44 5.20
CA MET C 444 -22.08 -21.66 5.74
C MET C 444 -23.43 -21.35 6.37
N ASP C 445 -24.49 -21.90 5.79
CA ASP C 445 -25.84 -21.77 6.32
C ASP C 445 -26.23 -20.31 6.49
N GLY C 446 -25.88 -19.49 5.50
CA GLY C 446 -26.21 -18.08 5.51
C GLY C 446 -25.19 -17.19 6.20
N GLN C 447 -24.32 -17.76 7.02
CA GLN C 447 -23.37 -16.99 7.81
C GLN C 447 -22.07 -16.82 7.03
N ASP C 448 -21.66 -15.57 6.82
CA ASP C 448 -20.34 -15.31 6.27
C ASP C 448 -19.26 -15.79 7.25
N VAL C 449 -18.09 -16.07 6.72
CA VAL C 449 -17.04 -16.77 7.45
C VAL C 449 -15.68 -16.22 7.05
N GLN C 450 -14.81 -16.03 8.04
CA GLN C 450 -13.41 -15.69 7.78
C GLN C 450 -12.63 -16.96 7.50
N LEU C 451 -11.68 -16.84 6.59
CA LEU C 451 -10.83 -17.97 6.26
C LEU C 451 -9.56 -17.92 7.13
N PRO C 452 -9.01 -19.06 7.56
CA PRO C 452 -9.46 -20.46 7.41
C PRO C 452 -10.64 -20.90 8.27
N LEU C 453 -11.14 -22.09 7.96
CA LEU C 453 -12.34 -22.66 8.57
C LEU C 453 -12.13 -24.15 8.89
N LEU C 454 -11.13 -24.47 9.70
CA LEU C 454 -10.90 -25.84 10.15
C LEU C 454 -12.06 -26.26 11.03
N LYS C 455 -13.03 -26.94 10.44
CA LYS C 455 -13.92 -27.85 11.12
C LYS C 455 -13.23 -29.21 11.10
N GLY C 456 -13.88 -30.24 11.63
CA GLY C 456 -13.35 -31.60 11.63
C GLY C 456 -12.72 -32.08 10.33
N ASP C 457 -13.53 -32.21 9.27
CA ASP C 457 -13.04 -32.76 8.02
C ASP C 457 -12.62 -31.68 7.03
N LEU C 458 -13.54 -30.79 6.66
CA LEU C 458 -13.28 -29.88 5.55
C LEU C 458 -12.45 -28.68 5.97
N ARG C 459 -11.45 -28.38 5.16
CA ARG C 459 -10.63 -27.19 5.29
C ARG C 459 -10.94 -26.24 4.15
N ILE C 460 -11.08 -24.97 4.47
CA ILE C 460 -11.27 -23.92 3.49
C ILE C 460 -10.24 -22.85 3.80
N GLN C 461 -9.40 -22.53 2.83
CA GLN C 461 -8.40 -21.48 3.02
C GLN C 461 -8.08 -20.86 1.68
N HIS C 462 -7.60 -19.62 1.74
CA HIS C 462 -7.08 -18.99 0.55
C HIS C 462 -5.86 -19.75 0.04
N THR C 463 -5.52 -19.50 -1.23
CA THR C 463 -4.44 -20.18 -1.91
C THR C 463 -3.33 -19.20 -2.27
N VAL C 464 -3.67 -18.14 -2.99
CA VAL C 464 -2.79 -17.01 -3.27
C VAL C 464 -3.30 -15.75 -2.59
N THR C 465 -4.22 -15.90 -1.62
CA THR C 465 -5.01 -14.79 -1.07
C THR C 465 -5.88 -14.13 -2.15
N ALA C 466 -6.17 -14.86 -3.23
CA ALA C 466 -7.11 -14.39 -4.25
C ALA C 466 -8.00 -15.53 -4.74
N SER C 467 -8.01 -16.67 -4.05
CA SER C 467 -8.76 -17.83 -4.52
C SER C 467 -8.95 -18.86 -3.43
N VAL C 468 -10.18 -19.23 -3.19
CA VAL C 468 -10.56 -20.15 -2.13
C VAL C 468 -10.21 -21.57 -2.56
N ARG C 469 -10.03 -22.45 -1.58
CA ARG C 469 -9.74 -23.87 -1.82
C ARG C 469 -10.36 -24.71 -0.72
N LEU C 470 -11.53 -25.29 -1.01
CA LEU C 470 -12.13 -26.26 -0.12
C LEU C 470 -11.34 -27.56 -0.17
N SER C 471 -11.35 -28.29 0.94
CA SER C 471 -10.71 -29.61 0.98
C SER C 471 -11.41 -30.48 2.01
N TYR C 472 -12.37 -31.27 1.56
CA TYR C 472 -13.07 -32.23 2.42
C TYR C 472 -12.33 -33.55 2.38
N GLY C 473 -11.93 -34.04 3.55
CA GLY C 473 -11.20 -35.29 3.62
C GLY C 473 -9.89 -35.18 2.87
N GLU C 474 -9.53 -36.28 2.19
CA GLU C 474 -8.41 -36.34 1.27
C GLU C 474 -8.84 -36.73 -0.14
N ASP C 475 -10.16 -36.82 -0.37
CA ASP C 475 -10.69 -37.31 -1.63
C ASP C 475 -11.52 -36.24 -2.34
N LEU C 476 -11.21 -34.96 -2.13
CA LEU C 476 -12.03 -33.88 -2.64
C LEU C 476 -11.28 -32.56 -2.54
N GLN C 477 -11.24 -31.79 -3.62
CA GLN C 477 -10.78 -30.41 -3.61
C GLN C 477 -11.73 -29.58 -4.45
N MET C 478 -11.48 -28.27 -4.47
CA MET C 478 -12.31 -27.32 -5.19
C MET C 478 -11.39 -26.18 -5.64
N ASP C 479 -11.99 -25.10 -6.12
CA ASP C 479 -11.24 -23.91 -6.48
C ASP C 479 -12.24 -22.77 -6.64
N TRP C 480 -11.74 -21.57 -6.92
CA TRP C 480 -12.54 -20.35 -6.75
C TRP C 480 -13.69 -20.28 -7.74
N ASP C 481 -14.85 -19.82 -7.23
CA ASP C 481 -16.04 -19.54 -8.02
C ASP C 481 -16.38 -18.06 -7.98
N GLY C 482 -15.37 -17.20 -7.85
CA GLY C 482 -15.65 -15.79 -7.85
C GLY C 482 -16.10 -15.27 -9.20
N ARG C 483 -15.16 -15.23 -10.15
CA ARG C 483 -15.46 -14.94 -11.55
C ARG C 483 -15.60 -16.21 -12.39
N GLY C 484 -15.85 -17.36 -11.77
CA GLY C 484 -16.18 -18.56 -12.52
C GLY C 484 -15.04 -19.34 -13.14
N ARG C 485 -14.19 -19.96 -12.30
CA ARG C 485 -13.23 -20.97 -12.74
C ARG C 485 -13.27 -22.16 -11.78
N LEU C 486 -14.46 -22.71 -11.58
CA LEU C 486 -14.61 -23.84 -10.69
C LEU C 486 -13.83 -25.05 -11.19
N LEU C 487 -13.15 -25.73 -10.25
CA LEU C 487 -12.48 -27.00 -10.49
C LEU C 487 -12.95 -28.01 -9.46
N VAL C 488 -12.54 -29.27 -9.65
CA VAL C 488 -12.69 -30.31 -8.64
C VAL C 488 -11.47 -31.22 -8.73
N LYS C 489 -11.30 -32.06 -7.72
CA LYS C 489 -10.33 -33.14 -7.72
C LYS C 489 -10.96 -34.32 -6.99
N LEU C 490 -11.26 -35.37 -7.73
CA LEU C 490 -11.83 -36.59 -7.16
C LEU C 490 -10.80 -37.70 -7.28
N SER C 491 -10.56 -38.40 -6.19
CA SER C 491 -9.63 -39.52 -6.18
C SER C 491 -10.35 -40.80 -6.63
N PRO C 492 -9.59 -41.83 -7.03
CA PRO C 492 -10.24 -43.03 -7.61
C PRO C 492 -11.14 -43.83 -6.68
N VAL C 493 -11.33 -43.42 -5.43
CA VAL C 493 -12.30 -44.10 -4.60
C VAL C 493 -13.71 -43.88 -5.12
N TYR C 494 -13.94 -42.82 -5.89
CA TYR C 494 -15.23 -42.52 -6.49
C TYR C 494 -15.34 -43.05 -7.92
N ALA C 495 -14.63 -44.13 -8.23
CA ALA C 495 -14.59 -44.67 -9.59
C ALA C 495 -15.97 -45.08 -10.07
N GLY C 496 -16.51 -44.34 -11.03
CA GLY C 496 -17.73 -44.72 -11.71
C GLY C 496 -18.99 -44.58 -10.89
N LYS C 497 -18.93 -44.04 -9.69
CA LYS C 497 -20.07 -43.98 -8.78
C LYS C 497 -20.51 -42.55 -8.52
N THR C 498 -20.40 -41.69 -9.53
CA THR C 498 -20.96 -40.34 -9.49
C THR C 498 -21.80 -40.13 -10.72
N CYS C 499 -22.66 -39.11 -10.66
CA CYS C 499 -23.56 -38.81 -11.77
C CYS C 499 -23.87 -37.33 -11.76
N GLY C 500 -23.68 -36.71 -12.92
CA GLY C 500 -23.89 -35.28 -13.07
C GLY C 500 -23.44 -34.83 -14.44
N LEU C 501 -23.39 -33.52 -14.61
CA LEU C 501 -22.90 -32.96 -15.87
C LEU C 501 -21.47 -33.38 -16.16
N CYS C 502 -20.68 -33.60 -15.12
CA CYS C 502 -19.27 -33.92 -15.28
C CYS C 502 -19.04 -35.40 -15.60
N GLY C 503 -20.08 -36.22 -15.56
CA GLY C 503 -20.00 -37.57 -16.06
C GLY C 503 -19.77 -38.60 -14.97
N ASN C 504 -19.54 -39.83 -15.42
CA ASN C 504 -19.50 -40.97 -14.54
C ASN C 504 -18.19 -41.11 -13.78
N TYR C 505 -17.10 -40.52 -14.27
CA TYR C 505 -15.76 -40.78 -13.76
C TYR C 505 -15.45 -42.28 -13.87
N ASN C 506 -15.50 -42.76 -15.12
CA ASN C 506 -15.27 -44.16 -15.45
C ASN C 506 -14.23 -44.34 -16.55
N GLY C 507 -13.55 -43.27 -16.95
CA GLY C 507 -12.67 -43.31 -18.08
C GLY C 507 -13.35 -43.09 -19.42
N ASN C 508 -14.49 -43.71 -19.66
CA ASN C 508 -15.13 -43.67 -20.96
C ASN C 508 -15.61 -42.25 -21.27
N GLN C 509 -15.06 -41.68 -22.34
CA GLN C 509 -15.35 -40.31 -22.75
C GLN C 509 -16.69 -40.19 -23.46
N GLY C 510 -17.30 -41.30 -23.87
CA GLY C 510 -18.46 -41.24 -24.73
C GLY C 510 -19.78 -41.19 -24.00
N ASP C 511 -19.91 -41.98 -22.94
CA ASP C 511 -21.16 -42.08 -22.22
C ASP C 511 -21.54 -40.81 -21.48
N ASP C 512 -20.64 -39.83 -21.38
CA ASP C 512 -20.82 -38.70 -20.47
C ASP C 512 -22.09 -37.90 -20.75
N PHE C 513 -22.65 -37.97 -21.95
CA PHE C 513 -23.96 -37.39 -22.18
C PHE C 513 -25.06 -38.37 -21.76
N LEU C 514 -25.01 -38.89 -20.54
CA LEU C 514 -26.04 -39.78 -20.04
C LEU C 514 -26.92 -38.99 -19.06
N THR C 515 -28.14 -38.72 -19.50
CA THR C 515 -29.15 -38.07 -18.69
C THR C 515 -29.39 -38.86 -17.40
N PRO C 516 -30.02 -38.25 -16.38
CA PRO C 516 -30.38 -39.05 -15.19
C PRO C 516 -31.30 -40.20 -15.49
N SER C 517 -32.06 -40.14 -16.58
CA SER C 517 -32.92 -41.25 -16.97
C SER C 517 -32.15 -42.39 -17.63
N GLY C 518 -30.83 -42.40 -17.58
CA GLY C 518 -30.05 -43.58 -17.87
C GLY C 518 -29.93 -43.94 -19.34
N LEU C 519 -29.48 -42.99 -20.16
CA LEU C 519 -29.30 -43.25 -21.58
C LEU C 519 -28.44 -42.15 -22.18
N ALA C 520 -27.56 -42.52 -23.09
CA ALA C 520 -26.63 -41.57 -23.67
C ALA C 520 -27.30 -40.72 -24.74
N GLU C 521 -27.35 -39.42 -24.52
CA GLU C 521 -27.99 -38.48 -25.42
C GLU C 521 -26.97 -37.90 -26.41
N PRO C 522 -27.27 -37.76 -27.70
CA PRO C 522 -26.31 -37.12 -28.61
C PRO C 522 -26.34 -35.60 -28.63
N ARG C 523 -27.51 -35.00 -28.41
CA ARG C 523 -27.68 -33.56 -28.51
C ARG C 523 -27.43 -32.96 -27.13
N VAL C 524 -26.38 -32.13 -27.04
CA VAL C 524 -25.99 -31.54 -25.75
C VAL C 524 -27.11 -30.71 -25.17
N GLU C 525 -27.92 -30.08 -26.03
CA GLU C 525 -29.02 -29.26 -25.57
C GLU C 525 -30.07 -30.06 -24.81
N ASP C 526 -30.05 -31.39 -24.90
CA ASP C 526 -30.89 -32.26 -24.10
C ASP C 526 -30.20 -32.69 -22.81
N PHE C 527 -28.87 -32.70 -22.79
CA PHE C 527 -28.16 -33.20 -21.63
C PHE C 527 -28.16 -32.17 -20.52
N GLY C 528 -27.73 -30.94 -20.81
CA GLY C 528 -27.62 -29.94 -19.77
C GLY C 528 -28.95 -29.60 -19.15
N ASN C 529 -29.98 -29.45 -19.97
CA ASN C 529 -31.30 -29.14 -19.45
C ASN C 529 -31.93 -30.33 -18.73
N ALA C 530 -31.33 -31.52 -18.83
CA ALA C 530 -31.79 -32.67 -18.07
C ALA C 530 -31.28 -32.68 -16.63
N TRP C 531 -30.32 -31.81 -16.30
CA TRP C 531 -29.78 -31.68 -14.96
C TRP C 531 -30.17 -30.37 -14.29
N LYS C 532 -31.16 -29.66 -14.80
CA LYS C 532 -31.62 -28.43 -14.14
C LYS C 532 -32.41 -28.79 -12.89
N LEU C 533 -32.53 -27.82 -11.98
CA LEU C 533 -33.15 -28.04 -10.68
C LEU C 533 -34.52 -27.36 -10.52
N HIS C 534 -34.85 -26.38 -11.35
CA HIS C 534 -36.10 -25.65 -11.25
C HIS C 534 -36.88 -25.75 -12.55
N GLY C 535 -38.14 -26.15 -12.46
CA GLY C 535 -38.96 -26.33 -13.64
C GLY C 535 -39.29 -25.04 -14.36
N ASP C 536 -39.36 -23.93 -13.63
CA ASP C 536 -39.68 -22.65 -14.24
C ASP C 536 -38.61 -22.17 -15.21
N CYS C 537 -37.39 -22.66 -15.07
CA CYS C 537 -36.30 -22.21 -15.94
C CYS C 537 -36.56 -22.64 -17.38
N GLN C 538 -36.25 -21.76 -18.32
CA GLN C 538 -36.40 -22.06 -19.73
C GLN C 538 -35.26 -22.96 -20.19
N ASP C 539 -35.61 -24.13 -20.72
CA ASP C 539 -34.64 -24.93 -21.43
C ASP C 539 -34.39 -24.33 -22.80
N LEU C 540 -33.12 -24.34 -23.21
CA LEU C 540 -32.77 -23.78 -24.51
C LEU C 540 -33.02 -24.80 -25.61
N GLN C 541 -32.88 -24.34 -26.85
CA GLN C 541 -33.14 -25.15 -28.03
C GLN C 541 -31.95 -25.25 -28.97
N LYS C 542 -31.03 -24.28 -28.94
CA LYS C 542 -29.86 -24.32 -29.80
C LYS C 542 -28.68 -23.70 -29.07
N GLN C 543 -27.55 -24.40 -29.09
CA GLN C 543 -26.28 -23.89 -28.58
C GLN C 543 -25.49 -23.36 -29.76
N HIS C 544 -25.37 -22.04 -29.85
CA HIS C 544 -24.66 -21.43 -30.96
C HIS C 544 -23.16 -21.58 -30.76
N SER C 545 -22.44 -21.61 -31.89
CA SER C 545 -21.02 -21.87 -31.92
C SER C 545 -20.19 -20.67 -32.36
N ASP C 546 -20.80 -19.68 -33.00
CA ASP C 546 -20.09 -18.52 -33.54
C ASP C 546 -20.86 -17.27 -33.17
N PRO C 547 -20.80 -16.84 -31.91
CA PRO C 547 -21.40 -15.56 -31.53
C PRO C 547 -20.66 -14.36 -32.07
N CYS C 548 -19.48 -14.55 -32.67
CA CYS C 548 -18.80 -13.49 -33.37
C CYS C 548 -19.61 -12.95 -34.54
N ALA C 549 -20.61 -13.69 -35.02
CA ALA C 549 -21.53 -13.17 -36.01
C ALA C 549 -22.35 -12.01 -35.45
N LEU C 550 -22.88 -12.17 -34.24
CA LEU C 550 -23.63 -11.10 -33.59
C LEU C 550 -22.76 -9.93 -33.17
N ASN C 551 -21.44 -10.08 -33.23
CA ASN C 551 -20.50 -8.98 -32.98
C ASN C 551 -19.39 -9.08 -34.01
N PRO C 552 -19.65 -8.67 -35.25
CA PRO C 552 -18.62 -8.78 -36.29
C PRO C 552 -17.37 -7.97 -36.03
N ARG C 553 -17.42 -7.01 -35.11
CA ARG C 553 -16.28 -6.16 -34.84
C ARG C 553 -15.11 -6.95 -34.25
N MET C 554 -15.41 -7.97 -33.45
CA MET C 554 -14.39 -8.74 -32.76
C MET C 554 -13.84 -9.90 -33.57
N THR C 555 -14.25 -10.03 -34.83
CA THR C 555 -13.86 -11.21 -35.61
C THR C 555 -12.37 -11.18 -35.92
N ARG C 556 -11.87 -10.02 -36.32
CA ARG C 556 -10.44 -9.84 -36.52
C ARG C 556 -9.68 -10.13 -35.22
N PHE C 557 -9.99 -9.36 -34.18
CA PHE C 557 -9.24 -9.43 -32.93
C PHE C 557 -9.21 -10.83 -32.34
N SER C 558 -10.30 -11.58 -32.47
CA SER C 558 -10.32 -12.94 -31.94
C SER C 558 -9.38 -13.86 -32.70
N GLU C 559 -8.93 -13.47 -33.88
CA GLU C 559 -7.98 -14.29 -34.63
C GLU C 559 -6.56 -14.05 -34.14
N GLU C 560 -6.06 -12.81 -34.26
CA GLU C 560 -4.69 -12.53 -33.87
C GLU C 560 -4.48 -12.71 -32.36
N ALA C 561 -5.53 -12.53 -31.56
CA ALA C 561 -5.35 -12.56 -30.12
C ALA C 561 -4.95 -13.95 -29.65
N CYS C 562 -5.83 -14.93 -29.85
CA CYS C 562 -5.56 -16.30 -29.48
C CYS C 562 -4.81 -17.07 -30.56
N ALA C 563 -4.19 -16.37 -31.52
CA ALA C 563 -3.21 -17.01 -32.38
C ALA C 563 -1.89 -17.26 -31.66
N VAL C 564 -1.66 -16.59 -30.52
CA VAL C 564 -0.48 -16.89 -29.73
C VAL C 564 -0.59 -18.26 -29.06
N LEU C 565 -1.80 -18.77 -28.91
CA LEU C 565 -1.99 -20.08 -28.30
C LEU C 565 -1.27 -21.18 -29.07
N THR C 566 -1.16 -21.03 -30.39
CA THR C 566 -0.42 -21.96 -31.23
C THR C 566 0.99 -21.49 -31.56
N SER C 567 1.26 -20.18 -31.41
CA SER C 567 2.60 -19.64 -31.54
C SER C 567 3.57 -20.41 -30.62
N PRO C 568 4.88 -20.45 -30.96
CA PRO C 568 5.77 -21.33 -30.19
C PRO C 568 6.05 -20.88 -28.76
N THR C 569 5.40 -19.82 -28.30
CA THR C 569 5.41 -19.51 -26.88
C THR C 569 4.92 -20.71 -26.07
N PHE C 570 3.90 -21.40 -26.56
CA PHE C 570 3.37 -22.61 -25.95
C PHE C 570 3.90 -23.87 -26.63
N GLU C 571 5.07 -23.78 -27.28
CA GLU C 571 5.66 -24.92 -27.96
C GLU C 571 5.88 -26.10 -27.02
N ALA C 572 6.08 -25.82 -25.74
CA ALA C 572 6.49 -26.85 -24.79
C ALA C 572 5.36 -27.79 -24.40
N CYS C 573 4.09 -27.41 -24.60
CA CYS C 573 2.97 -28.24 -24.15
C CYS C 573 1.95 -28.45 -25.26
N HIS C 574 2.37 -28.31 -26.52
CA HIS C 574 1.66 -28.99 -27.59
C HIS C 574 1.82 -30.50 -27.45
N ARG C 575 2.96 -30.93 -26.93
CA ARG C 575 3.22 -32.33 -26.62
C ARG C 575 2.88 -32.68 -25.18
N ALA C 576 1.89 -32.02 -24.61
CA ALA C 576 1.32 -32.41 -23.33
C ALA C 576 -0.20 -32.49 -23.37
N VAL C 577 -0.86 -31.60 -24.10
CA VAL C 577 -2.32 -31.54 -24.10
C VAL C 577 -2.77 -30.84 -25.38
N SER C 578 -3.91 -31.27 -25.90
CA SER C 578 -4.40 -30.80 -27.19
C SER C 578 -4.83 -29.34 -27.10
N PRO C 579 -4.21 -28.41 -27.85
CA PRO C 579 -4.61 -27.00 -27.73
C PRO C 579 -5.86 -26.61 -28.48
N LEU C 580 -6.32 -27.44 -29.43
CA LEU C 580 -7.38 -27.00 -30.34
C LEU C 580 -8.66 -26.55 -29.63
N PRO C 581 -9.11 -27.18 -28.55
CA PRO C 581 -10.29 -26.65 -27.85
C PRO C 581 -10.02 -25.38 -27.07
N TYR C 582 -8.87 -25.33 -26.40
CA TYR C 582 -8.50 -24.11 -25.67
C TYR C 582 -8.36 -22.92 -26.61
N LEU C 583 -8.19 -23.17 -27.90
CA LEU C 583 -8.38 -22.14 -28.93
C LEU C 583 -9.86 -21.97 -29.27
N ARG C 584 -10.59 -23.07 -29.42
CA ARG C 584 -11.99 -22.99 -29.75
C ARG C 584 -12.79 -22.25 -28.70
N ASN C 585 -12.39 -22.35 -27.43
CA ASN C 585 -13.13 -21.72 -26.35
C ASN C 585 -12.71 -20.28 -26.13
N CYS C 586 -11.63 -19.83 -26.76
CA CYS C 586 -11.29 -18.42 -26.77
C CYS C 586 -12.27 -17.62 -27.63
N ARG C 587 -12.38 -18.00 -28.90
CA ARG C 587 -13.15 -17.22 -29.87
C ARG C 587 -14.62 -17.13 -29.51
N TYR C 588 -15.13 -18.07 -28.70
CA TYR C 588 -16.47 -17.97 -28.17
C TYR C 588 -16.57 -16.99 -27.01
N ASP C 589 -15.46 -16.71 -26.33
CA ASP C 589 -15.46 -15.83 -25.17
C ASP C 589 -15.14 -14.39 -25.53
N VAL C 590 -14.08 -14.19 -26.32
CA VAL C 590 -13.63 -12.84 -26.63
C VAL C 590 -14.68 -12.06 -27.42
N CYS C 591 -15.45 -12.74 -28.27
CA CYS C 591 -16.53 -12.08 -28.99
C CYS C 591 -17.75 -11.86 -28.14
N SER C 592 -17.97 -12.71 -27.13
CA SER C 592 -19.24 -12.74 -26.41
C SER C 592 -19.27 -11.85 -25.19
N CYS C 593 -18.17 -11.72 -24.47
CA CYS C 593 -18.21 -11.11 -23.15
C CYS C 593 -18.14 -9.60 -23.25
N SER C 594 -18.42 -8.95 -22.11
CA SER C 594 -18.50 -7.50 -22.07
C SER C 594 -17.15 -6.86 -22.38
N ASP C 595 -16.08 -7.36 -21.77
CA ASP C 595 -14.73 -6.84 -21.96
C ASP C 595 -13.82 -7.98 -22.37
N GLY C 596 -13.36 -7.95 -23.61
CA GLY C 596 -12.52 -9.01 -24.12
C GLY C 596 -11.10 -9.03 -23.61
N ARG C 597 -10.66 -7.98 -22.90
CA ARG C 597 -9.30 -7.95 -22.38
C ARG C 597 -9.04 -9.13 -21.46
N GLU C 598 -9.80 -9.23 -20.37
CA GLU C 598 -9.54 -10.27 -19.38
C GLU C 598 -10.13 -11.60 -19.79
N CYS C 599 -11.20 -11.59 -20.58
CA CYS C 599 -11.72 -12.84 -21.16
C CYS C 599 -10.64 -13.54 -21.97
N LEU C 600 -9.84 -12.77 -22.70
CA LEU C 600 -8.67 -13.31 -23.37
C LEU C 600 -7.70 -13.91 -22.36
N CYS C 601 -7.33 -13.12 -21.37
CA CYS C 601 -6.28 -13.48 -20.44
C CYS C 601 -6.79 -14.27 -19.24
N GLY C 602 -8.01 -14.79 -19.33
CA GLY C 602 -8.50 -15.81 -18.44
C GLY C 602 -8.76 -17.12 -19.18
N ALA C 603 -8.53 -17.12 -20.50
CA ALA C 603 -8.61 -18.31 -21.32
C ALA C 603 -7.23 -18.86 -21.67
N LEU C 604 -6.27 -17.99 -21.95
CA LEU C 604 -4.90 -18.43 -22.09
C LEU C 604 -4.40 -19.13 -20.84
N ALA C 605 -4.68 -18.55 -19.67
CA ALA C 605 -4.30 -19.18 -18.42
C ALA C 605 -5.02 -20.52 -18.22
N SER C 606 -6.20 -20.69 -18.80
CA SER C 606 -6.85 -21.99 -18.77
C SER C 606 -6.00 -23.05 -19.43
N TYR C 607 -5.24 -22.68 -20.45
CA TYR C 607 -4.38 -23.60 -21.16
C TYR C 607 -3.08 -23.84 -20.41
N ALA C 608 -2.44 -22.76 -19.94
CA ALA C 608 -1.21 -22.91 -19.18
C ALA C 608 -1.43 -23.70 -17.90
N ALA C 609 -2.58 -23.51 -17.25
CA ALA C 609 -2.86 -24.24 -16.02
C ALA C 609 -2.96 -25.74 -16.25
N ALA C 610 -3.39 -26.18 -17.43
CA ALA C 610 -3.41 -27.58 -17.76
C ALA C 610 -2.07 -28.05 -18.31
N CYS C 611 -1.32 -27.15 -18.92
CA CYS C 611 0.05 -27.48 -19.30
C CYS C 611 0.90 -27.71 -18.06
N ALA C 612 0.65 -26.96 -16.99
CA ALA C 612 1.40 -27.11 -15.75
C ALA C 612 0.92 -28.30 -14.94
N GLY C 613 -0.36 -28.65 -15.05
CA GLY C 613 -0.87 -29.83 -14.37
C GLY C 613 -0.27 -31.13 -14.84
N ARG C 614 0.40 -31.13 -16.00
CA ARG C 614 1.12 -32.28 -16.51
C ARG C 614 2.62 -32.17 -16.35
N GLY C 615 3.14 -30.96 -16.18
CA GLY C 615 4.55 -30.78 -15.84
C GLY C 615 5.21 -29.59 -16.51
N VAL C 616 4.64 -29.11 -17.60
CA VAL C 616 5.24 -28.05 -18.40
C VAL C 616 4.74 -26.71 -17.90
N ARG C 617 5.65 -25.89 -17.42
CA ARG C 617 5.37 -24.48 -17.14
C ARG C 617 5.77 -23.65 -18.34
N VAL C 618 5.05 -22.55 -18.55
CA VAL C 618 5.29 -21.64 -19.67
C VAL C 618 5.41 -20.23 -19.12
N ALA C 619 6.24 -19.42 -19.77
CA ALA C 619 6.43 -18.02 -19.41
C ALA C 619 5.79 -17.16 -20.49
N TRP C 620 4.49 -16.90 -20.34
CA TRP C 620 3.70 -16.25 -21.37
C TRP C 620 3.20 -14.86 -20.98
N ARG C 621 3.81 -14.22 -19.99
CA ARG C 621 3.34 -12.91 -19.52
C ARG C 621 4.24 -11.80 -20.04
N GLU C 622 3.60 -10.70 -20.43
CA GLU C 622 4.22 -9.53 -21.02
C GLU C 622 3.47 -8.29 -20.57
N PRO C 623 4.00 -7.09 -20.80
CA PRO C 623 3.18 -5.88 -20.58
C PRO C 623 2.00 -5.77 -21.52
N GLY C 624 2.02 -6.49 -22.64
CA GLY C 624 0.90 -6.52 -23.56
C GLY C 624 -0.01 -7.71 -23.29
N ARG C 625 0.59 -8.86 -23.00
CA ARG C 625 -0.17 -10.09 -22.79
C ARG C 625 -0.50 -10.32 -21.32
N CYS C 626 -1.07 -9.29 -20.69
CA CYS C 626 -1.77 -9.37 -19.42
C CYS C 626 -0.87 -9.91 -18.29
N GLU C 627 0.13 -9.11 -17.95
CA GLU C 627 0.87 -9.33 -16.72
C GLU C 627 0.10 -8.73 -15.57
N LEU C 628 -0.18 -9.53 -14.54
CA LEU C 628 -0.92 -9.01 -13.40
C LEU C 628 -0.05 -8.05 -12.61
N ASN C 629 -0.71 -7.17 -11.87
CA ASN C 629 -0.05 -6.08 -11.13
C ASN C 629 -0.01 -6.46 -9.65
N CYS C 630 1.02 -7.20 -9.27
CA CYS C 630 1.23 -7.47 -7.86
C CYS C 630 1.46 -6.14 -7.14
N PRO C 631 0.88 -5.92 -5.96
CA PRO C 631 1.07 -4.63 -5.28
C PRO C 631 2.54 -4.38 -4.96
N LYS C 632 2.80 -3.14 -4.51
CA LYS C 632 4.17 -2.70 -4.28
C LYS C 632 4.88 -3.57 -3.26
N GLY C 633 4.15 -4.11 -2.29
CA GLY C 633 4.76 -5.02 -1.33
C GLY C 633 5.20 -6.34 -1.95
N GLN C 634 4.39 -6.86 -2.87
CA GLN C 634 4.64 -8.14 -3.51
C GLN C 634 5.38 -7.97 -4.83
N VAL C 635 5.79 -9.09 -5.41
CA VAL C 635 6.45 -9.12 -6.70
C VAL C 635 5.88 -10.30 -7.50
N TYR C 636 5.85 -10.13 -8.81
CA TYR C 636 5.46 -11.24 -9.68
C TYR C 636 6.44 -12.39 -9.54
N LEU C 637 5.91 -13.62 -9.68
CA LEU C 637 6.72 -14.82 -9.53
C LEU C 637 6.09 -15.93 -10.35
N GLN C 638 6.94 -16.75 -10.95
CA GLN C 638 6.49 -17.80 -11.86
C GLN C 638 6.20 -19.11 -11.12
N CYS C 639 7.20 -19.67 -10.44
CA CYS C 639 7.08 -20.95 -9.76
C CYS C 639 7.67 -20.78 -8.37
N GLY C 640 6.82 -20.83 -7.35
CA GLY C 640 7.23 -20.52 -6.00
C GLY C 640 6.55 -21.43 -4.99
N THR C 641 6.90 -21.20 -3.72
CA THR C 641 6.54 -22.10 -2.63
C THR C 641 5.56 -21.41 -1.70
N PRO C 642 4.25 -21.67 -1.80
CA PRO C 642 3.31 -21.14 -0.78
C PRO C 642 3.27 -21.99 0.48
N CYS C 643 4.41 -22.08 1.15
CA CYS C 643 4.54 -22.70 2.46
C CYS C 643 5.20 -21.78 3.47
N ASN C 644 6.22 -21.03 3.05
CA ASN C 644 6.95 -20.10 3.90
C ASN C 644 6.57 -18.65 3.62
N LEU C 645 5.29 -18.41 3.30
CA LEU C 645 4.80 -17.07 2.96
C LEU C 645 3.98 -16.43 4.08
N THR C 646 2.92 -17.11 4.55
CA THR C 646 2.02 -16.47 5.49
C THR C 646 2.59 -16.49 6.89
N CYS C 647 2.19 -15.49 7.68
CA CYS C 647 2.64 -15.39 9.06
C CYS C 647 2.04 -16.47 9.93
N ARG C 648 0.89 -17.03 9.53
CA ARG C 648 0.33 -18.17 10.23
C ARG C 648 1.23 -19.39 10.19
N SER C 649 2.12 -19.47 9.19
CA SER C 649 3.01 -20.61 9.07
C SER C 649 3.94 -20.70 10.27
N LEU C 650 4.47 -19.56 10.73
CA LEU C 650 5.37 -19.56 11.86
C LEU C 650 4.64 -19.88 13.16
N SER C 651 3.33 -19.66 13.21
CA SER C 651 2.57 -20.06 14.39
C SER C 651 2.41 -21.57 14.43
N TYR C 652 2.18 -22.20 13.28
CA TYR C 652 2.00 -23.65 13.16
C TYR C 652 3.04 -24.18 12.17
N PRO C 653 4.32 -24.17 12.55
CA PRO C 653 5.36 -24.64 11.63
C PRO C 653 5.37 -26.16 11.49
N ASP C 654 4.95 -26.85 12.53
CA ASP C 654 4.96 -28.31 12.52
C ASP C 654 4.06 -28.90 11.43
N GLU C 655 3.03 -28.17 11.02
CA GLU C 655 2.09 -28.69 10.04
C GLU C 655 2.79 -28.90 8.70
N GLU C 656 2.40 -29.97 8.01
CA GLU C 656 2.98 -30.30 6.73
C GLU C 656 2.42 -29.39 5.65
N CYS C 657 3.28 -29.06 4.67
CA CYS C 657 2.87 -28.30 3.48
C CYS C 657 3.33 -29.13 2.27
N ASN C 658 2.51 -30.09 1.89
CA ASN C 658 2.77 -30.94 0.73
C ASN C 658 2.16 -30.31 -0.52
N GLU C 659 2.56 -29.07 -0.77
CA GLU C 659 2.04 -28.26 -1.86
C GLU C 659 3.05 -28.18 -2.99
N ALA C 660 2.55 -27.76 -4.15
CA ALA C 660 3.33 -27.76 -5.38
C ALA C 660 4.14 -26.47 -5.47
N CYS C 661 4.67 -26.22 -6.66
CA CYS C 661 5.44 -25.01 -6.97
C CYS C 661 4.53 -24.10 -7.78
N LEU C 662 3.78 -23.24 -7.08
CA LEU C 662 2.67 -22.51 -7.67
C LEU C 662 3.14 -21.17 -8.25
N GLU C 663 2.20 -20.47 -8.89
CA GLU C 663 2.45 -19.21 -9.57
C GLU C 663 1.56 -18.14 -8.97
N GLY C 664 2.12 -16.95 -8.75
CA GLY C 664 1.32 -15.84 -8.23
C GLY C 664 2.18 -14.69 -7.75
N CYS C 665 1.63 -13.93 -6.81
CA CYS C 665 2.29 -12.76 -6.23
C CYS C 665 2.86 -13.13 -4.87
N PHE C 666 4.19 -13.23 -4.79
CA PHE C 666 4.91 -13.44 -3.54
C PHE C 666 5.80 -12.22 -3.29
N CYS C 667 6.58 -12.27 -2.21
CA CYS C 667 7.60 -11.28 -1.94
C CYS C 667 8.82 -12.00 -1.40
N PRO C 668 9.99 -11.35 -1.39
CA PRO C 668 11.27 -12.07 -1.17
C PRO C 668 11.29 -12.83 0.15
N PRO C 669 12.27 -13.74 0.34
CA PRO C 669 12.18 -14.69 1.46
C PRO C 669 12.33 -14.03 2.81
N GLY C 670 13.10 -12.96 2.92
CA GLY C 670 13.24 -12.17 4.13
C GLY C 670 11.94 -11.57 4.61
N LEU C 671 10.95 -11.45 3.73
CA LEU C 671 9.65 -10.87 4.05
C LEU C 671 8.59 -11.97 4.06
N TYR C 672 7.75 -11.96 5.08
CA TYR C 672 6.62 -12.86 5.19
C TYR C 672 5.32 -12.06 5.24
N MET C 673 4.22 -12.71 4.88
CA MET C 673 2.98 -12.00 4.61
C MET C 673 2.23 -11.58 5.87
N ASP C 674 1.79 -10.32 5.89
CA ASP C 674 0.95 -9.78 6.95
C ASP C 674 -0.51 -9.79 6.51
N GLU C 675 -1.41 -9.64 7.48
CA GLU C 675 -2.84 -9.67 7.17
C GLU C 675 -3.26 -8.47 6.34
N ARG C 676 -2.54 -7.35 6.44
CA ARG C 676 -2.97 -6.08 5.87
C ARG C 676 -2.34 -5.78 4.52
N GLY C 677 -2.09 -6.80 3.71
CA GLY C 677 -1.71 -6.61 2.32
C GLY C 677 -0.23 -6.42 2.08
N ASP C 678 0.46 -5.76 3.02
CA ASP C 678 1.91 -5.74 2.98
C ASP C 678 2.43 -7.05 3.55
N CYS C 679 3.69 -7.35 3.25
CA CYS C 679 4.46 -8.43 3.83
C CYS C 679 5.65 -7.84 4.57
N VAL C 680 6.07 -8.53 5.63
CA VAL C 680 6.93 -7.97 6.66
C VAL C 680 7.98 -8.99 7.08
N PRO C 681 9.10 -8.56 7.65
CA PRO C 681 10.03 -9.51 8.24
C PRO C 681 9.40 -10.22 9.42
N LYS C 682 10.10 -11.25 9.91
CA LYS C 682 9.57 -12.06 10.99
C LYS C 682 9.73 -11.41 12.36
N ALA C 683 10.17 -10.15 12.42
CA ALA C 683 10.29 -9.37 13.64
C ALA C 683 8.91 -8.96 14.17
N GLN C 684 8.06 -8.42 13.30
CA GLN C 684 6.71 -8.01 13.66
C GLN C 684 5.65 -8.92 13.04
N CYS C 685 5.95 -10.21 12.97
CA CYS C 685 5.02 -11.20 12.44
C CYS C 685 4.22 -11.74 13.62
N PRO C 686 2.92 -11.47 13.73
CA PRO C 686 2.20 -11.84 14.95
C PRO C 686 1.99 -13.34 15.08
N CYS C 687 1.47 -13.70 16.25
CA CYS C 687 1.10 -15.06 16.60
C CYS C 687 -0.41 -15.23 16.52
N TYR C 688 -0.84 -16.45 16.25
CA TYR C 688 -2.26 -16.79 16.08
C TYR C 688 -2.64 -17.91 17.04
N TYR C 689 -2.26 -17.75 18.31
CA TYR C 689 -2.52 -18.71 19.37
C TYR C 689 -4.01 -18.81 19.66
N ASP C 690 -4.57 -20.00 19.49
CA ASP C 690 -5.98 -20.24 19.77
C ASP C 690 -6.88 -19.31 18.95
N GLY C 691 -6.40 -18.96 17.76
CA GLY C 691 -7.06 -17.97 16.92
C GLY C 691 -6.68 -16.54 17.23
N GLU C 692 -6.23 -16.29 18.45
CA GLU C 692 -6.06 -14.92 18.92
C GLU C 692 -4.82 -14.29 18.31
N ILE C 693 -5.01 -13.16 17.65
CA ILE C 693 -3.94 -12.47 16.95
C ILE C 693 -3.21 -11.59 17.94
N PHE C 694 -2.12 -12.10 18.49
CA PHE C 694 -1.30 -11.35 19.44
C PHE C 694 -0.23 -10.56 18.70
N GLN C 695 0.06 -9.38 19.22
CA GLN C 695 1.04 -8.50 18.64
C GLN C 695 2.43 -9.08 18.88
N PRO C 696 3.47 -8.53 18.24
CA PRO C 696 4.79 -9.17 18.29
C PRO C 696 5.39 -9.28 19.68
N GLU C 697 4.99 -8.42 20.62
CA GLU C 697 5.46 -8.50 22.01
C GLU C 697 4.24 -8.44 22.92
N ASP C 698 3.79 -9.62 23.37
CA ASP C 698 2.63 -9.73 24.27
C ASP C 698 2.94 -10.88 25.23
N ILE C 699 3.49 -10.54 26.39
CA ILE C 699 3.69 -11.41 27.54
C ILE C 699 2.33 -11.67 28.17
N PHE C 700 2.14 -12.90 28.63
CA PHE C 700 0.82 -13.51 28.55
C PHE C 700 0.73 -14.73 29.45
N SER C 701 -0.19 -14.73 30.42
CA SER C 701 -0.20 -15.83 31.36
C SER C 701 -1.47 -15.84 32.19
N ASP C 702 -2.04 -17.03 32.37
CA ASP C 702 -2.97 -17.30 33.46
C ASP C 702 -2.14 -17.56 34.72
N HIS C 703 -2.80 -18.05 35.77
CA HIS C 703 -2.12 -18.42 37.02
C HIS C 703 -1.08 -19.53 36.81
N HIS C 704 -1.39 -20.54 35.99
CA HIS C 704 -0.66 -21.79 35.99
C HIS C 704 0.24 -21.97 34.77
N THR C 705 -0.12 -21.38 33.64
CA THR C 705 0.74 -21.39 32.46
C THR C 705 1.57 -20.11 32.40
N MET C 706 2.39 -20.04 31.36
CA MET C 706 3.23 -18.88 31.09
C MET C 706 3.59 -18.94 29.62
N CYS C 707 3.33 -17.85 28.90
CA CYS C 707 3.34 -17.87 27.44
C CYS C 707 3.73 -16.50 26.91
N TYR C 708 4.35 -16.49 25.74
CA TYR C 708 4.65 -15.23 25.07
C TYR C 708 4.88 -15.46 23.58
N CYS C 709 4.69 -14.38 22.82
CA CYS C 709 4.88 -14.36 21.38
C CYS C 709 6.15 -13.59 21.06
N GLU C 710 7.12 -14.28 20.45
CA GLU C 710 8.44 -13.70 20.22
C GLU C 710 8.59 -13.10 18.83
N ASP C 711 8.47 -13.94 17.78
CA ASP C 711 8.74 -13.52 16.42
C ASP C 711 7.80 -14.17 15.40
N GLY C 712 6.65 -14.65 15.86
CA GLY C 712 5.73 -15.39 15.00
C GLY C 712 5.28 -16.67 15.65
N PHE C 713 6.17 -17.28 16.43
CA PHE C 713 5.85 -18.49 17.16
C PHE C 713 5.42 -18.15 18.58
N MET C 714 4.49 -18.96 19.09
CA MET C 714 3.95 -18.80 20.43
C MET C 714 4.60 -19.75 21.42
N HIS C 715 5.58 -19.25 22.17
CA HIS C 715 6.40 -19.89 23.20
C HIS C 715 5.60 -20.01 24.49
N CYS C 716 4.91 -21.14 24.67
CA CYS C 716 4.27 -21.48 25.93
C CYS C 716 5.13 -22.39 26.79
N THR C 717 4.92 -22.29 28.09
CA THR C 717 5.56 -23.14 29.09
C THR C 717 4.49 -23.48 30.12
N MET C 718 4.91 -24.04 31.25
CA MET C 718 3.99 -24.35 32.35
C MET C 718 4.68 -24.12 33.69
N SER D 1 20.70 82.70 87.28
CA SER D 1 21.61 82.18 88.29
C SER D 1 21.03 81.16 89.28
N LEU D 2 21.92 80.43 89.96
CA LEU D 2 21.58 79.36 90.88
C LEU D 2 22.79 79.10 91.77
N SER D 3 22.65 79.39 93.07
CA SER D 3 23.70 79.07 94.03
C SER D 3 23.67 77.57 94.32
N CYS D 4 24.62 76.84 93.76
CA CYS D 4 24.64 75.40 93.88
C CYS D 4 24.83 75.00 95.35
N ARG D 5 24.38 73.78 95.67
CA ARG D 5 24.17 73.05 96.91
C ARG D 5 25.46 73.07 97.75
N PRO D 6 25.38 72.82 99.05
CA PRO D 6 26.58 72.94 99.91
C PRO D 6 27.70 72.00 99.50
N PRO D 7 27.47 70.67 99.35
CA PRO D 7 28.62 69.74 99.34
C PRO D 7 29.58 69.90 98.17
N MET D 8 29.28 70.75 97.17
CA MET D 8 30.15 70.90 96.02
C MET D 8 30.27 72.37 95.63
N VAL D 9 31.30 72.67 94.84
CA VAL D 9 31.85 74.01 94.69
C VAL D 9 31.73 74.46 93.25
N LYS D 10 31.44 75.75 93.06
CA LYS D 10 31.48 76.36 91.75
C LYS D 10 32.92 76.63 91.32
N LEU D 11 33.23 76.25 90.07
CA LEU D 11 34.56 76.38 89.51
C LEU D 11 34.57 77.33 88.31
N VAL D 12 35.77 77.80 87.99
CA VAL D 12 35.98 78.88 87.03
C VAL D 12 37.23 78.59 86.20
N CYS D 13 37.12 78.74 84.88
CA CYS D 13 38.27 78.57 84.01
C CYS D 13 39.30 79.66 84.27
N PRO D 14 40.55 79.32 84.60
CA PRO D 14 41.60 80.36 84.61
C PRO D 14 42.06 80.69 83.19
N ALA D 15 42.50 81.93 83.01
CA ALA D 15 42.89 82.40 81.69
C ALA D 15 44.24 81.86 81.22
N ASP D 16 45.09 81.39 82.13
CA ASP D 16 46.43 80.86 81.88
C ASP D 16 46.46 79.35 81.64
N ASN D 17 45.75 78.56 82.46
CA ASN D 17 45.89 77.10 82.41
C ASN D 17 44.95 76.49 81.37
N LEU D 18 45.53 76.04 80.26
CA LEU D 18 44.77 75.28 79.28
C LEU D 18 44.07 74.06 79.87
N ARG D 19 44.63 73.49 80.95
CA ARG D 19 44.09 72.28 81.57
C ARG D 19 43.02 72.66 82.59
N ALA D 20 41.91 73.17 82.07
CA ALA D 20 40.67 73.55 82.74
C ALA D 20 39.70 72.36 82.77
N GLU D 21 40.20 71.25 83.29
CA GLU D 21 39.39 70.04 83.44
C GLU D 21 38.45 70.23 84.62
N GLY D 22 37.35 70.94 84.34
CA GLY D 22 36.18 71.42 85.06
C GLY D 22 34.92 70.62 84.79
N LEU D 23 33.90 71.30 84.27
CA LEU D 23 32.57 70.69 84.16
C LEU D 23 32.53 69.64 83.05
N GLU D 24 33.30 69.86 81.98
CA GLU D 24 33.30 68.89 80.87
C GLU D 24 33.81 67.53 81.34
N CYS D 25 34.84 67.54 82.19
CA CYS D 25 35.35 66.31 82.79
C CYS D 25 34.75 66.11 84.18
N THR D 26 33.44 65.85 84.20
CA THR D 26 32.59 65.54 85.34
C THR D 26 32.88 64.10 85.78
N LYS D 27 33.75 63.95 86.77
CA LYS D 27 34.08 62.62 87.26
C LYS D 27 32.93 62.03 88.07
N THR D 28 32.35 60.94 87.59
CA THR D 28 31.47 59.95 88.18
C THR D 28 32.29 58.70 88.51
N CYS D 29 31.61 57.63 88.92
CA CYS D 29 32.32 56.42 89.29
C CYS D 29 32.82 55.66 88.07
N GLN D 30 32.09 55.72 86.96
CA GLN D 30 32.48 55.03 85.75
C GLN D 30 33.79 55.58 85.21
N ASN D 31 33.91 56.91 85.17
CA ASN D 31 34.98 57.59 84.46
C ASN D 31 36.23 57.89 85.29
N TYR D 32 36.28 57.42 86.54
CA TYR D 32 37.35 57.86 87.41
C TYR D 32 38.70 57.30 86.97
N ASP D 33 38.79 55.97 86.86
CA ASP D 33 39.99 55.36 86.31
C ASP D 33 40.21 55.80 84.86
N LEU D 34 39.14 56.17 84.17
CA LEU D 34 39.26 56.56 82.78
C LEU D 34 39.84 57.95 82.66
N GLU D 35 40.21 58.31 81.43
CA GLU D 35 40.74 59.62 81.11
C GLU D 35 39.80 60.40 80.19
N CYS D 36 39.75 61.71 80.39
CA CYS D 36 38.67 62.55 79.88
C CYS D 36 39.21 63.68 79.03
N MET D 37 38.39 64.15 78.10
CA MET D 37 38.71 65.31 77.30
C MET D 37 38.20 66.59 77.96
N SER D 38 38.85 67.70 77.63
CA SER D 38 38.37 69.01 78.06
C SER D 38 39.06 70.12 77.28
N MET D 39 38.26 70.99 76.67
CA MET D 39 38.77 72.23 76.07
C MET D 39 38.88 73.32 77.11
N GLY D 40 37.76 73.61 77.79
CA GLY D 40 37.73 74.55 78.88
C GLY D 40 36.52 74.24 79.73
N CYS D 41 36.57 74.68 80.98
CA CYS D 41 35.47 74.40 81.90
C CYS D 41 34.26 75.21 81.47
N VAL D 42 33.16 75.05 82.21
CA VAL D 42 31.96 75.86 82.03
C VAL D 42 31.60 76.51 83.36
N SER D 43 30.50 77.27 83.35
CA SER D 43 29.89 77.92 84.50
C SER D 43 29.02 76.94 85.29
N GLY D 44 29.62 75.81 85.67
CA GLY D 44 28.95 74.78 86.41
C GLY D 44 29.48 74.66 87.83
N CYS D 45 28.95 73.68 88.55
CA CYS D 45 29.30 73.43 89.94
C CYS D 45 29.69 71.95 90.03
N LEU D 46 30.71 71.65 90.84
CA LEU D 46 31.54 70.47 90.65
C LEU D 46 32.03 69.93 91.99
N CYS D 47 31.99 68.60 92.13
CA CYS D 47 32.35 67.98 93.39
C CYS D 47 33.83 68.23 93.71
N PRO D 48 34.23 68.13 94.98
CA PRO D 48 35.63 68.38 95.34
C PRO D 48 36.56 67.33 94.73
N PRO D 49 37.87 67.50 94.90
CA PRO D 49 38.82 66.49 94.36
C PRO D 49 38.65 65.05 94.83
N GLY D 50 38.22 64.80 96.07
CA GLY D 50 38.22 63.46 96.63
C GLY D 50 36.83 62.89 96.78
N MET D 51 35.95 63.17 95.83
CA MET D 51 34.51 62.99 95.84
C MET D 51 34.01 63.09 94.41
N VAL D 52 32.87 62.43 94.14
CA VAL D 52 32.31 62.33 92.80
C VAL D 52 30.78 62.47 92.83
N ARG D 53 30.17 62.44 91.65
CA ARG D 53 28.75 62.44 91.33
C ARG D 53 28.23 61.01 91.22
N HIS D 54 26.99 60.82 91.66
CA HIS D 54 26.37 59.50 91.67
C HIS D 54 24.84 59.64 91.66
N GLU D 55 24.23 59.36 90.51
CA GLU D 55 22.81 59.47 90.14
C GLU D 55 22.10 60.67 90.78
N ASN D 56 22.70 61.85 90.57
CA ASN D 56 22.29 63.20 91.04
C ASN D 56 22.59 63.40 92.51
N ARG D 57 23.57 62.66 93.03
CA ARG D 57 23.95 62.74 94.43
C ARG D 57 25.46 62.66 94.51
N CYS D 58 26.09 63.75 94.96
CA CYS D 58 27.55 63.77 95.09
C CYS D 58 27.97 62.91 96.28
N VAL D 59 28.02 61.59 96.02
CA VAL D 59 28.35 60.64 97.08
C VAL D 59 29.74 60.94 97.61
N ALA D 60 29.86 60.96 98.95
CA ALA D 60 31.03 61.49 99.65
C ALA D 60 32.30 60.71 99.37
N LEU D 61 32.29 59.39 99.55
CA LEU D 61 33.48 58.55 99.62
C LEU D 61 33.67 57.76 98.33
N GLU D 62 34.85 57.15 98.23
CA GLU D 62 35.14 56.21 97.15
C GLU D 62 34.69 54.79 97.46
N ARG D 63 33.41 54.69 97.85
CA ARG D 63 32.75 53.44 98.18
C ARG D 63 31.65 53.10 97.19
N CYS D 64 31.55 53.84 96.09
CA CYS D 64 30.44 53.71 95.20
C CYS D 64 30.51 52.35 94.48
N PRO D 65 29.40 51.89 93.88
CA PRO D 65 29.28 50.46 93.58
C PRO D 65 30.25 49.95 92.53
N CYS D 66 30.09 48.66 92.23
CA CYS D 66 30.96 47.94 91.32
C CYS D 66 30.08 47.19 90.34
N PHE D 67 29.71 47.85 89.24
CA PHE D 67 28.56 47.42 88.46
C PHE D 67 28.81 46.11 87.73
N HIS D 68 27.83 45.22 87.86
CA HIS D 68 27.72 44.03 87.02
C HIS D 68 26.27 43.80 86.65
N GLN D 69 26.04 43.36 85.41
CA GLN D 69 24.73 43.32 84.75
C GLN D 69 23.96 44.63 84.89
N GLY D 70 24.68 45.74 84.81
CA GLY D 70 24.08 47.06 84.91
C GLY D 70 23.32 47.26 86.21
N LYS D 71 23.81 46.63 87.28
CA LYS D 71 23.11 46.61 88.55
C LYS D 71 24.06 47.00 89.67
N GLU D 72 23.48 47.59 90.70
CA GLU D 72 24.24 48.01 91.87
C GLU D 72 24.81 46.85 92.67
N TYR D 73 26.01 47.07 93.21
CA TYR D 73 26.61 46.20 94.21
C TYR D 73 27.37 47.05 95.20
N ALA D 74 26.93 47.05 96.45
CA ALA D 74 27.71 47.69 97.49
C ALA D 74 29.07 47.02 97.63
N PRO D 75 30.08 47.75 98.13
CA PRO D 75 31.34 47.09 98.46
C PRO D 75 31.13 46.00 99.50
N GLY D 76 31.80 44.86 99.29
CA GLY D 76 31.73 43.60 99.98
C GLY D 76 30.67 42.66 99.42
N GLU D 77 29.71 43.18 98.66
CA GLU D 77 28.76 42.31 97.98
C GLU D 77 29.47 41.37 97.00
N THR D 78 28.98 40.13 96.94
CA THR D 78 29.55 39.02 96.19
C THR D 78 28.64 38.55 95.07
N VAL D 79 29.25 37.88 94.09
CA VAL D 79 28.55 37.28 92.96
C VAL D 79 29.13 35.91 92.71
N LYS D 80 28.40 35.10 91.97
CA LYS D 80 28.80 33.75 91.62
C LYS D 80 28.76 33.63 90.10
N ILE D 81 29.93 33.64 89.49
CA ILE D 81 30.10 33.37 88.06
C ILE D 81 30.74 32.00 87.90
N GLY D 82 30.01 31.07 87.28
CA GLY D 82 30.50 29.71 87.16
C GLY D 82 30.66 29.07 88.52
N CYS D 83 31.83 28.48 88.73
CA CYS D 83 32.27 27.82 89.95
C CYS D 83 33.00 28.74 90.92
N ASN D 84 33.16 30.02 90.57
CA ASN D 84 33.96 31.00 91.29
C ASN D 84 33.05 32.03 91.96
N THR D 85 33.46 32.48 93.15
CA THR D 85 32.82 33.64 93.81
C THR D 85 33.71 34.86 93.61
N CYS D 86 33.11 36.02 93.33
CA CYS D 86 33.89 37.25 93.06
C CYS D 86 33.27 38.43 93.82
N VAL D 87 34.12 39.21 94.50
CA VAL D 87 33.64 40.41 95.27
C VAL D 87 34.49 41.61 94.86
N CYS D 88 33.84 42.76 94.61
CA CYS D 88 34.57 43.99 94.21
C CYS D 88 35.57 44.37 95.32
N GLN D 89 36.85 44.40 94.98
CA GLN D 89 37.90 44.93 95.90
C GLN D 89 37.49 46.33 96.37
N ASP D 90 37.54 47.32 95.48
CA ASP D 90 37.16 48.72 95.82
C ASP D 90 36.18 49.24 94.76
N ARG D 91 36.70 49.60 93.58
CA ARG D 91 35.86 49.97 92.42
C ARG D 91 35.93 48.85 91.38
N LYS D 92 36.55 47.73 91.74
CA LYS D 92 36.80 46.60 90.80
C LYS D 92 36.70 45.28 91.55
N TRP D 93 36.06 44.27 90.94
CA TRP D 93 35.82 42.95 91.60
C TRP D 93 37.15 42.23 91.82
N ASN D 94 37.11 41.03 92.42
CA ASN D 94 38.35 40.35 92.86
C ASN D 94 38.11 38.83 92.78
N CYS D 95 38.21 38.28 91.56
CA CYS D 95 37.69 36.93 91.27
C CYS D 95 38.75 35.88 91.58
N THR D 96 38.31 34.72 92.09
CA THR D 96 39.16 33.58 92.39
C THR D 96 39.72 33.04 91.08
N ASP D 97 40.46 31.94 91.13
CA ASP D 97 41.06 31.35 89.95
C ASP D 97 40.94 29.83 89.96
N HIS D 98 39.77 29.34 90.36
CA HIS D 98 39.43 27.92 90.27
C HIS D 98 38.76 27.73 88.92
N VAL D 99 39.52 27.22 87.95
CA VAL D 99 38.94 26.96 86.63
C VAL D 99 37.86 25.90 86.77
N CYS D 100 36.74 26.11 86.08
CA CYS D 100 35.46 25.42 86.09
C CYS D 100 35.49 24.27 85.09
N ASP D 101 34.44 23.46 85.11
CA ASP D 101 34.36 22.26 84.30
C ASP D 101 33.77 22.62 82.94
N ALA D 102 34.55 22.44 81.88
CA ALA D 102 34.09 22.76 80.55
C ALA D 102 33.16 21.68 80.03
N THR D 103 32.61 21.92 78.84
CA THR D 103 31.47 21.15 78.37
C THR D 103 31.36 21.30 76.85
N CYS D 104 31.62 20.23 76.11
CA CYS D 104 31.26 20.21 74.70
C CYS D 104 29.74 20.13 74.56
N SER D 105 29.29 20.08 73.33
CA SER D 105 27.90 19.85 72.94
C SER D 105 27.86 19.63 71.43
N THR D 106 26.77 19.03 71.00
CA THR D 106 26.46 18.85 69.59
C THR D 106 25.04 19.36 69.43
N ILE D 107 24.90 20.67 69.24
CA ILE D 107 23.60 21.31 69.20
C ILE D 107 23.00 20.95 67.85
N GLY D 108 21.88 20.23 67.89
CA GLY D 108 21.25 19.80 66.67
C GLY D 108 22.09 18.77 65.95
N MET D 109 21.84 18.66 64.67
CA MET D 109 22.44 17.62 63.86
C MET D 109 23.90 17.93 63.53
N ALA D 110 24.15 19.11 62.97
CA ALA D 110 25.49 19.48 62.49
C ALA D 110 25.88 20.85 63.03
N HIS D 111 26.35 20.87 64.27
CA HIS D 111 27.07 21.98 64.88
C HIS D 111 27.88 21.40 66.03
N TYR D 112 28.83 22.17 66.52
CA TYR D 112 29.67 21.73 67.62
C TYR D 112 30.08 22.92 68.47
N LEU D 113 29.99 22.74 69.78
CA LEU D 113 30.41 23.74 70.76
C LEU D 113 31.66 23.21 71.45
N THR D 114 32.74 23.97 71.35
CA THR D 114 34.01 23.58 71.94
C THR D 114 34.01 23.85 73.45
N PHE D 115 35.12 23.50 74.08
CA PHE D 115 35.27 23.74 75.51
C PHE D 115 35.37 25.22 75.80
N ASP D 116 36.37 25.87 75.23
CA ASP D 116 36.57 27.29 75.39
C ASP D 116 35.38 28.10 74.89
N GLY D 117 34.58 27.51 74.01
CA GLY D 117 33.34 28.09 73.54
C GLY D 117 33.48 28.59 72.13
N LEU D 118 33.11 27.79 71.15
CA LEU D 118 33.25 28.20 69.76
C LEU D 118 32.26 27.38 68.94
N LYS D 119 31.12 27.98 68.62
CA LYS D 119 30.20 27.35 67.70
C LYS D 119 30.77 27.40 66.30
N TYR D 120 30.67 26.28 65.60
CA TYR D 120 31.05 26.23 64.20
C TYR D 120 30.23 25.15 63.52
N LEU D 121 30.26 25.19 62.20
CA LEU D 121 29.44 24.35 61.36
C LEU D 121 30.27 23.26 60.73
N PHE D 122 29.78 22.02 60.80
CA PHE D 122 30.47 20.89 60.17
C PHE D 122 29.48 19.78 59.86
N PRO D 123 28.85 19.83 58.69
CA PRO D 123 28.05 18.68 58.23
C PRO D 123 28.99 17.61 57.69
N GLY D 124 29.09 16.50 58.42
CA GLY D 124 29.86 15.37 57.98
C GLY D 124 28.96 14.15 57.87
N GLU D 125 29.52 13.11 57.28
CA GLU D 125 28.83 11.83 57.14
C GLU D 125 29.70 10.65 57.56
N CYS D 126 31.02 10.81 57.57
CA CYS D 126 31.91 9.77 58.05
C CYS D 126 31.92 9.73 59.58
N GLN D 127 32.79 8.89 60.14
CA GLN D 127 33.02 8.79 61.56
C GLN D 127 34.16 9.73 61.94
N TYR D 128 33.98 10.45 63.06
CA TYR D 128 34.85 11.55 63.42
C TYR D 128 35.29 11.44 64.88
N VAL D 129 36.46 12.01 65.16
CA VAL D 129 37.00 12.06 66.51
C VAL D 129 36.43 13.29 67.21
N LEU D 130 35.47 13.07 68.09
CA LEU D 130 34.94 14.17 68.90
C LEU D 130 36.04 14.74 69.79
N VAL D 131 36.77 13.86 70.49
CA VAL D 131 37.84 14.27 71.38
C VAL D 131 38.68 13.07 71.78
N GLN D 132 39.96 13.27 72.07
CA GLN D 132 40.79 12.21 72.61
C GLN D 132 41.94 12.83 73.38
N ASP D 133 42.76 11.96 73.97
CA ASP D 133 43.96 12.33 74.71
C ASP D 133 45.23 12.01 73.95
N TYR D 134 45.22 11.02 73.07
CA TYR D 134 46.41 10.63 72.32
C TYR D 134 46.71 11.73 71.31
N CYS D 135 47.44 12.74 71.77
CA CYS D 135 47.63 13.97 71.00
C CYS D 135 49.06 14.47 71.14
N GLY D 136 49.90 14.09 70.19
CA GLY D 136 51.27 14.54 70.14
C GLY D 136 52.26 13.78 70.99
N SER D 137 52.27 14.03 72.29
CA SER D 137 53.32 13.52 73.18
C SER D 137 52.75 13.08 74.52
N ASN D 138 51.67 12.30 74.49
CA ASN D 138 50.95 11.90 75.69
C ASN D 138 50.57 10.44 75.59
N PRO D 139 50.14 9.82 76.71
CA PRO D 139 49.87 8.37 76.66
C PRO D 139 48.77 7.97 75.70
N GLY D 140 47.61 8.63 75.76
CA GLY D 140 46.47 8.26 74.93
C GLY D 140 45.42 7.45 75.66
N THR D 141 45.01 7.94 76.82
CA THR D 141 44.07 7.21 77.68
C THR D 141 42.74 6.96 77.00
N PHE D 142 41.96 8.01 76.73
CA PHE D 142 40.61 7.89 76.22
C PHE D 142 40.50 8.48 74.81
N ARG D 143 39.65 7.84 74.02
CA ARG D 143 39.49 8.13 72.60
C ARG D 143 38.01 8.14 72.22
N ILE D 144 37.24 9.00 72.87
CA ILE D 144 35.85 9.21 72.48
C ILE D 144 35.78 9.51 70.99
N LEU D 145 34.87 8.84 70.30
CA LEU D 145 34.55 9.09 68.90
C LEU D 145 33.07 9.41 68.75
N VAL D 146 32.71 9.84 67.54
CA VAL D 146 31.33 10.01 67.15
C VAL D 146 31.21 9.60 65.69
N GLY D 147 30.07 9.03 65.35
CA GLY D 147 29.80 8.61 64.00
C GLY D 147 28.37 8.88 63.58
N ASN D 148 28.23 9.65 62.51
CA ASN D 148 26.93 10.02 61.97
C ASN D 148 26.70 9.32 60.65
N LYS D 149 25.43 9.18 60.29
CA LYS D 149 25.03 8.54 59.05
C LYS D 149 23.85 9.28 58.46
N GLY D 150 23.99 9.72 57.21
CA GLY D 150 22.98 10.53 56.57
C GLY D 150 22.64 11.74 57.41
N CYS D 151 23.59 12.67 57.54
CA CYS D 151 23.38 13.81 58.43
C CYS D 151 24.01 15.09 57.87
N SER D 152 24.35 15.11 56.57
CA SER D 152 24.85 16.33 55.96
C SER D 152 23.73 17.35 55.79
N HIS D 153 22.51 16.89 55.53
CA HIS D 153 21.31 17.73 55.57
C HIS D 153 20.47 17.28 56.77
N PRO D 154 20.36 18.07 57.84
CA PRO D 154 19.58 17.65 59.00
C PRO D 154 18.14 17.28 58.65
N SER D 155 17.67 16.17 59.21
CA SER D 155 16.33 15.67 58.96
C SER D 155 15.98 14.68 60.07
N VAL D 156 14.84 14.02 59.92
CA VAL D 156 14.38 12.99 60.86
C VAL D 156 15.31 11.78 60.92
N LYS D 157 16.21 11.66 59.96
CA LYS D 157 17.32 10.75 59.75
C LYS D 157 18.44 11.18 60.69
N CYS D 158 19.68 10.76 60.46
CA CYS D 158 20.84 11.14 61.27
C CYS D 158 20.68 10.57 62.67
N LYS D 159 20.66 9.25 62.74
CA LYS D 159 20.89 8.56 64.01
C LYS D 159 22.39 8.47 64.25
N LYS D 160 22.84 8.93 65.41
CA LYS D 160 24.25 8.94 65.73
C LYS D 160 24.73 7.59 66.24
N ARG D 161 26.04 7.38 66.17
CA ARG D 161 26.69 6.24 66.79
C ARG D 161 27.93 6.74 67.52
N VAL D 162 28.04 6.36 68.79
CA VAL D 162 29.07 6.87 69.69
C VAL D 162 29.85 5.68 70.23
N THR D 163 31.16 5.68 70.00
CA THR D 163 32.04 4.61 70.43
C THR D 163 33.16 5.24 71.24
N ILE D 164 33.23 4.89 72.52
CA ILE D 164 34.14 5.52 73.47
C ILE D 164 35.09 4.47 74.01
N LEU D 165 36.38 4.78 73.97
CA LEU D 165 37.47 3.83 74.12
C LEU D 165 38.34 4.28 75.29
N VAL D 166 38.08 3.73 76.48
CA VAL D 166 38.84 4.09 77.68
C VAL D 166 39.16 2.83 78.48
N GLU D 167 40.36 2.78 79.05
CA GLU D 167 40.83 1.64 79.83
C GLU D 167 40.75 0.35 79.02
N GLY D 168 41.14 0.44 77.75
CA GLY D 168 41.08 -0.71 76.87
C GLY D 168 39.69 -1.26 76.65
N GLY D 169 38.66 -0.47 76.92
CA GLY D 169 37.29 -0.92 76.79
C GLY D 169 36.67 -0.51 75.46
N GLU D 170 35.47 -1.02 75.23
CA GLU D 170 34.66 -0.65 74.07
C GLU D 170 33.20 -0.72 74.51
N ILE D 171 32.68 0.41 74.97
CA ILE D 171 31.27 0.60 75.24
C ILE D 171 30.77 1.64 74.24
N GLU D 172 29.61 1.36 73.65
CA GLU D 172 29.08 2.20 72.59
C GLU D 172 27.57 2.24 72.72
N LEU D 173 26.95 3.21 72.06
CA LEU D 173 25.52 3.43 72.19
C LEU D 173 24.96 3.98 70.90
N PHE D 174 23.75 3.52 70.57
CA PHE D 174 22.91 4.10 69.54
C PHE D 174 21.56 3.41 69.62
N ASP D 175 20.55 4.08 69.06
CA ASP D 175 19.19 3.55 68.95
C ASP D 175 18.53 3.42 70.31
N GLY D 176 18.86 4.34 71.22
CA GLY D 176 18.22 4.43 72.53
C GLY D 176 19.00 3.86 73.69
N GLU D 177 19.69 2.74 73.48
CA GLU D 177 20.37 2.03 74.56
C GLU D 177 21.87 2.10 74.38
N VAL D 178 22.57 1.78 75.47
CA VAL D 178 24.01 1.60 75.47
C VAL D 178 24.34 0.13 75.29
N ASN D 179 25.52 -0.16 74.76
CA ASN D 179 25.97 -1.52 74.51
C ASN D 179 27.45 -1.64 74.83
N VAL D 180 27.78 -2.64 75.63
CA VAL D 180 29.17 -2.95 75.96
C VAL D 180 29.63 -4.02 74.98
N LYS D 181 30.73 -3.73 74.30
CA LYS D 181 31.37 -4.69 73.40
C LYS D 181 32.59 -5.33 74.03
N ARG D 182 33.28 -4.59 74.89
CA ARG D 182 34.46 -5.08 75.61
C ARG D 182 34.50 -4.40 76.96
N PRO D 183 34.23 -5.09 78.07
CA PRO D 183 34.32 -4.41 79.37
C PRO D 183 35.74 -4.02 79.69
N MET D 184 35.87 -2.85 80.31
CA MET D 184 37.17 -2.33 80.70
C MET D 184 37.60 -2.91 82.05
N LYS D 185 38.92 -2.88 82.28
CA LYS D 185 39.54 -3.52 83.43
C LYS D 185 39.00 -2.98 84.74
N ASP D 186 39.22 -1.70 85.01
CA ASP D 186 38.81 -0.99 86.22
C ASP D 186 37.33 -0.66 86.11
N GLU D 187 36.50 -1.66 86.41
CA GLU D 187 35.06 -1.49 86.50
C GLU D 187 34.64 -0.59 87.65
N THR D 188 35.55 -0.26 88.56
CA THR D 188 35.19 0.50 89.76
C THR D 188 34.67 1.90 89.41
N HIS D 189 35.38 2.63 88.53
CA HIS D 189 34.96 3.97 88.18
C HIS D 189 33.74 3.99 87.27
N PHE D 190 33.44 2.88 86.60
CA PHE D 190 32.29 2.80 85.70
C PHE D 190 31.00 3.07 86.46
N GLU D 191 30.05 3.68 85.78
CA GLU D 191 28.80 4.11 86.38
C GLU D 191 27.88 4.60 85.27
N VAL D 192 26.59 4.27 85.40
CA VAL D 192 25.59 4.66 84.43
C VAL D 192 24.33 5.04 85.19
N VAL D 193 23.77 6.21 84.87
CA VAL D 193 22.63 6.80 85.57
C VAL D 193 21.63 7.21 84.50
N GLU D 194 20.63 6.35 84.28
CA GLU D 194 19.53 6.63 83.36
C GLU D 194 18.44 7.43 84.06
N SER D 195 18.75 8.69 84.36
CA SER D 195 17.86 9.61 85.06
C SER D 195 17.21 10.55 84.05
N GLY D 196 15.91 10.42 83.88
CA GLY D 196 15.17 11.32 83.03
C GLY D 196 15.41 11.05 81.56
N ARG D 197 15.50 12.12 80.77
CA ARG D 197 15.81 12.00 79.36
C ARG D 197 17.21 11.47 79.10
N TYR D 198 18.12 11.60 80.07
CA TYR D 198 19.55 11.51 79.81
C TYR D 198 20.14 10.16 80.22
N ILE D 199 21.32 9.93 79.67
CA ILE D 199 22.19 8.84 80.07
C ILE D 199 23.47 9.49 80.58
N ILE D 200 23.50 9.80 81.87
CA ILE D 200 24.73 10.27 82.48
C ILE D 200 25.68 9.10 82.68
N LEU D 201 26.97 9.35 82.44
CA LEU D 201 27.90 8.26 82.20
C LEU D 201 29.27 8.71 82.67
N LEU D 202 29.65 8.31 83.87
CA LEU D 202 30.98 8.55 84.40
C LEU D 202 31.94 7.48 83.90
N LEU D 203 33.21 7.85 83.86
CA LEU D 203 34.27 6.94 83.46
C LEU D 203 35.53 7.08 84.28
N GLY D 204 35.54 7.94 85.29
CA GLY D 204 36.77 8.17 86.03
C GLY D 204 36.61 9.39 86.92
N LYS D 205 37.75 9.80 87.48
CA LYS D 205 37.77 10.96 88.35
C LYS D 205 37.61 12.27 87.57
N ALA D 206 37.98 12.28 86.29
CA ALA D 206 38.05 13.50 85.49
C ALA D 206 37.44 13.27 84.11
N LEU D 207 36.25 12.68 84.08
CA LEU D 207 35.58 12.45 82.81
C LEU D 207 34.12 12.09 83.08
N SER D 208 33.24 12.41 82.14
CA SER D 208 31.81 12.24 82.19
C SER D 208 31.21 12.52 80.82
N VAL D 209 30.06 11.92 80.56
CA VAL D 209 29.37 12.04 79.28
C VAL D 209 27.87 12.08 79.56
N VAL D 210 27.13 12.74 78.67
CA VAL D 210 25.69 12.91 78.71
C VAL D 210 25.14 12.69 77.30
N TRP D 211 23.90 12.20 77.24
CA TRP D 211 23.28 11.82 75.99
C TRP D 211 21.78 11.89 76.14
N ASP D 212 21.12 12.71 75.31
CA ASP D 212 19.68 12.89 75.44
C ASP D 212 18.88 11.83 74.73
N ARG D 213 19.49 10.69 74.40
CA ARG D 213 18.83 9.54 73.81
C ARG D 213 18.50 9.76 72.34
N HIS D 214 18.68 10.98 71.82
CA HIS D 214 18.35 11.32 70.44
C HIS D 214 19.55 11.80 69.65
N LEU D 215 20.20 12.91 70.03
CA LEU D 215 21.41 13.37 69.34
C LEU D 215 22.50 13.97 70.22
N SER D 216 22.19 14.56 71.36
CA SER D 216 23.14 15.45 72.01
C SER D 216 24.28 14.68 72.64
N ILE D 217 25.49 15.19 72.44
CA ILE D 217 26.69 14.62 73.05
C ILE D 217 27.41 15.72 73.80
N SER D 218 27.42 15.65 75.12
CA SER D 218 27.99 16.67 75.99
C SER D 218 28.92 16.04 77.00
N VAL D 219 30.17 15.81 76.59
CA VAL D 219 31.29 15.33 77.40
C VAL D 219 31.76 16.46 78.30
N VAL D 220 32.12 16.11 79.53
CA VAL D 220 32.44 17.07 80.59
C VAL D 220 33.75 16.65 81.22
N LEU D 221 34.71 17.57 81.25
CA LEU D 221 36.04 17.35 81.77
C LEU D 221 36.28 18.21 83.01
N LYS D 222 37.34 17.90 83.73
CA LYS D 222 37.70 18.58 84.96
C LYS D 222 38.97 19.39 84.77
N GLN D 223 39.46 19.97 85.87
CA GLN D 223 40.71 20.73 85.90
C GLN D 223 41.95 19.93 85.52
N THR D 224 41.86 18.59 85.44
CA THR D 224 43.05 17.76 85.39
C THR D 224 43.87 18.00 84.14
N TYR D 225 43.21 18.16 83.00
CA TYR D 225 43.93 18.11 81.72
C TYR D 225 44.61 19.42 81.40
N GLN D 226 43.83 20.47 81.13
CA GLN D 226 44.36 21.81 80.83
C GLN D 226 45.42 21.74 79.74
N GLU D 227 44.94 21.52 78.50
CA GLU D 227 45.76 21.25 77.33
C GLU D 227 46.44 19.90 77.41
N LYS D 228 45.63 18.84 77.41
CA LYS D 228 46.11 17.49 77.15
C LYS D 228 45.35 16.79 76.02
N VAL D 229 44.38 17.44 75.39
CA VAL D 229 43.47 16.80 74.45
C VAL D 229 43.57 17.47 73.09
N CYS D 230 42.87 16.88 72.13
CA CYS D 230 42.58 17.52 70.85
C CYS D 230 41.52 16.69 70.13
N GLY D 231 41.05 17.22 69.02
CA GLY D 231 39.93 16.68 68.28
C GLY D 231 39.06 17.78 67.75
N LEU D 232 37.76 17.51 67.64
CA LEU D 232 36.83 18.54 67.22
C LEU D 232 36.62 19.61 68.28
N CYS D 233 36.44 19.25 69.55
CA CYS D 233 36.21 20.21 70.61
C CYS D 233 37.42 21.06 70.94
N GLY D 234 38.55 20.85 70.30
CA GLY D 234 39.72 21.67 70.57
C GLY D 234 40.57 21.14 71.70
N ASN D 235 41.34 22.06 72.28
CA ASN D 235 42.47 21.71 73.14
C ASN D 235 42.22 21.91 74.62
N PHE D 236 41.18 22.66 75.01
CA PHE D 236 40.86 22.91 76.42
C PHE D 236 42.02 23.62 77.12
N ASP D 237 42.26 24.85 76.64
CA ASP D 237 43.32 25.71 77.17
C ASP D 237 42.84 27.07 77.65
N GLY D 238 41.60 27.45 77.40
CA GLY D 238 41.12 28.79 77.72
C GLY D 238 41.18 29.70 76.53
N ILE D 239 42.18 29.51 75.67
CA ILE D 239 42.27 30.27 74.43
C ILE D 239 41.25 29.73 73.45
N GLN D 240 40.45 30.61 72.88
CA GLN D 240 39.26 30.23 72.14
C GLN D 240 39.47 30.19 70.63
N ASN D 241 40.47 30.88 70.10
CA ASN D 241 40.69 30.92 68.66
C ASN D 241 41.60 29.80 68.18
N ASN D 242 42.26 29.09 69.10
CA ASN D 242 43.05 27.91 68.76
C ASN D 242 42.32 26.59 68.93
N ASP D 243 40.98 26.60 68.76
CA ASP D 243 40.19 25.39 68.68
C ASP D 243 39.97 24.94 67.24
N LEU D 244 40.76 25.45 66.30
CA LEU D 244 40.78 24.94 64.94
C LEU D 244 42.16 24.42 64.57
N THR D 245 42.84 23.79 65.54
CA THR D 245 44.16 23.20 65.35
C THR D 245 44.02 21.80 64.79
N SER D 246 44.09 21.68 63.46
CA SER D 246 43.84 20.42 62.79
C SER D 246 44.86 19.36 63.21
N SER D 247 44.59 18.12 62.79
CA SER D 247 45.46 17.01 63.17
C SER D 247 46.89 17.20 62.69
N ASN D 248 47.07 17.94 61.60
CA ASN D 248 48.39 18.23 61.07
C ASN D 248 49.07 19.42 61.76
N LEU D 249 48.53 19.87 62.90
CA LEU D 249 49.15 20.86 63.81
C LEU D 249 49.30 22.24 63.14
N GLN D 250 48.14 22.80 62.78
CA GLN D 250 48.07 24.18 62.34
C GLN D 250 46.64 24.65 62.51
N VAL D 251 46.47 25.97 62.57
CA VAL D 251 45.15 26.56 62.67
C VAL D 251 44.59 26.78 61.27
N GLU D 252 43.38 26.28 61.04
CA GLU D 252 42.59 26.66 59.87
C GLU D 252 41.58 27.74 60.23
N GLU D 253 40.85 28.19 59.20
CA GLU D 253 39.86 29.26 59.14
C GLU D 253 38.51 28.79 58.66
N ASP D 254 38.46 27.71 57.89
CA ASP D 254 37.22 27.19 57.33
C ASP D 254 36.92 25.85 57.98
N PRO D 255 36.03 25.76 58.98
CA PRO D 255 35.93 24.52 59.76
C PRO D 255 35.51 23.30 58.98
N VAL D 256 34.94 23.46 57.79
CA VAL D 256 34.61 22.31 56.97
C VAL D 256 35.86 21.55 56.56
N ASP D 257 36.99 22.23 56.42
CA ASP D 257 38.27 21.59 56.20
C ASP D 257 38.92 21.09 57.49
N PHE D 258 38.48 21.59 58.64
CA PHE D 258 39.00 21.15 59.92
C PHE D 258 38.59 19.71 60.22
N GLY D 259 37.29 19.46 60.30
CA GLY D 259 36.81 18.14 60.67
C GLY D 259 37.20 17.08 59.66
N ASN D 260 37.39 17.45 58.40
CA ASN D 260 37.84 16.50 57.40
C ASN D 260 39.21 15.92 57.74
N SER D 261 40.01 16.64 58.53
CA SER D 261 41.27 16.10 59.01
C SER D 261 41.09 15.06 60.10
N TRP D 262 39.98 15.13 60.86
CA TRP D 262 39.81 14.32 62.05
C TRP D 262 38.99 13.06 61.82
N LYS D 263 38.61 12.76 60.57
CA LYS D 263 37.85 11.54 60.33
C LYS D 263 38.73 10.32 60.54
N VAL D 264 38.07 9.20 60.87
CA VAL D 264 38.79 7.96 61.10
C VAL D 264 39.11 7.27 59.79
N SER D 265 38.09 6.88 59.06
CA SER D 265 38.29 6.23 57.77
C SER D 265 38.81 7.27 56.79
N SER D 266 40.10 7.21 56.52
CA SER D 266 40.76 8.21 55.69
C SER D 266 40.48 8.03 54.20
N GLN D 267 39.60 7.10 53.83
CA GLN D 267 39.22 6.88 52.44
C GLN D 267 37.74 7.05 52.20
N CYS D 268 36.96 7.44 53.21
CA CYS D 268 35.55 7.77 53.00
C CYS D 268 35.47 9.23 52.55
N ALA D 269 34.26 9.78 52.56
CA ALA D 269 33.99 11.03 51.86
C ALA D 269 34.32 12.23 52.73
N ASP D 270 35.14 13.12 52.19
CA ASP D 270 35.28 14.46 52.74
C ASP D 270 34.10 15.32 52.29
N THR D 271 33.56 16.08 53.21
CA THR D 271 32.36 16.84 52.91
C THR D 271 32.67 18.00 51.97
N ARG D 272 31.61 18.57 51.42
CA ARG D 272 31.69 19.51 50.32
C ARG D 272 31.50 20.93 50.83
N LYS D 273 32.37 21.85 50.40
CA LYS D 273 32.24 23.24 50.79
C LYS D 273 30.98 23.85 50.20
N VAL D 274 29.96 24.00 51.04
CA VAL D 274 28.68 24.58 50.67
C VAL D 274 28.77 26.08 50.37
N PRO D 275 28.07 26.62 49.37
CA PRO D 275 28.01 28.07 49.24
C PRO D 275 27.23 28.73 50.37
N LEU D 276 27.91 29.59 51.11
CA LEU D 276 27.32 30.16 52.32
C LEU D 276 26.13 31.04 51.97
N ASP D 277 25.12 31.00 52.82
CA ASP D 277 23.90 31.78 52.65
C ASP D 277 23.07 31.63 53.92
N SER D 278 22.30 32.66 54.23
CA SER D 278 21.52 32.67 55.47
C SER D 278 20.29 31.77 55.42
N SER D 279 19.99 31.18 54.25
CA SER D 279 18.84 30.30 54.07
C SER D 279 19.31 28.91 53.64
N PRO D 280 19.04 27.84 54.41
CA PRO D 280 19.37 26.49 53.92
C PRO D 280 18.45 26.04 52.79
N ALA D 281 18.56 24.75 52.45
CA ALA D 281 17.97 24.21 51.22
C ALA D 281 16.50 24.59 51.04
N THR D 282 15.64 24.25 52.00
CA THR D 282 14.22 24.51 51.84
C THR D 282 13.91 25.99 51.94
N CYS D 283 14.38 26.66 53.00
CA CYS D 283 14.18 28.09 53.16
C CYS D 283 14.77 28.92 52.05
N HIS D 284 15.71 28.38 51.29
CA HIS D 284 16.28 29.08 50.14
C HIS D 284 15.18 29.35 49.12
N ASN D 285 14.95 30.62 48.82
CA ASN D 285 13.91 31.06 47.88
C ASN D 285 12.50 30.64 48.33
N ASN D 286 12.30 30.56 49.64
CA ASN D 286 10.97 30.32 50.21
C ASN D 286 10.74 31.24 51.41
N ILE D 287 10.96 32.55 51.19
CA ILE D 287 10.94 33.62 52.18
C ILE D 287 9.78 33.53 53.17
N MET D 288 8.61 33.06 52.74
CA MET D 288 7.42 32.86 53.58
C MET D 288 7.74 31.96 54.76
N LYS D 289 8.12 30.72 54.45
CA LYS D 289 8.44 29.73 55.49
C LYS D 289 9.53 30.24 56.41
N GLN D 290 10.46 31.03 55.89
CA GLN D 290 11.57 31.53 56.69
CA GLN D 290 11.57 31.51 56.70
C GLN D 290 11.10 32.37 57.86
N THR D 291 9.98 33.06 57.72
CA THR D 291 9.51 33.96 58.76
C THR D 291 8.63 33.27 59.78
N MET D 292 8.09 32.11 59.43
CA MET D 292 7.35 31.32 60.41
C MET D 292 8.29 30.53 61.31
N VAL D 293 9.46 30.18 60.82
CA VAL D 293 10.53 29.56 61.59
C VAL D 293 11.29 30.61 62.39
N ASP D 294 11.56 31.76 61.78
CA ASP D 294 12.22 32.87 62.46
C ASP D 294 11.45 33.24 63.72
N SER D 295 10.16 33.55 63.56
CA SER D 295 9.31 33.88 64.70
C SER D 295 9.29 32.76 65.72
N SER D 296 9.10 31.53 65.27
CA SER D 296 8.94 30.42 66.20
C SER D 296 10.25 30.09 66.91
N CYS D 297 11.39 30.44 66.32
CA CYS D 297 12.70 30.40 66.94
C CYS D 297 12.96 31.59 67.86
N ARG D 298 12.08 32.59 67.89
CA ARG D 298 12.19 33.65 68.89
C ARG D 298 11.62 33.26 70.24
N ILE D 299 11.26 31.99 70.44
CA ILE D 299 11.02 31.55 71.81
C ILE D 299 12.31 31.66 72.60
N LEU D 300 13.46 31.52 71.93
CA LEU D 300 14.74 31.75 72.58
C LEU D 300 14.91 33.19 73.04
N THR D 301 14.04 34.11 72.60
CA THR D 301 13.90 35.42 73.23
C THR D 301 12.41 35.58 73.52
N SER D 302 11.98 35.03 74.66
CA SER D 302 10.60 35.13 75.11
C SER D 302 10.58 35.56 76.56
N ASP D 303 9.37 35.77 77.08
CA ASP D 303 9.23 36.32 78.43
C ASP D 303 9.76 35.37 79.48
N VAL D 304 9.70 34.06 79.21
CA VAL D 304 10.07 33.07 80.23
C VAL D 304 11.58 32.89 80.32
N PHE D 305 12.33 33.11 79.24
CA PHE D 305 13.78 33.02 79.16
C PHE D 305 14.48 34.31 79.56
N GLN D 306 13.74 35.37 79.91
CA GLN D 306 14.37 36.66 80.16
C GLN D 306 15.46 36.63 81.22
N ASP D 307 15.41 35.69 82.16
CA ASP D 307 16.50 35.55 83.12
C ASP D 307 17.74 34.99 82.44
N CYS D 308 17.59 33.98 81.60
CA CYS D 308 18.73 33.34 80.98
C CYS D 308 19.26 34.12 79.79
N ASN D 309 18.43 34.94 79.16
CA ASN D 309 18.92 35.80 78.09
C ASN D 309 20.02 36.73 78.57
N LYS D 310 19.99 37.11 79.83
CA LYS D 310 21.03 37.97 80.39
C LYS D 310 22.37 37.27 80.51
N LEU D 311 22.38 35.98 80.86
CA LEU D 311 23.62 35.27 81.13
C LEU D 311 24.21 34.64 79.88
N VAL D 312 23.42 33.80 79.22
CA VAL D 312 23.88 32.98 78.10
C VAL D 312 23.35 33.62 76.83
N ASP D 313 24.25 34.06 75.97
CA ASP D 313 23.87 34.67 74.71
C ASP D 313 23.06 33.68 73.89
N PRO D 314 21.83 34.02 73.47
CA PRO D 314 21.07 33.09 72.63
C PRO D 314 21.38 33.20 71.14
N GLU D 315 22.16 34.19 70.73
CA GLU D 315 22.45 34.35 69.32
C GLU D 315 23.14 33.12 68.72
N PRO D 316 24.07 32.44 69.40
CA PRO D 316 24.49 31.13 68.89
C PRO D 316 23.36 30.10 68.74
N TYR D 317 22.65 29.76 69.82
CA TYR D 317 21.61 28.74 69.78
C TYR D 317 20.46 29.12 68.87
N LEU D 318 20.31 30.39 68.52
CA LEU D 318 19.28 30.81 67.60
C LEU D 318 19.61 30.39 66.17
N ASP D 319 20.84 30.68 65.72
CA ASP D 319 21.21 30.40 64.34
C ASP D 319 21.10 28.93 64.00
N VAL D 320 21.17 28.05 65.01
CA VAL D 320 21.00 26.62 64.78
C VAL D 320 19.53 26.30 64.58
N CYS D 321 18.66 26.94 65.36
CA CYS D 321 17.21 26.72 65.25
C CYS D 321 16.72 26.99 63.84
N ILE D 322 17.29 28.01 63.19
CA ILE D 322 16.85 28.38 61.86
C ILE D 322 17.55 27.53 60.82
N TYR D 323 18.75 27.02 61.14
CA TYR D 323 19.48 26.21 60.19
C TYR D 323 18.89 24.81 60.06
N ASP D 324 18.55 24.18 61.19
CA ASP D 324 18.08 22.80 61.15
C ASP D 324 16.70 22.70 60.53
N THR D 325 15.73 23.42 61.10
CA THR D 325 14.35 23.22 60.72
C THR D 325 14.04 23.69 59.30
N CYS D 326 14.86 24.56 58.73
CA CYS D 326 14.80 24.76 57.28
C CYS D 326 15.10 23.46 56.55
N SER D 327 16.31 22.94 56.73
CA SER D 327 16.65 21.63 56.17
C SER D 327 15.66 20.54 56.59
N CYS D 328 15.45 20.34 57.89
CA CYS D 328 14.61 19.27 58.38
C CYS D 328 13.17 19.44 57.91
N GLU D 329 12.62 18.35 57.37
CA GLU D 329 11.21 18.28 56.99
C GLU D 329 10.47 17.61 58.13
N SER D 330 10.21 18.38 59.18
CA SER D 330 9.45 17.89 60.32
C SER D 330 8.01 17.63 59.89
N ILE D 331 7.53 16.41 60.11
CA ILE D 331 6.21 16.00 59.66
C ILE D 331 5.41 15.49 60.84
N GLY D 332 5.87 14.39 61.44
CA GLY D 332 5.18 13.75 62.53
C GLY D 332 5.85 14.05 63.84
N ASP D 333 7.18 13.98 63.84
CA ASP D 333 8.00 14.34 64.98
C ASP D 333 8.59 15.71 64.70
N CYS D 334 8.18 16.70 65.49
CA CYS D 334 8.82 18.02 65.47
C CYS D 334 10.05 18.06 66.37
N ALA D 335 10.92 17.05 66.27
CA ALA D 335 12.04 16.93 67.19
C ALA D 335 13.27 17.70 66.74
N CYS D 336 13.39 17.97 65.45
CA CYS D 336 14.46 18.84 64.96
C CYS D 336 14.24 20.31 65.29
N PHE D 337 13.14 20.65 65.97
CA PHE D 337 12.93 21.95 66.58
C PHE D 337 12.94 21.87 68.10
N CYS D 338 12.15 20.94 68.66
CA CYS D 338 12.00 20.82 70.10
C CYS D 338 13.31 20.53 70.81
N ASP D 339 14.28 19.92 70.12
CA ASP D 339 15.54 19.54 70.75
C ASP D 339 16.52 20.69 70.87
N THR D 340 16.40 21.72 70.04
CA THR D 340 17.35 22.81 70.06
C THR D 340 17.11 23.75 71.24
N ILE D 341 15.87 23.87 71.70
CA ILE D 341 15.56 24.76 72.81
C ILE D 341 15.91 24.09 74.13
N ALA D 342 15.66 22.79 74.23
CA ALA D 342 16.11 22.05 75.40
C ALA D 342 17.62 22.10 75.54
N ALA D 343 18.33 22.17 74.42
CA ALA D 343 19.77 22.35 74.46
C ALA D 343 20.13 23.75 74.94
N TYR D 344 19.20 24.69 74.86
CA TYR D 344 19.39 26.01 75.45
C TYR D 344 18.89 26.02 76.89
N ALA D 345 17.78 25.33 77.14
CA ALA D 345 17.21 25.31 78.48
C ALA D 345 18.15 24.63 79.47
N HIS D 346 18.80 23.55 79.05
CA HIS D 346 19.69 22.84 79.96
C HIS D 346 20.85 23.73 80.38
N VAL D 347 21.44 24.45 79.43
CA VAL D 347 22.54 25.37 79.70
C VAL D 347 22.08 26.50 80.59
N CYS D 348 20.80 26.88 80.48
CA CYS D 348 20.26 27.85 81.41
C CYS D 348 20.15 27.26 82.81
N ALA D 349 19.87 25.96 82.90
CA ALA D 349 19.74 25.32 84.21
C ALA D 349 21.09 25.15 84.89
N GLN D 350 22.13 24.87 84.11
CA GLN D 350 23.46 24.66 84.71
C GLN D 350 23.94 25.89 85.44
N HIS D 351 23.53 27.09 85.00
CA HIS D 351 23.71 28.37 85.65
C HIS D 351 22.65 28.65 86.70
N GLY D 352 21.90 27.63 87.12
CA GLY D 352 20.97 27.76 88.23
C GLY D 352 19.62 28.34 87.87
N LYS D 353 19.30 28.49 86.59
CA LYS D 353 18.05 29.09 86.14
C LYS D 353 17.17 27.99 85.57
N VAL D 354 16.33 27.42 86.43
CA VAL D 354 15.31 26.49 85.95
C VAL D 354 14.36 27.24 85.03
N VAL D 355 13.79 26.52 84.06
CA VAL D 355 12.78 27.08 83.18
C VAL D 355 11.73 26.01 82.91
N THR D 356 10.47 26.43 82.84
CA THR D 356 9.37 25.60 82.38
C THR D 356 8.78 26.31 81.17
N TRP D 357 9.17 25.84 79.99
CA TRP D 357 8.77 26.43 78.71
C TRP D 357 7.94 25.48 77.87
N ARG D 358 7.62 24.30 78.38
CA ARG D 358 7.09 23.20 77.59
C ARG D 358 5.62 22.96 77.92
N THR D 359 4.75 23.27 76.96
CA THR D 359 3.30 23.17 77.13
C THR D 359 2.72 22.13 76.18
N ALA D 360 1.39 22.05 76.14
CA ALA D 360 0.71 20.96 75.47
C ALA D 360 0.60 21.18 73.97
N THR D 361 0.49 22.43 73.52
CA THR D 361 0.54 22.73 72.10
C THR D 361 1.97 22.78 71.57
N LEU D 362 2.96 22.61 72.43
CA LEU D 362 4.36 22.87 72.07
C LEU D 362 5.27 21.87 72.77
N CYS D 363 5.59 20.78 72.08
CA CYS D 363 6.55 19.73 72.37
C CYS D 363 6.17 19.04 73.68
N PRO D 364 5.05 18.32 73.72
CA PRO D 364 4.43 18.00 75.03
C PRO D 364 5.28 17.20 76.00
N GLN D 365 5.84 16.06 75.58
CA GLN D 365 6.63 15.19 76.45
C GLN D 365 5.79 14.68 77.63
N SER D 366 4.83 13.83 77.29
CA SER D 366 4.10 13.07 78.30
C SER D 366 5.03 12.10 79.01
N CYS D 367 4.53 11.52 80.10
CA CYS D 367 5.27 10.51 80.86
C CYS D 367 4.35 9.39 81.33
N GLU D 368 3.13 9.31 80.79
CA GLU D 368 2.01 8.50 81.25
C GLU D 368 2.09 7.04 80.83
N GLU D 369 2.86 6.72 79.80
CA GLU D 369 2.96 5.33 79.37
C GLU D 369 3.66 4.47 80.41
N ARG D 370 4.45 5.07 81.30
CA ARG D 370 5.17 4.27 82.28
C ARG D 370 4.26 3.82 83.42
N ASN D 371 3.33 4.66 83.85
CA ASN D 371 2.35 4.28 84.88
C ASN D 371 1.21 3.46 84.27
N LEU D 372 1.58 2.38 83.57
CA LEU D 372 0.54 1.58 82.88
C LEU D 372 0.63 0.11 83.29
N MET D 373 1.76 -0.55 83.00
CA MET D 373 1.92 -2.00 83.31
C MET D 373 1.07 -2.37 84.53
N GLU D 374 1.33 -1.72 85.67
CA GLU D 374 0.58 -2.03 86.93
C GLU D 374 -0.91 -1.74 86.72
N ASN D 375 -1.77 -2.74 86.93
CA ASN D 375 -3.22 -2.52 86.83
C ASN D 375 -3.69 -1.39 87.74
N GLY D 376 -3.21 -1.34 88.98
CA GLY D 376 -3.35 -0.14 89.78
C GLY D 376 -2.58 1.01 89.17
N TYR D 377 -3.13 2.20 89.25
CA TYR D 377 -2.52 3.40 88.65
C TYR D 377 -2.05 4.28 89.80
N GLU D 378 -0.83 4.01 90.28
CA GLU D 378 -0.25 4.83 91.38
C GLU D 378 0.31 6.12 90.78
N CYS D 379 0.43 6.19 89.45
CA CYS D 379 0.99 7.40 88.78
C CYS D 379 2.19 7.91 89.58
N MET D 380 3.26 7.11 89.65
CA MET D 380 4.47 7.51 90.44
C MET D 380 5.54 8.06 89.49
N TRP D 381 5.13 8.79 88.46
CA TRP D 381 6.09 9.38 87.49
C TRP D 381 5.61 10.77 87.05
N ARG D 382 6.54 11.71 86.86
CA ARG D 382 6.17 13.12 86.59
C ARG D 382 7.27 13.81 85.77
N TYR D 383 6.89 14.72 84.88
CA TYR D 383 7.86 15.59 84.18
C TYR D 383 7.98 16.92 84.92
N ASN D 384 9.18 17.25 85.40
CA ASN D 384 9.41 18.49 86.21
C ASN D 384 10.45 19.35 85.51
N SER D 385 10.21 20.67 85.49
CA SER D 385 11.17 21.66 84.95
C SER D 385 12.59 21.09 84.94
N CYS D 386 13.12 20.74 86.12
CA CYS D 386 14.54 20.31 86.23
C CYS D 386 14.75 19.61 87.58
N ALA D 387 14.93 18.29 87.56
CA ALA D 387 15.16 17.54 88.80
C ALA D 387 16.60 17.06 88.86
N PRO D 388 17.11 16.73 90.05
CA PRO D 388 18.49 16.25 90.15
C PRO D 388 18.71 14.99 89.34
N ALA D 389 19.92 14.86 88.79
CA ALA D 389 20.28 13.70 87.99
C ALA D 389 20.90 12.59 88.82
N CYS D 390 21.51 12.94 89.95
CA CYS D 390 22.26 12.02 90.80
C CYS D 390 21.46 11.79 92.08
N GLN D 391 20.53 10.84 92.03
CA GLN D 391 19.72 10.46 93.17
C GLN D 391 20.07 9.03 93.60
N VAL D 392 19.31 8.51 94.56
CA VAL D 392 19.60 7.24 95.20
C VAL D 392 18.65 6.16 94.69
N THR D 393 19.20 4.97 94.45
CA THR D 393 18.44 3.83 93.93
C THR D 393 18.91 2.55 94.60
N CYS D 394 18.13 1.47 94.39
CA CYS D 394 18.45 0.11 94.77
C CYS D 394 19.71 -0.38 94.06
N GLN D 395 19.94 0.11 92.83
CA GLN D 395 21.07 -0.22 91.98
C GLN D 395 22.28 0.65 92.28
N HIS D 396 22.05 1.88 92.75
CA HIS D 396 23.09 2.87 93.06
C HIS D 396 22.69 3.62 94.31
N PRO D 397 22.73 2.96 95.47
CA PRO D 397 22.31 3.62 96.71
C PRO D 397 23.21 4.77 97.17
N GLU D 398 24.46 4.82 96.74
CA GLU D 398 25.41 5.77 97.28
C GLU D 398 25.33 7.10 96.51
N PRO D 399 25.74 8.21 97.13
CA PRO D 399 25.87 9.46 96.37
C PRO D 399 27.13 9.54 95.52
N LEU D 400 26.94 9.68 94.22
CA LEU D 400 27.86 9.69 93.09
C LEU D 400 28.37 11.09 92.80
N ALA D 401 29.59 11.15 92.29
CA ALA D 401 30.12 12.38 91.73
C ALA D 401 29.18 12.88 90.64
N CYS D 402 28.68 14.11 90.80
CA CYS D 402 27.48 14.57 90.11
C CYS D 402 27.86 15.72 89.18
N PRO D 403 28.22 15.43 87.93
CA PRO D 403 28.66 16.51 87.04
C PRO D 403 27.55 17.43 86.58
N VAL D 404 26.30 17.02 86.69
CA VAL D 404 25.15 17.78 86.21
C VAL D 404 24.21 17.97 87.39
N GLN D 405 23.84 19.22 87.65
CA GLN D 405 23.05 19.66 88.80
C GLN D 405 21.63 19.13 88.73
N CYS D 406 20.90 19.44 87.66
CA CYS D 406 19.56 18.94 87.40
C CYS D 406 19.35 18.74 85.90
N VAL D 407 18.23 18.10 85.57
CA VAL D 407 17.86 17.75 84.21
C VAL D 407 16.34 17.72 84.05
N GLU D 408 15.84 18.11 82.88
CA GLU D 408 14.47 17.87 82.48
C GLU D 408 14.25 16.36 82.36
N GLY D 409 12.98 15.97 82.27
CA GLY D 409 12.61 14.60 81.98
C GLY D 409 11.60 14.07 82.94
N CYS D 410 11.23 12.81 82.71
CA CYS D 410 10.24 12.13 83.53
C CYS D 410 10.93 11.59 84.77
N HIS D 411 10.39 11.92 85.95
CA HIS D 411 11.00 11.54 87.21
C HIS D 411 9.96 10.98 88.16
N ALA D 412 10.38 9.98 88.93
CA ALA D 412 9.53 9.39 89.96
C ALA D 412 9.46 10.27 91.20
N HIS D 413 8.32 10.24 91.89
CA HIS D 413 8.10 10.88 93.18
C HIS D 413 6.97 10.18 93.90
N CYS D 414 7.33 9.42 94.93
CA CYS D 414 6.40 8.86 95.90
C CYS D 414 6.79 9.33 97.29
N PRO D 415 5.94 9.15 98.29
CA PRO D 415 6.29 9.63 99.64
C PRO D 415 7.59 9.03 100.14
N PRO D 416 8.21 9.64 101.16
CA PRO D 416 9.48 9.08 101.66
C PRO D 416 9.36 7.68 102.24
N GLY D 417 10.48 7.09 102.61
CA GLY D 417 10.63 5.69 102.96
C GLY D 417 10.38 4.74 101.81
N LYS D 418 10.48 5.23 100.57
CA LYS D 418 10.37 4.39 99.38
C LYS D 418 11.37 4.88 98.35
N ILE D 419 12.30 3.99 98.00
CA ILE D 419 13.40 4.31 97.10
C ILE D 419 13.24 3.56 95.78
N LEU D 420 13.66 4.21 94.70
CA LEU D 420 13.39 3.74 93.36
C LEU D 420 14.23 2.55 92.91
N ASP D 421 13.61 1.70 92.10
CA ASP D 421 14.29 0.67 91.34
C ASP D 421 13.77 0.73 89.90
N GLU D 422 14.69 0.63 88.94
CA GLU D 422 14.30 0.80 87.54
C GLU D 422 13.65 -0.44 86.93
N LEU D 423 14.06 -1.64 87.35
CA LEU D 423 13.47 -2.86 86.79
C LEU D 423 11.98 -2.92 87.09
N LEU D 424 11.60 -2.80 88.36
CA LEU D 424 10.20 -2.59 88.73
C LEU D 424 9.89 -1.09 88.67
N GLN D 425 9.15 -0.69 87.65
CA GLN D 425 8.99 0.73 87.31
C GLN D 425 8.50 1.59 88.48
N THR D 426 7.88 0.99 89.50
CA THR D 426 7.44 1.72 90.66
C THR D 426 8.56 1.85 91.70
N CYS D 427 8.44 2.84 92.56
CA CYS D 427 9.31 2.97 93.72
C CYS D 427 8.95 1.91 94.75
N VAL D 428 9.82 1.76 95.75
CA VAL D 428 9.71 0.68 96.72
C VAL D 428 10.52 0.97 97.98
N ASP D 429 10.12 0.33 99.08
CA ASP D 429 10.81 0.51 100.35
C ASP D 429 12.30 0.21 100.27
N PRO D 430 13.09 0.67 101.26
CA PRO D 430 14.53 0.36 101.23
C PRO D 430 14.88 -1.12 101.26
N GLU D 431 14.19 -1.92 102.10
CA GLU D 431 14.62 -3.30 102.31
C GLU D 431 14.42 -4.17 101.07
N ASP D 432 13.49 -3.82 100.19
CA ASP D 432 13.28 -4.59 98.97
C ASP D 432 14.41 -4.39 97.97
N CYS D 433 15.34 -3.47 98.21
CA CYS D 433 16.51 -3.35 97.36
C CYS D 433 17.43 -4.57 97.51
N PRO D 434 18.00 -5.08 96.40
CA PRO D 434 19.07 -6.06 96.56
C PRO D 434 20.37 -5.39 97.00
N VAL D 435 20.39 -4.96 98.25
CA VAL D 435 21.50 -4.23 98.84
C VAL D 435 22.47 -5.18 99.55
N CYS D 436 23.73 -4.76 99.68
CA CYS D 436 24.78 -5.58 100.25
C CYS D 436 25.56 -4.83 101.33
N GLU D 437 25.66 -5.44 102.51
CA GLU D 437 26.52 -4.95 103.60
C GLU D 437 27.22 -6.12 104.28
N VAL D 438 28.40 -6.48 103.78
CA VAL D 438 29.15 -7.63 104.26
C VAL D 438 30.29 -7.19 105.17
N ALA D 439 30.30 -7.74 106.40
CA ALA D 439 31.21 -7.48 107.52
C ALA D 439 31.16 -6.02 107.97
N GLY D 440 30.02 -5.36 107.80
CA GLY D 440 29.76 -4.09 108.44
C GLY D 440 29.86 -2.83 107.60
N ARG D 441 30.90 -2.73 106.75
CA ARG D 441 31.16 -1.45 106.12
C ARG D 441 30.12 -1.13 105.05
N ARG D 442 29.77 0.16 104.97
CA ARG D 442 28.83 0.67 103.98
C ARG D 442 29.50 0.88 102.62
N PHE D 443 28.90 0.29 101.59
CA PHE D 443 29.35 0.31 100.19
C PHE D 443 28.14 0.21 99.25
N ALA D 444 28.39 -0.14 98.00
CA ALA D 444 27.35 -0.19 96.99
C ALA D 444 26.47 -1.43 97.19
N SER D 445 25.49 -1.57 96.30
CA SER D 445 24.53 -2.69 96.35
C SER D 445 25.08 -3.90 95.59
N GLY D 446 26.18 -4.43 96.12
CA GLY D 446 26.76 -5.64 95.57
C GLY D 446 27.28 -5.48 94.16
N LYS D 447 28.21 -4.55 93.97
CA LYS D 447 28.94 -4.47 92.71
C LYS D 447 29.66 -5.78 92.38
N LYS D 448 29.85 -6.02 91.08
CA LYS D 448 30.50 -7.23 90.60
C LYS D 448 31.96 -6.90 90.28
N VAL D 449 32.74 -6.78 91.35
CA VAL D 449 34.14 -6.38 91.29
C VAL D 449 34.91 -7.24 92.28
N THR D 450 36.11 -7.65 91.89
CA THR D 450 37.08 -8.38 92.71
C THR D 450 37.98 -7.39 93.44
N LEU D 451 37.67 -7.14 94.72
CA LEU D 451 38.40 -6.24 95.60
C LEU D 451 39.78 -6.79 95.96
N ASN D 452 40.66 -5.88 96.36
CA ASN D 452 41.97 -6.21 96.91
C ASN D 452 42.83 -7.04 95.95
N PRO D 453 43.27 -6.48 94.81
CA PRO D 453 44.30 -7.15 94.02
C PRO D 453 45.72 -6.85 94.47
N SER D 454 45.91 -5.98 95.45
CA SER D 454 47.25 -5.45 95.74
C SER D 454 48.18 -6.50 96.34
N ASP D 455 47.89 -6.99 97.61
CA ASP D 455 48.42 -7.84 98.68
C ASP D 455 47.89 -9.27 98.57
N PRO D 456 48.75 -10.31 98.38
CA PRO D 456 48.22 -11.68 98.35
C PRO D 456 47.79 -12.17 99.72
N GLU D 457 48.64 -11.92 100.74
CA GLU D 457 48.44 -12.41 102.10
C GLU D 457 47.16 -11.86 102.70
N HIS D 458 46.84 -10.60 102.43
CA HIS D 458 45.62 -9.89 102.82
C HIS D 458 44.46 -10.12 101.85
N CYS D 459 44.59 -11.09 100.94
CA CYS D 459 43.51 -11.33 99.99
C CYS D 459 42.35 -11.95 100.74
N GLN D 460 41.54 -11.09 101.38
CA GLN D 460 40.34 -11.50 102.10
C GLN D 460 39.14 -10.95 101.33
N ILE D 461 38.71 -11.70 100.34
CA ILE D 461 37.70 -11.26 99.39
C ILE D 461 36.32 -11.47 99.99
N CYS D 462 35.38 -10.59 99.63
CA CYS D 462 33.96 -10.67 100.00
C CYS D 462 33.16 -10.03 98.87
N HIS D 463 32.63 -10.86 97.97
CA HIS D 463 31.68 -10.41 96.97
C HIS D 463 30.28 -10.38 97.56
N CYS D 464 29.33 -9.90 96.76
CA CYS D 464 27.92 -10.00 97.10
C CYS D 464 27.12 -9.80 95.83
N ASP D 465 26.39 -10.84 95.42
CA ASP D 465 25.59 -10.76 94.19
C ASP D 465 24.38 -9.85 94.36
N VAL D 466 23.47 -10.17 95.28
CA VAL D 466 22.26 -9.38 95.49
C VAL D 466 22.13 -9.02 96.97
N VAL D 467 22.18 -10.03 97.84
CA VAL D 467 22.10 -9.84 99.28
C VAL D 467 23.11 -10.66 100.06
N ASN D 468 23.75 -11.65 99.42
CA ASN D 468 24.41 -12.73 100.15
C ASN D 468 25.51 -12.26 101.09
N LEU D 469 25.45 -12.77 102.32
CA LEU D 469 26.40 -12.44 103.39
C LEU D 469 27.63 -13.35 103.31
N THR D 470 28.26 -13.35 102.14
CA THR D 470 29.21 -14.37 101.74
C THR D 470 30.61 -13.77 101.58
N CYS D 471 31.62 -14.64 101.72
CA CYS D 471 33.00 -14.29 101.44
C CYS D 471 33.73 -15.47 100.83
N GLU D 472 34.26 -15.28 99.63
CA GLU D 472 34.95 -16.33 98.90
C GLU D 472 36.39 -16.52 99.39
N ALA D 473 37.03 -17.58 98.89
CA ALA D 473 38.43 -17.86 99.17
C ALA D 473 39.30 -17.45 97.99
N CYS D 474 40.49 -16.95 98.29
CA CYS D 474 41.45 -16.57 97.25
C CYS D 474 42.31 -17.76 96.82
N GLN D 475 42.48 -17.91 95.52
CA GLN D 475 43.37 -18.94 94.99
C GLN D 475 44.83 -18.53 95.18
N GLU D 476 45.60 -19.36 95.86
CA GLU D 476 46.98 -19.03 96.14
C GLU D 476 47.81 -19.09 94.86
N PRO D 477 48.87 -18.27 94.75
CA PRO D 477 49.75 -18.41 93.58
C PRO D 477 50.60 -19.67 93.61
N GLY D 478 51.11 -20.04 94.79
CA GLY D 478 51.92 -21.24 94.93
C GLY D 478 51.13 -22.51 94.66
N SER E 8 -15.54 54.92 71.53
CA SER E 8 -14.62 55.11 70.42
C SER E 8 -14.00 53.78 70.01
N SER E 9 -12.94 53.36 70.70
CA SER E 9 -12.22 52.12 70.45
C SER E 9 -11.58 52.06 69.07
N THR E 10 -11.50 53.18 68.35
CA THR E 10 -10.95 53.21 67.00
C THR E 10 -10.19 54.52 66.82
N ALA E 11 -9.73 54.75 65.60
CA ALA E 11 -9.00 55.96 65.24
C ALA E 11 -9.37 56.33 63.82
N ARG E 12 -8.69 57.35 63.28
CA ARG E 12 -8.91 57.75 61.90
C ARG E 12 -7.82 58.73 61.46
N CYS E 13 -7.19 58.44 60.32
CA CYS E 13 -6.33 59.38 59.62
C CYS E 13 -6.90 59.63 58.24
N SER E 14 -6.50 60.74 57.63
CA SER E 14 -6.99 61.10 56.31
C SER E 14 -6.01 62.02 55.61
N LEU E 15 -5.76 61.74 54.34
CA LEU E 15 -4.93 62.55 53.46
C LEU E 15 -5.84 63.02 52.33
N PHE E 16 -6.52 64.13 52.56
CA PHE E 16 -7.61 64.58 51.71
C PHE E 16 -7.15 65.67 50.75
N GLY E 17 -7.68 65.63 49.54
CA GLY E 17 -7.39 66.67 48.58
C GLY E 17 -5.96 66.59 48.09
N SER E 18 -5.29 67.74 48.08
CA SER E 18 -3.90 67.86 47.64
C SER E 18 -3.03 68.24 48.83
N ASP E 19 -2.12 67.35 49.20
CA ASP E 19 -1.03 67.62 50.13
C ASP E 19 -1.47 67.76 51.59
N PHE E 20 -2.76 67.71 51.86
CA PHE E 20 -3.25 67.92 53.22
C PHE E 20 -3.34 66.60 53.98
N VAL E 21 -3.37 66.73 55.30
CA VAL E 21 -3.23 65.62 56.23
C VAL E 21 -4.18 65.84 57.39
N ASN E 22 -4.66 64.74 57.96
CA ASN E 22 -5.42 64.78 59.22
C ASN E 22 -4.98 63.59 60.05
N THR E 23 -4.31 63.86 61.16
CA THR E 23 -3.81 62.82 62.05
C THR E 23 -4.96 62.22 62.85
N PHE E 24 -4.61 61.27 63.71
CA PHE E 24 -5.58 60.68 64.62
C PHE E 24 -6.14 61.69 65.61
N ASP E 25 -5.42 62.77 65.87
CA ASP E 25 -5.84 63.78 66.85
C ASP E 25 -5.87 65.19 66.26
N GLY E 26 -6.95 65.49 65.55
CA GLY E 26 -7.35 66.83 65.14
C GLY E 26 -6.25 67.82 64.81
N SER E 27 -5.21 67.36 64.13
CA SER E 27 -4.04 68.19 63.83
C SER E 27 -3.77 68.10 62.33
N MET E 28 -4.04 69.18 61.62
CA MET E 28 -3.87 69.26 60.19
C MET E 28 -2.62 70.04 59.83
N TYR E 29 -2.21 69.87 58.58
CA TYR E 29 -1.12 70.63 57.98
C TYR E 29 -1.12 70.26 56.50
N SER E 30 -0.11 70.74 55.77
CA SER E 30 0.08 70.40 54.37
C SER E 30 1.47 69.85 54.15
N PHE E 31 1.60 68.99 53.16
CA PHE E 31 2.89 68.37 52.84
C PHE E 31 2.84 67.92 51.38
N ALA E 32 3.74 68.48 50.58
CA ALA E 32 3.90 68.08 49.18
C ALA E 32 5.15 67.23 49.09
N GLY E 33 5.01 65.96 49.43
CA GLY E 33 6.14 65.05 49.43
C GLY E 33 6.61 64.73 48.04
N TYR E 34 7.60 63.85 47.98
CA TYR E 34 8.28 63.47 46.76
C TYR E 34 8.47 61.98 46.59
N CYS E 35 8.38 61.20 47.66
CA CYS E 35 8.63 59.77 47.60
C CYS E 35 7.75 59.08 48.64
N SER E 36 8.10 57.85 48.96
CA SER E 36 7.39 57.09 49.98
C SER E 36 7.56 57.71 51.36
N TYR E 37 6.53 57.55 52.19
CA TYR E 37 6.56 58.00 53.57
C TYR E 37 5.69 57.07 54.41
N LEU E 38 6.07 56.91 55.67
CA LEU E 38 5.39 55.99 56.57
C LEU E 38 4.16 56.67 57.16
N LEU E 39 2.99 56.12 56.88
CA LEU E 39 1.76 56.64 57.47
C LEU E 39 1.65 56.23 58.93
N ALA E 40 1.57 54.92 59.18
CA ALA E 40 1.39 54.40 60.52
C ALA E 40 2.19 53.11 60.65
N GLY E 41 2.19 52.57 61.84
CA GLY E 41 2.94 51.36 62.17
C GLY E 41 3.56 51.49 63.54
N GLY E 42 3.87 50.35 64.13
CA GLY E 42 4.55 50.33 65.41
C GLY E 42 5.89 51.04 65.34
N CYS E 43 6.45 51.27 66.52
CA CYS E 43 7.67 52.04 66.75
C CYS E 43 8.65 51.24 67.59
N GLN E 44 8.13 50.46 68.54
CA GLN E 44 8.96 49.49 69.23
C GLN E 44 9.16 48.25 68.36
N LYS E 45 8.07 47.70 67.83
CA LYS E 45 8.12 46.55 66.95
C LYS E 45 6.97 46.66 65.95
N ARG E 46 7.26 46.36 64.68
CA ARG E 46 6.31 46.54 63.59
C ARG E 46 5.87 45.18 63.06
N SER E 47 4.61 44.83 63.32
CA SER E 47 4.00 43.70 62.65
C SER E 47 3.54 44.09 61.25
N PHE E 48 3.36 45.38 60.98
CA PHE E 48 2.97 45.86 59.67
C PHE E 48 3.48 47.28 59.49
N SER E 49 3.16 47.88 58.34
CA SER E 49 3.48 49.27 58.09
C SER E 49 2.66 49.75 56.90
N ILE E 50 1.78 50.72 57.11
CA ILE E 50 1.06 51.35 56.01
C ILE E 50 1.92 52.48 55.47
N ILE E 51 2.03 52.54 54.15
CA ILE E 51 2.98 53.41 53.47
C ILE E 51 2.25 54.10 52.34
N GLY E 52 2.65 55.35 52.06
CA GLY E 52 2.05 56.17 51.02
C GLY E 52 3.09 56.80 50.14
N ASP E 53 2.91 56.68 48.82
CA ASP E 53 3.88 57.19 47.86
C ASP E 53 3.34 58.44 47.20
N PHE E 54 4.19 59.46 47.12
CA PHE E 54 3.88 60.72 46.44
C PHE E 54 4.81 60.85 45.25
N GLN E 55 4.22 61.09 44.07
CA GLN E 55 5.01 61.26 42.86
C GLN E 55 5.73 62.60 42.86
N ASN E 56 4.98 63.69 42.86
CA ASN E 56 5.52 65.04 43.04
C ASN E 56 4.43 65.87 43.70
N GLY E 57 4.45 65.90 45.04
CA GLY E 57 3.39 66.53 45.79
C GLY E 57 2.10 65.73 45.78
N LYS E 58 1.56 65.48 44.60
CA LYS E 58 0.34 64.70 44.47
C LYS E 58 0.59 63.23 44.77
N ARG E 59 -0.41 62.57 45.32
CA ARG E 59 -0.28 61.22 45.83
C ARG E 59 -0.64 60.20 44.76
N VAL E 60 -0.08 58.99 44.92
CA VAL E 60 -0.33 57.89 44.00
C VAL E 60 -0.89 56.69 44.77
N SER E 61 -0.08 56.10 45.64
CA SER E 61 -0.31 54.75 46.11
C SER E 61 -0.36 54.66 47.62
N LEU E 62 -1.21 53.75 48.09
CA LEU E 62 -1.16 53.21 49.44
C LEU E 62 -0.45 51.87 49.36
N SER E 63 0.36 51.56 50.37
CA SER E 63 1.08 50.31 50.41
C SER E 63 1.09 49.77 51.84
N VAL E 64 0.98 48.45 51.94
CA VAL E 64 1.00 47.75 53.22
C VAL E 64 2.08 46.70 53.10
N TYR E 65 3.14 46.86 53.88
CA TYR E 65 4.20 45.87 54.00
C TYR E 65 4.04 45.18 55.34
N LEU E 66 3.78 43.88 55.29
CA LEU E 66 3.36 43.14 56.45
C LEU E 66 4.56 42.46 57.11
N GLY E 67 5.41 43.30 57.68
CA GLY E 67 6.62 42.82 58.30
C GLY E 67 7.80 42.85 57.36
N GLU E 68 8.06 41.71 56.73
CA GLU E 68 9.26 41.49 55.92
C GLU E 68 8.98 40.87 54.56
N PHE E 69 7.87 40.16 54.40
CA PHE E 69 7.72 39.17 53.35
C PHE E 69 6.64 39.46 52.32
N PHE E 70 5.66 40.31 52.65
CA PHE E 70 4.50 40.51 51.81
C PHE E 70 4.29 41.99 51.57
N ASP E 71 3.72 42.33 50.41
CA ASP E 71 3.57 43.75 50.00
C ASP E 71 2.32 43.90 49.12
N ILE E 72 1.34 44.68 49.57
CA ILE E 72 0.19 45.10 48.72
C ILE E 72 0.52 46.47 48.11
N HIS E 73 0.05 46.71 46.88
CA HIS E 73 0.29 48.02 46.21
C HIS E 73 -0.98 48.45 45.45
N LEU E 74 -1.82 49.27 46.09
CA LEU E 74 -3.01 49.85 45.41
C LEU E 74 -2.69 51.29 45.01
N PHE E 75 -3.44 51.85 44.05
CA PHE E 75 -3.14 53.20 43.50
C PHE E 75 -4.34 53.71 42.68
N VAL E 76 -4.09 54.16 41.46
CA VAL E 76 -5.07 55.00 40.71
C VAL E 76 -5.42 54.33 39.38
N ASN E 77 -4.89 53.13 39.12
CA ASN E 77 -5.35 52.32 37.96
C ASN E 77 -5.98 51.02 38.48
N GLY E 78 -6.06 50.87 39.80
CA GLY E 78 -6.71 49.69 40.42
C GLY E 78 -6.01 48.40 40.04
N THR E 79 -4.98 48.50 39.20
CA THR E 79 -4.19 47.31 38.76
C THR E 79 -3.28 46.86 39.90
N VAL E 80 -3.86 46.69 41.10
CA VAL E 80 -3.08 46.39 42.34
C VAL E 80 -2.04 45.32 42.03
N THR E 81 -0.85 45.44 42.65
CA THR E 81 0.23 44.44 42.45
C THR E 81 0.68 43.87 43.79
N GLN E 82 1.17 42.63 43.76
CA GLN E 82 1.75 41.93 44.91
C GLN E 82 3.22 41.75 44.59
N GLY E 83 4.08 42.55 45.21
CA GLY E 83 5.47 42.60 44.82
C GLY E 83 5.62 43.41 43.55
N ASP E 84 5.87 42.72 42.44
CA ASP E 84 5.88 43.31 41.12
C ASP E 84 4.91 42.66 40.15
N GLN E 85 4.31 41.52 40.51
CA GLN E 85 3.34 40.85 39.66
C GLN E 85 1.97 41.48 39.87
N ARG E 86 1.42 42.06 38.81
CA ARG E 86 0.08 42.63 38.89
C ARG E 86 -0.93 41.51 39.04
N VAL E 87 -1.73 41.59 40.09
CA VAL E 87 -2.78 40.62 40.35
C VAL E 87 -4.12 41.24 39.96
N SER E 88 -5.15 40.39 39.92
CA SER E 88 -6.51 40.86 39.68
C SER E 88 -7.04 41.47 40.98
N MET E 89 -8.35 41.73 41.02
CA MET E 89 -8.99 42.24 42.20
C MET E 89 -10.39 41.65 42.20
N PRO E 90 -10.95 41.28 43.35
CA PRO E 90 -10.44 41.31 44.73
C PRO E 90 -9.31 40.32 44.98
N TYR E 91 -8.86 40.24 46.23
CA TYR E 91 -7.65 39.52 46.60
C TYR E 91 -7.59 39.45 48.12
N ALA E 92 -7.16 38.30 48.66
CA ALA E 92 -7.38 38.01 50.07
C ALA E 92 -6.22 37.30 50.75
N SER E 93 -5.02 37.34 50.19
CA SER E 93 -3.92 36.58 50.76
C SER E 93 -3.49 37.12 52.11
N LYS E 94 -2.91 36.22 52.92
CA LYS E 94 -2.18 36.57 54.14
C LYS E 94 -3.04 37.37 55.12
N GLY E 95 -4.35 37.13 55.11
CA GLY E 95 -5.23 37.81 56.03
C GLY E 95 -5.50 39.25 55.67
N LEU E 96 -5.34 39.61 54.40
CA LEU E 96 -5.58 40.97 53.92
C LEU E 96 -6.57 40.92 52.76
N TYR E 97 -7.85 41.01 53.09
CA TYR E 97 -8.90 41.12 52.09
C TYR E 97 -8.79 42.47 51.40
N LEU E 98 -8.68 42.44 50.08
CA LEU E 98 -8.52 43.62 49.25
C LEU E 98 -9.77 43.73 48.39
N GLU E 99 -10.72 44.52 48.86
CA GLU E 99 -12.10 44.50 48.40
C GLU E 99 -12.47 45.87 47.83
N THR E 100 -13.73 46.00 47.42
CA THR E 100 -14.31 47.27 47.04
C THR E 100 -15.65 47.44 47.73
N GLU E 101 -15.81 48.55 48.44
CA GLU E 101 -17.01 48.84 49.21
C GLU E 101 -17.60 50.16 48.75
N ALA E 102 -18.90 50.14 48.44
CA ALA E 102 -19.62 51.36 48.07
C ALA E 102 -18.99 52.01 46.84
N GLY E 103 -18.51 51.19 45.91
CA GLY E 103 -17.80 51.69 44.76
C GLY E 103 -16.42 52.23 45.04
N TYR E 104 -15.94 52.13 46.28
CA TYR E 104 -14.64 52.62 46.70
C TYR E 104 -13.83 51.46 47.26
N TYR E 105 -12.51 51.54 47.04
CA TYR E 105 -11.63 50.41 47.30
C TYR E 105 -11.24 50.34 48.77
N LYS E 106 -11.10 49.12 49.28
CA LYS E 106 -10.86 48.85 50.69
C LYS E 106 -9.72 47.86 50.85
N LEU E 107 -9.04 47.96 51.99
CA LEU E 107 -7.97 47.02 52.37
C LEU E 107 -8.13 46.79 53.87
N SER E 108 -8.54 45.58 54.25
CA SER E 108 -8.83 45.25 55.64
C SER E 108 -7.76 44.34 56.21
N GLY E 109 -7.42 44.57 57.47
CA GLY E 109 -6.39 43.83 58.17
C GLY E 109 -6.80 43.52 59.60
N GLU E 110 -8.09 43.22 59.80
CA GLU E 110 -8.69 43.13 61.13
C GLU E 110 -7.89 42.24 62.09
N ALA E 111 -7.21 41.22 61.57
CA ALA E 111 -6.26 40.50 62.40
C ALA E 111 -5.17 41.41 62.89
N TYR E 112 -4.60 42.23 62.00
CA TYR E 112 -3.55 43.15 62.32
C TYR E 112 -4.07 44.52 62.75
N GLY E 113 -5.40 44.69 62.82
CA GLY E 113 -5.97 45.86 63.45
C GLY E 113 -5.87 47.13 62.62
N PHE E 114 -6.31 47.08 61.37
CA PHE E 114 -6.41 48.29 60.59
C PHE E 114 -7.32 48.04 59.40
N VAL E 115 -7.90 49.13 58.90
CA VAL E 115 -8.73 49.13 57.71
C VAL E 115 -8.37 50.37 56.93
N ALA E 116 -7.85 50.20 55.72
CA ALA E 116 -7.58 51.29 54.81
C ALA E 116 -8.60 51.30 53.69
N ARG E 117 -8.54 52.35 52.89
CA ARG E 117 -9.45 52.51 51.76
C ARG E 117 -9.00 53.72 50.96
N ILE E 118 -9.55 53.85 49.76
CA ILE E 118 -9.40 55.03 48.93
C ILE E 118 -10.72 55.29 48.23
N ASP E 119 -10.93 56.56 47.86
CA ASP E 119 -12.11 56.96 47.11
C ASP E 119 -11.76 57.13 45.64
N GLY E 120 -12.73 57.59 44.85
CA GLY E 120 -12.49 57.76 43.42
C GLY E 120 -11.54 58.90 43.12
N SER E 121 -11.68 60.02 43.83
CA SER E 121 -10.77 61.14 43.64
C SER E 121 -9.36 60.79 44.09
N GLY E 122 -9.25 60.09 45.20
CA GLY E 122 -7.99 59.80 45.85
C GLY E 122 -7.90 60.55 47.16
N ASN E 123 -8.26 59.85 48.23
CA ASN E 123 -8.24 60.42 49.59
C ASN E 123 -7.98 59.23 50.52
N PHE E 124 -6.71 59.05 50.87
CA PHE E 124 -6.35 57.93 51.73
C PHE E 124 -7.01 58.08 53.09
N GLN E 125 -7.48 56.97 53.63
CA GLN E 125 -8.08 56.92 54.95
C GLN E 125 -7.59 55.67 55.66
N VAL E 126 -7.44 55.76 56.97
CA VAL E 126 -6.88 54.68 57.78
C VAL E 126 -7.66 54.59 59.08
N LEU E 127 -8.44 53.52 59.24
CA LEU E 127 -9.07 53.23 60.51
C LEU E 127 -8.23 52.20 61.25
N LEU E 128 -8.07 52.41 62.55
CA LEU E 128 -7.08 51.71 63.35
C LEU E 128 -7.62 51.56 64.76
N SER E 129 -7.34 50.41 65.37
CA SER E 129 -7.96 50.05 66.62
C SER E 129 -7.44 50.91 67.78
N ASP E 130 -7.95 50.62 68.97
CA ASP E 130 -7.44 51.23 70.20
C ASP E 130 -6.25 50.49 70.78
N ARG E 131 -5.81 49.40 70.13
CA ARG E 131 -4.73 48.59 70.68
C ARG E 131 -3.40 49.33 70.63
N TYR E 132 -3.23 50.24 69.67
CA TYR E 132 -1.99 51.00 69.50
C TYR E 132 -2.03 52.36 70.20
N PHE E 133 -2.82 52.49 71.26
CA PHE E 133 -2.90 53.70 72.06
C PHE E 133 -1.58 53.94 72.76
N ASN E 134 -0.95 55.08 72.46
CA ASN E 134 0.35 55.52 72.95
C ASN E 134 1.49 54.85 72.17
N LYS E 135 1.20 53.95 71.23
CA LYS E 135 2.21 53.05 70.69
C LYS E 135 2.77 53.52 69.36
N THR E 136 1.93 53.70 68.34
CA THR E 136 2.44 53.99 67.02
C THR E 136 3.10 55.37 66.97
N CYS E 137 3.80 55.60 65.87
CA CYS E 137 4.37 56.91 65.57
C CYS E 137 4.79 56.92 64.11
N GLY E 138 4.37 57.96 63.40
CA GLY E 138 4.59 58.06 61.98
C GLY E 138 4.11 59.39 61.43
N LEU E 139 3.46 59.35 60.26
CA LEU E 139 3.00 60.57 59.61
C LEU E 139 1.58 60.96 59.99
N CYS E 140 0.77 60.00 60.42
CA CYS E 140 -0.53 60.28 61.01
C CYS E 140 -0.46 60.41 62.53
N GLY E 141 0.75 60.55 63.08
CA GLY E 141 0.92 60.81 64.49
C GLY E 141 0.47 59.70 65.41
N ASN E 142 0.75 59.87 66.71
CA ASN E 142 0.39 58.89 67.71
C ASN E 142 -1.11 58.84 67.94
N PHE E 143 -1.60 57.69 68.42
CA PHE E 143 -2.98 57.56 68.86
C PHE E 143 -3.01 57.81 70.36
N ASN E 144 -2.94 59.08 70.72
CA ASN E 144 -3.17 59.54 72.09
C ASN E 144 -4.47 60.36 72.17
N ILE E 145 -4.70 60.99 73.31
CA ILE E 145 -5.81 61.92 73.41
C ILE E 145 -5.40 63.30 72.91
N PHE E 146 -4.19 63.74 73.27
CA PHE E 146 -3.74 65.07 72.90
C PHE E 146 -3.57 65.18 71.39
N ALA E 147 -3.45 66.43 70.93
CA ALA E 147 -3.33 66.78 69.53
C ALA E 147 -2.19 67.73 69.24
N GLU E 148 -1.50 68.24 70.26
CA GLU E 148 -0.41 69.20 70.08
C GLU E 148 0.96 68.54 70.05
N ASP E 149 1.14 67.46 70.80
CA ASP E 149 2.30 66.62 71.02
C ASP E 149 2.44 65.49 70.01
N ASP E 150 1.56 65.42 69.01
CA ASP E 150 1.64 64.32 68.04
C ASP E 150 2.49 64.69 66.85
N PHE E 151 3.66 65.30 67.11
CA PHE E 151 4.80 65.38 66.19
C PHE E 151 6.00 64.86 66.98
N MET E 152 6.19 63.55 67.04
CA MET E 152 7.33 62.94 67.71
C MET E 152 8.13 62.21 66.66
N THR E 153 9.25 62.80 66.26
CA THR E 153 10.00 62.38 65.09
C THR E 153 10.52 60.96 65.21
N GLN E 154 11.11 60.46 64.13
CA GLN E 154 11.73 59.15 64.12
C GLN E 154 12.87 59.04 65.13
N GLU E 155 13.44 60.16 65.55
CA GLU E 155 14.29 60.19 66.73
C GLU E 155 13.44 60.19 68.00
N GLY E 156 12.36 60.96 67.99
CA GLY E 156 11.55 61.25 69.13
C GLY E 156 11.92 62.64 69.60
N THR E 157 11.19 63.63 69.09
CA THR E 157 11.54 65.04 69.28
C THR E 157 10.27 65.83 68.99
N LEU E 158 9.76 66.55 69.99
CA LEU E 158 8.60 67.41 69.74
C LEU E 158 9.06 68.62 68.92
N THR E 159 8.51 68.73 67.72
CA THR E 159 8.88 69.79 66.78
C THR E 159 7.72 70.73 66.56
N SER E 160 8.04 72.00 66.28
CA SER E 160 7.02 72.99 66.00
C SER E 160 6.60 73.04 64.54
N ASP E 161 7.42 72.50 63.64
CA ASP E 161 7.14 72.56 62.20
C ASP E 161 6.36 71.31 61.78
N PRO E 162 5.22 71.44 61.13
CA PRO E 162 4.57 70.27 60.52
C PRO E 162 5.22 69.79 59.23
N TYR E 163 6.38 70.30 58.84
CA TYR E 163 6.98 70.02 57.54
C TYR E 163 8.20 69.13 57.64
N ASP E 164 9.23 69.54 58.38
CA ASP E 164 10.41 68.69 58.52
C ASP E 164 10.07 67.38 59.20
N PHE E 165 9.04 67.39 60.06
CA PHE E 165 8.54 66.18 60.69
C PHE E 165 8.23 65.11 59.65
N ALA E 166 7.37 65.44 58.69
CA ALA E 166 7.00 64.50 57.65
C ALA E 166 8.19 64.03 56.83
N ASN E 167 9.26 64.82 56.78
CA ASN E 167 10.47 64.44 56.08
C ASN E 167 11.36 63.52 56.90
N SER E 168 11.22 63.53 58.22
CA SER E 168 11.92 62.53 59.03
C SER E 168 11.42 61.14 58.72
N TRP E 169 10.12 61.00 58.47
CA TRP E 169 9.50 59.71 58.23
C TRP E 169 9.47 59.36 56.75
N ALA E 170 10.62 59.49 56.11
CA ALA E 170 10.81 59.04 54.73
C ALA E 170 11.44 57.67 54.71
N LEU E 171 11.24 56.96 53.60
CA LEU E 171 11.74 55.60 53.43
C LEU E 171 11.99 55.41 51.95
N SER E 172 13.19 54.93 51.60
CA SER E 172 13.65 54.89 50.22
C SER E 172 13.88 53.46 49.76
N SER E 173 13.95 53.30 48.43
CA SER E 173 14.18 52.01 47.79
C SER E 173 15.45 52.00 46.95
N GLY E 174 15.77 50.85 46.40
CA GLY E 174 16.85 50.73 45.44
C GLY E 174 16.43 51.25 44.09
N GLU E 175 15.13 51.06 43.75
CA GLU E 175 14.60 51.63 42.53
C GLU E 175 14.71 53.14 42.53
N GLN E 176 14.55 53.77 43.70
CA GLN E 176 14.66 55.22 43.81
C GLN E 176 15.06 55.58 45.23
N TRP E 177 16.13 56.36 45.37
CA TRP E 177 16.43 57.05 46.60
C TRP E 177 15.93 58.49 46.52
N CYS E 178 15.39 58.99 47.62
CA CYS E 178 14.70 60.27 47.62
C CYS E 178 15.30 61.19 48.67
N GLU E 179 15.02 62.48 48.49
CA GLU E 179 15.68 63.57 49.20
C GLU E 179 14.66 64.38 49.98
N ARG E 180 15.14 65.48 50.58
CA ARG E 180 14.26 66.45 51.21
C ARG E 180 13.48 67.24 50.16
N ALA E 181 12.18 67.02 50.09
CA ALA E 181 11.36 67.83 49.22
C ALA E 181 11.34 69.28 49.73
N SER E 182 10.93 70.19 48.84
CA SER E 182 10.85 71.61 49.16
C SER E 182 9.40 72.03 49.35
N PRO E 183 9.09 72.98 50.23
CA PRO E 183 7.74 73.54 50.25
C PRO E 183 7.46 74.25 48.94
N PRO E 184 6.23 74.22 48.43
CA PRO E 184 5.96 74.87 47.14
C PRO E 184 5.91 76.38 47.29
N SER E 185 6.52 77.06 46.33
CA SER E 185 6.45 78.52 46.28
C SER E 185 5.07 78.94 45.78
N SER E 186 4.27 79.52 46.67
CA SER E 186 2.87 79.80 46.35
C SER E 186 2.78 80.94 45.35
N SER E 187 2.18 80.67 44.19
CA SER E 187 1.84 81.70 43.22
C SER E 187 0.62 82.52 43.64
N CYS E 188 -0.09 82.10 44.69
CA CYS E 188 -1.26 82.85 45.15
C CYS E 188 -0.89 84.24 45.62
N ASN E 189 0.35 84.45 46.06
CA ASN E 189 0.76 85.70 46.68
C ASN E 189 0.65 86.93 45.78
N ILE E 190 0.56 86.75 44.46
CA ILE E 190 0.51 87.88 43.53
C ILE E 190 -0.85 87.94 42.84
N SER E 191 -1.43 86.77 42.55
CA SER E 191 -2.71 86.69 41.84
C SER E 191 -3.87 86.72 42.82
N SER E 192 -3.88 87.76 43.67
CA SER E 192 -4.87 87.82 44.74
C SER E 192 -6.24 88.26 44.21
N GLY E 193 -6.33 89.51 43.76
CA GLY E 193 -7.51 90.02 43.09
C GLY E 193 -8.80 89.82 43.87
N GLU E 194 -9.84 89.39 43.14
CA GLU E 194 -11.17 89.17 43.69
C GLU E 194 -11.30 87.82 44.38
N MET E 195 -10.38 86.88 44.14
CA MET E 195 -10.57 85.49 44.53
C MET E 195 -10.78 85.31 46.03
N GLN E 196 -10.34 86.25 46.86
CA GLN E 196 -10.53 86.15 48.30
C GLN E 196 -11.84 86.77 48.77
N LYS E 197 -12.47 87.62 47.97
CA LYS E 197 -13.69 88.30 48.38
C LYS E 197 -14.96 87.52 48.04
N GLY E 198 -15.02 86.93 46.84
CA GLY E 198 -16.20 86.18 46.44
C GLY E 198 -16.23 84.76 46.93
N LEU E 199 -15.07 84.12 47.03
CA LEU E 199 -14.99 82.69 47.36
C LEU E 199 -14.75 82.42 48.84
N TRP E 200 -14.67 83.46 49.67
CA TRP E 200 -14.58 83.28 51.12
C TRP E 200 -15.81 82.59 51.71
N GLU E 201 -16.94 82.58 50.98
CA GLU E 201 -18.19 82.08 51.53
C GLU E 201 -18.22 80.56 51.60
N GLN E 202 -17.60 79.88 50.63
CA GLN E 202 -17.70 78.42 50.62
C GLN E 202 -16.92 77.81 51.77
N CYS E 203 -15.85 78.45 52.22
CA CYS E 203 -15.23 78.06 53.48
C CYS E 203 -16.11 78.47 54.65
N GLN E 204 -16.83 79.57 54.51
CA GLN E 204 -17.63 80.11 55.61
C GLN E 204 -18.87 79.27 55.88
N LEU E 205 -19.44 78.61 54.88
CA LEU E 205 -20.70 77.94 55.07
C LEU E 205 -20.59 76.68 55.95
N LEU E 206 -19.37 76.24 56.26
CA LEU E 206 -19.20 75.26 57.32
C LEU E 206 -19.74 75.79 58.65
N LYS E 207 -19.65 77.10 58.86
CA LYS E 207 -20.06 77.73 60.10
C LYS E 207 -21.47 78.29 60.06
N SER E 208 -21.94 78.74 58.91
CA SER E 208 -23.23 79.41 58.82
C SER E 208 -24.39 78.43 58.67
N THR E 209 -24.28 77.50 57.73
CA THR E 209 -25.41 76.62 57.41
C THR E 209 -25.75 75.72 58.59
N SER E 210 -27.04 75.48 58.76
CA SER E 210 -27.52 74.73 59.92
C SER E 210 -27.03 73.29 59.91
N VAL E 211 -26.88 72.70 58.72
CA VAL E 211 -26.52 71.29 58.64
C VAL E 211 -25.11 71.03 59.19
N PHE E 212 -24.25 72.05 59.19
CA PHE E 212 -22.95 71.99 59.84
C PHE E 212 -22.91 72.68 61.19
N ALA E 213 -24.03 73.26 61.64
CA ALA E 213 -24.05 74.10 62.82
C ALA E 213 -24.30 73.31 64.10
N ARG E 214 -23.99 72.01 64.10
CA ARG E 214 -24.28 71.15 65.23
C ARG E 214 -23.17 70.17 65.59
N CYS E 215 -22.11 70.05 64.79
CA CYS E 215 -20.92 69.30 65.18
C CYS E 215 -19.96 70.13 66.04
N HIS E 216 -20.21 71.43 66.17
CA HIS E 216 -19.35 72.29 66.97
C HIS E 216 -19.15 71.86 68.43
N PRO E 217 -20.13 71.28 69.13
CA PRO E 217 -19.80 70.73 70.46
C PRO E 217 -18.95 69.47 70.41
N LEU E 218 -18.80 68.85 69.24
CA LEU E 218 -17.99 67.66 69.03
C LEU E 218 -16.63 67.97 68.43
N VAL E 219 -16.58 68.91 67.48
CA VAL E 219 -15.36 69.29 66.78
C VAL E 219 -15.33 70.81 66.69
N ASP E 220 -14.31 71.33 66.00
CA ASP E 220 -14.17 72.75 65.74
C ASP E 220 -13.82 72.93 64.27
N PRO E 221 -14.60 73.70 63.50
CA PRO E 221 -14.21 73.93 62.10
C PRO E 221 -13.08 74.93 61.90
N GLU E 222 -12.57 75.52 62.99
CA GLU E 222 -11.58 76.59 62.84
C GLU E 222 -10.32 76.16 62.10
N PRO E 223 -9.78 74.95 62.30
CA PRO E 223 -8.67 74.53 61.42
C PRO E 223 -9.13 74.25 59.99
N PHE E 224 -10.27 73.59 59.81
CA PHE E 224 -10.80 73.25 58.49
C PHE E 224 -10.97 74.50 57.63
N VAL E 225 -11.53 75.57 58.20
CA VAL E 225 -11.62 76.82 57.48
C VAL E 225 -10.25 77.46 57.32
N ALA E 226 -9.32 77.16 58.22
CA ALA E 226 -7.98 77.73 58.11
C ALA E 226 -7.21 77.08 56.97
N LEU E 227 -7.37 75.76 56.79
CA LEU E 227 -6.61 75.07 55.75
C LEU E 227 -7.20 75.27 54.36
N CYS E 228 -8.47 75.65 54.25
CA CYS E 228 -9.06 75.83 52.94
C CYS E 228 -8.62 77.14 52.30
N GLU E 229 -8.60 78.23 53.09
CA GLU E 229 -8.37 79.56 52.54
C GLU E 229 -7.04 79.69 51.82
N LYS E 230 -6.08 78.80 52.08
CA LYS E 230 -4.83 78.79 51.36
C LYS E 230 -4.88 77.98 50.07
N THR E 231 -5.92 77.17 49.86
CA THR E 231 -6.05 76.37 48.63
C THR E 231 -7.18 76.82 47.72
N LEU E 232 -7.96 77.83 48.12
CA LEU E 232 -8.95 78.42 47.23
C LEU E 232 -8.34 79.39 46.22
N CYS E 233 -7.02 79.57 46.24
CA CYS E 233 -6.35 80.63 45.51
C CYS E 233 -5.58 80.18 44.28
N GLU E 234 -5.21 78.90 44.20
CA GLU E 234 -4.42 78.42 43.07
C GLU E 234 -5.29 77.98 41.89
N CYS E 235 -6.46 77.42 42.17
CA CYS E 235 -7.42 76.99 41.16
C CYS E 235 -8.21 78.20 40.67
N ALA E 236 -8.44 78.23 39.36
CA ALA E 236 -9.01 79.40 38.69
C ALA E 236 -10.46 79.14 38.33
N GLY E 237 -11.35 79.99 38.83
CA GLY E 237 -12.74 79.96 38.43
C GLY E 237 -13.50 78.72 38.86
N GLY E 238 -13.68 78.54 40.16
CA GLY E 238 -14.48 77.43 40.66
C GLY E 238 -14.77 77.49 42.13
N LEU E 239 -16.04 77.34 42.50
CA LEU E 239 -16.42 77.18 43.90
C LEU E 239 -16.14 75.77 44.41
N GLU E 240 -15.99 74.80 43.51
CA GLU E 240 -15.78 73.41 43.91
C GLU E 240 -14.47 73.21 44.66
N CYS E 241 -13.55 74.17 44.60
CA CYS E 241 -12.29 74.06 45.31
C CYS E 241 -12.45 74.03 46.82
N ALA E 242 -13.63 74.37 47.36
CA ALA E 242 -13.87 74.33 48.79
C ALA E 242 -14.36 72.98 49.27
N CYS E 243 -15.08 72.23 48.44
CA CYS E 243 -15.71 71.01 48.90
C CYS E 243 -14.73 69.91 49.33
N PRO E 244 -13.47 69.85 48.85
CA PRO E 244 -12.55 68.86 49.44
C PRO E 244 -12.32 69.06 50.92
N ALA E 245 -11.89 70.26 51.33
CA ALA E 245 -11.71 70.55 52.74
C ALA E 245 -13.01 70.43 53.52
N LEU E 246 -14.13 70.70 52.87
CA LEU E 246 -15.44 70.54 53.49
C LEU E 246 -15.82 69.08 53.61
N LEU E 247 -15.56 68.30 52.56
CA LEU E 247 -15.95 66.90 52.54
C LEU E 247 -15.29 66.13 53.68
N GLU E 248 -14.06 66.51 54.04
CA GLU E 248 -13.41 65.88 55.19
C GLU E 248 -14.20 66.16 56.46
N TYR E 249 -14.67 67.39 56.64
CA TYR E 249 -15.35 67.77 57.88
C TYR E 249 -16.61 66.94 58.11
N ALA E 250 -17.24 66.46 57.03
CA ALA E 250 -18.38 65.59 57.18
C ALA E 250 -17.98 64.28 57.86
N ARG E 251 -16.95 63.64 57.34
CA ARG E 251 -16.55 62.34 57.86
C ARG E 251 -15.99 62.46 59.27
N THR E 252 -15.22 63.51 59.54
CA THR E 252 -14.60 63.66 60.86
C THR E 252 -15.65 63.73 61.95
N CYS E 253 -16.77 64.39 61.69
CA CYS E 253 -17.85 64.40 62.66
C CYS E 253 -18.57 63.06 62.69
N ALA E 254 -18.64 62.37 61.55
CA ALA E 254 -19.29 61.07 61.51
C ALA E 254 -18.57 60.06 62.38
N GLN E 255 -17.23 60.06 62.33
CA GLN E 255 -16.46 59.08 63.09
C GLN E 255 -16.64 59.26 64.58
N GLU E 256 -16.95 60.48 65.04
CA GLU E 256 -17.06 60.75 66.47
C GLU E 256 -18.34 60.22 67.09
N GLY E 257 -19.20 59.56 66.33
CA GLY E 257 -20.46 59.06 66.83
C GLY E 257 -21.65 59.95 66.55
N MET E 258 -21.48 61.02 65.78
CA MET E 258 -22.56 61.94 65.44
C MET E 258 -22.54 62.22 63.94
N VAL E 259 -23.43 61.56 63.22
CA VAL E 259 -23.47 61.65 61.77
C VAL E 259 -24.29 62.86 61.35
N LEU E 260 -24.09 63.29 60.11
CA LEU E 260 -24.86 64.36 59.48
C LEU E 260 -25.45 63.83 58.17
N TYR E 261 -26.50 64.50 57.70
CA TYR E 261 -27.32 64.00 56.61
C TYR E 261 -27.53 65.06 55.54
N GLY E 262 -27.63 64.61 54.30
CA GLY E 262 -28.10 65.42 53.18
C GLY E 262 -27.36 66.71 52.95
N TRP E 263 -26.16 66.85 53.51
CA TRP E 263 -25.45 68.12 53.41
C TRP E 263 -25.01 68.44 51.98
N THR E 264 -24.84 67.43 51.14
CA THR E 264 -24.43 67.65 49.75
C THR E 264 -25.57 68.07 48.85
N ASP E 265 -26.80 68.12 49.37
CA ASP E 265 -27.96 68.47 48.54
C ASP E 265 -27.80 69.86 47.94
N HIS E 266 -27.42 70.83 48.77
CA HIS E 266 -27.27 72.22 48.36
C HIS E 266 -25.82 72.66 48.24
N SER E 267 -24.86 71.82 48.63
CA SER E 267 -23.45 72.22 48.63
C SER E 267 -22.87 72.38 47.23
N ALA E 268 -23.56 71.90 46.20
CA ALA E 268 -23.10 72.02 44.81
C ALA E 268 -21.75 71.33 44.60
N CYS E 269 -21.49 70.25 45.34
CA CYS E 269 -20.34 69.41 45.09
C CYS E 269 -20.64 68.01 45.63
N SER E 270 -20.59 67.02 44.75
CA SER E 270 -20.76 65.62 45.09
C SER E 270 -19.48 64.87 44.75
N PRO E 271 -19.01 63.96 45.61
CA PRO E 271 -17.76 63.26 45.30
C PRO E 271 -17.94 62.29 44.14
N VAL E 272 -16.88 62.15 43.36
CA VAL E 272 -16.95 61.40 42.11
C VAL E 272 -17.19 59.92 42.40
N CYS E 273 -17.95 59.28 41.53
CA CYS E 273 -18.18 57.84 41.53
C CYS E 273 -18.44 57.40 40.10
N PRO E 274 -18.28 56.10 39.81
CA PRO E 274 -18.54 55.64 38.45
C PRO E 274 -20.02 55.72 38.09
N ALA E 275 -20.37 55.33 36.87
CA ALA E 275 -21.73 55.45 36.38
C ALA E 275 -22.68 54.58 37.20
N GLY E 276 -23.94 54.98 37.23
CA GLY E 276 -24.99 54.23 37.89
C GLY E 276 -25.19 54.56 39.34
N MET E 277 -24.17 55.13 40.00
CA MET E 277 -24.20 55.43 41.42
C MET E 277 -23.82 56.88 41.66
N GLU E 278 -24.30 57.41 42.78
CA GLU E 278 -23.87 58.70 43.28
C GLU E 278 -23.76 58.62 44.80
N TYR E 279 -23.26 59.69 45.39
CA TYR E 279 -22.87 59.67 46.80
C TYR E 279 -24.10 59.65 47.70
N ARG E 280 -24.39 58.49 48.28
CA ARG E 280 -25.29 58.42 49.42
C ARG E 280 -24.53 58.82 50.67
N GLN E 281 -25.17 58.70 51.81
CA GLN E 281 -24.53 58.89 53.10
C GLN E 281 -25.10 57.82 54.03
N CYS E 282 -24.21 57.10 54.71
CA CYS E 282 -24.60 56.00 55.59
C CYS E 282 -25.41 54.96 54.82
N VAL E 283 -24.71 54.30 53.90
CA VAL E 283 -25.17 53.08 53.28
C VAL E 283 -24.53 51.90 54.00
N SER E 284 -25.24 50.79 54.08
CA SER E 284 -24.69 49.60 54.69
C SER E 284 -23.56 49.04 53.82
N PRO E 285 -22.49 48.52 54.42
CA PRO E 285 -21.44 47.93 53.59
C PRO E 285 -21.88 46.65 52.91
N CYS E 286 -22.80 45.91 53.52
CA CYS E 286 -23.26 44.63 52.98
C CYS E 286 -24.34 44.89 51.94
N ALA E 287 -23.89 45.45 50.82
CA ALA E 287 -24.79 45.77 49.72
C ALA E 287 -25.38 44.50 49.15
N ARG E 288 -26.69 44.32 49.33
CA ARG E 288 -27.39 43.19 48.72
C ARG E 288 -27.26 43.29 47.21
N THR E 289 -26.49 42.38 46.62
CA THR E 289 -26.22 42.37 45.20
C THR E 289 -27.03 41.27 44.52
N CYS E 290 -26.73 41.04 43.24
CA CYS E 290 -27.51 40.11 42.42
C CYS E 290 -27.20 38.65 42.77
N GLN E 291 -25.96 38.21 42.54
CA GLN E 291 -25.58 36.83 42.78
C GLN E 291 -25.25 36.65 44.26
N SER E 292 -26.29 36.78 45.07
CA SER E 292 -26.14 36.82 46.52
C SER E 292 -27.10 35.86 47.19
N LEU E 293 -26.68 35.39 48.35
CA LEU E 293 -27.45 34.51 49.21
C LEU E 293 -28.25 35.35 50.19
N HIS E 294 -29.55 35.11 50.25
CA HIS E 294 -30.47 35.93 51.05
C HIS E 294 -30.32 35.56 52.52
N ILE E 295 -29.33 36.16 53.16
CA ILE E 295 -29.04 35.98 54.57
C ILE E 295 -29.00 37.35 55.23
N ASN E 296 -29.37 37.38 56.52
CA ASN E 296 -29.52 38.61 57.27
C ASN E 296 -28.99 38.42 58.68
N GLU E 297 -29.05 39.50 59.46
CA GLU E 297 -28.59 39.62 60.85
C GLU E 297 -27.28 38.87 61.12
N MET E 298 -26.35 38.96 60.16
CA MET E 298 -24.93 38.79 60.42
C MET E 298 -24.17 40.09 60.22
N CYS E 299 -24.65 40.98 59.35
CA CYS E 299 -23.98 42.23 59.04
C CYS E 299 -24.46 43.32 59.99
N GLN E 300 -24.09 43.16 61.26
CA GLN E 300 -24.31 44.18 62.27
C GLN E 300 -23.18 45.20 62.32
N GLU E 301 -22.38 45.30 61.26
CA GLU E 301 -21.30 46.26 61.19
C GLU E 301 -21.84 47.68 61.24
N ARG E 302 -20.96 48.61 61.55
CA ARG E 302 -21.34 50.01 61.59
C ARG E 302 -21.65 50.51 60.18
N CYS E 303 -22.28 51.67 60.13
CA CYS E 303 -22.77 52.25 58.88
C CYS E 303 -21.72 53.16 58.29
N VAL E 304 -21.54 53.08 56.97
CA VAL E 304 -20.40 53.68 56.29
C VAL E 304 -20.89 54.52 55.13
N ASP E 305 -20.15 55.59 54.84
CA ASP E 305 -20.45 56.47 53.73
C ASP E 305 -19.86 55.93 52.43
N GLY E 306 -20.52 56.26 51.33
CA GLY E 306 -20.06 55.86 50.02
C GLY E 306 -21.22 55.71 49.05
N CYS E 307 -20.91 55.81 47.77
CA CYS E 307 -21.93 55.79 46.73
C CYS E 307 -22.40 54.37 46.48
N SER E 308 -23.70 54.25 46.15
CA SER E 308 -24.34 52.95 46.02
C SER E 308 -25.50 53.08 45.03
N CYS E 309 -26.08 51.95 44.69
CA CYS E 309 -27.09 51.89 43.62
C CYS E 309 -28.40 52.50 44.07
N PRO E 310 -29.36 52.67 43.13
CA PRO E 310 -30.72 53.05 43.54
C PRO E 310 -31.44 51.97 44.33
N GLU E 311 -32.72 52.21 44.62
CA GLU E 311 -33.49 51.35 45.52
C GLU E 311 -33.47 49.89 45.06
N GLY E 312 -33.87 49.66 43.81
CA GLY E 312 -33.69 48.35 43.20
C GLY E 312 -32.30 48.29 42.60
N GLN E 313 -32.23 47.91 41.33
CA GLN E 313 -31.03 48.07 40.50
C GLN E 313 -29.79 47.45 41.18
N LEU E 314 -29.86 46.14 41.38
CA LEU E 314 -28.84 45.43 42.13
C LEU E 314 -27.50 45.49 41.41
N LEU E 315 -26.43 45.25 42.17
CA LEU E 315 -25.08 45.31 41.65
C LEU E 315 -24.73 44.01 40.94
N ASP E 316 -23.99 44.14 39.84
CA ASP E 316 -23.43 42.98 39.16
C ASP E 316 -22.18 43.45 38.41
N GLU E 317 -21.01 43.15 38.98
CA GLU E 317 -19.72 43.42 38.36
C GLU E 317 -19.53 44.91 38.09
N GLY E 318 -19.52 45.68 39.18
CA GLY E 318 -19.16 47.09 39.10
C GLY E 318 -20.16 47.98 38.39
N LEU E 319 -21.41 47.54 38.26
CA LEU E 319 -22.46 48.40 37.72
C LEU E 319 -23.78 48.04 38.39
N CYS E 320 -24.73 48.98 38.31
CA CYS E 320 -26.07 48.76 38.83
C CYS E 320 -26.95 48.27 37.70
N VAL E 321 -27.68 47.18 37.94
CA VAL E 321 -28.55 46.59 36.93
C VAL E 321 -29.84 46.14 37.60
N GLU E 322 -30.93 46.22 36.84
CA GLU E 322 -32.26 45.98 37.37
C GLU E 322 -32.42 44.53 37.82
N SER E 323 -33.24 44.35 38.86
CA SER E 323 -33.36 43.06 39.53
C SER E 323 -33.88 41.97 38.58
N THR E 324 -34.67 42.35 37.58
CA THR E 324 -35.24 41.35 36.68
C THR E 324 -34.15 40.63 35.90
N GLU E 325 -33.09 41.35 35.52
CA GLU E 325 -32.06 40.83 34.63
C GLU E 325 -30.90 40.20 35.39
N CYS E 326 -31.16 39.66 36.57
CA CYS E 326 -30.13 38.91 37.28
C CYS E 326 -29.70 37.67 36.49
N PRO E 327 -28.44 37.53 36.11
CA PRO E 327 -28.00 36.35 35.36
C PRO E 327 -27.81 35.15 36.28
N CYS E 328 -27.38 34.05 35.66
CA CYS E 328 -26.83 32.90 36.36
C CYS E 328 -25.35 32.76 35.97
N VAL E 329 -24.73 31.66 36.41
CA VAL E 329 -23.30 31.44 36.19
C VAL E 329 -23.06 29.94 36.08
N HIS E 330 -22.01 29.57 35.36
CA HIS E 330 -21.61 28.17 35.25
C HIS E 330 -20.11 28.09 35.05
N SER E 331 -19.46 27.22 35.82
CA SER E 331 -18.05 26.86 35.60
C SER E 331 -17.15 28.09 35.57
N GLY E 332 -17.49 29.09 36.38
CA GLY E 332 -16.70 30.31 36.42
C GLY E 332 -16.91 31.23 35.24
N LYS E 333 -18.08 31.21 34.61
CA LYS E 333 -18.42 32.19 33.60
C LYS E 333 -19.92 32.46 33.63
N ARG E 334 -20.28 33.67 33.22
CA ARG E 334 -21.63 34.20 33.33
C ARG E 334 -22.44 33.87 32.09
N TYR E 335 -23.77 33.79 32.27
CA TYR E 335 -24.71 33.64 31.17
C TYR E 335 -25.94 34.51 31.44
N PRO E 336 -26.53 35.11 30.40
CA PRO E 336 -27.73 35.93 30.64
C PRO E 336 -28.92 35.09 31.02
N PRO E 337 -30.00 35.72 31.48
CA PRO E 337 -31.22 34.94 31.79
C PRO E 337 -31.91 34.48 30.52
N GLY E 338 -32.74 33.45 30.69
CA GLY E 338 -33.44 32.85 29.58
C GLY E 338 -32.62 31.89 28.73
N THR E 339 -31.31 31.84 28.92
CA THR E 339 -30.48 30.91 28.16
C THR E 339 -30.81 29.48 28.55
N SER E 340 -30.42 28.54 27.70
CA SER E 340 -30.64 27.11 27.93
C SER E 340 -29.39 26.36 27.49
N LEU E 341 -28.45 26.18 28.43
CA LEU E 341 -27.35 25.26 28.19
C LEU E 341 -27.82 23.85 28.43
N SER E 342 -27.15 22.90 27.78
CA SER E 342 -27.55 21.49 27.81
C SER E 342 -26.36 20.64 28.21
N ARG E 343 -26.46 20.01 29.38
CA ARG E 343 -25.58 18.90 29.69
C ARG E 343 -25.85 17.76 28.71
N ASP E 344 -24.96 16.77 28.71
CA ASP E 344 -25.21 15.56 27.94
C ASP E 344 -26.50 14.89 28.40
N CYS E 345 -26.83 15.01 29.69
CA CYS E 345 -27.97 14.29 30.25
C CYS E 345 -29.28 15.00 29.94
N ASN E 346 -29.35 16.30 30.17
CA ASN E 346 -30.58 17.05 29.97
C ASN E 346 -30.24 18.54 29.88
N THR E 347 -31.28 19.38 29.93
CA THR E 347 -31.17 20.82 29.73
C THR E 347 -31.47 21.57 31.03
N CYS E 348 -31.00 22.81 31.08
CA CYS E 348 -31.22 23.67 32.24
C CYS E 348 -31.30 25.13 31.77
N ILE E 349 -32.17 25.91 32.40
CA ILE E 349 -32.51 27.25 31.94
C ILE E 349 -32.42 28.24 33.11
N CYS E 350 -31.86 29.42 32.83
CA CYS E 350 -31.63 30.42 33.87
C CYS E 350 -32.87 31.29 34.07
N ARG E 351 -33.32 31.39 35.31
CA ARG E 351 -34.46 32.23 35.67
C ARG E 351 -34.26 32.69 37.11
N ASN E 352 -34.05 33.99 37.29
CA ASN E 352 -33.90 34.59 38.63
C ASN E 352 -32.69 34.00 39.36
N SER E 353 -31.55 33.97 38.68
CA SER E 353 -30.30 33.45 39.22
C SER E 353 -30.43 32.00 39.69
N GLN E 354 -31.33 31.23 39.10
CA GLN E 354 -31.55 29.85 39.53
C GLN E 354 -31.82 29.00 38.30
N TRP E 355 -30.81 28.24 37.88
CA TRP E 355 -31.00 27.28 36.81
C TRP E 355 -32.05 26.26 37.21
N ILE E 356 -33.12 26.18 36.43
CA ILE E 356 -34.10 25.11 36.58
C ILE E 356 -33.62 23.93 35.76
N CYS E 357 -33.93 22.71 36.19
CA CYS E 357 -33.41 21.52 35.54
C CYS E 357 -34.41 20.38 35.62
N SER E 358 -34.36 19.51 34.63
CA SER E 358 -35.12 18.27 34.64
C SER E 358 -34.33 17.18 35.35
N ASN E 359 -35.03 16.10 35.70
CA ASN E 359 -34.44 14.96 36.39
C ASN E 359 -34.67 13.66 35.63
N GLU E 360 -34.75 13.75 34.30
CA GLU E 360 -35.00 12.57 33.48
C GLU E 360 -33.71 11.77 33.29
N GLU E 361 -33.81 10.45 33.41
CA GLU E 361 -32.66 9.59 33.36
C GLU E 361 -31.95 9.69 32.01
N CYS E 362 -30.68 9.27 32.01
CA CYS E 362 -29.84 9.35 30.83
C CYS E 362 -28.85 8.20 30.86
N PRO E 363 -28.36 7.74 29.72
CA PRO E 363 -27.74 6.41 29.67
C PRO E 363 -26.40 6.37 30.39
N GLY E 364 -26.11 5.19 30.94
CA GLY E 364 -24.88 4.95 31.65
C GLY E 364 -23.83 4.32 30.76
N GLU E 365 -22.63 4.22 31.31
CA GLU E 365 -21.48 3.74 30.56
C GLU E 365 -20.53 3.06 31.54
N CYS E 366 -20.60 1.73 31.65
CA CYS E 366 -19.49 1.00 32.23
C CYS E 366 -18.34 1.00 31.25
N LEU E 367 -17.12 0.96 31.78
CA LEU E 367 -15.92 1.06 30.95
C LEU E 367 -14.82 0.21 31.56
N VAL E 368 -14.10 -0.49 30.71
CA VAL E 368 -12.85 -1.15 31.05
C VAL E 368 -11.81 -0.63 30.08
N THR E 369 -10.59 -0.44 30.57
CA THR E 369 -9.52 0.07 29.72
C THR E 369 -8.20 -0.17 30.42
N GLY E 370 -7.13 0.31 29.79
CA GLY E 370 -5.79 0.25 30.34
C GLY E 370 -5.42 -1.14 30.76
N GLN E 371 -4.91 -1.24 31.98
CA GLN E 371 -4.68 -2.54 32.58
C GLN E 371 -5.96 -3.07 33.22
N SER E 372 -6.39 -2.42 34.29
CA SER E 372 -7.42 -2.99 35.15
C SER E 372 -8.38 -1.92 35.66
N HIS E 373 -8.41 -0.77 35.00
CA HIS E 373 -9.14 0.38 35.49
C HIS E 373 -10.58 0.31 35.01
N PHE E 374 -11.50 0.24 35.96
CA PHE E 374 -12.92 0.13 35.67
C PHE E 374 -13.62 1.46 35.89
N LYS E 375 -14.82 1.54 35.36
CA LYS E 375 -15.75 2.64 35.62
C LYS E 375 -17.14 2.05 35.75
N SER E 376 -17.84 2.40 36.81
CA SER E 376 -19.19 1.90 36.99
C SER E 376 -20.16 2.72 36.16
N PHE E 377 -21.40 2.26 36.12
CA PHE E 377 -22.45 3.03 35.47
C PHE E 377 -22.69 4.35 36.19
N ASP E 378 -22.51 4.36 37.51
CA ASP E 378 -22.74 5.53 38.34
C ASP E 378 -21.51 6.43 38.43
N ASN E 379 -20.65 6.39 37.40
CA ASN E 379 -19.49 7.28 37.29
C ASN E 379 -18.48 7.07 38.42
N ARG E 380 -18.48 5.90 39.04
CA ARG E 380 -17.41 5.54 39.96
C ARG E 380 -16.19 5.08 39.18
N TYR E 381 -15.02 5.29 39.76
CA TYR E 381 -13.78 4.69 39.29
C TYR E 381 -13.20 3.80 40.38
N PHE E 382 -12.54 2.73 39.97
CA PHE E 382 -11.80 1.87 40.88
C PHE E 382 -10.90 0.95 40.05
N THR E 383 -10.31 -0.04 40.71
CA THR E 383 -9.34 -0.93 40.11
C THR E 383 -9.41 -2.27 40.83
N PHE E 384 -9.26 -3.36 40.09
CA PHE E 384 -9.27 -4.69 40.68
C PHE E 384 -8.49 -5.62 39.76
N SER E 385 -7.26 -5.94 40.12
CA SER E 385 -6.36 -6.71 39.28
C SER E 385 -6.47 -8.20 39.62
N GLY E 386 -7.65 -8.75 39.35
CA GLY E 386 -7.89 -10.18 39.47
C GLY E 386 -7.69 -10.89 38.15
N ILE E 387 -7.34 -12.17 38.25
CA ILE E 387 -7.05 -13.01 37.09
C ILE E 387 -8.01 -14.19 37.13
N CYS E 388 -9.17 -14.04 36.50
CA CYS E 388 -10.13 -15.12 36.32
C CYS E 388 -11.15 -14.64 35.30
N GLN E 389 -12.23 -15.39 35.15
CA GLN E 389 -13.39 -14.96 34.38
C GLN E 389 -14.36 -14.28 35.33
N TYR E 390 -14.45 -12.97 35.26
CA TYR E 390 -15.35 -12.18 36.08
C TYR E 390 -16.58 -11.77 35.27
N LEU E 391 -17.67 -11.57 35.98
CA LEU E 391 -18.87 -10.96 35.41
C LEU E 391 -18.61 -9.47 35.30
N LEU E 392 -19.21 -8.83 34.31
CA LEU E 392 -19.11 -7.39 34.13
C LEU E 392 -20.48 -6.73 34.24
N ALA E 393 -21.49 -7.33 33.63
CA ALA E 393 -22.84 -6.81 33.70
C ALA E 393 -23.81 -7.95 33.44
N ARG E 394 -25.06 -7.72 33.83
CA ARG E 394 -26.10 -8.74 33.75
C ARG E 394 -27.43 -8.07 34.05
N ASP E 395 -28.46 -8.46 33.31
CA ASP E 395 -29.81 -8.09 33.66
C ASP E 395 -30.30 -9.06 34.73
N CYS E 396 -30.85 -8.53 35.81
CA CYS E 396 -30.92 -9.27 37.07
C CYS E 396 -32.33 -9.45 37.62
N GLN E 397 -33.35 -8.82 37.04
CA GLN E 397 -34.74 -9.14 37.35
C GLN E 397 -35.37 -10.01 36.28
N ASP E 398 -35.10 -9.74 35.01
CA ASP E 398 -35.13 -10.75 33.96
C ASP E 398 -33.72 -10.90 33.41
N HIS E 399 -33.57 -11.75 32.41
CA HIS E 399 -32.25 -12.22 31.97
C HIS E 399 -32.07 -11.97 30.48
N SER E 400 -32.30 -10.72 30.07
CA SER E 400 -32.17 -10.34 28.68
C SER E 400 -30.75 -10.49 28.15
N PHE E 401 -29.74 -10.41 29.01
CA PHE E 401 -28.36 -10.60 28.57
C PHE E 401 -27.48 -10.85 29.79
N SER E 402 -26.19 -11.05 29.51
CA SER E 402 -25.17 -11.20 30.53
C SER E 402 -23.80 -11.15 29.87
N ILE E 403 -22.92 -10.30 30.40
CA ILE E 403 -21.58 -10.10 29.86
C ILE E 403 -20.57 -10.65 30.88
N VAL E 404 -19.48 -11.19 30.36
CA VAL E 404 -18.45 -11.83 31.17
C VAL E 404 -17.10 -11.42 30.62
N ILE E 405 -16.32 -10.75 31.44
CA ILE E 405 -14.94 -10.40 31.09
C ILE E 405 -14.04 -11.57 31.46
N GLU E 406 -12.84 -11.58 30.89
CA GLU E 406 -11.81 -12.55 31.24
C GLU E 406 -10.49 -11.82 31.33
N THR E 407 -9.88 -11.86 32.51
CA THR E 407 -8.67 -11.11 32.82
C THR E 407 -7.47 -12.04 32.89
N VAL E 408 -6.33 -11.53 32.44
CA VAL E 408 -5.06 -12.24 32.53
C VAL E 408 -3.96 -11.25 32.86
N GLN E 409 -2.91 -11.74 33.51
CA GLN E 409 -1.68 -10.97 33.57
C GLN E 409 -1.20 -10.71 32.14
N CYS E 410 -0.56 -9.58 31.96
CA CYS E 410 -0.38 -9.01 30.63
C CYS E 410 1.01 -8.41 30.43
N ALA E 411 1.91 -8.61 31.37
CA ALA E 411 3.30 -8.18 31.24
C ALA E 411 4.07 -8.84 32.39
N ASP E 412 5.34 -8.48 32.53
CA ASP E 412 6.19 -9.17 33.49
C ASP E 412 5.75 -8.89 34.92
N ASP E 413 5.39 -7.64 35.22
CA ASP E 413 4.94 -7.26 36.55
C ASP E 413 3.71 -8.06 36.96
N ARG E 414 3.47 -8.10 38.27
CA ARG E 414 2.24 -8.65 38.80
C ARG E 414 1.11 -7.63 38.81
N ASP E 415 1.44 -6.35 38.84
CA ASP E 415 0.43 -5.27 38.80
C ASP E 415 0.17 -4.82 37.38
N ALA E 416 -0.11 -5.78 36.49
CA ALA E 416 -0.46 -5.48 35.11
C ALA E 416 -1.36 -6.62 34.64
N VAL E 417 -2.67 -6.36 34.64
CA VAL E 417 -3.68 -7.38 34.41
C VAL E 417 -4.64 -6.79 33.38
N CYS E 418 -4.37 -7.03 32.11
CA CYS E 418 -5.18 -6.48 31.03
C CYS E 418 -6.26 -7.48 30.64
N THR E 419 -7.19 -6.99 29.82
CA THR E 419 -8.31 -7.78 29.35
C THR E 419 -7.91 -8.50 28.07
N ARG E 420 -8.26 -9.79 28.00
CA ARG E 420 -8.01 -10.62 26.84
C ARG E 420 -9.24 -10.75 25.96
N SER E 421 -10.35 -11.20 26.55
CA SER E 421 -11.54 -11.53 25.80
C SER E 421 -12.75 -11.31 26.68
N VAL E 422 -13.85 -10.89 26.06
CA VAL E 422 -15.13 -10.75 26.73
C VAL E 422 -16.14 -11.64 26.02
N THR E 423 -17.05 -12.21 26.79
CA THR E 423 -18.10 -13.07 26.29
C THR E 423 -19.45 -12.38 26.47
N VAL E 424 -20.33 -12.56 25.50
CA VAL E 424 -21.68 -12.01 25.53
C VAL E 424 -22.65 -13.16 25.32
N ARG E 425 -23.84 -13.01 25.90
CA ARG E 425 -24.83 -14.08 25.92
C ARG E 425 -26.21 -13.47 25.78
N LEU E 426 -26.99 -13.99 24.83
CA LEU E 426 -28.34 -13.51 24.55
C LEU E 426 -29.32 -14.67 24.68
N PRO E 427 -29.98 -14.86 25.83
CA PRO E 427 -31.03 -15.88 25.91
C PRO E 427 -32.21 -15.64 24.98
N GLY E 428 -32.33 -14.45 24.39
CA GLY E 428 -33.44 -14.16 23.50
C GLY E 428 -33.26 -14.66 22.07
N LEU E 429 -32.06 -15.10 21.70
CA LEU E 429 -31.77 -15.57 20.36
C LEU E 429 -30.92 -16.83 20.45
N HIS E 430 -31.56 -18.00 20.40
CA HIS E 430 -30.91 -19.31 20.41
C HIS E 430 -30.24 -19.62 21.75
N ASN E 431 -30.26 -18.69 22.69
CA ASN E 431 -29.34 -18.71 23.83
C ASN E 431 -27.91 -18.91 23.33
N SER E 432 -27.54 -18.08 22.37
CA SER E 432 -26.26 -18.17 21.69
C SER E 432 -25.14 -17.71 22.62
N LEU E 433 -23.92 -17.60 22.08
CA LEU E 433 -22.76 -17.24 22.89
C LEU E 433 -21.76 -16.55 21.97
N VAL E 434 -21.71 -15.25 22.03
CA VAL E 434 -20.78 -14.45 21.26
C VAL E 434 -19.50 -14.30 22.05
N LYS E 435 -18.40 -14.14 21.34
CA LYS E 435 -17.09 -14.02 21.97
C LYS E 435 -16.25 -13.02 21.18
N LEU E 436 -15.93 -11.91 21.82
CA LEU E 436 -14.99 -10.94 21.26
C LEU E 436 -13.59 -11.40 21.63
N LYS E 437 -12.70 -11.42 20.66
CA LYS E 437 -11.39 -12.02 20.82
C LYS E 437 -10.31 -10.94 20.82
N HIS E 438 -9.07 -11.37 21.08
CA HIS E 438 -8.00 -10.43 21.37
C HIS E 438 -7.58 -9.62 20.16
N GLY E 439 -7.94 -10.03 18.97
CA GLY E 439 -7.87 -9.19 17.80
C GLY E 439 -9.12 -8.37 17.68
N ALA E 440 -9.45 -7.98 16.46
CA ALA E 440 -10.76 -7.42 16.15
C ALA E 440 -11.75 -8.48 15.70
N GLY E 441 -11.56 -9.72 16.13
CA GLY E 441 -12.39 -10.82 15.68
C GLY E 441 -13.51 -11.15 16.63
N VAL E 442 -14.48 -11.88 16.11
CA VAL E 442 -15.65 -12.31 16.85
C VAL E 442 -15.92 -13.77 16.49
N ALA E 443 -16.62 -14.47 17.39
CA ALA E 443 -16.92 -15.88 17.18
C ALA E 443 -18.25 -16.20 17.82
N MET E 444 -19.21 -16.62 16.99
CA MET E 444 -20.50 -17.09 17.47
C MET E 444 -20.47 -18.61 17.56
N ASP E 445 -20.56 -19.13 18.78
CA ASP E 445 -20.64 -20.56 19.03
C ASP E 445 -19.45 -21.30 18.41
N GLY E 446 -18.27 -20.71 18.55
CA GLY E 446 -17.05 -21.30 18.05
C GLY E 446 -16.71 -20.94 16.62
N GLN E 447 -17.67 -20.44 15.86
CA GLN E 447 -17.49 -20.18 14.43
C GLN E 447 -17.02 -18.73 14.24
N ASP E 448 -15.88 -18.55 13.60
CA ASP E 448 -15.47 -17.22 13.20
C ASP E 448 -16.45 -16.66 12.18
N VAL E 449 -16.49 -15.33 12.08
CA VAL E 449 -17.54 -14.62 11.36
C VAL E 449 -16.95 -13.40 10.69
N GLN E 450 -17.35 -13.16 9.45
CA GLN E 450 -17.03 -11.92 8.75
C GLN E 450 -18.01 -10.84 9.15
N LEU E 451 -17.52 -9.63 9.27
CA LEU E 451 -18.36 -8.49 9.59
C LEU E 451 -18.84 -7.82 8.31
N PRO E 452 -20.09 -7.30 8.25
CA PRO E 452 -21.17 -7.32 9.24
C PRO E 452 -21.91 -8.65 9.44
N LEU E 453 -22.74 -8.67 10.49
CA LEU E 453 -23.46 -9.86 10.94
C LEU E 453 -24.91 -9.50 11.29
N LEU E 454 -25.67 -8.96 10.34
CA LEU E 454 -27.09 -8.68 10.56
C LEU E 454 -27.82 -10.01 10.72
N LYS E 455 -28.02 -10.41 11.97
CA LYS E 455 -29.11 -11.30 12.36
C LYS E 455 -30.30 -10.40 12.67
N GLY E 456 -31.41 -10.98 13.10
CA GLY E 456 -32.61 -10.23 13.47
C GLY E 456 -32.39 -8.99 14.31
N ASP E 457 -31.91 -9.15 15.54
CA ASP E 457 -31.76 -8.02 16.46
C ASP E 457 -30.35 -7.43 16.43
N LEU E 458 -29.35 -8.24 16.75
CA LEU E 458 -28.01 -7.70 16.99
C LEU E 458 -27.26 -7.44 15.70
N ARG E 459 -26.64 -6.27 15.63
CA ARG E 459 -25.76 -5.88 14.54
C ARG E 459 -24.34 -5.82 15.08
N ILE E 460 -23.41 -6.36 14.32
CA ILE E 460 -21.99 -6.29 14.62
C ILE E 460 -21.30 -5.78 13.37
N GLN E 461 -20.59 -4.67 13.48
CA GLN E 461 -19.86 -4.14 12.35
C GLN E 461 -18.64 -3.37 12.85
N HIS E 462 -17.66 -3.24 11.97
CA HIS E 462 -16.55 -2.38 12.26
C HIS E 462 -17.01 -0.94 12.37
N THR E 463 -16.17 -0.10 12.98
CA THR E 463 -16.47 1.29 13.24
C THR E 463 -15.52 2.20 12.47
N VAL E 464 -14.22 2.01 12.67
CA VAL E 464 -13.17 2.65 11.89
C VAL E 464 -12.42 1.62 11.05
N THR E 465 -12.97 0.42 10.90
CA THR E 465 -12.25 -0.75 10.39
C THR E 465 -11.08 -1.14 11.28
N ALA E 466 -11.12 -0.73 12.56
CA ALA E 466 -10.15 -1.15 13.55
C ALA E 466 -10.81 -1.44 14.90
N SER E 467 -12.13 -1.52 14.95
CA SER E 467 -12.83 -1.70 16.21
C SER E 467 -14.26 -2.16 16.01
N VAL E 468 -14.61 -3.23 16.65
CA VAL E 468 -15.93 -3.85 16.52
C VAL E 468 -16.95 -3.06 17.32
N ARG E 469 -18.22 -3.17 16.94
CA ARG E 469 -19.31 -2.50 17.63
C ARG E 469 -20.56 -3.37 17.56
N LEU E 470 -20.82 -4.11 18.63
CA LEU E 470 -22.08 -4.83 18.76
C LEU E 470 -23.21 -3.84 19.00
N SER E 471 -24.41 -4.22 18.56
CA SER E 471 -25.60 -3.40 18.82
C SER E 471 -26.82 -4.31 18.85
N TYR E 472 -27.21 -4.75 20.05
CA TYR E 472 -28.42 -5.55 20.24
C TYR E 472 -29.58 -4.60 20.51
N GLY E 473 -30.64 -4.71 19.70
CA GLY E 473 -31.78 -3.84 19.86
C GLY E 473 -31.39 -2.39 19.69
N GLU E 474 -32.01 -1.54 20.51
CA GLU E 474 -31.65 -0.12 20.61
C GLU E 474 -31.23 0.24 22.03
N ASP E 475 -31.10 -0.74 22.92
CA ASP E 475 -30.84 -0.52 24.34
C ASP E 475 -29.51 -1.12 24.75
N LEU E 476 -28.54 -1.23 23.84
CA LEU E 476 -27.29 -1.92 24.12
C LEU E 476 -26.27 -1.62 23.03
N GLN E 477 -25.07 -1.24 23.43
CA GLN E 477 -23.92 -1.15 22.54
C GLN E 477 -22.71 -1.75 23.23
N MET E 478 -21.60 -1.80 22.51
CA MET E 478 -20.36 -2.38 23.00
C MET E 478 -19.22 -1.63 22.31
N ASP E 479 -18.01 -2.15 22.45
CA ASP E 479 -16.85 -1.59 21.76
C ASP E 479 -15.72 -2.63 21.84
N TRP E 480 -14.59 -2.32 21.23
CA TRP E 480 -13.58 -3.35 20.94
C TRP E 480 -12.94 -3.90 22.21
N ASP E 481 -12.73 -5.22 22.21
CA ASP E 481 -12.00 -5.92 23.26
C ASP E 481 -10.74 -6.56 22.70
N GLY E 482 -10.14 -5.94 21.69
CA GLY E 482 -8.91 -6.48 21.16
C GLY E 482 -7.75 -6.34 22.12
N ARG E 483 -7.29 -5.11 22.30
CA ARG E 483 -6.30 -4.77 23.32
C ARG E 483 -6.94 -4.22 24.59
N GLY E 484 -8.22 -4.48 24.82
CA GLY E 484 -8.83 -4.15 26.10
C GLY E 484 -9.27 -2.71 26.32
N ARG E 485 -10.28 -2.25 25.58
CA ARG E 485 -10.99 -1.00 25.88
C ARG E 485 -12.49 -1.24 25.78
N LEU E 486 -12.98 -2.22 26.51
CA LEU E 486 -14.41 -2.52 26.48
C LEU E 486 -15.23 -1.36 27.01
N LEU E 487 -16.33 -1.07 26.30
CA LEU E 487 -17.34 -0.12 26.73
C LEU E 487 -18.71 -0.79 26.72
N VAL E 488 -19.71 -0.08 27.24
CA VAL E 488 -21.11 -0.44 27.08
C VAL E 488 -21.92 0.84 26.95
N LYS E 489 -23.18 0.68 26.53
CA LYS E 489 -24.16 1.75 26.54
C LYS E 489 -25.51 1.13 26.90
N LEU E 490 -26.01 1.45 28.08
CA LEU E 490 -27.30 0.96 28.55
C LEU E 490 -28.26 2.13 28.62
N SER E 491 -29.45 1.97 28.05
CA SER E 491 -30.45 3.01 28.10
C SER E 491 -31.27 2.88 29.40
N PRO E 492 -32.00 3.94 29.78
CA PRO E 492 -32.68 3.91 31.09
C PRO E 492 -33.78 2.88 31.27
N VAL E 493 -34.06 2.04 30.26
CA VAL E 493 -35.01 0.96 30.49
C VAL E 493 -34.46 -0.06 31.48
N TYR E 494 -33.13 -0.11 31.64
CA TYR E 494 -32.49 -1.00 32.60
C TYR E 494 -32.19 -0.31 33.93
N ALA E 495 -33.01 0.67 34.30
CA ALA E 495 -32.77 1.46 35.51
C ALA E 495 -32.79 0.60 36.75
N GLY E 496 -31.62 0.43 37.38
CA GLY E 496 -31.52 -0.22 38.66
C GLY E 496 -31.73 -1.72 38.67
N LYS E 497 -31.89 -2.35 37.50
CA LYS E 497 -32.23 -3.76 37.40
C LYS E 497 -31.12 -4.58 36.77
N THR E 498 -29.87 -4.19 37.03
CA THR E 498 -28.71 -4.97 36.65
C THR E 498 -27.82 -5.16 37.87
N CYS E 499 -26.94 -6.15 37.79
CA CYS E 499 -26.05 -6.46 38.90
C CYS E 499 -24.76 -7.05 38.35
N GLY E 500 -23.65 -6.48 38.78
CA GLY E 500 -22.34 -6.89 38.33
C GLY E 500 -21.28 -5.97 38.87
N LEU E 501 -20.07 -6.12 38.35
CA LEU E 501 -18.99 -5.24 38.75
C LEU E 501 -19.29 -3.79 38.41
N CYS E 502 -20.05 -3.55 37.36
CA CYS E 502 -20.34 -2.20 36.92
C CYS E 502 -21.45 -1.54 37.73
N GLY E 503 -22.10 -2.27 38.62
CA GLY E 503 -23.01 -1.66 39.58
C GLY E 503 -24.46 -1.77 39.15
N ASN E 504 -25.29 -1.09 39.94
CA ASN E 504 -26.75 -1.22 39.83
C ASN E 504 -27.33 -0.43 38.67
N TYR E 505 -26.64 0.61 38.20
CA TYR E 505 -27.22 1.59 37.27
C TYR E 505 -28.47 2.22 37.91
N ASN E 506 -28.23 2.85 39.05
CA ASN E 506 -29.27 3.51 39.83
C ASN E 506 -28.94 4.96 40.17
N GLY E 507 -27.87 5.50 39.60
CA GLY E 507 -27.36 6.80 39.99
C GLY E 507 -26.44 6.79 41.18
N ASN E 508 -26.77 6.05 42.24
CA ASN E 508 -26.03 6.11 43.49
C ASN E 508 -24.62 5.55 43.27
N GLN E 509 -23.62 6.39 43.50
CA GLN E 509 -22.22 6.04 43.30
C GLN E 509 -21.66 5.20 44.44
N GLY E 510 -22.35 5.11 45.56
CA GLY E 510 -21.79 4.50 46.74
C GLY E 510 -22.03 3.02 46.88
N ASP E 511 -23.24 2.58 46.54
CA ASP E 511 -23.62 1.19 46.72
C ASP E 511 -22.89 0.24 45.78
N ASP E 512 -22.17 0.75 44.79
CA ASP E 512 -21.66 -0.07 43.69
C ASP E 512 -20.74 -1.19 44.15
N PHE E 513 -20.15 -1.10 45.34
CA PHE E 513 -19.45 -2.24 45.91
C PHE E 513 -20.42 -3.16 46.63
N LEU E 514 -21.50 -3.57 45.97
CA LEU E 514 -22.45 -4.52 46.56
C LEU E 514 -22.23 -5.89 45.94
N THR E 515 -21.68 -6.79 46.74
CA THR E 515 -21.47 -8.17 46.37
C THR E 515 -22.80 -8.82 45.95
N PRO E 516 -22.76 -9.96 45.25
CA PRO E 516 -24.03 -10.65 44.95
C PRO E 516 -24.80 -11.05 46.19
N SER E 517 -24.13 -11.20 47.32
CA SER E 517 -24.83 -11.52 48.56
C SER E 517 -25.51 -10.31 49.19
N GLY E 518 -25.63 -9.20 48.48
CA GLY E 518 -26.55 -8.14 48.85
C GLY E 518 -26.11 -7.27 50.01
N LEU E 519 -24.90 -6.71 49.92
CA LEU E 519 -24.40 -5.83 50.97
C LEU E 519 -23.21 -5.05 50.44
N ALA E 520 -23.12 -3.79 50.83
CA ALA E 520 -22.07 -2.92 50.31
C ALA E 520 -20.74 -3.19 51.02
N GLU E 521 -19.74 -3.60 50.27
CA GLU E 521 -18.43 -3.93 50.80
C GLU E 521 -17.50 -2.72 50.72
N PRO E 522 -16.69 -2.40 51.74
CA PRO E 522 -15.75 -1.29 51.59
C PRO E 522 -14.44 -1.65 50.91
N ARG E 523 -13.96 -2.86 51.05
CA ARG E 523 -12.66 -3.28 50.54
C ARG E 523 -12.88 -3.84 49.14
N VAL E 524 -12.28 -3.17 48.14
CA VAL E 524 -12.48 -3.56 46.75
C VAL E 524 -11.99 -4.98 46.51
N GLU E 525 -10.95 -5.39 47.23
CA GLU E 525 -10.41 -6.74 47.08
C GLU E 525 -11.42 -7.83 47.45
N ASP E 526 -12.51 -7.47 48.13
CA ASP E 526 -13.61 -8.38 48.39
C ASP E 526 -14.69 -8.30 47.33
N PHE E 527 -14.79 -7.16 46.64
CA PHE E 527 -15.86 -7.00 45.68
C PHE E 527 -15.56 -7.74 44.39
N GLY E 528 -14.39 -7.49 43.81
CA GLY E 528 -14.07 -8.10 42.53
C GLY E 528 -14.02 -9.61 42.61
N ASN E 529 -13.39 -10.14 43.65
CA ASN E 529 -13.32 -11.59 43.80
C ASN E 529 -14.65 -12.20 44.16
N ALA E 530 -15.67 -11.38 44.49
CA ALA E 530 -17.01 -11.88 44.73
C ALA E 530 -17.78 -12.12 43.43
N TRP E 531 -17.27 -11.64 42.31
CA TRP E 531 -17.90 -11.84 41.00
C TRP E 531 -17.10 -12.76 40.09
N LYS E 532 -16.15 -13.53 40.63
CA LYS E 532 -15.42 -14.49 39.81
C LYS E 532 -16.32 -15.68 39.50
N LEU E 533 -15.95 -16.41 38.45
CA LEU E 533 -16.75 -17.51 37.94
C LEU E 533 -16.17 -18.89 38.20
N HIS E 534 -14.88 -19.01 38.51
CA HIS E 534 -14.23 -20.29 38.72
C HIS E 534 -13.58 -20.32 40.10
N GLY E 535 -13.90 -21.37 40.87
CA GLY E 535 -13.39 -21.48 42.22
C GLY E 535 -11.90 -21.69 42.29
N ASP E 536 -11.32 -22.33 41.27
CA ASP E 536 -9.88 -22.60 41.29
C ASP E 536 -9.05 -21.33 41.20
N CYS E 537 -9.62 -20.24 40.71
CA CYS E 537 -8.86 -19.00 40.56
C CYS E 537 -8.48 -18.46 41.94
N GLN E 538 -7.25 -17.95 42.03
CA GLN E 538 -6.77 -17.35 43.27
C GLN E 538 -7.39 -15.97 43.44
N ASP E 539 -8.08 -15.76 44.55
CA ASP E 539 -8.48 -14.42 44.95
C ASP E 539 -7.26 -13.68 45.52
N LEU E 540 -7.14 -12.42 45.18
CA LEU E 540 -6.02 -11.63 45.66
C LEU E 540 -6.31 -11.09 47.05
N GLN E 541 -5.29 -10.49 47.65
CA GLN E 541 -5.35 -9.99 49.01
C GLN E 541 -5.04 -8.51 49.13
N LYS E 542 -4.30 -7.95 48.18
CA LYS E 542 -3.95 -6.53 48.22
C LYS E 542 -3.88 -6.00 46.79
N GLN E 543 -4.55 -4.87 46.56
CA GLN E 543 -4.46 -4.14 45.30
C GLN E 543 -3.44 -3.01 45.50
N HIS E 544 -2.28 -3.16 44.89
CA HIS E 544 -1.24 -2.16 45.02
C HIS E 544 -1.57 -0.93 44.19
N SER E 545 -1.06 0.21 44.65
CA SER E 545 -1.36 1.51 44.05
C SER E 545 -0.17 2.17 43.40
N ASP E 546 1.05 1.73 43.69
CA ASP E 546 2.27 2.34 43.17
C ASP E 546 3.20 1.23 42.71
N PRO E 547 2.92 0.60 41.57
CA PRO E 547 3.86 -0.36 41.00
C PRO E 547 5.11 0.27 40.44
N CYS E 548 5.17 1.60 40.37
CA CYS E 548 6.41 2.28 40.01
C CYS E 548 7.52 2.02 41.01
N ALA E 549 7.19 1.54 42.21
CA ALA E 549 8.22 1.11 43.15
C ALA E 549 8.97 -0.10 42.63
N LEU E 550 8.24 -1.09 42.10
CA LEU E 550 8.88 -2.26 41.52
C LEU E 550 9.60 -1.97 40.21
N ASN E 551 9.42 -0.78 39.65
CA ASN E 551 10.17 -0.33 38.47
C ASN E 551 10.54 1.13 38.69
N PRO E 552 11.54 1.40 39.52
CA PRO E 552 11.92 2.80 39.79
C PRO E 552 12.39 3.55 38.58
N ARG E 553 12.74 2.87 37.49
CA ARG E 553 13.25 3.56 36.31
C ARG E 553 12.20 4.45 35.67
N MET E 554 10.93 4.04 35.73
CA MET E 554 9.85 4.75 35.07
C MET E 554 9.24 5.86 35.93
N THR E 555 9.80 6.12 37.11
CA THR E 555 9.18 7.08 38.02
C THR E 555 9.26 8.49 37.46
N ARG E 556 10.43 8.86 36.95
CA ARG E 556 10.58 10.13 36.28
C ARG E 556 9.62 10.24 35.09
N PHE E 557 9.76 9.33 34.13
CA PHE E 557 9.01 9.39 32.88
C PHE E 557 7.51 9.44 33.11
N SER E 558 7.00 8.73 34.12
CA SER E 558 5.58 8.76 34.39
C SER E 558 5.10 10.12 34.89
N GLU E 559 6.02 10.98 35.32
CA GLU E 559 5.65 12.31 35.76
C GLU E 559 5.50 13.26 34.57
N GLU E 560 6.59 13.46 33.82
CA GLU E 560 6.53 14.39 32.69
C GLU E 560 5.61 13.91 31.59
N ALA E 561 5.41 12.60 31.47
CA ALA E 561 4.62 12.08 30.36
C ALA E 561 3.17 12.50 30.47
N CYS E 562 2.50 12.06 31.53
CA CYS E 562 1.11 12.41 31.78
C CYS E 562 0.96 13.73 32.53
N ALA E 563 2.01 14.54 32.57
CA ALA E 563 1.84 15.93 32.99
C ALA E 563 1.17 16.77 31.92
N VAL E 564 1.13 16.30 30.67
CA VAL E 564 0.40 17.01 29.64
C VAL E 564 -1.10 16.90 29.86
N LEU E 565 -1.54 15.89 30.61
CA LEU E 565 -2.97 15.72 30.90
C LEU E 565 -3.55 16.95 31.59
N THR E 566 -2.75 17.63 32.41
CA THR E 566 -3.17 18.86 33.08
C THR E 566 -2.68 20.11 32.37
N SER E 567 -1.67 19.99 31.51
CA SER E 567 -1.23 21.08 30.66
C SER E 567 -2.42 21.64 29.88
N PRO E 568 -2.37 22.94 29.46
CA PRO E 568 -3.58 23.54 28.86
C PRO E 568 -3.95 23.01 27.49
N THR E 569 -3.23 22.00 26.98
CA THR E 569 -3.71 21.28 25.82
C THR E 569 -5.11 20.74 26.05
N PHE E 570 -5.37 20.24 27.26
CA PHE E 570 -6.69 19.76 27.66
C PHE E 570 -7.44 20.81 28.47
N GLU E 571 -7.12 22.10 28.30
CA GLU E 571 -7.79 23.17 29.02
C GLU E 571 -9.29 23.16 28.79
N ALA E 572 -9.72 22.69 27.63
CA ALA E 572 -11.11 22.80 27.23
C ALA E 572 -12.05 21.86 27.97
N CYS E 573 -11.55 20.78 28.58
CA CYS E 573 -12.40 19.79 29.23
C CYS E 573 -11.93 19.48 30.65
N HIS E 574 -11.20 20.40 31.27
CA HIS E 574 -11.20 20.43 32.72
C HIS E 574 -12.56 20.84 33.26
N ARG E 575 -13.28 21.66 32.50
CA ARG E 575 -14.65 22.05 32.80
C ARG E 575 -15.66 21.15 32.11
N ALA E 576 -15.32 19.89 31.89
CA ALA E 576 -16.28 18.88 31.45
C ALA E 576 -16.23 17.62 32.29
N VAL E 577 -15.05 17.21 32.74
CA VAL E 577 -14.90 15.94 33.45
C VAL E 577 -13.61 16.01 34.27
N SER E 578 -13.64 15.37 35.44
CA SER E 578 -12.54 15.46 36.39
C SER E 578 -11.31 14.73 35.85
N PRO E 579 -10.17 15.41 35.64
CA PRO E 579 -9.00 14.71 35.09
C PRO E 579 -8.20 13.91 36.09
N LEU E 580 -8.38 14.13 37.39
CA LEU E 580 -7.48 13.55 38.38
C LEU E 580 -7.36 12.04 38.32
N PRO E 581 -8.42 11.27 38.07
CA PRO E 581 -8.25 9.82 37.92
C PRO E 581 -7.59 9.41 36.62
N TYR E 582 -7.96 10.07 35.51
CA TYR E 582 -7.32 9.79 34.24
C TYR E 582 -5.84 10.09 34.27
N LEU E 583 -5.39 10.89 35.24
CA LEU E 583 -3.97 10.99 35.58
C LEU E 583 -3.55 9.85 36.50
N ARG E 584 -4.37 9.53 37.50
CA ARG E 584 -4.04 8.46 38.42
C ARG E 584 -3.89 7.13 37.72
N ASN E 585 -4.66 6.90 36.65
CA ASN E 585 -4.63 5.63 35.96
C ASN E 585 -3.53 5.56 34.91
N CYS E 586 -2.90 6.69 34.60
CA CYS E 586 -1.71 6.68 33.77
C CYS E 586 -0.52 6.08 34.51
N ARG E 587 -0.18 6.66 35.66
CA ARG E 587 1.03 6.29 36.37
C ARG E 587 1.02 4.84 36.82
N TYR E 588 -0.15 4.22 36.94
CA TYR E 588 -0.26 2.80 37.20
C TYR E 588 -0.01 1.97 35.96
N ASP E 589 -0.20 2.54 34.77
CA ASP E 589 -0.04 1.80 33.53
C ASP E 589 1.35 1.95 32.94
N VAL E 590 1.86 3.17 32.87
CA VAL E 590 3.15 3.42 32.22
C VAL E 590 4.28 2.71 32.96
N CYS E 591 4.19 2.60 34.29
CA CYS E 591 5.19 1.88 35.05
C CYS E 591 5.03 0.37 34.96
N SER E 592 3.80 -0.11 34.75
CA SER E 592 3.50 -1.52 34.89
C SER E 592 3.63 -2.31 33.61
N CYS E 593 3.29 -1.73 32.46
CA CYS E 593 3.13 -2.51 31.26
C CYS E 593 4.48 -2.74 30.57
N SER E 594 4.46 -3.64 29.60
CA SER E 594 5.69 -4.04 28.92
C SER E 594 6.31 -2.89 28.15
N ASP E 595 5.49 -2.14 27.40
CA ASP E 595 5.94 -1.02 26.60
C ASP E 595 5.11 0.20 26.96
N GLY E 596 5.74 1.18 27.61
CA GLY E 596 5.05 2.37 28.05
C GLY E 596 4.68 3.34 26.96
N ARG E 597 5.17 3.16 25.73
CA ARG E 597 4.84 4.08 24.64
C ARG E 597 3.34 4.13 24.40
N GLU E 598 2.75 2.99 24.07
CA GLU E 598 1.34 2.97 23.71
C GLU E 598 0.44 2.94 24.94
N CYS E 599 0.93 2.39 26.06
CA CYS E 599 0.20 2.49 27.31
C CYS E 599 -0.06 3.94 27.67
N LEU E 600 0.93 4.80 27.43
CA LEU E 600 0.73 6.23 27.57
C LEU E 600 -0.36 6.72 26.63
N CYS E 601 -0.23 6.41 25.35
CA CYS E 601 -1.08 6.95 24.32
C CYS E 601 -2.34 6.12 24.10
N GLY E 602 -2.66 5.23 25.03
CA GLY E 602 -3.96 4.62 25.13
C GLY E 602 -4.67 5.01 26.40
N ALA E 603 -4.01 5.83 27.23
CA ALA E 603 -4.60 6.41 28.43
C ALA E 603 -4.99 7.87 28.23
N LEU E 604 -4.16 8.63 27.53
CA LEU E 604 -4.56 9.98 27.14
C LEU E 604 -5.83 9.96 26.32
N ALA E 605 -5.92 9.05 25.34
CA ALA E 605 -7.13 8.93 24.55
C ALA E 605 -8.33 8.51 25.40
N SER E 606 -8.10 7.81 26.51
CA SER E 606 -9.18 7.51 27.43
C SER E 606 -9.81 8.77 27.98
N TYR E 607 -9.01 9.83 28.14
CA TYR E 607 -9.49 11.10 28.65
C TYR E 607 -10.16 11.91 27.56
N ALA E 608 -9.53 12.00 26.38
CA ALA E 608 -10.13 12.72 25.27
C ALA E 608 -11.45 12.11 24.84
N ALA E 609 -11.55 10.79 24.89
CA ALA E 609 -12.78 10.13 24.49
C ALA E 609 -13.94 10.48 25.40
N ALA E 610 -13.67 10.75 26.67
CA ALA E 610 -14.72 11.18 27.59
C ALA E 610 -14.92 12.69 27.52
N CYS E 611 -13.87 13.43 27.15
CA CYS E 611 -14.05 14.85 26.87
C CYS E 611 -14.95 15.06 25.66
N ALA E 612 -14.84 14.17 24.67
CA ALA E 612 -15.66 14.27 23.47
C ALA E 612 -17.07 13.73 23.69
N GLY E 613 -17.22 12.76 24.59
CA GLY E 613 -18.54 12.26 24.92
C GLY E 613 -19.45 13.28 25.57
N ARG E 614 -18.89 14.39 26.05
CA ARG E 614 -19.67 15.49 26.60
C ARG E 614 -19.76 16.68 25.66
N GLY E 615 -18.85 16.80 24.70
CA GLY E 615 -18.95 17.79 23.65
C GLY E 615 -17.64 18.42 23.23
N VAL E 616 -16.63 18.34 24.08
CA VAL E 616 -15.35 19.01 23.85
C VAL E 616 -14.43 18.04 23.11
N ARG E 617 -14.04 18.43 21.91
CA ARG E 617 -12.97 17.75 21.19
C ARG E 617 -11.66 18.48 21.46
N VAL E 618 -10.55 17.73 21.46
CA VAL E 618 -9.23 18.26 21.70
C VAL E 618 -8.31 17.79 20.59
N ALA E 619 -7.33 18.64 20.25
CA ALA E 619 -6.33 18.34 19.22
C ALA E 619 -5.00 18.11 19.93
N TRP E 620 -4.77 16.86 20.36
CA TRP E 620 -3.63 16.53 21.19
C TRP E 620 -2.61 15.62 20.51
N ARG E 621 -2.61 15.54 19.19
CA ARG E 621 -1.72 14.64 18.48
C ARG E 621 -0.55 15.41 17.86
N GLU E 622 0.63 14.81 17.95
CA GLU E 622 1.90 15.37 17.50
C GLU E 622 2.78 14.25 16.98
N PRO E 623 3.89 14.55 16.30
CA PRO E 623 4.86 13.48 15.99
C PRO E 623 5.51 12.88 17.22
N GLY E 624 5.47 13.58 18.35
CA GLY E 624 5.99 13.06 19.60
C GLY E 624 4.91 12.42 20.43
N ARG E 625 3.72 13.04 20.46
CA ARG E 625 2.61 12.55 21.29
C ARG E 625 1.69 11.63 20.50
N CYS E 626 2.29 10.63 19.86
CA CYS E 626 1.60 9.45 19.34
C CYS E 626 0.50 9.80 18.33
N GLU E 627 0.94 10.34 17.20
CA GLU E 627 0.07 10.45 16.04
C GLU E 627 0.04 9.10 15.32
N LEU E 628 -1.15 8.56 15.10
CA LEU E 628 -1.24 7.28 14.42
C LEU E 628 -0.89 7.44 12.95
N ASN E 629 -0.47 6.35 12.33
CA ASN E 629 0.02 6.33 10.96
C ASN E 629 -1.06 5.75 10.06
N CYS E 630 -1.96 6.62 9.60
CA CYS E 630 -2.92 6.20 8.61
C CYS E 630 -2.16 5.77 7.35
N PRO E 631 -2.56 4.66 6.70
CA PRO E 631 -1.82 4.24 5.50
C PRO E 631 -1.86 5.28 4.40
N LYS E 632 -1.05 5.04 3.36
CA LYS E 632 -0.88 6.01 2.28
C LYS E 632 -2.20 6.33 1.59
N GLY E 633 -3.12 5.37 1.54
CA GLY E 633 -4.42 5.64 0.96
C GLY E 633 -5.25 6.59 1.82
N GLN E 634 -5.19 6.43 3.13
CA GLN E 634 -5.97 7.22 4.06
C GLN E 634 -5.18 8.43 4.55
N VAL E 635 -5.87 9.29 5.29
CA VAL E 635 -5.28 10.48 5.89
C VAL E 635 -5.84 10.62 7.31
N TYR E 636 -5.02 11.18 8.20
CA TYR E 636 -5.49 11.48 9.54
C TYR E 636 -6.62 12.50 9.49
N LEU E 637 -7.54 12.39 10.43
CA LEU E 637 -8.71 13.26 10.47
C LEU E 637 -9.20 13.34 11.90
N GLN E 638 -9.65 14.53 12.30
CA GLN E 638 -10.05 14.80 13.68
C GLN E 638 -11.53 14.49 13.91
N CYS E 639 -12.41 15.14 13.17
CA CYS E 639 -13.86 15.00 13.36
C CYS E 639 -14.46 14.83 11.97
N GLY E 640 -14.97 13.62 11.70
CA GLY E 640 -15.44 13.26 10.37
C GLY E 640 -16.69 12.41 10.41
N THR E 641 -17.17 12.07 9.22
CA THR E 641 -18.47 11.44 9.05
C THR E 641 -18.30 10.02 8.56
N PRO E 642 -18.38 8.99 9.42
CA PRO E 642 -18.38 7.61 8.93
C PRO E 642 -19.75 7.16 8.44
N CYS E 643 -20.26 7.84 7.42
CA CYS E 643 -21.47 7.47 6.70
C CYS E 643 -21.25 7.36 5.20
N ASN E 644 -20.46 8.28 4.63
CA ASN E 644 -20.15 8.30 3.21
C ASN E 644 -18.74 7.80 2.92
N LEU E 645 -18.29 6.81 3.69
CA LEU E 645 -16.94 6.26 3.55
C LEU E 645 -16.92 4.89 2.86
N THR E 646 -17.65 3.91 3.39
CA THR E 646 -17.54 2.55 2.88
C THR E 646 -18.32 2.39 1.58
N CYS E 647 -17.84 1.46 0.75
CA CYS E 647 -18.49 1.19 -0.52
C CYS E 647 -19.82 0.49 -0.32
N ARG E 648 -20.02 -0.18 0.82
CA ARG E 648 -21.32 -0.76 1.15
C ARG E 648 -22.40 0.31 1.29
N SER E 649 -22.01 1.55 1.58
CA SER E 649 -22.99 2.62 1.74
C SER E 649 -23.74 2.88 0.45
N LEU E 650 -23.05 2.85 -0.68
CA LEU E 650 -23.69 3.10 -1.95
C LEU E 650 -24.57 1.94 -2.37
N SER E 651 -24.33 0.75 -1.84
CA SER E 651 -25.22 -0.37 -2.09
C SER E 651 -26.53 -0.21 -1.33
N TYR E 652 -26.46 0.27 -0.09
CA TYR E 652 -27.62 0.49 0.76
C TYR E 652 -27.63 1.95 1.20
N PRO E 653 -27.91 2.88 0.26
CA PRO E 653 -27.91 4.30 0.61
C PRO E 653 -29.12 4.71 1.43
N ASP E 654 -30.24 3.99 1.23
CA ASP E 654 -31.48 4.33 1.92
C ASP E 654 -31.36 4.19 3.43
N GLU E 655 -30.45 3.34 3.91
CA GLU E 655 -30.32 3.12 5.35
C GLU E 655 -29.87 4.39 6.04
N GLU E 656 -30.42 4.61 7.24
CA GLU E 656 -30.07 5.78 8.02
C GLU E 656 -28.69 5.61 8.65
N CYS E 657 -27.96 6.73 8.76
CA CYS E 657 -26.68 6.78 9.47
C CYS E 657 -26.79 7.91 10.49
N ASN E 658 -27.36 7.59 11.65
CA ASN E 658 -27.50 8.54 12.74
C ASN E 658 -26.27 8.48 13.65
N GLU E 659 -25.12 8.68 13.04
CA GLU E 659 -23.84 8.55 13.70
C GLU E 659 -23.25 9.93 13.97
N ALA E 660 -22.27 9.95 14.86
CA ALA E 660 -21.69 11.19 15.34
C ALA E 660 -20.59 11.67 14.39
N CYS E 661 -19.80 12.63 14.84
CA CYS E 661 -18.65 13.16 14.10
C CYS E 661 -17.40 12.57 14.72
N LEU E 662 -16.98 11.40 14.20
CA LEU E 662 -15.97 10.58 14.84
C LEU E 662 -14.56 10.95 14.39
N GLU E 663 -13.57 10.31 15.00
CA GLU E 663 -12.16 10.56 14.76
C GLU E 663 -11.49 9.29 14.27
N GLY E 664 -10.63 9.42 13.27
CA GLY E 664 -9.90 8.25 12.79
C GLY E 664 -9.21 8.52 11.46
N CYS E 665 -9.01 7.44 10.70
CA CYS E 665 -8.36 7.48 9.40
C CYS E 665 -9.41 7.41 8.30
N PHE E 666 -9.62 8.52 7.62
CA PHE E 666 -10.49 8.61 6.46
C PHE E 666 -9.64 8.99 5.24
N CYS E 667 -10.29 9.16 4.09
CA CYS E 667 -9.65 9.70 2.90
C CYS E 667 -10.62 10.64 2.23
N PRO E 668 -10.15 11.51 1.32
CA PRO E 668 -10.97 12.66 0.85
C PRO E 668 -12.30 12.22 0.25
N PRO E 669 -13.23 13.17 0.05
CA PRO E 669 -14.61 12.77 -0.26
C PRO E 669 -14.77 12.12 -1.62
N GLY E 670 -13.95 12.49 -2.61
CA GLY E 670 -13.91 11.88 -3.91
C GLY E 670 -13.55 10.41 -3.89
N LEU E 671 -12.94 9.95 -2.80
CA LEU E 671 -12.52 8.56 -2.63
C LEU E 671 -13.39 7.90 -1.58
N TYR E 672 -13.85 6.68 -1.89
CA TYR E 672 -14.61 5.85 -0.97
C TYR E 672 -13.87 4.55 -0.72
N MET E 673 -14.15 3.93 0.42
CA MET E 673 -13.33 2.82 0.91
C MET E 673 -13.57 1.51 0.18
N ASP E 674 -12.48 0.84 -0.20
CA ASP E 674 -12.50 -0.49 -0.78
C ASP E 674 -12.18 -1.53 0.28
N GLU E 675 -12.50 -2.79 -0.02
CA GLU E 675 -12.26 -3.87 0.93
C GLU E 675 -10.78 -4.08 1.18
N ARG E 676 -9.93 -3.76 0.21
CA ARG E 676 -8.52 -4.14 0.24
C ARG E 676 -7.62 -3.03 0.75
N GLY E 677 -8.09 -2.22 1.68
CA GLY E 677 -7.23 -1.28 2.39
C GLY E 677 -7.05 0.06 1.72
N ASP E 678 -7.01 0.07 0.40
CA ASP E 678 -7.07 1.32 -0.33
C ASP E 678 -8.51 1.79 -0.39
N CYS E 679 -8.70 3.07 -0.68
CA CYS E 679 -9.98 3.70 -0.98
C CYS E 679 -9.93 4.23 -2.39
N VAL E 680 -11.09 4.25 -3.05
CA VAL E 680 -11.20 4.38 -4.49
C VAL E 680 -12.36 5.29 -4.84
N PRO E 681 -12.35 5.90 -6.03
CA PRO E 681 -13.54 6.63 -6.48
C PRO E 681 -14.72 5.69 -6.67
N LYS E 682 -15.90 6.28 -6.89
CA LYS E 682 -17.10 5.48 -7.02
C LYS E 682 -17.27 4.86 -8.40
N ALA E 683 -16.24 4.93 -9.25
CA ALA E 683 -16.22 4.28 -10.56
C ALA E 683 -16.05 2.77 -10.43
N GLN E 684 -15.08 2.34 -9.61
CA GLN E 684 -14.83 0.92 -9.38
C GLN E 684 -15.21 0.50 -7.96
N CYS E 685 -16.30 1.06 -7.46
CA CYS E 685 -16.82 0.74 -6.14
C CYS E 685 -17.83 -0.39 -6.32
N PRO E 686 -17.56 -1.61 -5.87
CA PRO E 686 -18.46 -2.72 -6.19
C PRO E 686 -19.80 -2.64 -5.48
N CYS E 687 -20.68 -3.56 -5.88
CA CYS E 687 -22.00 -3.73 -5.29
C CYS E 687 -22.00 -4.97 -4.40
N TYR E 688 -22.87 -4.94 -3.39
CA TYR E 688 -22.98 -6.01 -2.39
C TYR E 688 -24.40 -6.54 -2.36
N TYR E 689 -24.95 -6.85 -3.53
CA TYR E 689 -26.30 -7.36 -3.71
C TYR E 689 -26.43 -8.75 -3.11
N ASP E 690 -27.32 -8.89 -2.14
CA ASP E 690 -27.58 -10.19 -1.50
C ASP E 690 -26.30 -10.76 -0.89
N GLY E 691 -25.41 -9.87 -0.46
CA GLY E 691 -24.10 -10.26 0.03
C GLY E 691 -23.06 -10.37 -1.08
N GLU E 692 -23.50 -10.63 -2.30
CA GLU E 692 -22.59 -10.99 -3.37
C GLU E 692 -21.82 -9.78 -3.86
N ILE E 693 -20.50 -9.88 -3.83
CA ILE E 693 -19.61 -8.78 -4.19
C ILE E 693 -19.43 -8.82 -5.71
N PHE E 694 -20.22 -8.03 -6.41
CA PHE E 694 -20.13 -7.93 -7.86
C PHE E 694 -19.14 -6.84 -8.25
N GLN E 695 -18.42 -7.09 -9.33
CA GLN E 695 -17.43 -6.17 -9.83
C GLN E 695 -18.14 -4.96 -10.45
N PRO E 696 -17.41 -3.89 -10.77
CA PRO E 696 -18.09 -2.65 -11.18
C PRO E 696 -18.93 -2.75 -12.44
N GLU E 697 -18.65 -3.72 -13.32
CA GLU E 697 -19.47 -3.96 -14.51
C GLU E 697 -19.80 -5.44 -14.57
N ASP E 698 -21.00 -5.79 -14.11
CA ASP E 698 -21.49 -7.16 -14.10
C ASP E 698 -22.98 -7.11 -14.42
N ILE E 699 -23.32 -7.26 -15.69
CA ILE E 699 -24.68 -7.43 -16.20
C ILE E 699 -25.13 -8.84 -15.84
N PHE E 700 -26.41 -8.96 -15.49
CA PHE E 700 -26.80 -9.91 -14.46
C PHE E 700 -28.30 -10.16 -14.50
N SER E 701 -28.73 -11.40 -14.71
CA SER E 701 -30.17 -11.61 -14.87
C SER E 701 -30.52 -13.08 -14.81
N ASP E 702 -31.59 -13.39 -14.09
CA ASP E 702 -32.31 -14.64 -14.26
C ASP E 702 -33.24 -14.48 -15.47
N HIS E 703 -34.17 -15.42 -15.66
CA HIS E 703 -35.17 -15.35 -16.71
C HIS E 703 -36.07 -14.12 -16.58
N HIS E 704 -36.48 -13.78 -15.37
CA HIS E 704 -37.62 -12.88 -15.14
C HIS E 704 -37.20 -11.51 -14.64
N THR E 705 -36.09 -11.41 -13.92
CA THR E 705 -35.55 -10.12 -13.52
C THR E 705 -34.47 -9.66 -14.49
N MET E 706 -33.93 -8.48 -14.20
CA MET E 706 -32.85 -7.89 -14.99
C MET E 706 -32.17 -6.87 -14.09
N CYS E 707 -30.86 -6.99 -13.95
CA CYS E 707 -30.13 -6.30 -12.90
C CYS E 707 -28.71 -6.02 -13.37
N TYR E 708 -28.14 -4.93 -12.85
CA TYR E 708 -26.74 -4.64 -13.12
C TYR E 708 -26.18 -3.69 -12.06
N CYS E 709 -24.85 -3.73 -11.92
CA CYS E 709 -24.11 -2.89 -10.99
C CYS E 709 -23.37 -1.82 -11.78
N GLU E 710 -23.70 -0.56 -11.51
CA GLU E 710 -23.19 0.56 -12.29
C GLU E 710 -21.96 1.21 -11.65
N ASP E 711 -22.14 1.78 -10.45
CA ASP E 711 -21.09 2.56 -9.81
C ASP E 711 -21.06 2.36 -8.29
N GLY E 712 -21.62 1.27 -7.79
CA GLY E 712 -21.75 1.04 -6.37
C GLY E 712 -23.15 0.63 -6.00
N PHE E 713 -24.14 1.15 -6.72
CA PHE E 713 -25.53 0.81 -6.51
C PHE E 713 -25.94 -0.31 -7.46
N MET E 714 -26.84 -1.17 -6.98
CA MET E 714 -27.34 -2.30 -7.74
C MET E 714 -28.72 -2.00 -8.34
N HIS E 715 -28.75 -1.62 -9.61
CA HIS E 715 -29.87 -1.26 -10.47
C HIS E 715 -30.59 -2.52 -10.93
N CYS E 716 -31.59 -2.95 -10.18
CA CYS E 716 -32.49 -4.02 -10.59
C CYS E 716 -33.77 -3.48 -11.21
N THR E 717 -34.34 -4.29 -12.10
CA THR E 717 -35.62 -4.04 -12.73
C THR E 717 -36.38 -5.36 -12.77
N MET E 718 -37.47 -5.41 -13.53
CA MET E 718 -38.23 -6.64 -13.70
C MET E 718 -38.77 -6.74 -15.12
N SER F 8 27.53 -17.88 60.19
CA SER F 8 27.32 -17.25 58.89
C SER F 8 26.76 -15.84 59.07
N SER F 9 25.45 -15.73 59.24
CA SER F 9 24.75 -14.45 59.44
C SER F 9 24.86 -13.52 58.25
N THR F 10 25.34 -13.99 57.09
CA THR F 10 25.53 -13.16 55.92
C THR F 10 25.18 -13.99 54.68
N ALA F 11 25.41 -13.39 53.51
CA ALA F 11 25.16 -14.05 52.24
C ALA F 11 26.23 -13.59 51.27
N ARG F 12 26.08 -14.00 50.01
CA ARG F 12 27.01 -13.57 48.96
C ARG F 12 26.45 -13.92 47.58
N CYS F 13 26.42 -12.94 46.68
CA CYS F 13 26.17 -13.15 45.27
C CYS F 13 27.38 -12.65 44.49
N SER F 14 27.51 -13.14 43.25
CA SER F 14 28.64 -12.75 42.42
C SER F 14 28.29 -12.94 40.95
N LEU F 15 28.65 -11.95 40.15
CA LEU F 15 28.50 -11.97 38.70
C LEU F 15 29.90 -11.85 38.13
N PHE F 16 30.56 -12.99 37.97
CA PHE F 16 31.98 -13.05 37.69
C PHE F 16 32.24 -13.30 36.21
N GLY F 17 33.27 -12.67 35.69
CA GLY F 17 33.67 -12.91 34.31
C GLY F 17 32.66 -12.33 33.34
N SER F 18 32.28 -13.13 32.36
CA SER F 18 31.33 -12.75 31.32
C SER F 18 30.07 -13.59 31.46
N ASP F 19 28.96 -12.93 31.77
CA ASP F 19 27.61 -13.49 31.70
C ASP F 19 27.30 -14.50 32.81
N PHE F 20 28.27 -14.84 33.65
CA PHE F 20 28.07 -15.87 34.66
C PHE F 20 27.55 -15.25 35.96
N VAL F 21 26.95 -16.11 36.78
CA VAL F 21 26.20 -15.71 37.96
C VAL F 21 26.49 -16.72 39.07
N ASN F 22 26.44 -16.24 40.31
CA ASN F 22 26.48 -17.10 41.48
C ASN F 22 25.49 -16.55 42.49
N THR F 23 24.43 -17.30 42.75
CA THR F 23 23.41 -16.89 43.69
C THR F 23 23.90 -17.05 45.12
N PHE F 24 23.02 -16.72 46.07
CA PHE F 24 23.31 -16.92 47.48
C PHE F 24 23.48 -18.39 47.83
N ASP F 25 22.91 -19.29 47.03
CA ASP F 25 22.96 -20.72 47.32
C ASP F 25 23.50 -21.53 46.13
N GLY F 26 24.83 -21.54 46.01
CA GLY F 26 25.59 -22.45 45.18
C GLY F 26 24.99 -22.88 43.86
N SER F 27 24.34 -21.96 43.16
CA SER F 27 23.63 -22.25 41.93
C SER F 27 24.11 -21.28 40.85
N MET F 28 24.86 -21.80 39.90
CA MET F 28 25.44 -21.01 38.82
C MET F 28 24.66 -21.22 37.52
N TYR F 29 24.88 -20.31 36.60
CA TYR F 29 24.37 -20.39 35.24
C TYR F 29 25.02 -19.25 34.47
N SER F 30 24.59 -19.06 33.23
CA SER F 30 25.06 -17.96 32.39
C SER F 30 23.87 -17.16 31.88
N PHE F 31 24.11 -15.87 31.66
CA PHE F 31 23.06 -14.98 31.17
C PHE F 31 23.73 -13.80 30.49
N ALA F 32 23.45 -13.63 29.19
CA ALA F 32 23.93 -12.49 28.42
C ALA F 32 22.75 -11.55 28.24
N GLY F 33 22.50 -10.74 29.26
CA GLY F 33 21.38 -9.83 29.22
C GLY F 33 21.61 -8.69 28.25
N TYR F 34 20.63 -7.79 28.24
CA TYR F 34 20.58 -6.68 27.31
C TYR F 34 20.25 -5.34 27.96
N CYS F 35 19.68 -5.35 29.17
CA CYS F 35 19.25 -4.11 29.81
C CYS F 35 19.40 -4.30 31.31
N SER F 36 18.72 -3.43 32.07
CA SER F 36 18.72 -3.51 33.51
C SER F 36 18.01 -4.78 33.99
N TYR F 37 18.46 -5.29 35.13
CA TYR F 37 17.84 -6.43 35.78
C TYR F 37 18.02 -6.30 37.29
N LEU F 38 17.05 -6.83 38.03
CA LEU F 38 17.05 -6.72 39.49
C LEU F 38 17.93 -7.81 40.08
N LEU F 39 18.98 -7.40 40.78
CA LEU F 39 19.82 -8.36 41.48
C LEU F 39 19.15 -8.88 42.74
N ALA F 40 18.87 -7.98 43.67
CA ALA F 40 18.29 -8.35 44.95
C ALA F 40 17.33 -7.25 45.38
N GLY F 41 16.65 -7.50 46.49
CA GLY F 41 15.66 -6.59 47.02
C GLY F 41 14.48 -7.37 47.56
N GLY F 42 13.73 -6.74 48.44
CA GLY F 42 12.52 -7.34 48.96
C GLY F 42 11.53 -7.64 47.87
N CYS F 43 10.50 -8.41 48.24
CA CYS F 43 9.48 -8.96 47.36
C CYS F 43 8.10 -8.63 47.90
N GLN F 44 7.95 -8.62 49.22
CA GLN F 44 6.74 -8.10 49.83
C GLN F 44 6.79 -6.57 49.86
N LYS F 45 7.90 -6.01 50.36
CA LYS F 45 8.09 -4.57 50.41
C LYS F 45 9.57 -4.29 50.24
N ARG F 46 9.89 -3.27 49.43
CA ARG F 46 11.27 -2.95 49.08
C ARG F 46 11.68 -1.64 49.71
N SER F 47 12.57 -1.72 50.69
CA SER F 47 13.25 -0.52 51.18
C SER F 47 14.39 -0.12 50.26
N PHE F 48 14.88 -1.04 49.43
CA PHE F 48 15.94 -0.73 48.48
C PHE F 48 15.82 -1.70 47.31
N SER F 49 16.75 -1.58 46.37
CA SER F 49 16.84 -2.50 45.24
C SER F 49 18.19 -2.34 44.58
N ILE F 50 19.00 -3.39 44.59
CA ILE F 50 20.27 -3.40 43.85
C ILE F 50 19.97 -3.84 42.44
N ILE F 51 20.54 -3.13 41.48
CA ILE F 51 20.20 -3.28 40.07
C ILE F 51 21.49 -3.32 39.28
N GLY F 52 21.48 -4.10 38.19
CA GLY F 52 22.64 -4.26 37.34
C GLY F 52 22.28 -4.09 35.87
N ASP F 53 23.06 -3.28 35.16
CA ASP F 53 22.78 -2.98 33.76
C ASP F 53 23.77 -3.70 32.87
N PHE F 54 23.25 -4.34 31.82
CA PHE F 54 24.05 -5.01 30.81
C PHE F 54 23.87 -4.29 29.50
N GLN F 55 24.98 -3.92 28.87
CA GLN F 55 24.92 -3.21 27.59
C GLN F 55 24.52 -4.18 26.47
N ASN F 56 25.36 -5.19 26.21
CA ASN F 56 25.03 -6.27 25.30
C ASN F 56 25.78 -7.51 25.79
N GLY F 57 25.11 -8.29 26.65
CA GLY F 57 25.76 -9.41 27.31
C GLY F 57 26.72 -8.97 28.38
N LYS F 58 27.73 -8.19 28.01
CA LYS F 58 28.72 -7.69 28.96
C LYS F 58 28.10 -6.64 29.86
N ARG F 59 28.59 -6.58 31.10
CA ARG F 59 28.00 -5.76 32.14
C ARG F 59 28.66 -4.39 32.20
N VAL F 60 27.90 -3.42 32.71
CA VAL F 60 28.39 -2.05 32.86
C VAL F 60 28.30 -1.62 34.32
N SER F 61 27.07 -1.50 34.84
CA SER F 61 26.81 -0.71 36.03
C SER F 61 26.11 -1.52 37.11
N LEU F 62 26.46 -1.20 38.34
CA LEU F 62 25.67 -1.52 39.52
C LEU F 62 24.87 -0.28 39.89
N SER F 63 23.65 -0.47 40.35
CA SER F 63 22.79 0.63 40.74
C SER F 63 22.00 0.25 41.98
N VAL F 64 21.82 1.24 42.86
CA VAL F 64 21.07 1.09 44.09
C VAL F 64 20.03 2.17 44.09
N TYR F 65 18.76 1.78 44.00
CA TYR F 65 17.64 2.69 44.12
C TYR F 65 17.01 2.45 45.48
N LEU F 66 17.04 3.48 46.31
CA LEU F 66 16.71 3.36 47.72
C LEU F 66 15.25 3.73 47.96
N GLY F 67 14.38 2.87 47.43
CA GLY F 67 12.95 3.10 47.53
C GLY F 67 12.41 3.81 46.32
N GLU F 68 12.31 5.13 46.43
CA GLU F 68 11.64 5.96 45.44
C GLU F 68 12.44 7.19 45.02
N PHE F 69 13.35 7.67 45.86
CA PHE F 69 13.83 9.04 45.80
C PHE F 69 15.30 9.20 45.48
N PHE F 70 16.12 8.18 45.68
CA PHE F 70 17.57 8.30 45.58
C PHE F 70 18.10 7.20 44.67
N ASP F 71 19.19 7.52 43.98
CA ASP F 71 19.72 6.64 42.96
C ASP F 71 21.20 6.91 42.73
N ILE F 72 21.96 5.82 42.64
CA ILE F 72 23.38 5.86 42.31
C ILE F 72 23.58 4.95 41.12
N HIS F 73 24.54 5.31 40.26
CA HIS F 73 24.76 4.58 38.98
C HIS F 73 26.26 4.37 38.76
N LEU F 74 26.92 3.68 39.69
CA LEU F 74 28.37 3.39 39.57
C LEU F 74 28.58 2.33 38.48
N PHE F 75 29.83 2.13 38.06
CA PHE F 75 30.16 1.09 37.04
C PHE F 75 31.68 1.04 36.83
N VAL F 76 32.09 0.57 35.65
CA VAL F 76 33.52 0.30 35.33
C VAL F 76 34.34 1.57 35.57
N ASN F 77 34.12 2.60 34.72
CA ASN F 77 35.02 3.74 34.65
C ASN F 77 35.24 4.38 36.02
N GLY F 78 34.39 4.08 37.01
CA GLY F 78 34.43 4.76 38.28
C GLY F 78 33.71 6.10 38.28
N THR F 79 33.12 6.51 37.16
CA THR F 79 32.45 7.80 37.05
C THR F 79 31.05 7.66 37.61
N VAL F 80 30.96 7.75 38.94
CA VAL F 80 29.69 7.59 39.61
C VAL F 80 28.82 8.83 39.41
N THR F 81 27.51 8.65 39.57
CA THR F 81 26.57 9.74 39.44
C THR F 81 25.41 9.54 40.40
N GLN F 82 24.68 10.62 40.67
CA GLN F 82 23.52 10.62 41.54
C GLN F 82 22.38 11.20 40.71
N GLY F 83 21.47 10.34 40.25
CA GLY F 83 20.48 10.75 39.29
C GLY F 83 21.09 10.86 37.92
N ASP F 84 21.31 12.09 37.46
CA ASP F 84 22.04 12.37 36.23
C ASP F 84 23.24 13.28 36.44
N GLN F 85 23.39 13.88 37.62
CA GLN F 85 24.52 14.75 37.90
C GLN F 85 25.69 13.89 38.34
N ARG F 86 26.79 13.93 37.58
CA ARG F 86 27.98 13.20 37.96
C ARG F 86 28.60 13.86 39.19
N VAL F 87 28.79 13.05 40.24
CA VAL F 87 29.40 13.51 41.47
C VAL F 87 30.85 13.02 41.50
N SER F 88 31.60 13.54 42.46
CA SER F 88 32.96 13.08 42.70
C SER F 88 32.89 11.77 43.47
N MET F 89 34.03 11.31 43.98
CA MET F 89 34.10 10.12 44.79
C MET F 89 35.20 10.36 45.80
N PRO F 90 35.06 9.90 47.05
CA PRO F 90 33.95 9.18 47.69
C PRO F 90 32.70 10.03 47.89
N TYR F 91 31.69 9.45 48.53
CA TYR F 91 30.35 10.03 48.61
C TYR F 91 29.55 9.23 49.61
N ALA F 92 28.73 9.92 50.42
CA ALA F 92 28.19 9.31 51.62
C ALA F 92 26.74 9.69 51.92
N SER F 93 25.99 10.17 50.94
CA SER F 93 24.64 10.65 51.22
C SER F 93 23.71 9.52 51.60
N LYS F 94 22.67 9.88 52.36
CA LYS F 94 21.50 9.03 52.62
C LYS F 94 21.89 7.67 53.23
N GLY F 95 22.98 7.66 54.00
CA GLY F 95 23.39 6.44 54.65
C GLY F 95 24.05 5.44 53.72
N LEU F 96 24.59 5.90 52.60
CA LEU F 96 25.26 5.04 51.61
C LEU F 96 26.66 5.58 51.36
N TYR F 97 27.61 5.10 52.15
CA TYR F 97 29.01 5.40 51.93
C TYR F 97 29.47 4.73 50.65
N LEU F 98 30.02 5.52 49.74
CA LEU F 98 30.49 5.07 48.44
C LEU F 98 32.00 5.27 48.42
N GLU F 99 32.72 4.21 48.75
CA GLU F 99 34.12 4.25 49.12
C GLU F 99 34.93 3.41 48.14
N THR F 100 36.24 3.33 48.42
CA THR F 100 37.14 2.41 47.71
C THR F 100 37.97 1.66 48.73
N GLU F 101 37.96 0.33 48.64
CA GLU F 101 38.65 -0.53 49.58
C GLU F 101 39.60 -1.43 48.80
N ALA F 102 40.86 -1.45 49.23
CA ALA F 102 41.86 -2.34 48.64
C ALA F 102 42.03 -2.07 47.15
N GLY F 103 41.94 -0.80 46.78
CA GLY F 103 41.97 -0.42 45.38
C GLY F 103 40.73 -0.79 44.59
N TYR F 104 39.71 -1.34 45.24
CA TYR F 104 38.47 -1.74 44.60
C TYR F 104 37.31 -1.00 45.24
N TYR F 105 36.30 -0.71 44.41
CA TYR F 105 35.23 0.19 44.81
C TYR F 105 34.17 -0.52 45.62
N LYS F 106 33.59 0.20 46.58
CA LYS F 106 32.66 -0.35 47.55
C LYS F 106 31.44 0.55 47.67
N LEU F 107 30.32 -0.06 48.04
CA LEU F 107 29.06 0.64 48.31
C LEU F 107 28.42 -0.04 49.52
N SER F 108 28.40 0.64 50.65
CA SER F 108 27.92 0.07 51.90
C SER F 108 26.57 0.66 52.27
N GLY F 109 25.69 -0.19 52.81
CA GLY F 109 24.36 0.18 53.21
C GLY F 109 23.96 -0.45 54.52
N GLU F 110 24.91 -0.54 55.45
CA GLU F 110 24.76 -1.32 56.68
C GLU F 110 23.47 -1.03 57.43
N ALA F 111 22.97 0.20 57.33
CA ALA F 111 21.63 0.48 57.84
C ALA F 111 20.60 -0.36 57.10
N TYR F 112 20.70 -0.40 55.78
CA TYR F 112 19.78 -1.17 54.95
C TYR F 112 20.25 -2.59 54.71
N GLY F 113 21.38 -2.98 55.30
CA GLY F 113 21.77 -4.38 55.33
C GLY F 113 22.29 -4.92 54.02
N PHE F 114 23.26 -4.24 53.43
CA PHE F 114 23.94 -4.79 52.27
C PHE F 114 25.25 -4.06 52.06
N VAL F 115 26.17 -4.75 51.40
CA VAL F 115 27.47 -4.21 51.01
C VAL F 115 27.75 -4.71 49.61
N ALA F 116 27.85 -3.79 48.66
CA ALA F 116 28.24 -4.11 47.30
C ALA F 116 29.67 -3.65 47.05
N ARG F 117 30.19 -4.03 45.89
CA ARG F 117 31.54 -3.67 45.49
C ARG F 117 31.74 -4.11 44.05
N ILE F 118 32.82 -3.61 43.45
CA ILE F 118 33.28 -4.08 42.16
C ILE F 118 34.80 -4.12 42.18
N ASP F 119 35.37 -4.95 41.32
CA ASP F 119 36.82 -5.06 41.17
C ASP F 119 37.26 -4.28 39.93
N GLY F 120 38.56 -4.37 39.61
CA GLY F 120 39.07 -3.66 38.45
C GLY F 120 38.59 -4.24 37.15
N SER F 121 38.56 -5.56 37.04
CA SER F 121 38.06 -6.21 35.84
C SER F 121 36.57 -5.95 35.65
N GLY F 122 35.82 -6.00 36.73
CA GLY F 122 34.37 -5.93 36.71
C GLY F 122 33.78 -7.26 37.12
N ASN F 123 33.45 -7.38 38.41
CA ASN F 123 32.87 -8.59 38.96
C ASN F 123 31.99 -8.13 40.12
N PHE F 124 30.70 -7.96 39.85
CA PHE F 124 29.79 -7.49 40.87
C PHE F 124 29.72 -8.51 42.01
N GLN F 125 29.67 -7.99 43.23
CA GLN F 125 29.54 -8.81 44.43
C GLN F 125 28.57 -8.11 45.37
N VAL F 126 27.81 -8.91 46.11
CA VAL F 126 26.76 -8.41 46.99
C VAL F 126 26.78 -9.20 48.28
N LEU F 127 27.20 -8.57 49.37
CA LEU F 127 27.07 -9.17 50.69
C LEU F 127 25.82 -8.62 51.36
N LEU F 128 25.09 -9.50 52.02
CA LEU F 128 23.73 -9.22 52.47
C LEU F 128 23.49 -9.99 53.76
N SER F 129 22.75 -9.38 54.68
CA SER F 129 22.63 -9.91 56.02
C SER F 129 21.75 -11.16 56.04
N ASP F 130 21.55 -11.70 57.24
CA ASP F 130 20.62 -12.80 57.46
C ASP F 130 19.19 -12.33 57.69
N ARG F 131 18.95 -11.02 57.67
CA ARG F 131 17.63 -10.50 57.96
C ARG F 131 16.63 -10.84 56.86
N TYR F 132 17.15 -11.03 55.65
CA TYR F 132 16.30 -11.27 54.44
C TYR F 132 16.29 -12.75 54.09
N PHE F 133 16.50 -13.63 55.07
CA PHE F 133 16.47 -15.10 54.81
C PHE F 133 15.06 -15.50 54.38
N ASN F 134 14.93 -16.00 53.14
CA ASN F 134 13.60 -16.36 52.56
C ASN F 134 12.83 -15.07 52.26
N LYS F 135 13.55 -13.99 51.94
CA LYS F 135 12.91 -12.71 51.52
C LYS F 135 13.37 -12.36 50.10
N THR F 136 14.47 -11.62 49.99
CA THR F 136 14.94 -11.08 48.69
C THR F 136 14.78 -12.14 47.60
N CYS F 137 13.83 -11.93 46.68
CA CYS F 137 13.70 -12.77 45.46
C CYS F 137 13.99 -11.92 44.22
N GLY F 138 14.92 -12.37 43.38
CA GLY F 138 15.44 -11.60 42.27
C GLY F 138 16.34 -12.44 41.39
N LEU F 139 17.46 -11.85 40.95
CA LEU F 139 18.37 -12.54 40.04
C LEU F 139 19.47 -13.30 40.77
N CYS F 140 19.80 -12.92 42.00
CA CYS F 140 20.67 -13.69 42.86
C CYS F 140 19.88 -14.65 43.76
N GLY F 141 18.61 -14.88 43.46
CA GLY F 141 17.82 -15.86 44.16
C GLY F 141 17.57 -15.56 45.62
N ASN F 142 16.73 -16.39 46.23
CA ASN F 142 16.39 -16.23 47.64
C ASN F 142 17.56 -16.58 48.55
N PHE F 143 17.55 -16.00 49.75
CA PHE F 143 18.50 -16.39 50.80
C PHE F 143 17.84 -17.44 51.67
N ASN F 144 17.81 -18.66 51.15
CA ASN F 144 17.43 -19.85 51.90
C ASN F 144 18.63 -20.76 52.11
N ILE F 145 18.38 -21.96 52.63
CA ILE F 145 19.43 -22.97 52.71
C ILE F 145 19.55 -23.71 51.38
N PHE F 146 18.42 -24.07 50.79
CA PHE F 146 18.44 -24.85 49.56
C PHE F 146 19.05 -24.06 48.41
N ALA F 147 19.36 -24.78 47.35
CA ALA F 147 20.01 -24.24 46.16
C ALA F 147 19.33 -24.65 44.86
N GLU F 148 18.32 -25.52 44.92
CA GLU F 148 17.64 -26.01 43.73
C GLU F 148 16.37 -25.25 43.41
N ASP F 149 15.67 -24.76 44.44
CA ASP F 149 14.42 -24.01 44.50
C ASP F 149 14.61 -22.52 44.41
N ASP F 150 15.83 -22.03 44.22
CA ASP F 150 16.06 -20.59 44.16
C ASP F 150 15.98 -20.06 42.73
N PHE F 151 14.94 -20.50 42.00
CA PHE F 151 14.43 -19.85 40.79
C PHE F 151 12.93 -19.69 41.02
N MET F 152 12.53 -18.63 41.72
CA MET F 152 11.12 -18.33 41.96
C MET F 152 10.81 -17.00 41.29
N THR F 153 10.15 -17.08 40.13
CA THR F 153 10.00 -15.94 39.23
C THR F 153 9.26 -14.78 39.87
N GLN F 154 9.20 -13.66 39.15
CA GLN F 154 8.45 -12.49 39.60
C GLN F 154 6.97 -12.81 39.78
N GLU F 155 6.46 -13.85 39.13
CA GLU F 155 5.16 -14.40 39.49
C GLU F 155 5.27 -15.26 40.74
N GLY F 156 6.34 -16.05 40.82
CA GLY F 156 6.52 -17.08 41.81
C GLY F 156 6.20 -18.39 41.15
N THR F 157 7.24 -19.03 40.60
CA THR F 157 7.08 -20.21 39.75
C THR F 157 8.44 -20.89 39.73
N LEU F 158 8.52 -22.12 40.22
CA LEU F 158 9.76 -22.87 40.14
C LEU F 158 9.98 -23.30 38.69
N THR F 159 11.05 -22.80 38.08
CA THR F 159 11.36 -23.05 36.68
C THR F 159 12.63 -23.89 36.57
N SER F 160 12.70 -24.68 35.51
CA SER F 160 13.88 -25.50 35.24
C SER F 160 14.96 -24.77 34.46
N ASP F 161 14.60 -23.69 33.77
CA ASP F 161 15.55 -22.97 32.92
C ASP F 161 16.21 -21.86 33.73
N PRO F 162 17.54 -21.78 33.78
CA PRO F 162 18.19 -20.60 34.35
C PRO F 162 18.19 -19.36 33.46
N TYR F 163 17.46 -19.37 32.34
CA TYR F 163 17.54 -18.30 31.36
C TYR F 163 16.29 -17.42 31.34
N ASP F 164 15.12 -18.01 31.09
CA ASP F 164 13.89 -17.22 31.10
C ASP F 164 13.65 -16.60 32.46
N PHE F 165 14.11 -17.27 33.52
CA PHE F 165 14.03 -16.74 34.87
C PHE F 165 14.62 -15.34 34.94
N ALA F 166 15.88 -15.20 34.54
CA ALA F 166 16.56 -13.92 34.57
C ALA F 166 15.86 -12.87 33.70
N ASN F 167 15.08 -13.29 32.72
CA ASN F 167 14.34 -12.39 31.87
C ASN F 167 13.01 -11.97 32.51
N SER F 168 12.48 -12.76 33.45
CA SER F 168 11.33 -12.30 34.21
C SER F 168 11.68 -11.08 35.04
N TRP F 169 12.89 -11.05 35.58
CA TRP F 169 13.33 -9.97 36.47
C TRP F 169 14.02 -8.86 35.69
N ALA F 170 13.37 -8.39 34.64
CA ALA F 170 13.80 -7.23 33.88
C ALA F 170 13.04 -5.99 34.35
N LEU F 171 13.64 -4.83 34.12
CA LEU F 171 13.07 -3.56 34.54
C LEU F 171 13.53 -2.51 33.54
N SER F 172 12.61 -1.74 32.99
CA SER F 172 12.86 -0.84 31.88
C SER F 172 12.66 0.62 32.28
N SER F 173 13.23 1.51 31.46
CA SER F 173 13.13 2.95 31.65
C SER F 173 12.44 3.65 30.49
N GLY F 174 12.24 4.95 30.63
CA GLY F 174 11.77 5.77 29.54
C GLY F 174 12.88 6.05 28.55
N GLU F 175 14.11 6.18 29.06
CA GLU F 175 15.26 6.32 28.18
C GLU F 175 15.42 5.11 27.27
N GLN F 176 15.09 3.93 27.77
CA GLN F 176 15.17 2.71 26.96
C GLN F 176 14.20 1.69 27.51
N TRP F 177 13.35 1.16 26.63
CA TRP F 177 12.60 -0.06 26.90
C TRP F 177 13.31 -1.24 26.27
N CYS F 178 13.33 -2.36 26.97
CA CYS F 178 14.13 -3.51 26.58
C CYS F 178 13.26 -4.76 26.47
N GLU F 179 13.79 -5.74 25.76
CA GLU F 179 13.06 -6.89 25.28
C GLU F 179 13.69 -8.18 25.82
N ARG F 180 13.17 -9.31 25.37
CA ARG F 180 13.79 -10.60 25.66
C ARG F 180 15.09 -10.78 24.89
N ALA F 181 16.21 -10.78 25.61
CA ALA F 181 17.47 -11.07 24.96
C ALA F 181 17.48 -12.52 24.49
N SER F 182 18.42 -12.82 23.57
CA SER F 182 18.56 -14.16 23.01
C SER F 182 19.79 -14.85 23.60
N PRO F 183 19.78 -16.17 23.81
CA PRO F 183 21.01 -16.85 24.15
C PRO F 183 22.02 -16.73 23.01
N PRO F 184 23.32 -16.62 23.29
CA PRO F 184 24.28 -16.45 22.20
C PRO F 184 24.49 -17.76 21.46
N SER F 185 24.55 -17.66 20.13
CA SER F 185 24.88 -18.82 19.31
C SER F 185 26.38 -19.10 19.41
N SER F 186 26.73 -20.21 20.05
CA SER F 186 28.12 -20.49 20.36
C SER F 186 28.89 -20.86 19.10
N SER F 187 29.92 -20.07 18.78
CA SER F 187 30.85 -20.42 17.72
C SER F 187 31.83 -21.51 18.12
N CYS F 188 31.86 -21.89 19.40
CA CYS F 188 32.76 -22.95 19.85
C CYS F 188 32.45 -24.28 19.18
N ASN F 189 31.20 -24.49 18.76
CA ASN F 189 30.76 -25.78 18.25
C ASN F 189 31.49 -26.28 17.02
N ILE F 190 32.19 -25.40 16.28
CA ILE F 190 32.86 -25.77 15.04
C ILE F 190 34.38 -25.66 15.22
N SER F 191 34.83 -24.65 15.96
CA SER F 191 36.25 -24.40 16.16
C SER F 191 36.78 -25.19 17.36
N SER F 192 36.55 -26.50 17.34
CA SER F 192 36.89 -27.33 18.50
C SER F 192 38.38 -27.60 18.56
N GLY F 193 38.89 -28.37 17.59
CA GLY F 193 40.32 -28.60 17.43
C GLY F 193 41.00 -29.09 18.69
N GLU F 194 42.19 -28.51 18.95
CA GLU F 194 43.02 -28.87 20.09
C GLU F 194 42.57 -28.20 21.39
N MET F 195 41.75 -27.16 21.31
CA MET F 195 41.48 -26.29 22.46
C MET F 195 40.90 -27.03 23.66
N GLN F 196 40.28 -28.19 23.45
CA GLN F 196 39.72 -28.96 24.56
C GLN F 196 40.72 -29.94 25.15
N LYS F 197 41.80 -30.28 24.44
CA LYS F 197 42.75 -31.27 24.92
C LYS F 197 43.88 -30.66 25.76
N GLY F 198 44.41 -29.51 25.32
CA GLY F 198 45.50 -28.87 26.06
C GLY F 198 45.05 -28.01 27.21
N LEU F 199 43.89 -27.35 27.09
CA LEU F 199 43.44 -26.39 28.07
C LEU F 199 42.46 -26.97 29.08
N TRP F 200 42.16 -28.27 29.01
CA TRP F 200 41.35 -28.93 30.03
C TRP F 200 42.01 -28.91 31.41
N GLU F 201 43.32 -28.69 31.48
CA GLU F 201 44.04 -28.81 32.74
C GLU F 201 43.78 -27.62 33.67
N GLN F 202 43.62 -26.42 33.12
CA GLN F 202 43.46 -25.25 33.98
C GLN F 202 42.13 -25.29 34.72
N CYS F 203 41.11 -25.88 34.12
CA CYS F 203 39.89 -26.18 34.89
C CYS F 203 40.14 -27.33 35.85
N GLN F 204 41.02 -28.25 35.48
CA GLN F 204 41.25 -29.44 36.29
C GLN F 204 42.04 -29.13 37.56
N LEU F 205 42.90 -28.12 37.54
CA LEU F 205 43.79 -27.91 38.67
C LEU F 205 43.06 -27.38 39.90
N LEU F 206 41.79 -26.99 39.77
CA LEU F 206 40.96 -26.78 40.95
C LEU F 206 40.87 -28.05 41.79
N LYS F 207 40.91 -29.22 41.14
CA LYS F 207 40.75 -30.50 41.80
C LYS F 207 42.08 -31.16 42.15
N SER F 208 43.13 -30.94 41.36
CA SER F 208 44.38 -31.65 41.54
C SER F 208 45.29 -30.97 42.56
N THR F 209 45.49 -29.66 42.43
CA THR F 209 46.47 -28.97 43.25
C THR F 209 46.03 -28.98 44.71
N SER F 210 47.03 -29.08 45.60
CA SER F 210 46.74 -29.22 47.02
C SER F 210 46.11 -27.98 47.60
N VAL F 211 46.44 -26.79 47.08
CA VAL F 211 45.95 -25.55 47.65
C VAL F 211 44.43 -25.44 47.48
N PHE F 212 43.85 -26.11 46.47
CA PHE F 212 42.41 -26.21 46.31
C PHE F 212 41.83 -27.53 46.79
N ALA F 213 42.67 -28.44 47.29
CA ALA F 213 42.25 -29.79 47.61
C ALA F 213 41.71 -29.92 49.03
N ARG F 214 41.23 -28.82 49.62
CA ARG F 214 40.79 -28.81 51.01
C ARG F 214 39.50 -28.05 51.26
N CYS F 215 38.96 -27.31 50.29
CA CYS F 215 37.63 -26.75 50.39
C CYS F 215 36.52 -27.74 50.03
N HIS F 216 36.88 -28.90 49.49
CA HIS F 216 35.90 -29.92 49.12
C HIS F 216 34.96 -30.36 50.22
N PRO F 217 35.35 -30.45 51.50
CA PRO F 217 34.33 -30.71 52.53
C PRO F 217 33.42 -29.52 52.80
N LEU F 218 33.76 -28.34 52.30
CA LEU F 218 32.96 -27.12 52.46
C LEU F 218 32.15 -26.80 51.22
N VAL F 219 32.71 -27.02 50.04
CA VAL F 219 32.08 -26.72 48.76
C VAL F 219 32.36 -27.88 47.81
N ASP F 220 31.89 -27.74 46.57
CA ASP F 220 32.14 -28.71 45.52
C ASP F 220 32.58 -27.96 44.27
N PRO F 221 33.75 -28.26 43.69
CA PRO F 221 34.13 -27.59 42.45
C PRO F 221 33.43 -28.10 41.21
N GLU F 222 32.56 -29.10 41.33
CA GLU F 222 31.97 -29.72 40.15
C GLU F 222 31.17 -28.73 39.29
N PRO F 223 30.41 -27.79 39.85
CA PRO F 223 29.83 -26.76 38.97
C PRO F 223 30.85 -25.80 38.40
N PHE F 224 31.82 -25.36 39.21
CA PHE F 224 32.86 -24.42 38.78
C PHE F 224 33.63 -24.96 37.59
N VAL F 225 34.00 -26.25 37.63
CA VAL F 225 34.66 -26.86 36.47
C VAL F 225 33.66 -27.04 35.35
N ALA F 226 32.37 -27.17 35.66
CA ALA F 226 31.37 -27.34 34.62
C ALA F 226 31.15 -26.04 33.85
N LEU F 227 31.16 -24.90 34.56
CA LEU F 227 30.91 -23.62 33.90
C LEU F 227 32.12 -23.09 33.16
N CYS F 228 33.32 -23.55 33.48
CA CYS F 228 34.50 -23.04 32.79
C CYS F 228 34.64 -23.65 31.41
N GLU F 229 34.43 -24.98 31.30
CA GLU F 229 34.72 -25.71 30.07
C GLU F 229 33.94 -25.17 28.87
N LYS F 230 32.85 -24.45 29.09
CA LYS F 230 32.13 -23.82 28.00
C LYS F 230 32.67 -22.43 27.63
N THR F 231 33.52 -21.84 28.47
CA THR F 231 34.09 -20.52 28.17
C THR F 231 35.58 -20.56 27.86
N LEU F 232 36.23 -21.73 27.93
CA LEU F 232 37.61 -21.85 27.48
C LEU F 232 37.74 -21.96 25.96
N CYS F 233 36.62 -21.89 25.24
CA CYS F 233 36.59 -22.23 23.81
C CYS F 233 36.44 -21.03 22.89
N GLU F 234 35.95 -19.90 23.37
CA GLU F 234 35.75 -18.72 22.52
C GLU F 234 36.99 -17.85 22.42
N CYS F 235 37.77 -17.76 23.49
CA CYS F 235 39.02 -17.01 23.54
C CYS F 235 40.13 -17.82 22.90
N ALA F 236 40.97 -17.15 22.12
CA ALA F 236 41.97 -17.80 21.29
C ALA F 236 43.36 -17.62 21.92
N GLY F 237 44.02 -18.74 22.19
CA GLY F 237 45.41 -18.72 22.62
C GLY F 237 45.63 -18.09 23.98
N GLY F 238 45.13 -18.72 25.03
CA GLY F 238 45.39 -18.24 26.37
C GLY F 238 44.93 -19.18 27.46
N LEU F 239 45.82 -19.49 28.41
CA LEU F 239 45.43 -20.22 29.61
C LEU F 239 44.71 -19.32 30.62
N GLU F 240 44.87 -18.00 30.50
CA GLU F 240 44.26 -17.08 31.46
C GLU F 240 42.73 -17.12 31.43
N CYS F 241 42.13 -17.71 30.40
CA CYS F 241 40.68 -17.81 30.32
C CYS F 241 40.08 -18.67 31.42
N ALA F 242 40.88 -19.45 32.15
CA ALA F 242 40.38 -20.27 33.24
C ALA F 242 40.35 -19.55 34.57
N CYS F 243 41.26 -18.59 34.79
CA CYS F 243 41.36 -17.97 36.11
C CYS F 243 40.13 -17.17 36.53
N PRO F 244 39.28 -16.64 35.63
CA PRO F 244 38.04 -16.02 36.15
C PRO F 244 37.15 -16.99 36.90
N ALA F 245 36.78 -18.12 36.27
CA ALA F 245 35.99 -19.13 36.96
C ALA F 245 36.70 -19.68 38.18
N LEU F 246 38.04 -19.73 38.13
CA LEU F 246 38.83 -20.17 39.27
C LEU F 246 38.84 -19.13 40.38
N LEU F 247 39.01 -17.85 40.00
CA LEU F 247 39.12 -16.78 40.97
C LEU F 247 37.88 -16.70 41.85
N GLU F 248 36.70 -17.00 41.28
CA GLU F 248 35.49 -17.05 42.07
C GLU F 248 35.59 -18.12 43.14
N TYR F 249 36.10 -19.30 42.79
CA TYR F 249 36.15 -20.42 43.72
C TYR F 249 36.98 -20.09 44.95
N ALA F 250 37.96 -19.21 44.82
CA ALA F 250 38.73 -18.77 45.98
C ALA F 250 37.84 -18.05 46.97
N ARG F 251 37.09 -17.05 46.49
CA ARG F 251 36.28 -16.24 47.39
C ARG F 251 35.13 -17.04 47.98
N THR F 252 34.51 -17.92 47.18
CA THR F 252 33.38 -18.69 47.67
C THR F 252 33.75 -19.53 48.87
N CYS F 253 34.95 -20.11 48.87
CA CYS F 253 35.41 -20.85 50.02
C CYS F 253 35.79 -19.91 51.16
N ALA F 254 36.29 -18.72 50.83
CA ALA F 254 36.66 -17.75 51.86
C ALA F 254 35.44 -17.31 52.66
N GLN F 255 34.31 -17.06 51.97
CA GLN F 255 33.12 -16.58 52.66
C GLN F 255 32.58 -17.61 53.64
N GLU F 256 32.83 -18.89 53.40
CA GLU F 256 32.27 -19.94 54.24
C GLU F 256 32.97 -20.10 55.58
N GLY F 257 33.98 -19.27 55.87
CA GLY F 257 34.73 -19.36 57.10
C GLY F 257 36.04 -20.12 56.98
N MET F 258 36.44 -20.51 55.78
CA MET F 258 37.68 -21.25 55.56
C MET F 258 38.44 -20.61 54.39
N VAL F 259 39.45 -19.82 54.72
CA VAL F 259 40.21 -19.07 53.74
C VAL F 259 41.31 -19.94 53.16
N LEU F 260 41.82 -19.55 52.00
CA LEU F 260 42.96 -20.18 51.35
C LEU F 260 44.01 -19.11 51.06
N TYR F 261 45.25 -19.55 50.88
CA TYR F 261 46.41 -18.66 50.84
C TYR F 261 47.28 -18.96 49.63
N GLY F 262 47.91 -17.89 49.13
CA GLY F 262 48.99 -17.99 48.15
C GLY F 262 48.68 -18.77 46.89
N TRP F 263 47.39 -19.01 46.60
CA TRP F 263 47.04 -19.85 45.47
C TRP F 263 47.41 -19.22 44.13
N THR F 264 47.51 -17.90 44.06
CA THR F 264 47.87 -17.22 42.82
C THR F 264 49.36 -17.24 42.54
N ASP F 265 50.17 -17.78 43.44
CA ASP F 265 51.62 -17.78 43.26
C ASP F 265 52.01 -18.53 42.00
N HIS F 266 51.44 -19.73 41.81
CA HIS F 266 51.74 -20.58 40.67
C HIS F 266 50.63 -20.63 39.64
N SER F 267 49.48 -20.01 39.90
CA SER F 267 48.34 -20.09 39.00
C SER F 267 48.56 -19.34 37.70
N ALA F 268 49.57 -18.47 37.62
CA ALA F 268 49.86 -17.71 36.41
C ALA F 268 48.70 -16.79 36.01
N CYS F 269 47.94 -16.31 36.99
CA CYS F 269 46.92 -15.30 36.74
C CYS F 269 46.69 -14.53 38.03
N SER F 270 46.92 -13.22 37.99
CA SER F 270 46.66 -12.32 39.10
C SER F 270 45.61 -11.30 38.69
N PRO F 271 44.63 -10.99 39.54
CA PRO F 271 43.59 -10.03 39.13
C PRO F 271 44.16 -8.63 38.99
N VAL F 272 43.60 -7.89 38.04
CA VAL F 272 44.13 -6.59 37.68
C VAL F 272 43.96 -5.60 38.83
N CYS F 273 44.93 -4.71 38.98
CA CYS F 273 44.89 -3.61 39.92
C CYS F 273 45.73 -2.47 39.35
N PRO F 274 45.52 -1.23 39.82
CA PRO F 274 46.34 -0.13 39.31
C PRO F 274 47.79 -0.24 39.74
N ALA F 275 48.61 0.71 39.32
CA ALA F 275 50.04 0.66 39.60
C ALA F 275 50.31 0.74 41.10
N GLY F 276 51.45 0.19 41.50
CA GLY F 276 51.90 0.24 42.87
C GLY F 276 51.41 -0.89 43.75
N MET F 277 50.32 -1.55 43.36
CA MET F 277 49.71 -2.60 44.15
C MET F 277 49.50 -3.84 43.30
N GLU F 278 49.46 -4.99 43.97
CA GLU F 278 49.06 -6.24 43.35
C GLU F 278 48.21 -7.01 44.34
N TYR F 279 47.67 -8.14 43.90
CA TYR F 279 46.65 -8.85 44.65
C TYR F 279 47.27 -9.56 45.85
N ARG F 280 47.05 -9.00 47.04
CA ARG F 280 47.25 -9.74 48.28
C ARG F 280 46.05 -10.66 48.50
N GLN F 281 46.02 -11.32 49.65
CA GLN F 281 44.88 -12.09 50.08
C GLN F 281 44.74 -11.86 51.57
N CYS F 282 43.52 -11.51 52.01
CA CYS F 282 43.24 -11.20 53.40
C CYS F 282 44.14 -10.06 53.89
N VAL F 283 43.88 -8.89 53.31
CA VAL F 283 44.38 -7.62 53.83
C VAL F 283 43.28 -6.98 54.64
N SER F 284 43.67 -6.24 55.69
CA SER F 284 42.70 -5.55 56.50
C SER F 284 42.07 -4.41 55.69
N PRO F 285 40.77 -4.16 55.86
CA PRO F 285 40.17 -3.02 55.14
C PRO F 285 40.67 -1.68 55.64
N CYS F 286 41.03 -1.59 56.92
CA CYS F 286 41.48 -0.33 57.51
C CYS F 286 42.96 -0.13 57.19
N ALA F 287 43.21 0.13 55.92
CA ALA F 287 44.57 0.35 55.45
C ALA F 287 45.15 1.60 56.07
N ARG F 288 46.15 1.42 56.93
CA ARG F 288 46.86 2.55 57.51
C ARG F 288 47.49 3.36 56.39
N THR F 289 46.97 4.55 56.14
CA THR F 289 47.43 5.42 55.07
C THR F 289 48.28 6.56 55.64
N CYS F 290 48.60 7.52 54.78
CA CYS F 290 49.51 8.59 55.15
C CYS F 290 48.84 9.62 56.06
N GLN F 291 47.82 10.32 55.56
CA GLN F 291 47.14 11.36 56.32
C GLN F 291 46.12 10.72 57.24
N SER F 292 46.62 9.98 58.22
CA SER F 292 45.80 9.15 59.08
C SER F 292 46.14 9.38 60.54
N LEU F 293 45.13 9.16 61.37
CA LEU F 293 45.23 9.26 62.81
C LEU F 293 45.58 7.88 63.36
N HIS F 294 46.62 7.83 64.19
CA HIS F 294 47.15 6.56 64.69
C HIS F 294 46.26 6.05 65.81
N ILE F 295 45.19 5.36 65.40
CA ILE F 295 44.23 4.74 66.30
C ILE F 295 44.10 3.28 65.94
N ASN F 296 43.80 2.47 66.96
CA ASN F 296 43.76 1.02 66.82
C ASN F 296 42.58 0.46 67.61
N GLU F 297 42.44 -0.87 67.54
CA GLU F 297 41.39 -1.67 68.17
C GLU F 297 40.02 -1.01 68.13
N MET F 298 39.70 -0.38 67.00
CA MET F 298 38.33 -0.16 66.56
C MET F 298 37.99 -0.95 65.33
N CYS F 299 38.97 -1.25 64.49
CA CYS F 299 38.75 -1.97 63.24
C CYS F 299 38.88 -3.47 63.48
N GLN F 300 37.91 -4.00 64.22
CA GLN F 300 37.79 -5.43 64.43
C GLN F 300 36.97 -6.10 63.33
N GLU F 301 36.81 -5.43 62.18
CA GLU F 301 36.08 -5.99 61.07
C GLU F 301 36.75 -7.26 60.55
N ARG F 302 35.99 -8.03 59.78
CA ARG F 302 36.55 -9.25 59.20
C ARG F 302 37.58 -8.89 58.14
N CYS F 303 38.34 -9.91 57.75
CA CYS F 303 39.46 -9.74 56.84
C CYS F 303 38.99 -9.97 55.41
N VAL F 304 39.46 -9.12 54.50
CA VAL F 304 38.91 -9.02 53.16
C VAL F 304 40.04 -9.11 52.13
N ASP F 305 39.71 -9.69 50.97
CA ASP F 305 40.67 -9.81 49.89
C ASP F 305 40.71 -8.55 49.05
N GLY F 306 41.85 -8.29 48.45
CA GLY F 306 42.04 -7.16 47.58
C GLY F 306 43.47 -6.68 47.61
N CYS F 307 43.85 -5.97 46.53
CA CYS F 307 45.23 -5.53 46.36
C CYS F 307 45.53 -4.31 47.23
N SER F 308 46.77 -4.26 47.72
CA SER F 308 47.18 -3.25 48.69
C SER F 308 48.66 -2.98 48.51
N CYS F 309 49.16 -1.98 49.22
CA CYS F 309 50.51 -1.49 49.03
C CYS F 309 51.53 -2.47 49.62
N PRO F 310 52.83 -2.23 49.37
CA PRO F 310 53.87 -2.99 50.08
C PRO F 310 53.93 -2.68 51.57
N GLU F 311 54.93 -3.27 52.25
CA GLU F 311 54.99 -3.21 53.72
C GLU F 311 54.97 -1.77 54.22
N GLY F 312 55.88 -0.94 53.72
CA GLY F 312 55.80 0.49 53.97
C GLY F 312 54.90 1.11 52.94
N GLN F 313 55.39 2.16 52.27
CA GLN F 313 54.78 2.69 51.05
C GLN F 313 53.30 3.02 51.25
N LEU F 314 53.05 3.95 52.18
CA LEU F 314 51.68 4.26 52.58
C LEU F 314 50.89 4.85 51.41
N LEU F 315 49.57 4.78 51.54
CA LEU F 315 48.67 5.26 50.50
C LEU F 315 48.50 6.77 50.60
N ASP F 316 48.42 7.41 49.43
CA ASP F 316 48.08 8.83 49.37
C ASP F 316 47.45 9.10 48.01
N GLU F 317 46.12 9.20 47.99
CA GLU F 317 45.36 9.55 46.79
C GLU F 317 45.57 8.55 45.67
N GLY F 318 45.17 7.30 45.94
CA GLY F 318 45.13 6.28 44.92
C GLY F 318 46.48 5.80 44.43
N LEU F 319 47.55 6.01 45.20
CA LEU F 319 48.85 5.45 44.87
C LEU F 319 49.60 5.14 46.15
N CYS F 320 50.60 4.28 46.03
CA CYS F 320 51.46 3.93 47.14
C CYS F 320 52.69 4.81 47.10
N VAL F 321 53.02 5.43 48.24
CA VAL F 321 54.16 6.33 48.33
C VAL F 321 54.86 6.11 49.65
N GLU F 322 56.18 6.29 49.64
CA GLU F 322 57.03 5.96 50.77
C GLU F 322 56.70 6.85 51.97
N SER F 323 56.87 6.26 53.16
CA SER F 323 56.44 6.91 54.40
C SER F 323 57.15 8.22 54.65
N THR F 324 58.38 8.36 54.16
CA THR F 324 59.14 9.58 54.41
C THR F 324 58.47 10.79 53.77
N GLU F 325 57.87 10.60 52.58
CA GLU F 325 57.33 11.69 51.79
C GLU F 325 55.85 11.97 52.09
N CYS F 326 55.42 11.69 53.31
CA CYS F 326 54.08 12.06 53.71
C CYS F 326 53.89 13.58 53.69
N PRO F 327 52.95 14.12 52.89
CA PRO F 327 52.75 15.57 52.86
C PRO F 327 51.94 16.05 54.05
N CYS F 328 51.68 17.36 54.06
CA CYS F 328 50.68 17.97 54.91
C CYS F 328 49.58 18.55 54.02
N VAL F 329 48.66 19.29 54.63
CA VAL F 329 47.51 19.83 53.92
C VAL F 329 47.10 21.14 54.59
N HIS F 330 46.49 22.03 53.81
CA HIS F 330 45.96 23.28 54.34
C HIS F 330 44.77 23.72 53.52
N SER F 331 43.69 24.09 54.20
CA SER F 331 42.53 24.73 53.59
C SER F 331 41.97 23.91 52.43
N GLY F 332 42.04 22.59 52.56
CA GLY F 332 41.55 21.72 51.51
C GLY F 332 42.45 21.60 50.31
N LYS F 333 43.76 21.80 50.47
CA LYS F 333 44.70 21.52 49.40
C LYS F 333 46.01 21.03 50.01
N ARG F 334 46.72 20.24 49.21
CA ARG F 334 47.91 19.53 49.65
C ARG F 334 49.16 20.36 49.40
N TYR F 335 50.20 20.10 50.21
CA TYR F 335 51.52 20.68 50.02
C TYR F 335 52.58 19.63 50.31
N PRO F 336 53.71 19.63 49.57
CA PRO F 336 54.75 18.63 49.83
C PRO F 336 55.44 18.89 51.15
N PRO F 337 56.26 17.95 51.63
CA PRO F 337 57.02 18.19 52.85
C PRO F 337 58.16 19.17 52.63
N GLY F 338 58.60 19.78 53.72
CA GLY F 338 59.65 20.77 53.66
C GLY F 338 59.21 22.15 53.24
N THR F 339 57.98 22.31 52.76
CA THR F 339 57.48 23.63 52.39
C THR F 339 57.33 24.50 53.63
N SER F 340 57.26 25.81 53.40
CA SER F 340 57.10 26.78 54.48
C SER F 340 56.11 27.86 54.02
N LEU F 341 54.83 27.63 54.28
CA LEU F 341 53.84 28.68 54.11
C LEU F 341 53.89 29.61 55.31
N SER F 342 53.48 30.86 55.09
CA SER F 342 53.57 31.90 56.11
C SER F 342 52.21 32.55 56.27
N ARG F 343 51.63 32.38 57.46
CA ARG F 343 50.54 33.25 57.87
C ARG F 343 51.06 34.68 58.01
N ASP F 344 50.13 35.62 58.13
CA ASP F 344 50.52 36.99 58.44
C ASP F 344 51.30 37.06 59.75
N CYS F 345 50.97 36.17 60.69
CA CYS F 345 51.54 36.24 62.02
C CYS F 345 52.95 35.63 62.05
N ASN F 346 53.12 34.43 61.49
CA ASN F 346 54.39 33.73 61.53
C ASN F 346 54.39 32.65 60.46
N THR F 347 55.39 31.76 60.52
CA THR F 347 55.63 30.74 59.51
C THR F 347 55.39 29.35 60.10
N CYS F 348 55.16 28.40 59.20
CA CYS F 348 54.93 27.01 59.58
C CYS F 348 55.46 26.10 58.48
N ILE F 349 56.03 24.95 58.88
CA ILE F 349 56.78 24.07 57.98
C ILE F 349 56.29 22.65 58.14
N CYS F 350 56.14 21.94 57.01
CA CYS F 350 55.61 20.58 57.00
C CYS F 350 56.71 19.56 57.24
N ARG F 351 56.52 18.70 58.24
CA ARG F 351 57.46 17.62 58.55
C ARG F 351 56.66 16.47 59.15
N ASN F 352 56.61 15.35 58.42
CA ASN F 352 55.92 14.14 58.90
C ASN F 352 54.44 14.39 59.12
N SER F 353 53.79 15.00 58.13
CA SER F 353 52.36 15.33 58.18
C SER F 353 52.00 16.19 59.38
N GLN F 354 52.93 17.01 59.87
CA GLN F 354 52.70 17.82 61.05
C GLN F 354 53.38 19.17 60.85
N TRP F 355 52.59 20.19 60.51
CA TRP F 355 53.11 21.54 60.45
C TRP F 355 53.65 21.95 61.80
N ILE F 356 54.93 22.28 61.85
CA ILE F 356 55.52 22.89 63.03
C ILE F 356 55.31 24.40 62.92
N CYS F 357 55.17 25.07 64.06
CA CYS F 357 54.84 26.49 64.05
C CYS F 357 55.48 27.19 65.24
N SER F 358 55.77 28.47 65.06
CA SER F 358 56.21 29.33 66.15
C SER F 358 55.01 29.94 66.85
N ASN F 359 55.26 30.49 68.04
CA ASN F 359 54.22 31.12 68.86
C ASN F 359 54.59 32.56 69.21
N GLU F 360 55.31 33.23 68.32
CA GLU F 360 55.72 34.61 68.57
C GLU F 360 54.57 35.57 68.26
N GLU F 361 54.39 36.54 69.15
CA GLU F 361 53.28 37.46 69.05
C GLU F 361 53.34 38.27 67.76
N CYS F 362 52.20 38.82 67.38
CA CYS F 362 52.06 39.57 66.13
C CYS F 362 50.99 40.63 66.33
N PRO F 363 51.06 41.75 65.60
CA PRO F 363 50.33 42.95 66.02
C PRO F 363 48.83 42.80 65.87
N GLY F 364 48.11 43.48 66.77
CA GLY F 364 46.67 43.47 66.78
C GLY F 364 46.10 44.67 66.03
N GLU F 365 44.79 44.63 65.87
CA GLU F 365 44.09 45.65 65.09
C GLU F 365 42.68 45.79 65.66
N CYS F 366 42.47 46.79 66.52
CA CYS F 366 41.11 47.23 66.79
C CYS F 366 40.61 47.98 65.58
N LEU F 367 39.30 47.91 65.35
CA LEU F 367 38.68 48.50 64.17
C LEU F 367 37.30 49.02 64.53
N VAL F 368 36.99 50.20 64.01
CA VAL F 368 35.64 50.74 64.00
C VAL F 368 35.30 51.05 62.56
N THR F 369 34.05 50.81 62.18
CA THR F 369 33.62 51.07 60.81
C THR F 369 32.11 51.09 60.77
N GLY F 370 31.59 51.25 59.55
CA GLY F 370 30.17 51.21 59.30
C GLY F 370 29.40 52.14 60.20
N GLN F 371 28.36 51.62 60.82
CA GLN F 371 27.65 52.36 61.84
C GLN F 371 28.35 52.20 63.18
N SER F 372 28.31 51.00 63.74
CA SER F 372 28.68 50.79 65.13
C SER F 372 29.43 49.49 65.32
N HIS F 373 29.97 48.93 64.24
CA HIS F 373 30.55 47.61 64.28
C HIS F 373 32.01 47.69 64.69
N PHE F 374 32.33 47.05 65.80
CA PHE F 374 33.66 47.07 66.37
C PHE F 374 34.37 45.75 66.10
N LYS F 375 35.68 45.79 66.28
CA LYS F 375 36.53 44.60 66.28
C LYS F 375 37.56 44.78 67.38
N SER F 376 37.71 43.76 68.22
CA SER F 376 38.69 43.84 69.28
C SER F 376 40.06 43.49 68.73
N PHE F 377 41.07 43.68 69.58
CA PHE F 377 42.41 43.25 69.22
C PHE F 377 42.49 41.74 69.06
N ASP F 378 41.68 41.01 69.84
CA ASP F 378 41.68 39.55 69.83
C ASP F 378 40.73 38.99 68.78
N ASN F 379 40.47 39.75 67.71
CA ASN F 379 39.69 39.30 66.56
C ASN F 379 38.24 38.98 66.93
N ARG F 380 37.74 39.57 68.02
CA ARG F 380 36.33 39.52 68.31
C ARG F 380 35.59 40.54 67.46
N TYR F 381 34.33 40.23 67.17
CA TYR F 381 33.39 41.19 66.59
C TYR F 381 32.22 41.39 67.54
N PHE F 382 31.67 42.59 67.55
CA PHE F 382 30.45 42.89 68.28
C PHE F 382 29.93 44.25 67.82
N THR F 383 28.94 44.77 68.54
CA THR F 383 28.25 45.99 68.18
C THR F 383 27.74 46.64 69.45
N PHE F 384 27.79 47.97 69.50
CA PHE F 384 27.28 48.71 70.66
C PHE F 384 26.92 50.12 70.20
N SER F 385 25.63 50.36 70.03
CA SER F 385 25.14 51.63 69.47
C SER F 385 24.82 52.60 70.61
N GLY F 386 25.88 53.02 71.30
CA GLY F 386 25.78 54.04 72.31
C GLY F 386 26.14 55.40 71.75
N ILE F 387 25.58 56.44 72.37
CA ILE F 387 25.76 57.82 71.93
C ILE F 387 26.36 58.58 73.11
N CYS F 388 27.68 58.62 73.16
CA CYS F 388 28.41 59.44 74.13
C CYS F 388 29.87 59.46 73.68
N GLN F 389 30.75 59.97 74.54
CA GLN F 389 32.19 59.87 74.34
C GLN F 389 32.67 58.62 75.06
N TYR F 390 33.01 57.59 74.29
CA TYR F 390 33.51 56.33 74.83
C TYR F 390 35.02 56.26 74.66
N LEU F 391 35.66 55.51 75.56
CA LEU F 391 37.05 55.15 75.41
C LEU F 391 37.13 54.04 74.37
N LEU F 392 38.24 54.01 73.64
CA LEU F 392 38.47 52.96 72.65
C LEU F 392 39.70 52.14 73.00
N ALA F 393 40.76 52.80 73.44
CA ALA F 393 41.98 52.12 73.85
C ALA F 393 42.75 53.02 74.79
N ARG F 394 43.67 52.40 75.52
CA ARG F 394 44.42 53.09 76.56
C ARG F 394 45.53 52.17 77.02
N ASP F 395 46.70 52.72 77.26
CA ASP F 395 47.77 52.00 77.94
C ASP F 395 47.50 52.09 79.43
N CYS F 396 47.53 50.95 80.12
CA CYS F 396 46.86 50.83 81.40
C CYS F 396 47.77 50.42 82.56
N GLN F 397 49.03 50.07 82.31
CA GLN F 397 50.02 49.92 83.37
C GLN F 397 50.95 51.12 83.47
N ASP F 398 51.37 51.68 82.34
CA ASP F 398 51.75 53.07 82.24
C ASP F 398 50.77 53.75 81.27
N HIS F 399 50.99 55.02 81.01
CA HIS F 399 50.00 55.87 80.35
C HIS F 399 50.60 56.55 79.14
N SER F 400 51.21 55.75 78.27
CA SER F 400 51.84 56.25 77.06
C SER F 400 50.85 56.92 76.11
N PHE F 401 49.58 56.53 76.15
CA PHE F 401 48.58 57.16 75.29
C PHE F 401 47.19 56.81 75.80
N SER F 402 46.18 57.36 75.11
CA SER F 402 44.79 57.07 75.38
C SER F 402 43.94 57.63 74.25
N ILE F 403 43.07 56.79 73.68
CA ILE F 403 42.21 57.16 72.57
C ILE F 403 40.77 57.19 73.06
N VAL F 404 39.99 58.09 72.48
CA VAL F 404 38.62 58.33 72.89
C VAL F 404 37.79 58.53 71.64
N ILE F 405 36.83 57.66 71.41
CA ILE F 405 35.88 57.82 70.32
C ILE F 405 34.74 58.70 70.79
N GLU F 406 33.97 59.23 69.84
CA GLU F 406 32.76 59.98 70.13
C GLU F 406 31.70 59.56 69.12
N THR F 407 30.59 59.02 69.63
CA THR F 407 29.53 58.45 68.83
C THR F 407 28.32 59.36 68.81
N VAL F 408 27.64 59.39 67.67
CA VAL F 408 26.39 60.13 67.51
C VAL F 408 25.46 59.33 66.64
N GLN F 409 24.16 59.54 66.83
CA GLN F 409 23.21 59.08 65.83
C GLN F 409 23.53 59.77 64.52
N CYS F 410 23.25 59.06 63.43
CA CYS F 410 23.85 59.40 62.14
C CYS F 410 22.85 59.25 60.99
N ALA F 411 21.58 59.04 61.28
CA ALA F 411 20.52 59.00 60.29
C ALA F 411 19.20 59.00 61.05
N ASP F 412 18.11 58.86 60.32
CA ASP F 412 16.80 59.00 60.94
C ASP F 412 16.52 57.88 61.94
N ASP F 413 16.89 56.65 61.60
CA ASP F 413 16.68 55.51 62.48
C ASP F 413 17.41 55.71 63.81
N ARG F 414 16.97 54.97 64.81
CA ARG F 414 17.68 54.89 66.07
C ARG F 414 18.81 53.88 66.05
N ASP F 415 18.73 52.87 65.18
CA ASP F 415 19.78 51.87 65.02
C ASP F 415 20.79 52.28 63.95
N ALA F 416 21.29 53.50 64.05
CA ALA F 416 22.31 54.00 63.14
C ALA F 416 23.13 55.02 63.92
N VAL F 417 24.29 54.60 64.40
CA VAL F 417 25.11 55.38 65.32
C VAL F 417 26.52 55.33 64.77
N CYS F 418 26.88 56.29 63.93
CA CYS F 418 28.19 56.33 63.30
C CYS F 418 29.14 57.17 64.13
N THR F 419 30.42 57.09 63.76
CA THR F 419 31.47 57.80 64.45
C THR F 419 31.64 59.18 63.83
N ARG F 420 31.75 60.20 64.68
CA ARG F 420 31.96 61.57 64.26
C ARG F 420 33.43 61.96 64.35
N SER F 421 34.01 61.81 65.53
CA SER F 421 35.35 62.30 65.80
C SER F 421 35.99 61.42 66.86
N VAL F 422 37.31 61.26 66.74
CA VAL F 422 38.11 60.55 67.73
C VAL F 422 39.16 61.49 68.24
N THR F 423 39.48 61.36 69.53
CA THR F 423 40.49 62.16 70.20
C THR F 423 41.66 61.28 70.59
N VAL F 424 42.87 61.83 70.47
CA VAL F 424 44.10 61.14 70.83
C VAL F 424 44.84 62.02 71.82
N ARG F 425 45.60 61.38 72.69
CA ARG F 425 46.27 62.06 73.80
C ARG F 425 47.62 61.42 74.03
N LEU F 426 48.66 62.24 74.08
CA LEU F 426 50.04 61.80 74.28
C LEU F 426 50.62 62.49 75.50
N PRO F 427 50.59 61.88 76.69
CA PRO F 427 51.29 62.48 77.83
C PRO F 427 52.79 62.62 77.64
N GLY F 428 53.38 61.97 76.63
CA GLY F 428 54.82 62.07 76.42
C GLY F 428 55.27 63.30 75.67
N LEU F 429 54.35 64.07 75.10
CA LEU F 429 54.68 65.27 74.33
C LEU F 429 53.70 66.37 74.70
N HIS F 430 54.08 67.23 75.65
CA HIS F 430 53.30 68.39 76.09
C HIS F 430 52.02 67.99 76.82
N ASN F 431 51.72 66.70 76.93
CA ASN F 431 50.39 66.23 77.25
C ASN F 431 49.37 66.92 76.33
N SER F 432 49.65 66.85 75.04
CA SER F 432 48.87 67.53 74.03
C SER F 432 47.53 66.81 73.84
N LEU F 433 46.77 67.24 72.82
CA LEU F 433 45.44 66.67 72.59
C LEU F 433 45.15 66.82 71.10
N VAL F 434 45.30 65.74 70.38
CA VAL F 434 45.00 65.69 68.95
C VAL F 434 43.55 65.34 68.77
N LYS F 435 42.97 65.79 67.66
CA LYS F 435 41.56 65.55 67.38
C LYS F 435 41.40 65.35 65.89
N LEU F 436 40.99 64.14 65.51
CA LEU F 436 40.62 63.83 64.14
C LEU F 436 39.16 64.23 63.96
N LYS F 437 38.87 64.95 62.90
CA LYS F 437 37.57 65.56 62.71
C LYS F 437 36.81 64.87 61.58
N HIS F 438 35.55 65.28 61.38
CA HIS F 438 34.65 64.53 60.52
C HIS F 438 35.01 64.64 59.05
N GLY F 439 35.83 65.60 58.68
CA GLY F 439 36.48 65.59 57.39
C GLY F 439 37.75 64.79 57.46
N ALA F 440 38.70 65.12 56.58
CA ALA F 440 40.06 64.62 56.69
C ALA F 440 40.95 65.56 57.47
N GLY F 441 40.38 66.35 58.38
CA GLY F 441 41.12 67.34 59.11
C GLY F 441 41.57 66.88 60.47
N VAL F 442 42.53 67.61 61.02
CA VAL F 442 43.10 67.34 62.32
C VAL F 442 43.27 68.67 63.05
N ALA F 443 43.31 68.60 64.37
CA ALA F 443 43.42 69.81 65.19
C ALA F 443 44.22 69.49 66.44
N MET F 444 45.37 70.13 66.60
CA MET F 444 46.17 70.02 67.81
C MET F 444 45.85 71.20 68.73
N ASP F 445 45.25 70.90 69.87
CA ASP F 445 44.95 71.91 70.89
C ASP F 445 44.11 73.05 70.32
N GLY F 446 43.12 72.69 69.51
CA GLY F 446 42.22 73.66 68.91
C GLY F 446 42.69 74.24 67.59
N GLN F 447 43.97 74.12 67.28
CA GLN F 447 44.55 74.73 66.09
C GLN F 447 44.48 73.76 64.92
N ASP F 448 43.85 74.18 63.83
CA ASP F 448 43.90 73.39 62.61
C ASP F 448 45.34 73.37 62.08
N VAL F 449 45.64 72.35 61.29
CA VAL F 449 47.02 72.02 60.91
C VAL F 449 47.03 71.51 59.49
N GLN F 450 48.03 71.95 58.72
CA GLN F 450 48.29 71.40 57.40
C GLN F 450 49.12 70.14 57.53
N LEU F 451 48.84 69.19 56.67
CA LEU F 451 49.59 67.94 56.65
C LEU F 451 50.74 68.05 55.66
N PRO F 452 51.92 67.47 55.93
CA PRO F 452 52.37 66.73 57.11
C PRO F 452 52.67 67.55 58.36
N LEU F 453 52.88 66.84 59.48
CA LEU F 453 53.08 67.42 60.80
C LEU F 453 54.22 66.69 61.54
N LEU F 454 55.41 66.67 60.98
CA LEU F 454 56.57 66.08 61.65
C LEU F 454 56.91 66.93 62.86
N LYS F 455 56.41 66.51 64.02
CA LYS F 455 56.99 66.83 65.30
C LYS F 455 58.02 65.72 65.58
N GLY F 456 58.66 65.77 66.74
CA GLY F 456 59.63 64.75 67.14
C GLY F 456 59.24 63.30 66.88
N ASP F 457 58.20 62.81 67.55
CA ASP F 457 57.82 61.42 67.44
C ASP F 457 56.73 61.19 66.42
N LEU F 458 55.57 61.83 66.59
CA LEU F 458 54.40 61.47 65.79
C LEU F 458 54.43 62.13 64.42
N ARG F 459 54.13 61.33 63.41
CA ARG F 459 53.96 61.78 62.04
C ARG F 459 52.50 61.66 61.67
N ILE F 460 51.97 62.70 61.02
CA ILE F 460 50.62 62.70 60.49
C ILE F 460 50.72 63.12 59.04
N GLN F 461 50.24 62.28 58.13
CA GLN F 461 50.26 62.62 56.72
C GLN F 461 49.10 61.92 56.03
N HIS F 462 48.70 62.48 54.90
CA HIS F 462 47.74 61.80 54.06
C HIS F 462 48.34 60.50 53.53
N THR F 463 47.46 59.63 53.06
CA THR F 463 47.82 58.31 52.58
C THR F 463 47.52 58.18 51.08
N VAL F 464 46.28 58.43 50.69
CA VAL F 464 45.87 58.54 49.30
C VAL F 464 45.46 59.96 48.96
N THR F 465 45.81 60.94 49.82
CA THR F 465 45.25 62.28 49.80
C THR F 465 43.74 62.28 50.05
N ALA F 466 43.23 61.22 50.67
CA ALA F 466 41.83 61.16 51.10
C ALA F 466 41.69 60.51 52.47
N SER F 467 42.80 60.33 53.21
CA SER F 467 42.75 59.63 54.48
C SER F 467 44.01 59.88 55.30
N VAL F 468 43.81 60.32 56.51
CA VAL F 468 44.90 60.68 57.41
C VAL F 468 45.52 59.40 57.99
N ARG F 469 46.77 59.50 58.41
CA ARG F 469 47.49 58.38 59.03
C ARG F 469 48.44 58.92 60.09
N LEU F 470 48.03 58.85 61.34
CA LEU F 470 48.93 59.15 62.44
C LEU F 470 49.94 58.03 62.60
N SER F 471 51.12 58.38 63.10
CA SER F 471 52.15 57.37 63.39
C SER F 471 53.04 57.89 64.52
N TYR F 472 52.72 57.50 65.75
CA TYR F 472 53.52 57.82 66.92
C TYR F 472 54.55 56.71 67.12
N GLY F 473 55.82 57.09 67.16
CA GLY F 473 56.87 56.11 67.33
C GLY F 473 56.86 55.10 66.20
N GLU F 474 57.13 53.84 66.55
CA GLU F 474 57.02 52.71 65.64
C GLU F 474 56.03 51.67 66.17
N ASP F 475 55.32 51.99 67.26
CA ASP F 475 54.44 51.04 67.94
C ASP F 475 52.99 51.51 67.92
N LEU F 476 52.59 52.28 66.90
CA LEU F 476 51.27 52.89 66.87
C LEU F 476 50.97 53.43 65.48
N GLN F 477 49.80 53.11 64.95
CA GLN F 477 49.28 53.74 63.74
C GLN F 477 47.80 54.03 63.96
N MET F 478 47.19 54.66 62.97
CA MET F 478 45.79 55.05 63.02
C MET F 478 45.27 55.04 61.59
N ASP F 479 44.08 55.59 61.38
CA ASP F 479 43.52 55.72 60.04
C ASP F 479 42.33 56.69 60.15
N TRP F 480 41.71 56.98 59.02
CA TRP F 480 40.82 58.14 58.92
C TRP F 480 39.56 57.98 59.75
N ASP F 481 39.16 59.06 60.41
CA ASP F 481 37.91 59.15 61.15
C ASP F 481 37.00 60.20 60.52
N GLY F 482 37.08 60.38 59.21
CA GLY F 482 36.19 61.32 58.57
C GLY F 482 34.75 60.86 58.56
N ARG F 483 34.47 59.85 57.76
CA ARG F 483 33.19 59.15 57.76
C ARG F 483 33.20 57.88 58.61
N GLY F 484 34.14 57.74 59.53
CA GLY F 484 34.11 56.64 60.49
C GLY F 484 34.61 55.29 60.02
N ARG F 485 35.91 55.17 59.76
CA ARG F 485 36.58 53.88 59.59
C ARG F 485 37.88 53.86 60.38
N LEU F 486 37.78 54.17 61.67
CA LEU F 486 38.96 54.19 62.51
C LEU F 486 39.61 52.82 62.61
N LEU F 487 40.94 52.79 62.51
CA LEU F 487 41.77 51.61 62.74
C LEU F 487 42.83 51.94 63.78
N VAL F 488 43.55 50.90 64.20
CA VAL F 488 44.77 51.05 64.99
C VAL F 488 45.75 49.96 64.57
N LYS F 489 46.99 50.11 64.99
CA LYS F 489 48.02 49.07 64.86
C LYS F 489 48.88 49.15 66.10
N LEU F 490 48.80 48.14 66.96
CA LEU F 490 49.60 48.06 68.16
C LEU F 490 50.58 46.90 68.01
N SER F 491 51.85 47.17 68.31
CA SER F 491 52.86 46.12 68.24
C SER F 491 52.91 45.35 69.56
N PRO F 492 53.52 44.16 69.58
CA PRO F 492 53.46 43.31 70.78
C PRO F 492 54.15 43.87 72.03
N VAL F 493 54.74 45.06 71.98
CA VAL F 493 55.26 45.65 73.20
C VAL F 493 54.14 45.99 74.17
N TYR F 494 52.92 46.17 73.67
CA TYR F 494 51.75 46.45 74.50
C TYR F 494 50.97 45.19 74.83
N ALA F 495 51.65 44.04 74.92
CA ALA F 495 50.99 42.77 75.14
C ALA F 495 50.25 42.75 76.48
N GLY F 496 48.92 42.73 76.42
CA GLY F 496 48.10 42.54 77.59
C GLY F 496 48.03 43.70 78.55
N LYS F 497 48.63 44.85 78.22
CA LYS F 497 48.74 45.98 79.13
C LYS F 497 47.95 47.19 78.62
N THR F 498 46.81 46.93 77.97
CA THR F 498 45.88 47.97 77.59
C THR F 498 44.49 47.58 78.09
N CYS F 499 43.61 48.57 78.16
CA CYS F 499 42.26 48.34 78.64
C CYS F 499 41.32 49.34 77.99
N GLY F 500 40.25 48.82 77.42
CA GLY F 500 39.28 49.64 76.71
C GLY F 500 38.26 48.76 76.03
N LEU F 501 37.45 49.38 75.19
CA LEU F 501 36.47 48.62 74.42
C LEU F 501 37.13 47.59 73.52
N CYS F 502 38.35 47.87 73.06
CA CYS F 502 39.03 46.99 72.14
C CYS F 502 39.69 45.81 72.83
N GLY F 503 39.71 45.78 74.16
CA GLY F 503 40.12 44.60 74.88
C GLY F 503 41.55 44.67 75.37
N ASN F 504 41.99 43.55 75.91
CA ASN F 504 43.26 43.48 76.61
C ASN F 504 44.46 43.39 75.68
N TYR F 505 44.28 42.94 74.45
CA TYR F 505 45.39 42.58 73.56
C TYR F 505 46.25 41.52 74.22
N ASN F 506 45.60 40.38 74.50
CA ASN F 506 46.22 39.24 75.15
C ASN F 506 46.01 37.94 74.39
N GLY F 507 45.45 38.00 73.18
CA GLY F 507 45.06 36.83 72.46
C GLY F 507 43.68 36.30 72.81
N ASN F 508 43.33 36.24 74.08
CA ASN F 508 42.09 35.61 74.51
C ASN F 508 40.90 36.42 74.02
N GLN F 509 40.07 35.78 73.19
CA GLN F 509 38.90 36.41 72.59
C GLN F 509 37.73 36.53 73.53
N GLY F 510 37.76 35.85 74.67
CA GLY F 510 36.60 35.76 75.53
C GLY F 510 36.50 36.84 76.58
N ASP F 511 37.63 37.18 77.19
CA ASP F 511 37.63 38.13 78.29
C ASP F 511 37.30 39.55 77.85
N ASP F 512 37.26 39.83 76.54
CA ASP F 512 37.22 41.20 76.04
C ASP F 512 36.03 42.00 76.55
N PHE F 513 34.95 41.34 76.99
CA PHE F 513 33.88 42.06 77.68
C PHE F 513 34.21 42.22 79.15
N LEU F 514 35.39 42.75 79.47
CA LEU F 514 35.77 43.00 80.87
C LEU F 514 35.65 44.51 81.12
N THR F 515 34.63 44.86 81.91
CA THR F 515 34.41 46.23 82.35
C THR F 515 35.65 46.76 83.08
N PRO F 516 35.77 48.09 83.25
CA PRO F 516 36.89 48.60 84.05
C PRO F 516 36.88 48.09 85.49
N SER F 517 35.73 47.67 86.00
CA SER F 517 35.66 47.11 87.34
C SER F 517 36.14 45.66 87.40
N GLY F 518 36.78 45.16 86.35
CA GLY F 518 37.56 43.94 86.44
C GLY F 518 36.77 42.65 86.49
N LEU F 519 35.86 42.45 85.54
CA LEU F 519 35.07 41.23 85.49
C LEU F 519 34.43 41.11 84.12
N ALA F 520 34.38 39.88 83.60
CA ALA F 520 33.87 39.66 82.26
C ALA F 520 32.34 39.68 82.24
N GLU F 521 31.79 40.63 81.49
CA GLU F 521 30.35 40.80 81.39
C GLU F 521 29.79 40.03 80.19
N PRO F 522 28.65 39.33 80.29
CA PRO F 522 28.10 38.67 79.10
C PRO F 522 27.25 39.57 78.22
N ARG F 523 26.56 40.55 78.78
CA ARG F 523 25.64 41.39 78.04
C ARG F 523 26.40 42.61 77.53
N VAL F 524 26.50 42.73 76.20
CA VAL F 524 27.27 43.80 75.59
C VAL F 524 26.73 45.16 76.00
N GLU F 525 25.43 45.26 76.22
CA GLU F 525 24.81 46.52 76.63
C GLU F 525 25.32 47.01 77.98
N ASP F 526 25.98 46.16 78.76
CA ASP F 526 26.66 46.56 79.99
C ASP F 526 28.10 46.92 79.76
N PHE F 527 28.72 46.38 78.71
CA PHE F 527 30.13 46.61 78.49
C PHE F 527 30.38 48.00 77.91
N GLY F 528 29.70 48.32 76.82
CA GLY F 528 29.95 49.60 76.16
C GLY F 528 29.61 50.77 77.04
N ASN F 529 28.48 50.71 77.74
CA ASN F 529 28.10 51.79 78.63
C ASN F 529 28.97 51.86 79.88
N ALA F 530 29.80 50.85 80.11
CA ALA F 530 30.76 50.90 81.20
C ALA F 530 32.01 51.69 80.85
N TRP F 531 32.22 52.04 79.59
CA TRP F 531 33.35 52.83 79.14
C TRP F 531 32.95 54.23 78.68
N LYS F 532 31.74 54.70 79.02
CA LYS F 532 31.36 56.05 78.67
C LYS F 532 32.09 57.04 79.57
N LEU F 533 32.16 58.29 79.10
CA LEU F 533 32.92 59.34 79.79
C LEU F 533 32.06 60.39 80.47
N HIS F 534 30.79 60.53 80.11
CA HIS F 534 29.91 61.55 80.66
C HIS F 534 28.68 60.89 81.28
N GLY F 535 28.41 61.25 82.54
CA GLY F 535 27.29 60.65 83.25
C GLY F 535 25.94 61.03 82.69
N ASP F 536 25.83 62.23 82.10
CA ASP F 536 24.55 62.68 81.56
C ASP F 536 24.08 61.84 80.38
N CYS F 537 25.00 61.15 79.71
CA CYS F 537 24.62 60.36 78.55
C CYS F 537 23.72 59.20 78.95
N GLN F 538 22.71 58.94 78.12
CA GLN F 538 21.79 57.84 78.37
C GLN F 538 22.46 56.53 78.00
N ASP F 539 22.55 55.62 78.96
CA ASP F 539 22.92 54.24 78.65
C ASP F 539 21.73 53.53 78.02
N LEU F 540 22.00 52.72 77.01
CA LEU F 540 20.94 52.00 76.34
C LEU F 540 20.59 50.74 77.10
N GLN F 541 19.52 50.08 76.65
CA GLN F 541 19.00 48.89 77.30
C GLN F 541 18.92 47.68 76.38
N LYS F 542 18.83 47.89 75.07
CA LYS F 542 18.76 46.79 74.11
C LYS F 542 19.48 47.18 72.84
N GLN F 543 20.35 46.29 72.37
CA GLN F 543 21.00 46.43 71.07
C GLN F 543 20.22 45.58 70.07
N HIS F 544 19.50 46.25 69.18
CA HIS F 544 18.71 45.54 68.20
C HIS F 544 19.60 44.98 67.10
N SER F 545 19.13 43.88 66.50
CA SER F 545 19.90 43.12 65.53
C SER F 545 19.30 43.17 64.12
N ASP F 546 18.04 43.56 63.98
CA ASP F 546 17.35 43.56 62.69
C ASP F 546 16.59 44.88 62.56
N PRO F 547 17.28 45.98 62.31
CA PRO F 547 16.59 47.24 62.03
C PRO F 547 15.90 47.27 60.68
N CYS F 548 16.10 46.25 59.85
CA CYS F 548 15.33 46.10 58.63
C CYS F 548 13.84 45.94 58.89
N ALA F 549 13.46 45.58 60.13
CA ALA F 549 12.05 45.56 60.49
C ALA F 549 11.47 46.96 60.47
N LEU F 550 12.18 47.94 61.03
CA LEU F 550 11.72 49.32 61.01
C LEU F 550 11.79 49.94 59.62
N ASN F 551 12.41 49.28 58.66
CA ASN F 551 12.41 49.72 57.26
C ASN F 551 12.24 48.48 56.40
N PRO F 552 11.01 47.96 56.31
CA PRO F 552 10.79 46.74 55.51
C PRO F 552 11.10 46.90 54.04
N ARG F 553 11.22 48.12 53.53
CA ARG F 553 11.47 48.33 52.11
C ARG F 553 12.83 47.81 51.69
N MET F 554 13.82 47.89 52.59
CA MET F 554 15.19 47.50 52.28
C MET F 554 15.48 46.03 52.50
N THR F 555 14.47 45.23 52.86
CA THR F 555 14.72 43.85 53.22
C THR F 555 15.15 43.04 52.01
N ARG F 556 14.46 43.24 50.89
CA ARG F 556 14.87 42.60 49.64
C ARG F 556 16.29 43.04 49.27
N PHE F 557 16.49 44.34 49.09
CA PHE F 557 17.74 44.87 48.59
C PHE F 557 18.93 44.46 49.44
N SER F 558 18.76 44.37 50.76
CA SER F 558 19.86 43.95 51.61
C SER F 558 20.24 42.50 51.39
N GLU F 559 19.38 41.71 50.75
CA GLU F 559 19.72 40.32 50.46
C GLU F 559 20.57 40.22 49.20
N GLU F 560 20.04 40.66 48.06
CA GLU F 560 20.78 40.54 46.82
C GLU F 560 22.05 41.40 46.81
N ALA F 561 22.05 42.49 47.57
CA ALA F 561 23.18 43.42 47.51
C ALA F 561 24.44 42.78 48.05
N CYS F 562 24.43 42.41 49.34
CA CYS F 562 25.56 41.75 49.98
C CYS F 562 25.54 40.23 49.79
N ALA F 563 24.75 39.73 48.84
CA ALA F 563 24.92 38.35 48.42
C ALA F 563 26.16 38.17 47.55
N VAL F 564 26.72 39.26 47.02
CA VAL F 564 27.97 39.15 46.28
C VAL F 564 29.13 38.86 47.22
N LEU F 565 28.98 39.16 48.50
CA LEU F 565 30.03 38.91 49.48
C LEU F 565 30.39 37.43 49.52
N THR F 566 29.42 36.54 49.30
CA THR F 566 29.66 35.11 49.24
C THR F 566 29.80 34.58 47.82
N SER F 567 29.33 35.33 46.83
CA SER F 567 29.55 35.01 45.43
C SER F 567 31.04 34.80 45.16
N PRO F 568 31.42 34.02 44.13
CA PRO F 568 32.84 33.67 43.98
C PRO F 568 33.75 34.82 43.55
N THR F 569 33.21 36.03 43.44
CA THR F 569 34.06 37.21 43.31
C THR F 569 35.07 37.27 44.46
N PHE F 570 34.62 36.94 45.66
CA PHE F 570 35.47 36.86 46.84
C PHE F 570 35.90 35.44 47.16
N GLU F 571 35.92 34.56 46.15
CA GLU F 571 36.30 33.17 46.34
C GLU F 571 37.71 33.06 46.92
N ALA F 572 38.58 34.03 46.64
CA ALA F 572 39.98 33.92 46.98
C ALA F 572 40.27 34.11 48.47
N CYS F 573 39.35 34.71 49.24
CA CYS F 573 39.61 35.00 50.64
C CYS F 573 38.47 34.52 51.54
N HIS F 574 37.68 33.55 51.07
CA HIS F 574 36.98 32.69 52.01
C HIS F 574 37.96 31.83 52.80
N ARG F 575 39.08 31.48 52.17
CA ARG F 575 40.17 30.77 52.82
C ARG F 575 41.23 31.71 53.36
N ALA F 576 40.84 32.91 53.78
CA ALA F 576 41.70 33.81 54.53
C ALA F 576 41.04 34.36 55.78
N VAL F 577 39.74 34.64 55.73
CA VAL F 577 39.06 35.27 56.85
C VAL F 577 37.57 34.96 56.73
N SER F 578 36.92 34.82 57.88
CA SER F 578 35.53 34.40 57.92
C SER F 578 34.61 35.49 57.38
N PRO F 579 33.85 35.26 56.31
CA PRO F 579 32.99 36.32 55.77
C PRO F 579 31.69 36.53 56.50
N LEU F 580 31.25 35.58 57.32
CA LEU F 580 29.90 35.63 57.87
C LEU F 580 29.58 36.91 58.64
N PRO F 581 30.49 37.49 59.42
CA PRO F 581 30.17 38.78 60.07
C PRO F 581 30.17 39.95 59.11
N TYR F 582 31.14 39.99 58.19
CA TYR F 582 31.16 41.05 57.20
C TYR F 582 29.91 41.04 56.33
N LEU F 583 29.20 39.91 56.29
CA LEU F 583 27.84 39.88 55.78
C LEU F 583 26.84 40.34 56.81
N ARG F 584 27.00 39.90 58.07
CA ARG F 584 26.08 40.28 59.13
C ARG F 584 26.08 41.78 59.35
N ASN F 585 27.22 42.44 59.14
CA ASN F 585 27.32 43.87 59.41
C ASN F 585 26.88 44.71 58.21
N CYS F 586 26.68 44.08 57.05
CA CYS F 586 26.06 44.76 55.92
C CYS F 586 24.59 45.02 56.18
N ARG F 587 23.82 43.96 56.44
CA ARG F 587 22.37 44.05 56.55
C ARG F 587 21.92 44.96 57.68
N TYR F 588 22.78 45.19 58.67
CA TYR F 588 22.50 46.16 59.71
C TYR F 588 22.76 47.59 59.24
N ASP F 589 23.59 47.77 58.22
CA ASP F 589 23.94 49.11 57.73
C ASP F 589 23.05 49.56 56.59
N VAL F 590 22.84 48.69 55.59
CA VAL F 590 22.10 49.08 54.40
C VAL F 590 20.66 49.41 54.74
N CYS F 591 20.07 48.74 55.72
CA CYS F 591 18.72 49.05 56.15
C CYS F 591 18.65 50.29 57.03
N SER F 592 19.72 50.58 57.76
CA SER F 592 19.69 51.59 58.82
C SER F 592 20.06 52.98 58.34
N CYS F 593 21.02 53.10 57.42
CA CYS F 593 21.61 54.40 57.14
C CYS F 593 20.75 55.19 56.16
N SER F 594 21.09 56.48 56.05
CA SER F 594 20.29 57.39 55.23
C SER F 594 20.33 57.00 53.76
N ASP F 595 21.52 56.70 53.24
CA ASP F 595 21.71 56.32 51.84
C ASP F 595 22.45 54.99 51.79
N GLY F 596 21.76 53.95 51.36
CA GLY F 596 22.33 52.62 51.31
C GLY F 596 23.35 52.39 50.21
N ARG F 597 23.49 53.32 49.26
CA ARG F 597 24.45 53.14 48.18
C ARG F 597 25.86 52.99 48.72
N GLU F 598 26.34 54.00 49.44
CA GLU F 598 27.72 53.99 49.90
C GLU F 598 27.89 53.15 51.17
N CYS F 599 26.84 53.04 51.98
CA CYS F 599 26.87 52.12 53.11
C CYS F 599 27.16 50.71 52.65
N LEU F 600 26.57 50.33 51.51
CA LEU F 600 26.91 49.05 50.88
C LEU F 600 28.38 49.01 50.53
N CYS F 601 28.84 50.02 49.79
CA CYS F 601 30.16 50.03 49.21
C CYS F 601 31.22 50.61 50.14
N GLY F 602 30.88 50.74 51.42
CA GLY F 602 31.85 50.97 52.47
C GLY F 602 31.91 49.79 53.43
N ALA F 603 31.07 48.78 53.20
CA ALA F 603 31.08 47.53 53.95
C ALA F 603 31.76 46.41 53.18
N LEU F 604 31.52 46.33 51.87
CA LEU F 604 32.27 45.40 51.04
C LEU F 604 33.77 45.67 51.13
N ALA F 605 34.17 46.93 51.04
CA ALA F 605 35.57 47.29 51.18
C ALA F 605 36.12 46.94 52.56
N SER F 606 35.26 46.91 53.57
CA SER F 606 35.69 46.45 54.88
C SER F 606 36.17 45.01 54.84
N TYR F 607 35.58 44.21 53.95
CA TYR F 607 35.95 42.81 53.80
C TYR F 607 37.21 42.67 52.94
N ALA F 608 37.24 43.37 51.81
CA ALA F 608 38.41 43.32 50.95
C ALA F 608 39.65 43.83 51.65
N ALA F 609 39.50 44.86 52.48
CA ALA F 609 40.64 45.42 53.20
C ALA F 609 41.25 44.42 54.17
N ALA F 610 40.45 43.52 54.72
CA ALA F 610 40.96 42.47 55.59
C ALA F 610 41.42 41.26 54.78
N CYS F 611 40.83 41.05 53.61
CA CYS F 611 41.36 40.04 52.70
C CYS F 611 42.75 40.41 52.22
N ALA F 612 42.99 41.70 52.01
CA ALA F 612 44.29 42.18 51.56
C ALA F 612 45.30 42.25 52.70
N GLY F 613 44.84 42.49 53.93
CA GLY F 613 45.72 42.49 55.07
C GLY F 613 46.36 41.14 55.35
N ARG F 614 45.82 40.06 54.78
CA ARG F 614 46.41 38.73 54.89
C ARG F 614 47.14 38.31 53.63
N GLY F 615 46.84 38.91 52.48
CA GLY F 615 47.61 38.68 51.28
C GLY F 615 46.80 38.64 50.00
N VAL F 616 45.50 38.39 50.12
CA VAL F 616 44.63 38.19 48.97
C VAL F 616 44.04 39.54 48.58
N ARG F 617 44.35 39.99 47.37
CA ARG F 617 43.67 41.12 46.76
C ARG F 617 42.54 40.60 45.89
N VAL F 618 41.48 41.40 45.77
CA VAL F 618 40.30 41.04 44.99
C VAL F 618 39.97 42.21 44.07
N ALA F 619 39.44 41.89 42.89
CA ALA F 619 39.04 42.88 41.90
C ALA F 619 37.52 42.89 41.85
N TRP F 620 36.90 43.68 42.73
CA TRP F 620 35.46 43.67 42.92
C TRP F 620 34.77 44.95 42.49
N ARG F 621 35.40 45.78 41.66
CA ARG F 621 34.83 47.06 41.26
C ARG F 621 34.26 46.98 39.86
N GLU F 622 33.09 47.61 39.68
CA GLU F 622 32.32 47.62 38.45
C GLU F 622 31.64 48.98 38.32
N PRO F 623 31.06 49.31 37.16
CA PRO F 623 30.21 50.50 37.08
C PRO F 623 28.94 50.39 37.91
N GLY F 624 28.55 49.18 38.29
CA GLY F 624 27.41 48.98 39.16
C GLY F 624 27.82 48.83 40.61
N ARG F 625 28.92 48.13 40.85
CA ARG F 625 29.39 47.86 42.21
C ARG F 625 30.42 48.90 42.67
N CYS F 626 30.06 50.17 42.51
CA CYS F 626 30.70 51.30 43.18
C CYS F 626 32.19 51.40 42.85
N GLU F 627 32.46 51.70 41.58
CA GLU F 627 33.79 52.12 41.17
C GLU F 627 33.93 53.61 41.47
N LEU F 628 34.98 53.97 42.22
CA LEU F 628 35.17 55.37 42.54
C LEU F 628 35.62 56.14 41.29
N ASN F 629 35.37 57.44 41.32
CA ASN F 629 35.60 58.31 40.17
C ASN F 629 36.88 59.12 40.43
N CYS F 630 38.01 58.52 40.07
CA CYS F 630 39.26 59.27 40.12
C CYS F 630 39.16 60.46 39.17
N PRO F 631 39.63 61.65 39.56
CA PRO F 631 39.50 62.80 38.64
C PRO F 631 40.25 62.58 37.33
N LYS F 632 40.02 63.50 36.40
CA LYS F 632 40.56 63.36 35.05
C LYS F 632 42.08 63.28 35.06
N GLY F 633 42.74 63.93 36.01
CA GLY F 633 44.19 63.82 36.10
C GLY F 633 44.63 62.44 36.53
N GLN F 634 43.91 61.82 37.46
CA GLN F 634 44.26 60.52 38.01
C GLN F 634 43.54 59.40 37.25
N VAL F 635 43.92 58.17 37.59
CA VAL F 635 43.32 56.97 37.03
C VAL F 635 43.12 55.96 38.16
N TYR F 636 42.09 55.15 38.03
CA TYR F 636 41.88 54.05 38.97
C TYR F 636 43.05 53.07 38.91
N LEU F 637 43.37 52.48 40.05
CA LEU F 637 44.49 51.55 40.15
C LEU F 637 44.22 50.59 41.29
N GLN F 638 44.62 49.32 41.08
CA GLN F 638 44.34 48.26 42.04
C GLN F 638 45.44 48.14 43.10
N CYS F 639 46.67 47.88 42.66
CA CYS F 639 47.79 47.65 43.57
C CYS F 639 48.96 48.48 43.05
N GLY F 640 49.33 49.52 43.80
CA GLY F 640 50.32 50.48 43.34
C GLY F 640 51.22 50.93 44.48
N THR F 641 52.17 51.80 44.12
CA THR F 641 53.26 52.18 44.99
C THR F 641 53.11 53.64 45.38
N PRO F 642 52.60 53.97 46.57
CA PRO F 642 52.60 55.37 47.04
C PRO F 642 53.94 55.77 47.65
N CYS F 643 54.99 55.72 46.83
CA CYS F 643 56.31 56.22 47.16
C CYS F 643 56.83 57.19 46.11
N ASN F 644 56.59 56.92 44.83
CA ASN F 644 57.02 57.76 43.72
C ASN F 644 55.87 58.57 43.14
N LEU F 645 54.93 59.01 43.99
CA LEU F 645 53.76 59.76 43.56
C LEU F 645 53.85 61.25 43.87
N THR F 646 54.06 61.62 45.14
CA THR F 646 53.99 63.01 45.51
C THR F 646 55.26 63.75 45.12
N CYS F 647 55.10 65.06 44.87
CA CYS F 647 56.23 65.89 44.51
C CYS F 647 57.16 66.12 45.68
N ARG F 648 56.66 65.97 46.91
CA ARG F 648 57.53 66.03 48.08
C ARG F 648 58.56 64.91 48.10
N SER F 649 58.29 63.80 47.39
CA SER F 649 59.22 62.69 47.37
C SER F 649 60.55 63.09 46.74
N LEU F 650 60.48 63.88 45.66
CA LEU F 650 61.70 64.30 44.98
C LEU F 650 62.48 65.31 45.80
N SER F 651 61.80 66.02 46.72
CA SER F 651 62.52 66.91 47.61
C SER F 651 63.29 66.13 48.66
N TYR F 652 62.70 65.05 49.18
CA TYR F 652 63.32 64.19 50.18
C TYR F 652 63.37 62.76 49.64
N PRO F 653 64.21 62.50 48.64
CA PRO F 653 64.26 61.16 48.06
C PRO F 653 64.98 60.17 48.96
N ASP F 654 65.92 60.66 49.77
CA ASP F 654 66.69 59.80 50.64
C ASP F 654 65.83 59.06 51.66
N GLU F 655 64.69 59.63 52.02
CA GLU F 655 63.85 59.01 53.04
C GLU F 655 63.32 57.67 52.56
N GLU F 656 63.25 56.72 53.49
CA GLU F 656 62.76 55.39 53.17
C GLU F 656 61.25 55.40 53.02
N CYS F 657 60.75 54.56 52.10
CA CYS F 657 59.32 54.33 51.91
C CYS F 657 59.10 52.82 51.99
N ASN F 658 58.98 52.32 53.22
CA ASN F 658 58.73 50.91 53.47
C ASN F 658 57.22 50.65 53.52
N GLU F 659 56.56 51.03 52.44
CA GLU F 659 55.11 50.97 52.33
C GLU F 659 54.71 49.81 51.43
N ALA F 660 53.44 49.45 51.53
CA ALA F 660 52.91 48.27 50.86
C ALA F 660 52.52 48.62 49.43
N CYS F 661 51.76 47.72 48.79
CA CYS F 661 51.24 47.89 47.45
C CYS F 661 49.76 48.24 47.58
N LEU F 662 49.46 49.53 47.69
CA LEU F 662 48.15 50.01 48.11
C LEU F 662 47.22 50.19 46.90
N GLU F 663 45.97 50.54 47.20
CA GLU F 663 44.91 50.70 46.20
C GLU F 663 44.36 52.12 46.28
N GLY F 664 44.13 52.73 45.12
CA GLY F 664 43.55 54.07 45.11
C GLY F 664 43.66 54.73 43.75
N CYS F 665 43.68 56.05 43.77
CA CYS F 665 43.75 56.88 42.55
C CYS F 665 45.18 57.39 42.39
N PHE F 666 45.88 56.83 41.40
CA PHE F 666 47.21 57.28 41.00
C PHE F 666 47.13 57.81 39.57
N CYS F 667 48.27 58.22 39.03
CA CYS F 667 48.39 58.57 37.63
C CYS F 667 49.71 58.03 37.11
N PRO F 668 49.89 57.92 35.79
CA PRO F 668 51.01 57.14 35.21
C PRO F 668 52.37 57.61 35.71
N PRO F 669 53.44 56.81 35.49
CA PRO F 669 54.71 57.07 36.19
C PRO F 669 55.38 58.34 35.73
N GLY F 670 55.23 58.74 34.47
CA GLY F 670 55.73 59.98 33.92
C GLY F 670 55.16 61.21 34.61
N LEU F 671 54.04 61.07 35.30
CA LEU F 671 53.37 62.16 35.99
C LEU F 671 53.49 61.96 37.50
N TYR F 672 53.83 63.03 38.20
CA TYR F 672 53.89 63.04 39.66
C TYR F 672 52.92 64.07 40.20
N MET F 673 52.51 63.88 41.45
CA MET F 673 51.38 64.62 42.01
C MET F 673 51.72 66.06 42.39
N ASP F 674 50.86 67.00 41.99
CA ASP F 674 50.95 68.40 42.37
C ASP F 674 49.98 68.68 43.52
N GLU F 675 50.20 69.81 44.18
CA GLU F 675 49.35 70.17 45.32
C GLU F 675 47.91 70.45 44.88
N ARG F 676 47.71 70.89 43.64
CA ARG F 676 46.43 71.42 43.19
C ARG F 676 45.58 70.38 42.46
N GLY F 677 45.66 69.12 42.84
CA GLY F 677 44.74 68.11 42.36
C GLY F 677 45.14 67.44 41.06
N ASP F 678 45.76 68.20 40.16
CA ASP F 678 46.37 67.59 38.99
C ASP F 678 47.71 67.01 39.39
N CYS F 679 48.22 66.10 38.56
CA CYS F 679 49.57 65.56 38.63
C CYS F 679 50.30 65.94 37.36
N VAL F 680 51.62 66.10 37.49
CA VAL F 680 52.44 66.80 36.50
C VAL F 680 53.76 66.08 36.31
N PRO F 681 54.43 66.26 35.17
CA PRO F 681 55.79 65.73 35.04
C PRO F 681 56.73 66.40 36.03
N LYS F 682 57.94 65.86 36.12
CA LYS F 682 58.92 66.36 37.07
C LYS F 682 59.62 67.63 36.60
N ALA F 683 59.18 68.23 35.49
CA ALA F 683 59.68 69.49 34.98
C ALA F 683 59.22 70.66 35.84
N GLN F 684 57.92 70.72 36.16
CA GLN F 684 57.35 71.77 37.00
C GLN F 684 56.92 71.23 38.36
N CYS F 685 57.70 70.31 38.91
CA CYS F 685 57.45 69.73 40.21
C CYS F 685 58.23 70.57 41.23
N PRO F 686 57.57 71.34 42.10
CA PRO F 686 58.31 72.27 42.95
C PRO F 686 59.13 71.58 44.03
N CYS F 687 59.93 72.39 44.72
CA CYS F 687 60.75 71.98 45.84
C CYS F 687 60.10 72.46 47.14
N TYR F 688 60.37 71.73 48.22
CA TYR F 688 59.80 71.99 49.55
C TYR F 688 60.92 72.16 50.57
N TYR F 689 61.91 72.99 50.22
CA TYR F 689 63.06 73.27 51.05
C TYR F 689 62.64 74.03 52.30
N ASP F 690 62.92 73.45 53.47
CA ASP F 690 62.62 74.08 54.75
C ASP F 690 61.13 74.41 54.86
N GLY F 691 60.30 73.60 54.21
CA GLY F 691 58.88 73.85 54.11
C GLY F 691 58.51 74.74 52.94
N GLU F 692 59.44 75.57 52.49
CA GLU F 692 59.11 76.63 51.55
C GLU F 692 58.90 76.06 50.16
N ILE F 693 57.73 76.35 49.59
CA ILE F 693 57.33 75.81 48.30
C ILE F 693 57.90 76.73 47.22
N PHE F 694 59.06 76.37 46.69
CA PHE F 694 59.70 77.13 45.63
C PHE F 694 59.22 76.64 44.27
N GLN F 695 59.08 77.58 43.35
CA GLN F 695 58.64 77.28 42.01
C GLN F 695 59.74 76.55 41.25
N PRO F 696 59.44 75.99 40.08
CA PRO F 696 60.43 75.11 39.42
C PRO F 696 61.75 75.78 39.06
N GLU F 697 61.79 77.10 38.90
CA GLU F 697 63.02 77.84 38.64
C GLU F 697 63.09 79.00 39.61
N ASP F 698 63.84 78.82 40.69
CA ASP F 698 64.03 79.85 41.71
C ASP F 698 65.47 79.72 42.21
N ILE F 699 66.36 80.52 41.61
CA ILE F 699 67.74 80.72 42.03
C ILE F 699 67.72 81.57 43.30
N PHE F 700 68.62 81.24 44.21
CA PHE F 700 68.30 81.37 45.63
C PHE F 700 69.56 81.33 46.47
N SER F 701 69.84 82.38 47.25
CA SER F 701 71.11 82.40 47.96
C SER F 701 71.13 83.49 49.01
N ASP F 702 71.65 83.16 50.19
CA ASP F 702 72.15 84.14 51.14
C ASP F 702 73.56 84.53 50.69
N HIS F 703 74.29 85.25 51.55
CA HIS F 703 75.68 85.63 51.30
C HIS F 703 76.59 84.41 51.13
N HIS F 704 76.40 83.37 51.95
CA HIS F 704 77.42 82.33 52.12
C HIS F 704 77.05 81.01 51.47
N THR F 705 75.76 80.70 51.36
CA THR F 705 75.30 79.53 50.63
C THR F 705 74.94 79.89 49.19
N MET F 706 74.53 78.87 48.45
CA MET F 706 74.09 79.02 47.06
C MET F 706 73.23 77.80 46.75
N CYS F 707 72.02 78.05 46.28
CA CYS F 707 71.00 77.01 46.22
C CYS F 707 70.05 77.29 45.06
N TYR F 708 69.49 76.22 44.50
CA TYR F 708 68.47 76.37 43.47
C TYR F 708 67.63 75.09 43.37
N CYS F 709 66.42 75.27 42.84
CA CYS F 709 65.46 74.20 42.62
C CYS F 709 65.39 73.91 41.12
N GLU F 710 65.76 72.68 40.75
CA GLU F 710 65.89 72.31 39.34
C GLU F 710 64.63 71.63 38.80
N ASP F 711 64.28 70.46 39.35
CA ASP F 711 63.20 69.63 38.83
C ASP F 711 62.42 68.93 39.93
N GLY F 712 62.47 69.43 41.16
CA GLY F 712 61.85 68.79 42.30
C GLY F 712 62.81 68.68 43.46
N PHE F 713 64.09 68.50 43.16
CA PHE F 713 65.12 68.42 44.18
C PHE F 713 65.75 69.80 44.37
N MET F 714 66.14 70.06 45.61
CA MET F 714 66.77 71.32 46.01
C MET F 714 68.28 71.18 46.11
N HIS F 715 68.99 71.60 45.06
CA HIS F 715 70.43 71.62 44.84
C HIS F 715 71.05 72.78 45.60
N CYS F 716 71.48 72.52 46.84
CA CYS F 716 72.27 73.46 47.60
C CYS F 716 73.76 73.17 47.51
N THR F 717 74.55 74.24 47.66
CA THR F 717 76.01 74.17 47.72
C THR F 717 76.45 75.14 48.82
N MET F 718 77.74 75.42 48.87
CA MET F 718 78.28 76.39 49.83
C MET F 718 79.42 77.18 49.20
N SER G 1 26.18 -41.32 -111.68
CA SER G 1 25.18 -40.86 -112.65
C SER G 1 23.82 -41.55 -112.62
N LEU G 2 22.82 -40.91 -113.24
CA LEU G 2 21.43 -41.37 -113.26
C LEU G 2 20.73 -40.67 -114.42
N SER G 3 20.32 -41.44 -115.43
CA SER G 3 19.53 -40.88 -116.52
C SER G 3 18.10 -40.68 -116.03
N CYS G 4 17.73 -39.44 -115.78
CA CYS G 4 16.42 -39.14 -115.23
C CYS G 4 15.33 -39.53 -116.22
N ARG G 5 14.13 -39.77 -115.68
CA ARG G 5 12.87 -40.34 -116.15
C ARG G 5 12.43 -39.61 -117.42
N PRO G 6 11.54 -40.20 -118.23
CA PRO G 6 11.18 -39.58 -119.53
C PRO G 6 10.55 -38.20 -119.38
N PRO G 7 9.50 -38.02 -118.54
CA PRO G 7 8.67 -36.81 -118.70
C PRO G 7 9.38 -35.49 -118.40
N MET G 8 10.62 -35.50 -117.90
CA MET G 8 11.32 -34.27 -117.57
C MET G 8 12.78 -34.35 -118.00
N VAL G 9 13.41 -33.18 -118.08
CA VAL G 9 14.62 -32.97 -118.87
C VAL G 9 15.75 -32.52 -117.95
N LYS G 10 16.96 -33.00 -118.25
CA LYS G 10 18.16 -32.53 -117.58
C LYS G 10 18.57 -31.15 -118.11
N LEU G 11 18.87 -30.24 -117.19
CA LEU G 11 19.23 -28.86 -117.51
C LEU G 11 20.65 -28.56 -117.07
N VAL G 12 21.20 -27.49 -117.66
CA VAL G 12 22.61 -27.13 -117.55
C VAL G 12 22.75 -25.61 -117.45
N CYS G 13 23.55 -25.16 -116.49
CA CYS G 13 23.82 -23.74 -116.35
C CYS G 13 24.59 -23.23 -117.57
N PRO G 14 24.11 -22.20 -118.28
CA PRO G 14 24.97 -21.56 -119.29
C PRO G 14 25.96 -20.61 -118.64
N ALA G 15 27.10 -20.45 -119.30
CA ALA G 15 28.17 -19.64 -118.74
C ALA G 15 27.91 -18.14 -118.83
N ASP G 16 27.02 -17.69 -119.72
CA ASP G 16 26.66 -16.30 -119.98
C ASP G 16 25.47 -15.80 -119.14
N ASN G 17 24.40 -16.60 -119.01
CA ASN G 17 23.17 -16.10 -118.40
C ASN G 17 23.20 -16.30 -116.88
N LEU G 18 23.37 -15.19 -116.16
CA LEU G 18 23.23 -15.21 -114.71
C LEU G 18 21.90 -15.79 -114.23
N ARG G 19 20.84 -15.66 -115.05
CA ARG G 19 19.51 -16.11 -114.68
C ARG G 19 19.34 -17.59 -115.06
N ALA G 20 20.08 -18.43 -114.34
CA ALA G 20 20.09 -19.90 -114.38
C ALA G 20 19.09 -20.45 -113.38
N GLU G 21 17.84 -19.98 -113.50
CA GLU G 21 16.75 -20.46 -112.66
C GLU G 21 16.34 -21.85 -113.13
N GLY G 22 17.11 -22.85 -112.69
CA GLY G 22 17.21 -24.29 -112.83
C GLY G 22 16.68 -25.05 -111.64
N LEU G 23 17.56 -25.86 -111.04
CA LEU G 23 17.13 -26.81 -110.01
C LEU G 23 16.79 -26.09 -108.71
N GLU G 24 17.51 -25.00 -108.39
CA GLU G 24 17.23 -24.28 -107.16
C GLU G 24 15.82 -23.72 -107.15
N CYS G 25 15.36 -23.21 -108.29
CA CYS G 25 13.98 -22.74 -108.44
C CYS G 25 13.12 -23.84 -109.07
N THR G 26 12.93 -24.92 -108.30
CA THR G 26 12.10 -26.08 -108.56
C THR G 26 10.64 -25.70 -108.38
N LYS G 27 9.97 -25.36 -109.47
CA LYS G 27 8.57 -24.97 -109.41
C LYS G 27 7.68 -26.18 -109.15
N THR G 28 7.00 -26.20 -108.01
CA THR G 28 5.88 -26.99 -107.55
C THR G 28 4.60 -26.13 -107.65
N CYS G 29 3.51 -26.64 -107.10
CA CYS G 29 2.25 -25.91 -107.19
C CYS G 29 2.21 -24.74 -106.22
N GLN G 30 2.85 -24.90 -105.06
CA GLN G 30 2.86 -23.84 -104.06
C GLN G 30 3.57 -22.60 -104.57
N ASN G 31 4.73 -22.81 -105.20
CA ASN G 31 5.66 -21.73 -105.53
C ASN G 31 5.45 -21.10 -106.91
N TYR G 32 4.41 -21.50 -107.64
CA TYR G 32 4.31 -21.08 -109.03
C TYR G 32 4.03 -19.59 -109.14
N ASP G 33 2.93 -19.14 -108.51
CA ASP G 33 2.66 -17.71 -108.44
C ASP G 33 3.76 -16.97 -107.69
N LEU G 34 4.47 -17.67 -106.80
CA LEU G 34 5.52 -17.04 -106.01
C LEU G 34 6.76 -16.82 -106.86
N GLU G 35 7.68 -16.03 -106.31
CA GLU G 35 8.96 -15.74 -106.92
C GLU G 35 10.12 -16.33 -106.12
N CYS G 36 11.14 -16.78 -106.84
CA CYS G 36 12.15 -17.69 -106.30
C CYS G 36 13.54 -17.10 -106.46
N MET G 37 14.44 -17.52 -105.58
CA MET G 37 15.85 -17.16 -105.68
C MET G 37 16.62 -18.19 -106.47
N SER G 38 17.72 -17.75 -107.06
CA SER G 38 18.63 -18.67 -107.73
C SER G 38 19.98 -18.01 -108.00
N MET G 39 21.06 -18.63 -107.55
CA MET G 39 22.41 -18.21 -107.92
C MET G 39 22.82 -18.84 -109.24
N GLY G 40 22.75 -20.17 -109.30
CA GLY G 40 23.00 -20.93 -110.51
C GLY G 40 22.33 -22.27 -110.37
N CYS G 41 22.06 -22.90 -111.51
CA CYS G 41 21.39 -24.18 -111.51
C CYS G 41 22.34 -25.24 -110.94
N VAL G 42 21.85 -26.48 -110.85
CA VAL G 42 22.67 -27.62 -110.48
C VAL G 42 22.56 -28.69 -111.55
N SER G 43 23.25 -29.80 -111.33
CA SER G 43 23.24 -31.01 -112.17
C SER G 43 22.03 -31.87 -111.86
N GLY G 44 20.84 -31.25 -111.94
CA GLY G 44 19.59 -31.92 -111.66
C GLY G 44 18.74 -32.08 -112.93
N CYS G 45 17.55 -32.62 -112.73
CA CYS G 45 16.61 -32.88 -113.82
C CYS G 45 15.29 -32.23 -113.42
N LEU G 46 14.59 -31.64 -114.39
CA LEU G 46 13.65 -30.56 -114.14
C LEU G 46 12.49 -30.61 -115.13
N CYS G 47 11.28 -30.39 -114.61
CA CYS G 47 10.08 -30.49 -115.45
C CYS G 47 10.11 -29.43 -116.55
N PRO G 48 9.35 -29.63 -117.63
CA PRO G 48 9.35 -28.64 -118.71
C PRO G 48 8.74 -27.33 -118.27
N PRO G 49 8.76 -26.31 -119.14
CA PRO G 49 8.15 -25.02 -118.78
C PRO G 49 6.67 -25.02 -118.37
N GLY G 50 5.83 -25.89 -118.95
CA GLY G 50 4.39 -25.81 -118.76
C GLY G 50 3.86 -26.94 -117.91
N MET G 51 4.61 -27.34 -116.89
CA MET G 51 4.50 -28.55 -116.08
C MET G 51 5.32 -28.35 -114.82
N VAL G 52 4.93 -29.05 -113.75
CA VAL G 52 5.54 -28.92 -112.43
C VAL G 52 5.68 -30.27 -111.75
N ARG G 53 6.29 -30.25 -110.55
CA ARG G 53 6.48 -31.34 -109.60
C ARG G 53 5.33 -31.39 -108.61
N HIS G 54 4.97 -32.62 -108.21
CA HIS G 54 3.84 -32.83 -107.30
C HIS G 54 4.01 -34.18 -106.58
N GLU G 55 4.37 -34.12 -105.30
CA GLU G 55 4.70 -35.20 -104.35
C GLU G 55 5.42 -36.39 -105.00
N ASN G 56 6.51 -36.07 -105.70
CA ASN G 56 7.45 -36.95 -106.44
C ASN G 56 6.86 -37.40 -107.76
N ARG G 57 5.94 -36.62 -108.30
CA ARG G 57 5.28 -36.94 -109.57
C ARG G 57 5.13 -35.65 -110.36
N CYS G 58 5.82 -35.58 -111.49
CA CYS G 58 5.73 -34.38 -112.34
C CYS G 58 4.38 -34.34 -113.04
N VAL G 59 3.37 -33.87 -112.28
CA VAL G 59 2.01 -33.83 -112.79
C VAL G 59 1.96 -32.96 -114.03
N ALA G 60 1.29 -33.45 -115.07
CA ALA G 60 1.35 -32.90 -116.42
C ALA G 60 0.79 -31.47 -116.51
N LEU G 61 -0.43 -31.26 -116.05
CA LEU G 61 -1.22 -30.07 -116.32
C LEU G 61 -1.25 -29.13 -115.12
N GLU G 62 -1.75 -27.92 -115.36
CA GLU G 62 -2.02 -26.96 -114.30
C GLU G 62 -3.40 -27.15 -113.66
N ARG G 63 -3.63 -28.39 -113.26
CA ARG G 63 -4.86 -28.81 -112.59
C ARG G 63 -4.62 -29.23 -111.15
N CYS G 64 -3.42 -29.00 -110.63
CA CYS G 64 -3.05 -29.54 -109.34
C CYS G 64 -3.84 -28.82 -108.25
N PRO G 65 -3.91 -29.40 -107.03
CA PRO G 65 -4.98 -29.02 -106.10
C PRO G 65 -4.91 -27.59 -105.60
N CYS G 66 -5.85 -27.28 -104.72
CA CYS G 66 -6.03 -25.95 -104.16
C CYS G 66 -6.16 -26.09 -102.66
N PHE G 67 -5.03 -26.07 -101.97
CA PHE G 67 -4.96 -26.61 -100.61
C PHE G 67 -5.72 -25.75 -99.61
N HIS G 68 -6.52 -26.43 -98.81
CA HIS G 68 -7.12 -25.87 -97.60
C HIS G 68 -7.09 -26.90 -96.49
N GLN G 69 -6.82 -26.43 -95.26
CA GLN G 69 -6.48 -27.25 -94.09
C GLN G 69 -5.41 -28.29 -94.40
N GLY G 70 -4.43 -27.91 -95.21
CA GLY G 70 -3.33 -28.79 -95.57
C GLY G 70 -3.81 -30.07 -96.22
N LYS G 71 -4.90 -29.98 -96.98
CA LYS G 71 -5.57 -31.14 -97.54
C LYS G 71 -5.82 -30.92 -99.01
N GLU G 72 -5.82 -32.03 -99.75
CA GLU G 72 -6.07 -32.01 -101.19
C GLU G 72 -7.49 -31.59 -101.54
N TYR G 73 -7.61 -30.85 -102.64
CA TYR G 73 -8.89 -30.58 -103.28
C TYR G 73 -8.69 -30.57 -104.78
N ALA G 74 -9.32 -31.51 -105.47
CA ALA G 74 -9.31 -31.47 -106.92
C ALA G 74 -10.00 -30.19 -107.42
N PRO G 75 -9.65 -29.72 -108.62
CA PRO G 75 -10.42 -28.62 -109.21
C PRO G 75 -11.88 -29.02 -109.37
N GLY G 76 -12.77 -28.07 -109.05
CA GLY G 76 -14.21 -28.15 -108.94
C GLY G 76 -14.71 -28.57 -107.57
N GLU G 77 -13.85 -29.17 -106.76
CA GLU G 77 -14.22 -29.49 -105.39
C GLU G 77 -14.54 -28.21 -104.60
N THR G 78 -15.55 -28.30 -103.75
CA THR G 78 -16.14 -27.21 -102.98
C THR G 78 -15.96 -27.38 -101.49
N VAL G 79 -16.05 -26.26 -100.79
CA VAL G 79 -15.96 -26.22 -99.33
C VAL G 79 -17.04 -25.26 -98.83
N LYS G 80 -17.34 -25.37 -97.54
CA LYS G 80 -18.33 -24.54 -96.87
C LYS G 80 -17.66 -23.86 -95.69
N ILE G 81 -17.36 -22.57 -95.85
CA ILE G 81 -16.87 -21.73 -94.75
C ILE G 81 -17.99 -20.78 -94.35
N GLY G 82 -18.44 -20.90 -93.10
CA GLY G 82 -19.56 -20.10 -92.65
C GLY G 82 -20.82 -20.42 -93.44
N CYS G 83 -21.46 -19.36 -93.93
CA CYS G 83 -22.67 -19.38 -94.74
C CYS G 83 -22.38 -19.41 -96.24
N ASN G 84 -21.12 -19.43 -96.65
CA ASN G 84 -20.65 -19.29 -98.02
C ASN G 84 -20.09 -20.62 -98.51
N THR G 85 -20.32 -20.90 -99.78
CA THR G 85 -19.55 -21.89 -100.52
C THR G 85 -18.37 -21.22 -101.21
N CYS G 86 -17.44 -22.04 -101.70
CA CYS G 86 -16.27 -21.50 -102.37
C CYS G 86 -15.59 -22.63 -103.12
N VAL G 87 -15.28 -22.41 -104.38
CA VAL G 87 -14.66 -23.49 -105.22
C VAL G 87 -13.40 -22.92 -105.90
N CYS G 88 -12.30 -23.69 -105.85
CA CYS G 88 -11.08 -23.31 -106.60
C CYS G 88 -11.37 -23.41 -108.10
N GLN G 89 -11.82 -22.31 -108.71
CA GLN G 89 -12.24 -22.31 -110.14
C GLN G 89 -11.03 -22.63 -111.03
N ASP G 90 -9.82 -22.36 -110.53
CA ASP G 90 -8.57 -22.66 -111.29
C ASP G 90 -7.53 -23.22 -110.31
N ARG G 91 -6.53 -22.40 -109.96
CA ARG G 91 -5.68 -22.67 -108.81
C ARG G 91 -6.12 -21.95 -107.55
N LYS G 92 -7.00 -20.95 -107.72
CA LYS G 92 -7.45 -20.11 -106.57
C LYS G 92 -8.96 -20.23 -106.42
N TRP G 93 -9.41 -20.77 -105.27
CA TRP G 93 -10.83 -20.65 -104.87
C TRP G 93 -11.29 -19.21 -105.06
N ASN G 94 -12.45 -19.01 -105.71
CA ASN G 94 -13.17 -17.72 -105.59
C ASN G 94 -14.44 -17.94 -104.75
N CYS G 95 -14.54 -17.24 -103.63
CA CYS G 95 -15.65 -17.47 -102.67
C CYS G 95 -16.79 -16.47 -102.96
N THR G 96 -17.98 -16.79 -102.50
CA THR G 96 -19.15 -15.92 -102.63
C THR G 96 -18.95 -14.73 -101.71
N ASP G 97 -19.95 -13.85 -101.63
CA ASP G 97 -19.87 -12.65 -100.80
C ASP G 97 -21.18 -12.41 -100.06
N HIS G 98 -21.77 -13.48 -99.55
CA HIS G 98 -22.92 -13.39 -98.67
C HIS G 98 -22.38 -13.31 -97.24
N VAL G 99 -22.34 -12.10 -96.68
CA VAL G 99 -21.89 -11.94 -95.31
C VAL G 99 -22.83 -12.68 -94.39
N CYS G 100 -22.26 -13.38 -93.41
CA CYS G 100 -22.83 -14.32 -92.45
C CYS G 100 -23.31 -13.57 -91.21
N ASP G 101 -24.00 -14.29 -90.33
CA ASP G 101 -24.61 -13.71 -89.14
C ASP G 101 -23.59 -13.70 -88.02
N ALA G 102 -23.23 -12.50 -87.56
CA ALA G 102 -22.25 -12.37 -86.49
C ALA G 102 -22.89 -12.69 -85.14
N THR G 103 -22.07 -12.69 -84.10
CA THR G 103 -22.46 -13.26 -82.83
C THR G 103 -21.55 -12.71 -81.74
N CYS G 104 -22.10 -11.90 -80.84
CA CYS G 104 -21.39 -11.58 -79.61
C CYS G 104 -21.35 -12.79 -78.70
N SER G 105 -20.74 -12.62 -77.53
CA SER G 105 -20.71 -13.59 -76.45
C SER G 105 -20.12 -12.89 -75.23
N THR G 106 -20.38 -13.49 -74.08
CA THR G 106 -19.81 -13.08 -72.81
C THR G 106 -19.25 -14.35 -72.20
N ILE G 107 -18.03 -14.70 -72.59
CA ILE G 107 -17.43 -15.96 -72.17
C ILE G 107 -17.03 -15.79 -70.71
N GLY G 108 -17.63 -16.58 -69.85
CA GLY G 108 -17.38 -16.48 -68.45
C GLY G 108 -17.92 -15.18 -67.89
N MET G 109 -17.34 -14.80 -66.76
CA MET G 109 -17.83 -13.67 -66.01
C MET G 109 -17.43 -12.34 -66.64
N ALA G 110 -16.14 -12.15 -66.90
CA ALA G 110 -15.61 -10.88 -67.39
C ALA G 110 -14.72 -11.12 -68.61
N HIS G 111 -15.35 -11.27 -69.77
CA HIS G 111 -14.73 -11.19 -71.08
C HIS G 111 -15.84 -10.87 -72.07
N TYR G 112 -15.46 -10.46 -73.27
CA TYR G 112 -16.42 -10.11 -74.30
C TYR G 112 -15.85 -10.44 -75.66
N LEU G 113 -16.65 -11.06 -76.50
CA LEU G 113 -16.31 -11.38 -77.88
C LEU G 113 -17.15 -10.49 -78.79
N THR G 114 -16.48 -9.69 -79.61
CA THR G 114 -17.16 -8.77 -80.51
C THR G 114 -17.69 -9.51 -81.73
N PHE G 115 -18.35 -8.76 -82.61
CA PHE G 115 -18.88 -9.33 -83.84
C PHE G 115 -17.76 -9.74 -84.77
N ASP G 116 -16.93 -8.77 -85.15
CA ASP G 116 -15.79 -9.00 -86.02
C ASP G 116 -14.81 -10.00 -85.41
N GLY G 117 -14.84 -10.15 -84.09
CA GLY G 117 -14.07 -11.16 -83.37
C GLY G 117 -12.93 -10.51 -82.65
N LEU G 118 -13.11 -10.21 -81.36
CA LEU G 118 -12.06 -9.55 -80.60
C LEU G 118 -12.31 -9.85 -79.13
N LYS G 119 -11.61 -10.82 -78.60
CA LYS G 119 -11.65 -11.07 -77.17
C LYS G 119 -10.90 -9.95 -76.45
N TYR G 120 -11.51 -9.46 -75.38
CA TYR G 120 -10.84 -8.49 -74.53
C TYR G 120 -11.40 -8.62 -73.12
N LEU G 121 -10.69 -8.00 -72.19
CA LEU G 121 -10.96 -8.14 -70.78
C LEU G 121 -11.60 -6.87 -70.25
N PHE G 122 -12.69 -7.03 -69.48
CA PHE G 122 -13.36 -5.89 -68.87
C PHE G 122 -14.13 -6.32 -67.63
N PRO G 123 -13.47 -6.36 -66.47
CA PRO G 123 -14.21 -6.57 -65.22
C PRO G 123 -14.88 -5.27 -64.81
N GLY G 124 -16.20 -5.24 -64.90
CA GLY G 124 -16.97 -4.11 -64.45
C GLY G 124 -17.94 -4.54 -63.37
N GLU G 125 -18.54 -3.54 -62.74
CA GLU G 125 -19.55 -3.77 -61.72
C GLU G 125 -20.79 -2.92 -61.94
N CYS G 126 -20.72 -1.83 -62.69
CA CYS G 126 -21.87 -1.02 -63.02
C CYS G 126 -22.69 -1.69 -64.13
N GLN G 127 -23.72 -1.00 -64.59
CA GLN G 127 -24.53 -1.42 -65.73
C GLN G 127 -23.95 -0.83 -67.01
N TYR G 128 -23.91 -1.65 -68.05
CA TYR G 128 -23.16 -1.33 -69.26
C TYR G 128 -24.01 -1.58 -70.51
N VAL G 129 -23.69 -0.84 -71.57
CA VAL G 129 -24.36 -1.00 -72.85
C VAL G 129 -23.64 -2.10 -73.62
N LEU G 130 -24.26 -3.27 -73.68
CA LEU G 130 -23.72 -4.34 -74.50
C LEU G 130 -23.71 -3.93 -75.97
N VAL G 131 -24.83 -3.42 -76.46
CA VAL G 131 -24.96 -2.99 -77.84
C VAL G 131 -26.23 -2.16 -78.01
N GLN G 132 -26.23 -1.24 -78.97
CA GLN G 132 -27.45 -0.51 -79.31
C GLN G 132 -27.34 -0.02 -80.74
N ASP G 133 -28.41 0.63 -81.20
CA ASP G 133 -28.49 1.24 -82.52
C ASP G 133 -28.42 2.76 -82.47
N TYR G 134 -28.82 3.39 -81.36
CA TYR G 134 -28.81 4.84 -81.24
C TYR G 134 -27.35 5.29 -81.16
N CYS G 135 -26.74 5.46 -82.32
CA CYS G 135 -25.29 5.67 -82.40
C CYS G 135 -24.97 6.72 -83.46
N GLY G 136 -24.85 7.97 -83.02
CA GLY G 136 -24.46 9.06 -83.88
C GLY G 136 -25.58 9.71 -84.67
N SER G 137 -26.03 9.07 -85.75
CA SER G 137 -26.95 9.71 -86.70
C SER G 137 -28.00 8.71 -87.19
N ASN G 138 -28.63 8.00 -86.27
CA ASN G 138 -29.56 6.93 -86.60
C ASN G 138 -30.76 7.00 -85.67
N PRO G 139 -31.84 6.27 -86.00
CA PRO G 139 -33.07 6.41 -85.16
C PRO G 139 -32.89 5.98 -83.72
N GLY G 140 -32.32 4.81 -83.47
CA GLY G 140 -32.19 4.29 -82.12
C GLY G 140 -33.22 3.24 -81.76
N THR G 141 -33.39 2.25 -82.62
CA THR G 141 -34.43 1.24 -82.44
C THR G 141 -34.27 0.45 -81.15
N PHE G 142 -33.19 -0.34 -81.03
CA PHE G 142 -33.00 -1.25 -79.91
C PHE G 142 -31.78 -0.85 -79.10
N ARG G 143 -31.89 -1.07 -77.78
CA ARG G 143 -30.91 -0.64 -76.80
C ARG G 143 -30.68 -1.76 -75.78
N ILE G 144 -30.24 -2.92 -76.26
CA ILE G 144 -29.83 -3.98 -75.34
C ILE G 144 -28.80 -3.45 -74.35
N LEU G 145 -29.00 -3.77 -73.08
CA LEU G 145 -28.07 -3.46 -72.01
C LEU G 145 -27.67 -4.75 -71.29
N VAL G 146 -26.67 -4.62 -70.42
CA VAL G 146 -26.30 -5.67 -69.51
C VAL G 146 -25.89 -5.02 -68.20
N GLY G 147 -26.19 -5.71 -67.10
CA GLY G 147 -25.85 -5.23 -65.79
C GLY G 147 -25.36 -6.34 -64.88
N ASN G 148 -24.16 -6.17 -64.35
CA ASN G 148 -23.52 -7.13 -63.48
C ASN G 148 -23.44 -6.57 -62.08
N LYS G 149 -23.35 -7.47 -61.10
CA LYS G 149 -23.25 -7.10 -59.69
C LYS G 149 -22.27 -8.03 -59.00
N GLY G 150 -21.27 -7.45 -58.35
CA GLY G 150 -20.22 -8.24 -57.74
C GLY G 150 -19.59 -9.19 -58.73
N CYS G 151 -18.89 -8.65 -59.73
CA CYS G 151 -18.36 -9.50 -60.79
C CYS G 151 -16.99 -9.02 -61.27
N SER G 152 -16.32 -8.16 -60.50
CA SER G 152 -14.97 -7.74 -60.86
C SER G 152 -13.98 -8.87 -60.63
N HIS G 153 -14.22 -9.69 -59.61
CA HIS G 153 -13.49 -10.95 -59.41
C HIS G 153 -14.45 -12.10 -59.66
N PRO G 154 -14.31 -12.87 -60.74
CA PRO G 154 -15.26 -13.96 -61.00
C PRO G 154 -15.35 -14.95 -59.85
N SER G 155 -16.57 -15.33 -59.52
CA SER G 155 -16.85 -16.25 -58.43
C SER G 155 -18.25 -16.81 -58.62
N VAL G 156 -18.72 -17.57 -57.62
CA VAL G 156 -20.07 -18.15 -57.62
C VAL G 156 -21.16 -17.08 -57.59
N LYS G 157 -20.79 -15.85 -57.29
CA LYS G 157 -21.51 -14.58 -57.29
C LYS G 157 -21.64 -14.14 -58.74
N CYS G 158 -21.93 -12.86 -59.01
CA CYS G 158 -22.04 -12.34 -60.37
C CYS G 158 -23.23 -12.95 -61.06
N LYS G 159 -24.42 -12.70 -60.50
CA LYS G 159 -25.66 -12.90 -61.23
C LYS G 159 -25.89 -11.69 -62.13
N LYS G 160 -26.10 -11.94 -63.42
CA LYS G 160 -26.30 -10.87 -64.39
C LYS G 160 -27.74 -10.37 -64.38
N ARG G 161 -27.91 -9.15 -64.91
CA ARG G 161 -29.23 -8.60 -65.19
C ARG G 161 -29.20 -7.98 -66.57
N VAL G 162 -30.18 -8.36 -67.38
CA VAL G 162 -30.23 -8.00 -68.80
C VAL G 162 -31.54 -7.29 -69.06
N THR G 163 -31.46 -6.07 -69.55
CA THR G 163 -32.63 -5.24 -69.83
C THR G 163 -32.53 -4.79 -71.28
N ILE G 164 -33.49 -5.23 -72.10
CA ILE G 164 -33.47 -5.02 -73.54
C ILE G 164 -34.67 -4.18 -73.95
N LEU G 165 -34.40 -3.13 -74.71
CA LEU G 165 -35.34 -2.04 -74.95
C LEU G 165 -35.57 -1.91 -76.45
N VAL G 166 -36.63 -2.54 -76.94
CA VAL G 166 -36.97 -2.51 -78.37
C VAL G 166 -38.46 -2.30 -78.55
N GLU G 167 -38.82 -1.50 -79.56
CA GLU G 167 -40.23 -1.18 -79.86
C GLU G 167 -40.91 -0.58 -78.64
N GLY G 168 -40.19 0.30 -77.94
CA GLY G 168 -40.73 0.92 -76.75
C GLY G 168 -41.06 -0.03 -75.64
N GLY G 169 -40.49 -1.24 -75.66
CA GLY G 169 -40.76 -2.25 -74.67
C GLY G 169 -39.71 -2.28 -73.57
N GLU G 170 -40.01 -3.09 -72.55
CA GLU G 170 -39.08 -3.35 -71.46
C GLU G 170 -39.32 -4.79 -71.01
N ILE G 171 -38.57 -5.71 -71.59
CA ILE G 171 -38.51 -7.10 -71.16
C ILE G 171 -37.10 -7.33 -70.63
N GLU G 172 -37.00 -8.00 -69.49
CA GLU G 172 -35.72 -8.18 -68.82
C GLU G 172 -35.71 -9.54 -68.16
N LEU G 173 -34.52 -10.00 -67.80
CA LEU G 173 -34.37 -11.35 -67.28
C LEU G 173 -33.23 -11.39 -66.29
N PHE G 174 -33.42 -12.17 -65.22
CA PHE G 174 -32.37 -12.57 -64.30
C PHE G 174 -32.96 -13.61 -63.37
N ASP G 175 -32.07 -14.38 -62.75
CA ASP G 175 -32.43 -15.38 -61.72
C ASP G 175 -33.23 -16.53 -62.33
N GLY G 176 -32.91 -16.87 -63.58
CA GLY G 176 -33.49 -18.03 -64.25
C GLY G 176 -34.58 -17.75 -65.25
N GLU G 177 -35.46 -16.79 -64.95
CA GLU G 177 -36.63 -16.52 -65.76
C GLU G 177 -36.54 -15.15 -66.42
N VAL G 178 -37.37 -14.97 -67.44
CA VAL G 178 -37.58 -13.68 -68.09
C VAL G 178 -38.76 -12.97 -67.45
N ASN G 179 -38.76 -11.64 -67.53
CA ASN G 179 -39.82 -10.82 -66.96
C ASN G 179 -40.12 -9.67 -67.90
N VAL G 180 -41.41 -9.50 -68.20
CA VAL G 180 -41.88 -8.38 -69.01
C VAL G 180 -42.30 -7.29 -68.05
N LYS G 181 -41.74 -6.10 -68.23
CA LYS G 181 -42.13 -4.92 -67.47
C LYS G 181 -43.02 -3.99 -68.26
N ARG G 182 -42.85 -3.97 -69.58
CA ARG G 182 -43.67 -3.16 -70.48
C ARG G 182 -43.77 -3.89 -71.82
N PRO G 183 -44.93 -4.45 -72.17
CA PRO G 183 -45.02 -5.13 -73.47
C PRO G 183 -44.87 -4.14 -74.61
N MET G 184 -44.18 -4.59 -75.65
CA MET G 184 -43.98 -3.77 -76.83
C MET G 184 -45.17 -3.86 -77.78
N LYS G 185 -45.30 -2.85 -78.64
CA LYS G 185 -46.46 -2.67 -79.51
C LYS G 185 -46.65 -3.86 -80.43
N ASP G 186 -45.69 -4.09 -81.33
CA ASP G 186 -45.69 -5.16 -82.33
C ASP G 186 -45.31 -6.46 -81.63
N GLU G 187 -46.30 -7.07 -80.98
CA GLU G 187 -46.16 -8.39 -80.39
C GLU G 187 -45.96 -9.50 -81.42
N THR G 188 -46.17 -9.20 -82.71
CA THR G 188 -46.11 -10.23 -83.74
C THR G 188 -44.72 -10.85 -83.86
N HIS G 189 -43.67 -10.02 -83.90
CA HIS G 189 -42.32 -10.55 -84.04
C HIS G 189 -41.81 -11.19 -82.75
N PHE G 190 -42.41 -10.87 -81.61
CA PHE G 190 -41.99 -11.44 -80.34
C PHE G 190 -42.12 -12.95 -80.36
N GLU G 191 -41.21 -13.62 -79.65
CA GLU G 191 -41.12 -15.07 -79.65
C GLU G 191 -40.11 -15.48 -78.60
N VAL G 192 -40.43 -16.56 -77.88
CA VAL G 192 -39.56 -17.08 -76.83
C VAL G 192 -39.59 -18.60 -76.93
N VAL G 193 -38.42 -19.23 -76.93
CA VAL G 193 -38.23 -20.66 -77.14
C VAL G 193 -37.31 -21.14 -76.02
N GLU G 194 -37.90 -21.69 -74.97
CA GLU G 194 -37.16 -22.30 -73.86
C GLU G 194 -36.80 -23.74 -74.17
N SER G 195 -35.88 -23.91 -75.13
CA SER G 195 -35.43 -25.21 -75.60
C SER G 195 -34.09 -25.54 -74.95
N GLY G 196 -34.08 -26.56 -74.11
CA GLY G 196 -32.84 -27.03 -73.51
C GLY G 196 -32.33 -26.10 -72.44
N ARG G 197 -31.01 -25.91 -72.40
CA ARG G 197 -30.40 -24.98 -71.46
C ARG G 197 -30.76 -23.54 -71.75
N TYR G 198 -31.18 -23.22 -72.97
CA TYR G 198 -31.16 -21.86 -73.46
C TYR G 198 -32.53 -21.20 -73.45
N ILE G 199 -32.49 -19.89 -73.56
CA ILE G 199 -33.66 -19.06 -73.80
C ILE G 199 -33.38 -18.35 -75.11
N ILE G 200 -33.78 -18.97 -76.21
CA ILE G 200 -33.72 -18.30 -77.51
C ILE G 200 -34.86 -17.29 -77.61
N LEU G 201 -34.56 -16.14 -78.19
CA LEU G 201 -35.39 -14.96 -77.99
C LEU G 201 -35.29 -14.10 -79.25
N LEU G 202 -36.26 -14.22 -80.14
CA LEU G 202 -36.35 -13.37 -81.30
C LEU G 202 -37.04 -12.06 -80.95
N LEU G 203 -36.74 -11.04 -81.73
CA LEU G 203 -37.35 -9.74 -81.56
C LEU G 203 -37.67 -9.04 -82.88
N GLY G 204 -37.45 -9.70 -84.01
CA GLY G 204 -37.66 -9.04 -85.28
C GLY G 204 -37.07 -9.87 -86.41
N LYS G 205 -37.03 -9.24 -87.58
CA LYS G 205 -36.48 -9.88 -88.75
C LYS G 205 -34.96 -9.98 -88.69
N ALA G 206 -34.30 -9.09 -87.95
CA ALA G 206 -32.85 -8.96 -87.95
C ALA G 206 -32.32 -8.81 -86.52
N LEU G 207 -32.78 -9.68 -85.62
CA LEU G 207 -32.31 -9.63 -84.25
C LEU G 207 -32.72 -10.93 -83.54
N SER G 208 -31.94 -11.33 -82.56
CA SER G 208 -32.08 -12.56 -81.77
C SER G 208 -31.11 -12.52 -80.60
N VAL G 209 -31.46 -13.25 -79.55
CA VAL G 209 -30.68 -13.29 -78.32
C VAL G 209 -30.76 -14.71 -77.79
N VAL G 210 -29.73 -15.11 -77.05
CA VAL G 210 -29.55 -16.42 -76.42
C VAL G 210 -29.02 -16.21 -75.01
N TRP G 211 -29.37 -17.12 -74.12
CA TRP G 211 -29.03 -17.00 -72.70
C TRP G 211 -29.01 -18.39 -72.08
N ASP G 212 -27.88 -18.77 -71.51
CA ASP G 212 -27.74 -20.11 -70.96
C ASP G 212 -28.27 -20.23 -69.54
N ARG G 213 -29.10 -19.29 -69.11
CA ARG G 213 -29.77 -19.31 -67.81
C ARG G 213 -28.81 -18.98 -66.67
N HIS G 214 -27.50 -18.88 -66.94
CA HIS G 214 -26.51 -18.64 -65.90
C HIS G 214 -25.72 -17.36 -66.16
N LEU G 215 -24.97 -17.24 -67.27
CA LEU G 215 -24.26 -15.99 -67.58
C LEU G 215 -24.23 -15.60 -69.05
N SER G 216 -24.29 -16.52 -70.00
CA SER G 216 -23.88 -16.21 -71.36
C SER G 216 -24.89 -15.33 -72.05
N ILE G 217 -24.40 -14.32 -72.76
CA ILE G 217 -25.22 -13.42 -73.55
C ILE G 217 -24.67 -13.39 -74.97
N SER G 218 -25.41 -13.98 -75.90
CA SER G 218 -24.99 -14.11 -77.29
C SER G 218 -26.08 -13.62 -78.23
N VAL G 219 -26.10 -12.31 -78.45
CA VAL G 219 -26.95 -11.59 -79.39
C VAL G 219 -26.46 -11.87 -80.81
N VAL G 220 -27.40 -12.01 -81.74
CA VAL G 220 -27.12 -12.45 -83.10
C VAL G 220 -27.84 -11.51 -84.05
N LEU G 221 -27.09 -10.92 -84.98
CA LEU G 221 -27.59 -9.95 -85.93
C LEU G 221 -27.47 -10.51 -87.34
N LYS G 222 -28.14 -9.84 -88.28
CA LYS G 222 -28.21 -10.25 -89.67
C LYS G 222 -27.45 -9.26 -90.55
N GLN G 223 -27.51 -9.47 -91.87
CA GLN G 223 -26.91 -8.60 -92.85
C GLN G 223 -27.45 -7.16 -92.85
N THR G 224 -28.55 -6.89 -92.15
CA THR G 224 -29.27 -5.64 -92.35
C THR G 224 -28.44 -4.43 -91.95
N TYR G 225 -27.70 -4.52 -90.84
CA TYR G 225 -27.13 -3.32 -90.25
C TYR G 225 -25.84 -2.90 -90.95
N GLN G 226 -24.78 -3.70 -90.83
CA GLN G 226 -23.50 -3.44 -91.49
C GLN G 226 -23.01 -2.01 -91.19
N GLU G 227 -22.58 -1.83 -89.95
CA GLU G 227 -22.22 -0.52 -89.38
C GLU G 227 -23.45 0.35 -89.18
N LYS G 228 -24.34 -0.09 -88.29
CA LYS G 228 -25.36 0.76 -87.73
C LYS G 228 -25.39 0.79 -86.20
N VAL G 229 -24.47 0.08 -85.54
CA VAL G 229 -24.51 -0.14 -84.10
C VAL G 229 -23.25 0.40 -83.45
N CYS G 230 -23.24 0.37 -82.13
CA CYS G 230 -22.03 0.54 -81.34
C CYS G 230 -22.35 0.15 -79.90
N GLY G 231 -21.31 0.13 -79.07
CA GLY G 231 -21.39 -0.38 -77.72
C GLY G 231 -20.13 -1.15 -77.39
N LEU G 232 -20.27 -2.15 -76.52
CA LEU G 232 -19.15 -3.02 -76.20
C LEU G 232 -18.75 -3.94 -77.35
N CYS G 233 -19.71 -4.57 -78.03
CA CYS G 233 -19.43 -5.48 -79.13
C CYS G 233 -18.90 -4.79 -80.38
N GLY G 234 -18.78 -3.47 -80.39
CA GLY G 234 -18.25 -2.79 -81.54
C GLY G 234 -19.30 -2.43 -82.57
N ASN G 235 -18.83 -2.26 -83.80
CA ASN G 235 -19.60 -1.59 -84.84
C ASN G 235 -20.18 -2.52 -85.90
N PHE G 236 -19.71 -3.77 -85.99
CA PHE G 236 -20.21 -4.73 -86.97
C PHE G 236 -19.97 -4.21 -88.39
N ASP G 237 -18.68 -4.10 -88.73
CA ASP G 237 -18.24 -3.62 -90.03
C ASP G 237 -17.31 -4.57 -90.77
N GLY G 238 -16.82 -5.63 -90.13
CA GLY G 238 -15.82 -6.50 -90.72
C GLY G 238 -14.42 -6.13 -90.28
N ILE G 239 -14.19 -4.85 -90.07
CA ILE G 239 -12.90 -4.38 -89.56
C ILE G 239 -12.84 -4.70 -88.08
N GLN G 240 -11.76 -5.35 -87.66
CA GLN G 240 -11.67 -5.94 -86.33
C GLN G 240 -10.95 -5.08 -85.30
N ASN G 241 -10.11 -4.14 -85.74
CA ASN G 241 -9.35 -3.31 -84.82
C ASN G 241 -10.09 -2.05 -84.42
N ASN G 242 -11.19 -1.72 -85.11
CA ASN G 242 -12.05 -0.61 -84.73
C ASN G 242 -13.25 -1.00 -83.88
N ASP G 243 -13.12 -2.06 -83.10
CA ASP G 243 -14.09 -2.44 -82.08
C ASP G 243 -13.75 -1.86 -80.71
N LEU G 244 -12.85 -0.88 -80.65
CA LEU G 244 -12.59 -0.13 -79.43
C LEU G 244 -12.89 1.35 -79.63
N THR G 245 -13.94 1.64 -80.41
CA THR G 245 -14.38 3.02 -80.67
C THR G 245 -15.30 3.49 -79.55
N SER G 246 -14.73 4.17 -78.56
CA SER G 246 -15.46 4.55 -77.37
C SER G 246 -16.61 5.49 -77.72
N SER G 247 -17.46 5.76 -76.72
CA SER G 247 -18.63 6.59 -76.94
C SER G 247 -18.26 7.99 -77.39
N ASN G 248 -17.07 8.47 -77.02
CA ASN G 248 -16.58 9.77 -77.45
C ASN G 248 -15.93 9.75 -78.83
N LEU G 249 -16.12 8.67 -79.60
CA LEU G 249 -15.74 8.56 -81.01
C LEU G 249 -14.23 8.65 -81.23
N GLN G 250 -13.53 7.69 -80.63
CA GLN G 250 -12.12 7.49 -80.89
C GLN G 250 -11.76 6.07 -80.51
N VAL G 251 -10.65 5.59 -81.06
CA VAL G 251 -10.16 4.26 -80.72
C VAL G 251 -9.25 4.36 -79.51
N GLU G 252 -9.52 3.54 -78.51
CA GLU G 252 -8.58 3.29 -77.42
C GLU G 252 -7.80 2.01 -77.65
N GLU G 253 -6.86 1.73 -76.74
CA GLU G 253 -5.89 0.66 -76.67
C GLU G 253 -6.02 -0.19 -75.41
N ASP G 254 -6.56 0.36 -74.34
CA ASP G 254 -6.68 -0.31 -73.06
C ASP G 254 -8.16 -0.53 -72.77
N PRO G 255 -8.71 -1.73 -73.02
CA PRO G 255 -10.17 -1.87 -72.98
C PRO G 255 -10.81 -1.58 -71.65
N VAL G 256 -10.05 -1.59 -70.56
CA VAL G 256 -10.61 -1.23 -69.26
C VAL G 256 -11.10 0.20 -69.26
N ASP G 257 -10.47 1.08 -70.04
CA ASP G 257 -10.94 2.44 -70.24
C ASP G 257 -12.04 2.54 -71.29
N PHE G 258 -12.19 1.52 -72.13
CA PHE G 258 -13.23 1.51 -73.14
C PHE G 258 -14.62 1.36 -72.50
N GLY G 259 -14.83 0.27 -71.78
CA GLY G 259 -16.14 0.01 -71.22
C GLY G 259 -16.56 1.04 -70.19
N ASN G 260 -15.59 1.68 -69.54
CA ASN G 260 -15.92 2.76 -68.60
C ASN G 260 -16.62 3.91 -69.29
N SER G 261 -16.43 4.07 -70.60
CA SER G 261 -17.17 5.08 -71.34
C SER G 261 -18.62 4.67 -71.58
N TRP G 262 -18.91 3.37 -71.61
CA TRP G 262 -20.22 2.88 -72.03
C TRP G 262 -21.16 2.58 -70.86
N LYS G 263 -20.77 2.90 -69.63
CA LYS G 263 -21.67 2.64 -68.52
C LYS G 263 -22.85 3.59 -68.55
N VAL G 264 -23.96 3.16 -67.97
CA VAL G 264 -25.17 3.96 -67.94
C VAL G 264 -25.09 4.99 -66.83
N SER G 265 -25.04 4.53 -65.59
CA SER G 265 -24.94 5.43 -64.45
C SER G 265 -23.56 6.07 -64.48
N SER G 266 -23.50 7.33 -64.91
CA SER G 266 -22.24 8.02 -65.09
C SER G 266 -21.62 8.49 -63.78
N GLN G 267 -22.21 8.13 -62.64
CA GLN G 267 -21.68 8.49 -61.33
C GLN G 267 -21.38 7.27 -60.46
N CYS G 268 -21.54 6.05 -60.98
CA CYS G 268 -21.10 4.86 -60.26
C CYS G 268 -19.62 4.63 -60.55
N ALA G 269 -19.11 3.47 -60.19
CA ALA G 269 -17.68 3.24 -60.11
C ALA G 269 -17.11 2.84 -61.47
N ASP G 270 -16.09 3.58 -61.89
CA ASP G 270 -15.22 3.13 -62.96
C ASP G 270 -14.22 2.12 -62.42
N THR G 271 -14.02 1.05 -63.16
CA THR G 271 -13.19 -0.03 -62.68
C THR G 271 -11.71 0.38 -62.67
N ARG G 272 -10.91 -0.42 -61.98
CA ARG G 272 -9.54 -0.07 -61.64
C ARG G 272 -8.58 -0.82 -62.56
N LYS G 273 -7.60 -0.10 -63.09
CA LYS G 273 -6.60 -0.72 -63.95
C LYS G 273 -5.74 -1.68 -63.15
N VAL G 274 -6.01 -2.97 -63.32
CA VAL G 274 -5.28 -4.05 -62.66
C VAL G 274 -3.84 -4.19 -63.17
N PRO G 275 -2.86 -4.46 -62.32
CA PRO G 275 -1.53 -4.81 -62.85
C PRO G 275 -1.54 -6.15 -63.58
N LEU G 276 -1.19 -6.11 -64.85
CA LEU G 276 -1.30 -7.29 -65.70
C LEU G 276 -0.32 -8.37 -65.23
N ASP G 277 -0.77 -9.62 -65.33
CA ASP G 277 0.01 -10.78 -64.94
C ASP G 277 -0.75 -12.02 -65.37
N SER G 278 0.01 -13.08 -65.68
CA SER G 278 -0.58 -14.31 -66.18
C SER G 278 -1.30 -15.12 -65.11
N SER G 279 -1.21 -14.72 -63.84
CA SER G 279 -1.84 -15.41 -62.73
C SER G 279 -2.83 -14.48 -62.03
N PRO G 280 -4.13 -14.79 -61.97
CA PRO G 280 -5.05 -13.97 -61.16
C PRO G 280 -4.84 -14.16 -59.67
N ALA G 281 -5.76 -13.59 -58.88
CA ALA G 281 -5.60 -13.42 -57.44
C ALA G 281 -5.14 -14.70 -56.74
N THR G 282 -5.90 -15.78 -56.86
CA THR G 282 -5.56 -16.99 -56.12
C THR G 282 -4.32 -17.66 -56.71
N CYS G 283 -4.31 -17.88 -58.03
CA CYS G 283 -3.16 -18.49 -58.70
C CYS G 283 -1.88 -17.67 -58.55
N HIS G 284 -1.99 -16.39 -58.22
CA HIS G 284 -0.81 -15.56 -58.00
C HIS G 284 -0.04 -16.11 -56.81
N ASN G 285 1.22 -16.48 -57.05
CA ASN G 285 2.10 -17.06 -56.03
C ASN G 285 1.56 -18.37 -55.45
N ASN G 286 0.82 -19.12 -56.27
CA ASN G 286 0.36 -20.46 -55.91
C ASN G 286 0.55 -21.41 -57.08
N ILE G 287 1.77 -21.44 -57.61
CA ILE G 287 2.20 -22.16 -58.82
C ILE G 287 1.64 -23.58 -58.92
N MET G 288 1.48 -24.29 -57.79
CA MET G 288 0.92 -25.63 -57.72
C MET G 288 -0.47 -25.67 -58.33
N LYS G 289 -1.40 -24.92 -57.74
CA LYS G 289 -2.76 -24.87 -58.22
C LYS G 289 -2.84 -24.46 -59.68
N GLN G 290 -1.95 -23.60 -60.14
CA GLN G 290 -1.98 -23.15 -61.53
CA GLN G 290 -2.00 -23.16 -61.53
C GLN G 290 -1.83 -24.30 -62.51
N THR G 291 -1.11 -25.34 -62.14
CA THR G 291 -0.84 -26.42 -63.07
C THR G 291 -1.93 -27.47 -63.06
N MET G 292 -2.74 -27.50 -62.00
CA MET G 292 -3.89 -28.40 -62.00
C MET G 292 -5.05 -27.81 -62.77
N VAL G 293 -5.14 -26.48 -62.84
CA VAL G 293 -6.10 -25.76 -63.68
C VAL G 293 -5.63 -25.72 -65.13
N ASP G 294 -4.33 -25.50 -65.34
CA ASP G 294 -3.74 -25.51 -66.68
C ASP G 294 -4.04 -26.82 -67.37
N SER G 295 -3.66 -27.93 -66.73
CA SER G 295 -3.93 -29.25 -67.29
C SER G 295 -5.42 -29.46 -67.52
N SER G 296 -6.25 -29.13 -66.53
CA SER G 296 -7.66 -29.41 -66.64
C SER G 296 -8.35 -28.52 -67.67
N CYS G 297 -7.77 -27.36 -67.98
CA CYS G 297 -8.16 -26.51 -69.09
C CYS G 297 -7.62 -26.99 -70.43
N ARG G 298 -6.75 -28.00 -70.46
CA ARG G 298 -6.34 -28.59 -71.72
C ARG G 298 -7.36 -29.59 -72.25
N ILE G 299 -8.55 -29.70 -71.63
CA ILE G 299 -9.61 -30.42 -72.32
C ILE G 299 -9.96 -29.69 -73.60
N LEU G 300 -9.77 -28.37 -73.63
CA LEU G 300 -9.94 -27.60 -74.86
C LEU G 300 -8.95 -28.01 -75.93
N THR G 301 -7.91 -28.78 -75.59
CA THR G 301 -7.09 -29.50 -76.57
C THR G 301 -7.06 -30.95 -76.10
N SER G 302 -8.10 -31.70 -76.46
CA SER G 302 -8.22 -33.11 -76.13
C SER G 302 -8.59 -33.89 -77.38
N ASP G 303 -8.64 -35.21 -77.25
CA ASP G 303 -8.85 -36.07 -78.41
C ASP G 303 -10.22 -35.86 -79.02
N VAL G 304 -11.21 -35.47 -78.21
CA VAL G 304 -12.58 -35.38 -78.70
C VAL G 304 -12.83 -34.08 -79.45
N PHE G 305 -12.11 -33.01 -79.13
CA PHE G 305 -12.19 -31.70 -79.77
C PHE G 305 -11.31 -31.58 -81.01
N GLN G 306 -10.54 -32.62 -81.36
CA GLN G 306 -9.58 -32.51 -82.45
C GLN G 306 -10.18 -32.04 -83.77
N ASP G 307 -11.47 -32.28 -84.01
CA ASP G 307 -12.11 -31.74 -85.19
C ASP G 307 -12.27 -30.23 -85.09
N CYS G 308 -12.70 -29.75 -83.93
CA CYS G 308 -12.98 -28.32 -83.77
C CYS G 308 -11.71 -27.52 -83.52
N ASN G 309 -10.65 -28.16 -83.02
CA ASN G 309 -9.38 -27.45 -82.85
C ASN G 309 -8.86 -26.94 -84.19
N LYS G 310 -9.18 -27.63 -85.28
CA LYS G 310 -8.75 -27.19 -86.60
C LYS G 310 -9.45 -25.93 -87.05
N LEU G 311 -10.74 -25.76 -86.73
CA LEU G 311 -11.52 -24.65 -87.24
C LEU G 311 -11.44 -23.44 -86.33
N VAL G 312 -11.81 -23.61 -85.07
CA VAL G 312 -11.95 -22.52 -84.11
C VAL G 312 -10.74 -22.55 -83.20
N ASP G 313 -9.95 -21.49 -83.23
CA ASP G 313 -8.76 -21.42 -82.39
C ASP G 313 -9.17 -21.50 -80.93
N PRO G 314 -8.64 -22.45 -80.14
CA PRO G 314 -8.99 -22.50 -78.72
C PRO G 314 -8.14 -21.59 -77.84
N GLU G 315 -7.09 -20.98 -78.38
CA GLU G 315 -6.24 -20.13 -77.56
C GLU G 315 -7.01 -18.97 -76.93
N PRO G 316 -7.97 -18.31 -77.58
CA PRO G 316 -8.85 -17.42 -76.84
C PRO G 316 -9.63 -18.06 -75.69
N TYR G 317 -10.45 -19.08 -75.97
CA TYR G 317 -11.28 -19.71 -74.95
C TYR G 317 -10.46 -20.39 -73.86
N LEU G 318 -9.18 -20.66 -74.12
CA LEU G 318 -8.32 -21.23 -73.09
C LEU G 318 -7.97 -20.21 -72.03
N ASP G 319 -7.53 -19.02 -72.45
CA ASP G 319 -7.07 -18.01 -71.51
C ASP G 319 -8.17 -17.60 -70.54
N VAL G 320 -9.43 -17.78 -70.92
CA VAL G 320 -10.53 -17.49 -70.01
C VAL G 320 -10.67 -18.58 -68.97
N CYS G 321 -10.49 -19.84 -69.39
CA CYS G 321 -10.59 -20.98 -68.48
C CYS G 321 -9.62 -20.83 -67.31
N ILE G 322 -8.42 -20.30 -67.59
CA ILE G 322 -7.42 -20.16 -66.56
C ILE G 322 -7.64 -18.89 -65.77
N TYR G 323 -8.27 -17.89 -66.38
CA TYR G 323 -8.51 -16.62 -65.69
C TYR G 323 -9.63 -16.75 -64.66
N ASP G 324 -10.73 -17.39 -65.03
CA ASP G 324 -11.89 -17.44 -64.14
C ASP G 324 -11.62 -18.33 -62.94
N THR G 325 -11.27 -19.59 -63.18
CA THR G 325 -11.20 -20.57 -62.11
C THR G 325 -10.07 -20.31 -61.13
N CYS G 326 -9.05 -19.54 -61.52
CA CYS G 326 -8.13 -19.01 -60.53
C CYS G 326 -8.88 -18.11 -59.56
N SER G 327 -9.46 -17.02 -60.07
CA SER G 327 -10.31 -16.16 -59.25
C SER G 327 -11.44 -16.94 -58.55
N CYS G 328 -12.27 -17.65 -59.30
CA CYS G 328 -13.41 -18.35 -58.76
C CYS G 328 -12.99 -19.41 -57.76
N GLU G 329 -13.63 -19.39 -56.59
CA GLU G 329 -13.45 -20.41 -55.57
C GLU G 329 -14.59 -21.40 -55.71
N SER G 330 -14.46 -22.27 -56.70
CA SER G 330 -15.45 -23.33 -56.93
C SER G 330 -15.41 -24.31 -55.77
N ILE G 331 -16.56 -24.52 -55.13
CA ILE G 331 -16.65 -25.35 -53.94
C ILE G 331 -17.67 -26.46 -54.17
N GLY G 332 -18.93 -26.06 -54.35
CA GLY G 332 -20.02 -27.00 -54.51
C GLY G 332 -20.45 -27.08 -55.95
N ASP G 333 -20.55 -25.92 -56.59
CA ASP G 333 -20.84 -25.81 -58.01
C ASP G 333 -19.53 -25.52 -58.72
N CYS G 334 -19.07 -26.45 -59.54
CA CYS G 334 -17.95 -26.20 -60.44
C CYS G 334 -18.40 -25.56 -61.75
N ALA G 335 -19.24 -24.53 -61.65
CA ALA G 335 -19.85 -23.95 -62.85
C ALA G 335 -18.99 -22.88 -63.49
N CYS G 336 -18.09 -22.26 -62.73
CA CYS G 336 -17.14 -21.32 -63.31
C CYS G 336 -16.04 -22.01 -64.10
N PHE G 337 -16.06 -23.35 -64.19
CA PHE G 337 -15.25 -24.11 -65.12
C PHE G 337 -16.10 -24.77 -66.20
N CYS G 338 -17.15 -25.47 -65.79
CA CYS G 338 -17.99 -26.22 -66.73
C CYS G 338 -18.64 -25.34 -67.78
N ASP G 339 -18.84 -24.06 -67.49
CA ASP G 339 -19.52 -23.17 -68.41
C ASP G 339 -18.62 -22.65 -69.52
N THR G 340 -17.31 -22.63 -69.31
CA THR G 340 -16.40 -22.09 -70.31
C THR G 340 -16.20 -23.04 -71.47
N ILE G 341 -16.28 -24.35 -71.24
CA ILE G 341 -16.09 -25.32 -72.30
C ILE G 341 -17.34 -25.45 -73.14
N ALA G 342 -18.51 -25.41 -72.49
CA ALA G 342 -19.76 -25.37 -73.24
C ALA G 342 -19.82 -24.15 -74.14
N ALA G 343 -19.21 -23.04 -73.71
CA ALA G 343 -19.12 -21.87 -74.56
C ALA G 343 -18.16 -22.10 -75.73
N TYR G 344 -17.29 -23.09 -75.62
CA TYR G 344 -16.46 -23.52 -76.74
C TYR G 344 -17.17 -24.60 -77.54
N ALA G 345 -17.87 -25.50 -76.86
CA ALA G 345 -18.55 -26.58 -77.54
C ALA G 345 -19.67 -26.07 -78.44
N HIS G 346 -20.40 -25.05 -77.97
CA HIS G 346 -21.49 -24.52 -78.77
C HIS G 346 -20.98 -23.92 -80.07
N VAL G 347 -19.89 -23.16 -80.00
CA VAL G 347 -19.27 -22.55 -81.17
C VAL G 347 -18.74 -23.63 -82.10
N CYS G 348 -18.32 -24.76 -81.54
CA CYS G 348 -17.96 -25.90 -82.38
C CYS G 348 -19.17 -26.46 -83.09
N ALA G 349 -20.33 -26.44 -82.43
CA ALA G 349 -21.54 -26.98 -83.02
C ALA G 349 -22.07 -26.09 -84.14
N GLN G 350 -21.94 -24.77 -83.97
CA GLN G 350 -22.46 -23.85 -84.98
C GLN G 350 -21.79 -24.06 -86.33
N HIS G 351 -20.53 -24.51 -86.33
CA HIS G 351 -19.76 -24.94 -87.48
C HIS G 351 -20.04 -26.40 -87.84
N GLY G 352 -21.10 -26.99 -87.30
CA GLY G 352 -21.53 -28.31 -87.69
C GLY G 352 -20.82 -29.45 -87.01
N LYS G 353 -20.02 -29.19 -85.98
CA LYS G 353 -19.24 -30.21 -85.29
C LYS G 353 -19.87 -30.45 -83.92
N VAL G 354 -20.78 -31.41 -83.87
CA VAL G 354 -21.31 -31.87 -82.58
C VAL G 354 -20.17 -32.45 -81.76
N VAL G 355 -20.27 -32.32 -80.44
CA VAL G 355 -19.32 -32.94 -79.53
C VAL G 355 -20.07 -33.46 -78.31
N THR G 356 -19.63 -34.61 -77.81
CA THR G 356 -20.09 -35.15 -76.54
C THR G 356 -18.85 -35.28 -75.68
N TRP G 357 -18.65 -34.30 -74.79
CA TRP G 357 -17.49 -34.22 -73.92
C TRP G 357 -17.84 -34.34 -72.45
N ARG G 358 -19.11 -34.55 -72.13
CA ARG G 358 -19.64 -34.39 -70.78
C ARG G 358 -19.97 -35.74 -70.17
N THR G 359 -19.20 -36.14 -69.16
CA THR G 359 -19.33 -37.44 -68.51
C THR G 359 -19.72 -37.26 -67.05
N ALA G 360 -19.74 -38.37 -66.31
CA ALA G 360 -20.31 -38.38 -64.97
C ALA G 360 -19.35 -37.85 -63.91
N THR G 361 -18.05 -38.05 -64.10
CA THR G 361 -17.06 -37.44 -63.22
C THR G 361 -16.78 -35.99 -63.59
N LEU G 362 -17.40 -35.47 -64.65
CA LEU G 362 -17.03 -34.17 -65.20
C LEU G 362 -18.28 -33.46 -65.72
N CYS G 363 -18.86 -32.62 -64.88
CA CYS G 363 -19.93 -31.67 -65.12
C CYS G 363 -21.20 -32.42 -65.57
N PRO G 364 -21.81 -33.23 -64.71
CA PRO G 364 -22.73 -34.28 -65.20
C PRO G 364 -23.94 -33.79 -65.99
N GLN G 365 -24.71 -32.85 -65.45
CA GLN G 365 -25.94 -32.35 -66.10
C GLN G 365 -26.95 -33.48 -66.31
N SER G 366 -27.47 -33.95 -65.18
CA SER G 366 -28.63 -34.85 -65.21
C SER G 366 -29.86 -34.13 -65.76
N CYS G 367 -30.89 -34.91 -66.05
CA CYS G 367 -32.17 -34.39 -66.52
C CYS G 367 -33.34 -35.11 -65.89
N GLU G 368 -33.10 -35.90 -64.84
CA GLU G 368 -34.00 -36.87 -64.25
C GLU G 368 -35.05 -36.27 -63.33
N GLU G 369 -34.81 -35.07 -62.81
CA GLU G 369 -35.79 -34.44 -61.92
C GLU G 369 -37.08 -34.11 -62.64
N ARG G 370 -37.05 -33.97 -63.97
CA ARG G 370 -38.26 -33.61 -64.70
C ARG G 370 -39.20 -34.79 -64.86
N ASN G 371 -38.67 -35.99 -65.10
CA ASN G 371 -39.50 -37.20 -65.18
C ASN G 371 -39.86 -37.71 -63.78
N LEU G 372 -40.46 -36.81 -62.99
CA LEU G 372 -40.71 -37.05 -61.57
C LEU G 372 -42.14 -36.80 -61.13
N MET G 373 -42.74 -35.69 -61.58
CA MET G 373 -44.11 -35.33 -61.15
C MET G 373 -45.05 -36.52 -61.39
N GLU G 374 -45.04 -37.07 -62.61
CA GLU G 374 -45.91 -38.18 -62.95
C GLU G 374 -45.50 -39.40 -62.13
N ASN G 375 -46.47 -39.99 -61.41
CA ASN G 375 -46.18 -41.23 -60.70
C ASN G 375 -45.66 -42.32 -61.63
N GLY G 376 -46.27 -42.47 -62.82
CA GLY G 376 -45.65 -43.24 -63.87
C GLY G 376 -44.37 -42.57 -64.34
N TYR G 377 -43.36 -43.39 -64.65
CA TYR G 377 -42.05 -42.87 -65.07
C TYR G 377 -41.88 -43.19 -66.55
N GLU G 378 -42.43 -42.31 -67.40
CA GLU G 378 -42.28 -42.50 -68.87
C GLU G 378 -40.87 -42.07 -69.28
N CYS G 379 -40.31 -41.10 -68.57
CA CYS G 379 -38.93 -40.61 -68.88
C CYS G 379 -38.73 -40.44 -70.38
N MET G 380 -39.31 -39.38 -70.96
CA MET G 380 -39.10 -39.09 -72.41
C MET G 380 -38.01 -38.02 -72.52
N TRP G 381 -37.60 -37.45 -71.39
CA TRP G 381 -36.57 -36.36 -71.39
C TRP G 381 -35.16 -36.96 -71.45
N ARG G 382 -34.22 -36.25 -72.07
CA ARG G 382 -32.86 -36.75 -72.24
C ARG G 382 -31.88 -35.62 -72.42
N TYR G 383 -30.65 -35.80 -71.90
CA TYR G 383 -29.60 -34.79 -72.22
C TYR G 383 -29.00 -35.11 -73.60
N ASN G 384 -29.66 -34.64 -74.66
CA ASN G 384 -29.18 -34.92 -76.05
C ASN G 384 -28.00 -33.99 -76.35
N SER G 385 -26.91 -34.56 -76.90
CA SER G 385 -25.66 -33.81 -77.13
C SER G 385 -25.95 -32.41 -77.68
N CYS G 386 -26.41 -32.33 -78.94
CA CYS G 386 -26.77 -31.05 -79.55
C CYS G 386 -28.01 -31.30 -80.40
N ALA G 387 -29.17 -30.94 -79.86
CA ALA G 387 -30.44 -31.11 -80.54
C ALA G 387 -30.93 -29.79 -81.11
N PRO G 388 -31.83 -29.81 -82.10
CA PRO G 388 -32.33 -28.55 -82.65
C PRO G 388 -33.01 -27.69 -81.60
N ALA G 389 -32.87 -26.38 -81.75
CA ALA G 389 -33.47 -25.43 -80.83
C ALA G 389 -34.86 -24.99 -81.26
N CYS G 390 -35.15 -25.07 -82.54
CA CYS G 390 -36.41 -24.59 -83.12
C CYS G 390 -37.24 -25.79 -83.57
N GLN G 391 -38.00 -26.34 -82.63
CA GLN G 391 -38.88 -27.47 -82.87
C GLN G 391 -40.34 -27.01 -82.72
N VAL G 392 -41.25 -27.97 -82.81
CA VAL G 392 -42.69 -27.70 -82.84
C VAL G 392 -43.33 -28.03 -81.50
N THR G 393 -44.25 -27.16 -81.07
CA THR G 393 -44.94 -27.32 -79.79
C THR G 393 -46.39 -26.91 -79.94
N CYS G 394 -47.18 -27.22 -78.91
CA CYS G 394 -48.57 -26.78 -78.72
C CYS G 394 -48.65 -25.27 -78.62
N GLN G 395 -47.61 -24.65 -78.07
CA GLN G 395 -47.48 -23.21 -77.86
C GLN G 395 -46.93 -22.51 -79.10
N HIS G 396 -46.11 -23.20 -79.88
CA HIS G 396 -45.44 -22.68 -81.07
C HIS G 396 -45.42 -23.78 -82.14
N PRO G 397 -46.59 -24.10 -82.71
CA PRO G 397 -46.63 -25.17 -83.71
C PRO G 397 -45.91 -24.89 -85.01
N GLU G 398 -45.68 -23.63 -85.36
CA GLU G 398 -45.17 -23.29 -86.66
C GLU G 398 -43.63 -23.33 -86.66
N PRO G 399 -43.00 -23.51 -87.82
CA PRO G 399 -41.55 -23.36 -87.90
C PRO G 399 -41.08 -21.92 -87.95
N LEU G 400 -40.29 -21.54 -86.96
CA LEU G 400 -39.73 -20.24 -86.61
C LEU G 400 -38.39 -20.01 -87.30
N ALA G 401 -38.10 -18.74 -87.56
CA ALA G 401 -36.78 -18.33 -87.98
C ALA G 401 -35.77 -18.77 -86.93
N CYS G 402 -34.79 -19.56 -87.34
CA CYS G 402 -34.00 -20.39 -86.44
C CYS G 402 -32.55 -19.92 -86.46
N PRO G 403 -32.16 -18.98 -85.59
CA PRO G 403 -30.79 -18.46 -85.67
C PRO G 403 -29.73 -19.43 -85.18
N VAL G 404 -30.12 -20.46 -84.43
CA VAL G 404 -29.19 -21.42 -83.84
C VAL G 404 -29.60 -22.80 -84.31
N GLN G 405 -28.64 -23.54 -84.88
CA GLN G 405 -28.83 -24.84 -85.52
C GLN G 405 -29.22 -25.91 -84.50
N CYS G 406 -28.39 -26.12 -83.49
CA CYS G 406 -28.64 -27.04 -82.39
C CYS G 406 -28.06 -26.49 -81.10
N VAL G 407 -28.40 -27.16 -80.00
CA VAL G 407 -27.99 -26.79 -78.64
C VAL G 407 -27.90 -28.02 -77.75
N GLU G 408 -26.95 -28.01 -76.81
CA GLU G 408 -26.91 -28.96 -75.71
C GLU G 408 -28.15 -28.73 -74.84
N GLY G 409 -28.40 -29.68 -73.95
CA GLY G 409 -29.41 -29.54 -72.93
C GLY G 409 -30.34 -30.73 -72.87
N CYS G 410 -31.30 -30.63 -71.95
CA CYS G 410 -32.26 -31.69 -71.74
C CYS G 410 -33.38 -31.52 -72.76
N HIS G 411 -33.69 -32.60 -73.50
CA HIS G 411 -34.67 -32.54 -74.57
C HIS G 411 -35.62 -33.73 -74.48
N ALA G 412 -36.87 -33.48 -74.80
CA ALA G 412 -37.88 -34.53 -74.85
C ALA G 412 -37.76 -35.36 -76.13
N HIS G 413 -38.11 -36.64 -76.04
CA HIS G 413 -38.22 -37.56 -77.16
C HIS G 413 -39.16 -38.69 -76.80
N CYS G 414 -40.35 -38.66 -77.39
CA CYS G 414 -41.30 -39.77 -77.37
C CYS G 414 -41.60 -40.16 -78.81
N PRO G 415 -42.25 -41.30 -79.03
CA PRO G 415 -42.54 -41.72 -80.41
C PRO G 415 -43.36 -40.69 -81.17
N PRO G 416 -43.37 -40.76 -82.50
CA PRO G 416 -44.12 -39.76 -83.28
C PRO G 416 -45.63 -39.78 -83.00
N GLY G 417 -46.36 -38.84 -83.57
CA GLY G 417 -47.74 -38.54 -83.27
C GLY G 417 -47.96 -38.00 -81.87
N LYS G 418 -46.92 -37.48 -81.24
CA LYS G 418 -47.02 -36.85 -79.93
C LYS G 418 -46.11 -35.63 -79.91
N ILE G 419 -46.71 -34.46 -79.72
CA ILE G 419 -46.01 -33.18 -79.76
C ILE G 419 -45.97 -32.55 -78.38
N LEU G 420 -44.87 -31.87 -78.10
CA LEU G 420 -44.58 -31.38 -76.76
C LEU G 420 -45.39 -30.17 -76.32
N ASP G 421 -45.71 -30.13 -75.03
CA ASP G 421 -46.21 -28.96 -74.35
C ASP G 421 -45.41 -28.78 -73.07
N GLU G 422 -45.03 -27.53 -72.78
CA GLU G 422 -44.17 -27.28 -71.63
C GLU G 422 -44.90 -27.27 -70.30
N LEU G 423 -46.16 -26.81 -70.26
CA LEU G 423 -46.90 -26.77 -69.01
C LEU G 423 -47.07 -28.18 -68.43
N LEU G 424 -47.61 -29.10 -69.23
CA LEU G 424 -47.57 -30.52 -68.88
C LEU G 424 -46.26 -31.12 -69.36
N GLN G 425 -45.36 -31.40 -68.41
CA GLN G 425 -43.97 -31.73 -68.73
C GLN G 425 -43.82 -32.88 -69.72
N THR G 426 -44.83 -33.73 -69.87
CA THR G 426 -44.79 -34.81 -70.85
C THR G 426 -45.23 -34.34 -72.24
N CYS G 427 -44.81 -35.07 -73.25
CA CYS G 427 -45.32 -34.87 -74.60
C CYS G 427 -46.74 -35.39 -74.70
N VAL G 428 -47.41 -35.04 -75.81
CA VAL G 428 -48.84 -35.32 -75.97
C VAL G 428 -49.24 -35.26 -77.43
N ASP G 429 -50.35 -35.93 -77.75
CA ASP G 429 -50.87 -35.97 -79.12
C ASP G 429 -51.12 -34.58 -79.68
N PRO G 430 -51.25 -34.45 -81.01
CA PRO G 430 -51.55 -33.12 -81.58
C PRO G 430 -52.85 -32.48 -81.11
N GLU G 431 -53.93 -33.26 -81.02
CA GLU G 431 -55.24 -32.65 -80.76
C GLU G 431 -55.35 -32.05 -79.37
N ASP G 432 -54.57 -32.56 -78.41
CA ASP G 432 -54.60 -31.99 -77.06
C ASP G 432 -53.95 -30.62 -76.98
N CYS G 433 -53.31 -30.15 -78.05
CA CYS G 433 -52.80 -28.80 -78.08
C CYS G 433 -53.94 -27.77 -78.10
N PRO G 434 -53.85 -26.66 -77.36
CA PRO G 434 -54.79 -25.57 -77.57
C PRO G 434 -54.47 -24.81 -78.85
N VAL G 435 -54.75 -25.47 -79.97
CA VAL G 435 -54.46 -24.94 -81.30
C VAL G 435 -55.67 -24.20 -81.89
N CYS G 436 -55.39 -23.27 -82.81
CA CYS G 436 -56.43 -22.43 -83.41
C CYS G 436 -56.34 -22.43 -84.92
N GLU G 437 -57.48 -22.72 -85.57
CA GLU G 437 -57.63 -22.60 -87.03
C GLU G 437 -59.01 -22.02 -87.35
N VAL G 438 -59.09 -20.70 -87.42
CA VAL G 438 -60.35 -19.98 -87.64
C VAL G 438 -60.47 -19.52 -89.08
N ALA G 439 -61.55 -19.92 -89.74
CA ALA G 439 -61.94 -19.71 -91.14
C ALA G 439 -60.91 -20.30 -92.11
N GLY G 440 -60.23 -21.37 -91.69
CA GLY G 440 -59.46 -22.19 -92.61
C GLY G 440 -57.95 -22.02 -92.60
N ARG G 441 -57.46 -20.78 -92.56
CA ARG G 441 -56.04 -20.57 -92.81
C ARG G 441 -55.19 -21.06 -91.64
N ARG G 442 -54.04 -21.64 -91.99
CA ARG G 442 -53.06 -22.13 -91.01
C ARG G 442 -52.21 -20.99 -90.44
N PHE G 443 -52.16 -20.89 -89.12
CA PHE G 443 -51.45 -19.89 -88.33
C PHE G 443 -51.04 -20.49 -86.99
N ALA G 444 -50.69 -19.62 -86.04
CA ALA G 444 -50.19 -20.05 -84.74
C ALA G 444 -51.34 -20.61 -83.89
N SER G 445 -50.98 -21.02 -82.67
CA SER G 445 -51.93 -21.59 -81.72
C SER G 445 -52.60 -20.49 -80.89
N GLY G 446 -53.36 -19.65 -81.59
CA GLY G 446 -54.14 -18.62 -80.94
C GLY G 446 -53.30 -17.57 -80.25
N LYS G 447 -52.42 -16.91 -81.01
CA LYS G 447 -51.74 -15.74 -80.49
C LYS G 447 -52.70 -14.65 -80.02
N LYS G 448 -52.25 -13.85 -79.05
CA LYS G 448 -53.07 -12.78 -78.49
C LYS G 448 -52.66 -11.46 -79.14
N VAL G 449 -53.12 -11.31 -80.37
CA VAL G 449 -52.78 -10.17 -81.22
C VAL G 449 -54.05 -9.74 -81.96
N THR G 450 -54.22 -8.43 -82.10
CA THR G 450 -55.31 -7.79 -82.86
C THR G 450 -54.85 -7.59 -84.30
N LEU G 451 -55.28 -8.48 -85.20
CA LEU G 451 -54.98 -8.46 -86.62
C LEU G 451 -55.68 -7.31 -87.33
N ASN G 452 -55.12 -6.94 -88.48
CA ASN G 452 -55.73 -5.98 -89.41
C ASN G 452 -55.97 -4.62 -88.75
N PRO G 453 -54.92 -3.87 -88.41
CA PRO G 453 -55.11 -2.46 -88.05
C PRO G 453 -55.12 -1.51 -89.23
N SER G 454 -54.88 -2.01 -90.45
CA SER G 454 -54.61 -1.11 -91.58
C SER G 454 -55.85 -0.33 -92.01
N ASP G 455 -56.89 -1.02 -92.58
CA ASP G 455 -58.20 -0.84 -93.25
C ASP G 455 -59.36 -0.91 -92.25
N PRO G 456 -60.18 0.16 -92.08
CA PRO G 456 -61.33 0.05 -91.16
C PRO G 456 -62.44 -0.82 -91.74
N GLU G 457 -62.76 -0.60 -93.02
CA GLU G 457 -63.87 -1.27 -93.71
C GLU G 457 -63.68 -2.77 -93.74
N HIS G 458 -62.44 -3.23 -93.95
CA HIS G 458 -62.01 -4.62 -93.94
C HIS G 458 -61.67 -5.13 -92.53
N CYS G 459 -62.04 -4.38 -91.49
CA CYS G 459 -61.73 -4.82 -90.13
C CYS G 459 -62.62 -6.02 -89.82
N GLN G 460 -62.19 -7.19 -90.25
CA GLN G 460 -62.86 -8.46 -89.99
C GLN G 460 -61.97 -9.28 -89.06
N ILE G 461 -62.10 -9.02 -87.78
CA ILE G 461 -61.20 -9.57 -86.77
C ILE G 461 -61.67 -10.98 -86.41
N CYS G 462 -60.70 -11.83 -86.07
CA CYS G 462 -60.91 -13.20 -85.59
C CYS G 462 -59.76 -13.54 -84.64
N HIS G 463 -60.01 -13.38 -83.33
CA HIS G 463 -59.08 -13.86 -82.33
C HIS G 463 -59.32 -15.35 -82.06
N CYS G 464 -58.47 -15.91 -81.21
CA CYS G 464 -58.70 -17.26 -80.69
C CYS G 464 -57.86 -17.42 -79.43
N ASP G 465 -58.52 -17.62 -78.29
CA ASP G 465 -57.81 -17.78 -77.03
C ASP G 465 -57.06 -19.10 -76.95
N VAL G 466 -57.79 -20.23 -77.02
CA VAL G 466 -57.18 -21.55 -76.91
C VAL G 466 -57.63 -22.41 -78.09
N VAL G 467 -58.95 -22.53 -78.29
CA VAL G 467 -59.52 -23.29 -79.40
C VAL G 467 -60.64 -22.56 -80.11
N ASN G 468 -61.19 -21.50 -79.52
CA ASN G 468 -62.50 -20.99 -79.91
C ASN G 468 -62.61 -20.58 -81.37
N LEU G 469 -63.67 -21.06 -82.01
CA LEU G 469 -63.96 -20.80 -83.42
C LEU G 469 -64.74 -19.49 -83.59
N THR G 470 -64.15 -18.43 -83.05
CA THR G 470 -64.84 -17.18 -82.77
C THR G 470 -64.29 -16.05 -83.64
N CYS G 471 -65.14 -15.04 -83.86
CA CYS G 471 -64.74 -13.81 -84.52
C CYS G 471 -65.46 -12.62 -83.91
N GLU G 472 -64.70 -11.66 -83.38
CA GLU G 472 -65.24 -10.49 -82.72
C GLU G 472 -65.69 -9.43 -83.73
N ALA G 473 -66.36 -8.41 -83.21
CA ALA G 473 -66.80 -7.26 -84.00
C ALA G 473 -65.87 -6.08 -83.76
N CYS G 474 -65.62 -5.31 -84.82
CA CYS G 474 -64.79 -4.11 -84.72
C CYS G 474 -65.61 -2.88 -84.30
N GLN G 475 -65.08 -2.12 -83.36
CA GLN G 475 -65.71 -0.86 -82.96
C GLN G 475 -65.50 0.20 -84.03
N GLU G 476 -66.59 0.76 -84.54
CA GLU G 476 -66.48 1.75 -85.60
C GLU G 476 -65.90 3.06 -85.06
N PRO G 477 -65.16 3.82 -85.88
CA PRO G 477 -64.71 5.14 -85.41
C PRO G 477 -65.83 6.15 -85.31
N GLY G 478 -66.76 6.14 -86.26
CA GLY G 478 -67.89 7.07 -86.22
C GLY G 478 -68.82 6.82 -85.05
N SER H 1 -55.73 -12.59 -2.77
CA SER H 1 -55.96 -14.00 -2.48
C SER H 1 -56.58 -14.84 -3.60
N LEU H 2 -56.46 -16.17 -3.48
CA LEU H 2 -56.91 -17.14 -4.47
C LEU H 2 -57.03 -18.49 -3.79
N SER H 3 -58.25 -19.01 -3.67
CA SER H 3 -58.47 -20.35 -3.14
C SER H 3 -58.09 -21.36 -4.22
N CYS H 4 -56.94 -22.00 -4.06
CA CYS H 4 -56.45 -22.92 -5.07
C CYS H 4 -57.39 -24.11 -5.20
N ARG H 5 -57.33 -24.75 -6.37
CA ARG H 5 -58.12 -25.79 -7.03
C ARG H 5 -58.28 -26.99 -6.10
N PRO H 6 -59.27 -27.86 -6.32
CA PRO H 6 -59.50 -28.97 -5.38
C PRO H 6 -58.32 -29.92 -5.24
N PRO H 7 -57.75 -30.46 -6.35
CA PRO H 7 -56.89 -31.64 -6.19
C PRO H 7 -55.60 -31.41 -5.40
N MET H 8 -55.27 -30.17 -5.02
CA MET H 8 -54.03 -29.90 -4.30
C MET H 8 -54.27 -28.88 -3.19
N VAL H 9 -53.33 -28.84 -2.25
CA VAL H 9 -53.53 -28.29 -0.92
C VAL H 9 -52.59 -27.12 -0.70
N LYS H 10 -53.09 -26.10 0.00
CA LYS H 10 -52.26 -24.99 0.46
C LYS H 10 -51.42 -25.41 1.66
N LEU H 11 -50.13 -25.08 1.61
CA LEU H 11 -49.17 -25.43 2.65
C LEU H 11 -48.59 -24.19 3.30
N VAL H 12 -48.03 -24.41 4.49
CA VAL H 12 -47.60 -23.34 5.40
C VAL H 12 -46.29 -23.73 6.07
N CYS H 13 -45.33 -22.81 6.08
CA CYS H 13 -44.07 -23.05 6.78
C CYS H 13 -44.31 -23.17 8.29
N PRO H 14 -43.91 -24.26 8.94
CA PRO H 14 -43.91 -24.27 10.40
C PRO H 14 -42.71 -23.50 10.96
N ALA H 15 -42.89 -22.93 12.14
CA ALA H 15 -41.85 -22.11 12.74
C ALA H 15 -40.69 -22.91 13.31
N ASP H 16 -40.88 -24.20 13.60
CA ASP H 16 -39.89 -25.12 14.17
C ASP H 16 -39.07 -25.87 13.13
N ASN H 17 -39.70 -26.41 12.07
CA ASN H 17 -39.00 -27.29 11.15
C ASN H 17 -38.30 -26.51 10.05
N LEU H 18 -36.97 -26.44 10.13
CA LEU H 18 -36.17 -25.88 9.05
C LEU H 18 -36.44 -26.54 7.70
N ARG H 19 -36.85 -27.82 7.69
CA ARG H 19 -37.09 -28.57 6.46
C ARG H 19 -38.51 -28.34 5.98
N ALA H 20 -38.76 -27.11 5.55
CA ALA H 20 -39.98 -26.58 4.94
C ALA H 20 -39.92 -26.73 3.42
N GLU H 21 -39.67 -27.96 2.98
CA GLU H 21 -39.63 -28.29 1.56
C GLU H 21 -41.06 -28.33 1.03
N GLY H 22 -41.59 -27.14 0.76
CA GLY H 22 -42.85 -26.61 0.27
C GLY H 22 -42.82 -26.20 -1.19
N LEU H 23 -43.11 -24.93 -1.45
CA LEU H 23 -43.32 -24.46 -2.81
C LEU H 23 -42.00 -24.40 -3.59
N GLU H 24 -40.90 -24.08 -2.91
CA GLU H 24 -39.62 -23.99 -3.59
C GLU H 24 -39.21 -25.34 -4.17
N CYS H 25 -39.47 -26.43 -3.44
CA CYS H 25 -39.25 -27.78 -3.94
C CYS H 25 -40.55 -28.37 -4.49
N THR H 26 -40.99 -27.78 -5.60
CA THR H 26 -42.15 -28.15 -6.43
C THR H 26 -41.79 -29.39 -7.22
N LYS H 27 -42.18 -30.56 -6.70
CA LYS H 27 -41.89 -31.81 -7.41
C LYS H 27 -42.79 -31.97 -8.62
N THR H 28 -42.18 -31.98 -9.81
CA THR H 28 -42.62 -32.41 -11.13
C THR H 28 -42.03 -33.78 -11.43
N CYS H 29 -42.20 -34.26 -12.66
CA CYS H 29 -41.70 -35.58 -13.00
C CYS H 29 -40.19 -35.59 -13.19
N GLN H 30 -39.63 -34.49 -13.67
CA GLN H 30 -38.20 -34.41 -13.89
C GLN H 30 -37.44 -34.51 -12.58
N ASN H 31 -37.90 -33.78 -11.57
CA ASN H 31 -37.17 -33.59 -10.33
C ASN H 31 -37.44 -34.60 -9.23
N TYR H 32 -38.24 -35.64 -9.51
CA TYR H 32 -38.69 -36.50 -8.43
C TYR H 32 -37.54 -37.33 -7.88
N ASP H 33 -36.87 -38.09 -8.74
CA ASP H 33 -35.66 -38.80 -8.32
C ASP H 33 -34.57 -37.83 -7.87
N LEU H 34 -34.61 -36.60 -8.37
CA LEU H 34 -33.60 -35.62 -8.02
C LEU H 34 -33.84 -35.08 -6.63
N GLU H 35 -32.83 -34.37 -6.13
CA GLU H 35 -32.89 -33.72 -4.82
C GLU H 35 -32.85 -32.20 -4.96
N CYS H 36 -33.58 -31.53 -4.07
CA CYS H 36 -33.97 -30.14 -4.24
C CYS H 36 -33.51 -29.29 -3.06
N MET H 37 -33.30 -28.00 -3.33
CA MET H 37 -32.99 -27.04 -2.28
C MET H 37 -34.25 -26.41 -1.75
N SER H 38 -34.18 -25.94 -0.51
CA SER H 38 -35.27 -25.16 0.08
C SER H 38 -34.81 -24.46 1.34
N MET H 39 -35.01 -23.13 1.39
CA MET H 39 -34.81 -22.36 2.61
C MET H 39 -36.06 -22.40 3.47
N GLY H 40 -37.18 -22.00 2.89
CA GLY H 40 -38.49 -22.08 3.53
C GLY H 40 -39.54 -22.07 2.46
N CYS H 41 -40.72 -22.58 2.81
CA CYS H 41 -41.81 -22.65 1.84
C CYS H 41 -42.30 -21.24 1.54
N VAL H 42 -43.29 -21.13 0.66
CA VAL H 42 -43.98 -19.89 0.38
C VAL H 42 -45.48 -20.07 0.58
N SER H 43 -46.23 -19.00 0.34
CA SER H 43 -47.69 -18.95 0.38
C SER H 43 -48.28 -19.48 -0.92
N GLY H 44 -47.88 -20.71 -1.29
CA GLY H 44 -48.34 -21.35 -2.49
C GLY H 44 -49.22 -22.56 -2.19
N CYS H 45 -49.62 -23.24 -3.25
CA CYS H 45 -50.49 -24.41 -3.17
C CYS H 45 -49.80 -25.53 -3.93
N LEU H 46 -49.90 -26.75 -3.42
CA LEU H 46 -48.92 -27.80 -3.66
C LEU H 46 -49.58 -29.17 -3.68
N CYS H 47 -49.17 -30.00 -4.64
CA CYS H 47 -49.79 -31.31 -4.82
C CYS H 47 -49.54 -32.19 -3.59
N PRO H 48 -50.35 -33.22 -3.37
CA PRO H 48 -50.15 -34.07 -2.19
C PRO H 48 -48.85 -34.86 -2.28
N PRO H 49 -48.51 -35.61 -1.22
CA PRO H 49 -47.27 -36.40 -1.26
C PRO H 49 -47.12 -37.42 -2.40
N GLY H 50 -48.20 -38.05 -2.87
CA GLY H 50 -48.11 -39.15 -3.80
C GLY H 50 -48.58 -38.79 -5.20
N MET H 51 -48.28 -37.57 -5.63
CA MET H 51 -48.82 -36.84 -6.78
C MET H 51 -47.90 -35.67 -7.08
N VAL H 52 -47.89 -35.26 -8.35
CA VAL H 52 -47.00 -34.20 -8.83
C VAL H 52 -47.72 -33.28 -9.81
N ARG H 53 -46.99 -32.25 -10.27
CA ARG H 53 -47.34 -31.26 -11.29
C ARG H 53 -46.87 -31.72 -12.66
N HIS H 54 -47.66 -31.38 -13.67
CA HIS H 54 -47.38 -31.80 -15.05
C HIS H 54 -48.06 -30.86 -16.03
N GLU H 55 -47.27 -29.99 -16.67
CA GLU H 55 -47.61 -28.90 -17.61
C GLU H 55 -48.91 -28.18 -17.27
N ASN H 56 -48.98 -27.73 -16.01
CA ASN H 56 -50.08 -26.98 -15.35
C ASN H 56 -51.24 -27.90 -14.97
N ARG H 57 -50.95 -29.18 -14.80
CA ARG H 57 -51.97 -30.17 -14.46
C ARG H 57 -51.37 -31.13 -13.44
N CYS H 58 -51.91 -31.12 -12.24
CA CYS H 58 -51.43 -32.01 -11.18
C CYS H 58 -51.85 -33.44 -11.48
N VAL H 59 -51.09 -34.08 -12.37
CA VAL H 59 -51.41 -35.44 -12.80
C VAL H 59 -51.39 -36.37 -11.60
N ALA H 60 -52.43 -37.19 -11.49
CA ALA H 60 -52.73 -37.97 -10.29
C ALA H 60 -51.65 -38.98 -9.93
N LEU H 61 -51.26 -39.85 -10.87
CA LEU H 61 -50.48 -41.04 -10.62
C LEU H 61 -49.04 -40.85 -11.04
N GLU H 62 -48.20 -41.82 -10.64
CA GLU H 62 -46.83 -41.90 -11.10
C GLU H 62 -46.68 -42.66 -12.43
N ARG H 63 -47.49 -42.21 -13.39
CA ARG H 63 -47.51 -42.76 -14.74
C ARG H 63 -47.03 -41.75 -15.76
N CYS H 64 -46.48 -40.61 -15.32
CA CYS H 64 -46.17 -39.54 -16.21
C CYS H 64 -45.00 -39.94 -17.11
N PRO H 65 -44.79 -39.22 -18.24
CA PRO H 65 -44.00 -39.81 -19.33
C PRO H 65 -42.54 -40.04 -19.01
N CYS H 66 -41.83 -40.52 -20.03
CA CYS H 66 -40.42 -40.90 -19.93
C CYS H 66 -39.69 -40.26 -21.10
N PHE H 67 -39.22 -39.03 -20.89
CA PHE H 67 -38.90 -38.16 -22.02
C PHE H 67 -37.67 -38.64 -22.77
N HIS H 68 -37.81 -38.67 -24.09
CA HIS H 68 -36.68 -38.81 -25.01
C HIS H 68 -36.90 -37.90 -26.21
N GLN H 69 -35.79 -37.29 -26.69
CA GLN H 69 -35.79 -36.19 -27.65
C GLN H 69 -36.76 -35.08 -27.27
N GLY H 70 -36.86 -34.80 -25.97
CA GLY H 70 -37.73 -33.75 -25.48
C GLY H 70 -39.18 -33.97 -25.87
N LYS H 71 -39.59 -35.23 -25.95
CA LYS H 71 -40.90 -35.60 -26.46
C LYS H 71 -41.57 -36.56 -25.51
N GLU H 72 -42.89 -36.49 -25.48
CA GLU H 72 -43.71 -37.36 -24.65
C GLU H 72 -43.64 -38.82 -25.05
N TYR H 73 -43.67 -39.69 -24.04
CA TYR H 73 -43.86 -41.12 -24.23
C TYR H 73 -44.70 -41.64 -23.08
N ALA H 74 -45.89 -42.13 -23.38
CA ALA H 74 -46.68 -42.80 -22.37
C ALA H 74 -45.96 -44.05 -21.86
N PRO H 75 -46.24 -44.49 -20.64
CA PRO H 75 -45.71 -45.78 -20.21
C PRO H 75 -46.19 -46.91 -21.11
N GLY H 76 -45.28 -47.82 -21.45
CA GLY H 76 -45.34 -48.91 -22.38
C GLY H 76 -44.94 -48.54 -23.80
N GLU H 77 -44.94 -47.25 -24.12
CA GLU H 77 -44.43 -46.81 -25.41
C GLU H 77 -42.96 -47.18 -25.57
N THR H 78 -42.59 -47.58 -26.79
CA THR H 78 -41.29 -48.10 -27.18
C THR H 78 -40.57 -47.21 -28.17
N VAL H 79 -39.25 -47.37 -28.20
CA VAL H 79 -38.39 -46.65 -29.14
C VAL H 79 -37.37 -47.64 -29.69
N LYS H 80 -36.74 -47.25 -30.79
CA LYS H 80 -35.73 -48.06 -31.46
C LYS H 80 -34.46 -47.23 -31.57
N ILE H 81 -33.48 -47.52 -30.73
CA ILE H 81 -32.15 -46.94 -30.82
C ILE H 81 -31.18 -48.00 -31.34
N GLY H 82 -30.60 -47.75 -32.50
CA GLY H 82 -29.75 -48.74 -33.11
C GLY H 82 -30.52 -50.01 -33.45
N CYS H 83 -29.96 -51.14 -33.02
CA CYS H 83 -30.49 -52.49 -33.18
C CYS H 83 -31.36 -52.94 -32.00
N ASN H 84 -31.53 -52.09 -30.99
CA ASN H 84 -32.19 -52.38 -29.72
C ASN H 84 -33.52 -51.67 -29.65
N THR H 85 -34.50 -52.34 -29.03
CA THR H 85 -35.68 -51.68 -28.52
C THR H 85 -35.46 -51.28 -27.06
N CYS H 86 -36.37 -50.46 -26.54
CA CYS H 86 -36.26 -50.02 -25.16
C CYS H 86 -37.58 -49.38 -24.76
N VAL H 87 -38.12 -49.81 -23.62
CA VAL H 87 -39.46 -49.32 -23.18
C VAL H 87 -39.34 -48.75 -21.76
N CYS H 88 -40.02 -47.64 -21.49
CA CYS H 88 -40.03 -47.09 -20.10
C CYS H 88 -40.89 -48.00 -19.21
N GLN H 89 -40.29 -49.05 -18.67
CA GLN H 89 -41.00 -49.99 -17.76
C GLN H 89 -41.85 -49.19 -16.77
N ASP H 90 -41.22 -48.24 -16.07
CA ASP H 90 -41.91 -47.41 -15.03
C ASP H 90 -41.74 -45.93 -15.38
N ARG H 91 -40.83 -45.24 -14.69
CA ARG H 91 -40.36 -43.92 -15.10
C ARG H 91 -39.07 -43.98 -15.90
N LYS H 92 -38.37 -45.11 -15.82
CA LYS H 92 -37.05 -45.27 -16.50
C LYS H 92 -37.18 -46.40 -17.54
N TRP H 93 -36.05 -46.89 -18.04
CA TRP H 93 -36.05 -47.80 -19.22
C TRP H 93 -35.22 -49.06 -18.92
N ASN H 94 -34.86 -49.81 -19.96
CA ASN H 94 -34.38 -51.21 -19.81
C ASN H 94 -33.89 -51.69 -21.18
N CYS H 95 -33.19 -50.82 -21.91
CA CYS H 95 -32.87 -51.03 -23.35
C CYS H 95 -32.13 -52.36 -23.53
N THR H 96 -32.55 -53.15 -24.52
CA THR H 96 -31.98 -54.51 -24.75
C THR H 96 -30.46 -54.41 -24.89
N ASP H 97 -29.74 -55.45 -24.46
CA ASP H 97 -28.28 -55.44 -24.44
C ASP H 97 -27.73 -56.25 -25.61
N HIS H 98 -28.33 -56.11 -26.78
CA HIS H 98 -27.81 -56.68 -28.02
C HIS H 98 -26.92 -55.61 -28.65
N VAL H 99 -25.61 -55.76 -28.46
CA VAL H 99 -24.67 -54.83 -29.06
C VAL H 99 -24.79 -54.91 -30.58
N CYS H 100 -24.79 -53.74 -31.22
CA CYS H 100 -25.05 -53.43 -32.62
C CYS H 100 -23.75 -53.52 -33.41
N ASP H 101 -23.86 -53.41 -34.73
CA ASP H 101 -22.75 -53.58 -35.65
C ASP H 101 -22.04 -52.24 -35.82
N ALA H 102 -20.78 -52.18 -35.40
CA ALA H 102 -20.03 -50.94 -35.50
C ALA H 102 -19.55 -50.73 -36.93
N THR H 103 -18.92 -49.58 -37.16
CA THR H 103 -18.69 -49.11 -38.52
C THR H 103 -17.57 -48.08 -38.49
N CYS H 104 -16.41 -48.41 -39.07
CA CYS H 104 -15.42 -47.39 -39.35
C CYS H 104 -15.90 -46.50 -40.49
N SER H 105 -15.06 -45.54 -40.86
CA SER H 105 -15.24 -44.66 -42.00
C SER H 105 -13.95 -43.89 -42.20
N THR H 106 -13.79 -43.35 -43.39
CA THR H 106 -12.70 -42.46 -43.75
C THR H 106 -13.37 -41.26 -44.40
N ILE H 107 -13.81 -40.32 -43.57
CA ILE H 107 -14.59 -39.18 -44.05
C ILE H 107 -13.60 -38.25 -44.76
N GLY H 108 -13.80 -38.06 -46.04
CA GLY H 108 -12.90 -37.25 -46.80
C GLY H 108 -11.54 -37.90 -46.94
N MET H 109 -10.56 -37.05 -47.20
CA MET H 109 -9.22 -37.54 -47.51
C MET H 109 -8.47 -37.98 -46.26
N ALA H 110 -8.40 -37.12 -45.25
CA ALA H 110 -7.62 -37.38 -44.04
C ALA H 110 -8.44 -37.12 -42.80
N HIS H 111 -9.27 -38.11 -42.44
CA HIS H 111 -9.91 -38.24 -41.15
C HIS H 111 -10.27 -39.71 -40.98
N TYR H 112 -10.59 -40.09 -39.74
CA TYR H 112 -10.95 -41.47 -39.46
C TYR H 112 -11.96 -41.51 -38.33
N LEU H 113 -12.99 -42.33 -38.50
CA LEU H 113 -14.02 -42.56 -37.49
C LEU H 113 -13.84 -43.97 -36.97
N THR H 114 -13.63 -44.10 -35.67
CA THR H 114 -13.42 -45.39 -35.06
C THR H 114 -14.75 -46.10 -34.84
N PHE H 115 -14.66 -47.32 -34.30
CA PHE H 115 -15.85 -48.11 -34.02
C PHE H 115 -16.66 -47.47 -32.90
N ASP H 116 -16.04 -47.33 -31.74
CA ASP H 116 -16.67 -46.72 -30.58
C ASP H 116 -17.10 -45.28 -30.87
N GLY H 117 -16.48 -44.64 -31.86
CA GLY H 117 -16.85 -43.33 -32.34
C GLY H 117 -15.85 -42.30 -31.88
N LEU H 118 -14.89 -41.97 -32.74
CA LEU H 118 -13.87 -41.01 -32.35
C LEU H 118 -13.28 -40.44 -33.64
N LYS H 119 -13.74 -39.26 -34.02
CA LYS H 119 -13.12 -38.57 -35.12
C LYS H 119 -11.77 -38.03 -34.69
N TYR H 120 -10.78 -38.21 -35.56
CA TYR H 120 -9.47 -37.64 -35.33
C TYR H 120 -8.81 -37.41 -36.68
N LEU H 121 -7.74 -36.63 -36.63
CA LEU H 121 -7.06 -36.15 -37.82
C LEU H 121 -5.75 -36.89 -38.00
N PHE H 122 -5.50 -37.36 -39.21
CA PHE H 122 -4.25 -38.05 -39.54
C PHE H 122 -3.93 -37.95 -41.02
N PRO H 123 -3.27 -36.87 -41.44
CA PRO H 123 -2.77 -36.82 -42.81
C PRO H 123 -1.50 -37.64 -42.91
N GLY H 124 -1.58 -38.78 -43.61
CA GLY H 124 -0.44 -39.61 -43.87
C GLY H 124 -0.23 -39.74 -45.37
N GLU H 125 0.91 -40.31 -45.71
CA GLU H 125 1.27 -40.58 -47.09
C GLU H 125 1.77 -42.00 -47.31
N CYS H 126 2.25 -42.67 -46.26
CA CYS H 126 2.66 -44.06 -46.36
C CYS H 126 1.45 -44.98 -46.36
N GLN H 127 1.70 -46.29 -46.35
CA GLN H 127 0.67 -47.31 -46.23
C GLN H 127 0.45 -47.63 -44.76
N TYR H 128 -0.82 -47.78 -44.37
CA TYR H 128 -1.21 -47.84 -42.98
C TYR H 128 -2.16 -49.01 -42.72
N VAL H 129 -2.14 -49.50 -41.49
CA VAL H 129 -3.04 -50.57 -41.06
C VAL H 129 -4.33 -49.94 -40.60
N LEU H 130 -5.37 -50.04 -41.44
CA LEU H 130 -6.69 -49.58 -41.02
C LEU H 130 -7.19 -50.40 -39.85
N VAL H 131 -7.09 -51.72 -39.94
CA VAL H 131 -7.53 -52.62 -38.88
C VAL H 131 -7.02 -54.03 -39.14
N GLN H 132 -6.81 -54.80 -38.07
CA GLN H 132 -6.46 -56.20 -38.23
C GLN H 132 -6.87 -56.96 -36.97
N ASP H 133 -6.64 -58.28 -37.01
CA ASP H 133 -6.90 -59.16 -35.89
C ASP H 133 -5.62 -59.64 -35.21
N TYR H 134 -4.50 -59.68 -35.92
CA TYR H 134 -3.23 -60.15 -35.35
C TYR H 134 -2.74 -59.09 -34.37
N CYS H 135 -3.23 -59.19 -33.13
CA CYS H 135 -3.04 -58.13 -32.16
C CYS H 135 -2.76 -58.73 -30.78
N GLY H 136 -1.48 -58.89 -30.46
CA GLY H 136 -1.06 -59.37 -29.17
C GLY H 136 -1.02 -60.88 -28.99
N SER H 137 -2.18 -61.50 -28.80
CA SER H 137 -2.25 -62.90 -28.41
C SER H 137 -3.39 -63.62 -29.12
N ASN H 138 -3.49 -63.44 -30.43
CA ASN H 138 -4.60 -63.96 -31.21
C ASN H 138 -4.09 -64.54 -32.52
N PRO H 139 -4.91 -65.31 -33.25
CA PRO H 139 -4.39 -65.97 -34.47
C PRO H 139 -3.90 -65.01 -35.54
N GLY H 140 -4.70 -64.00 -35.89
CA GLY H 140 -4.35 -63.09 -36.96
C GLY H 140 -5.05 -63.38 -38.28
N THR H 141 -6.37 -63.54 -38.23
CA THR H 141 -7.15 -63.93 -39.39
C THR H 141 -7.05 -62.93 -40.52
N PHE H 142 -7.58 -61.72 -40.32
CA PHE H 142 -7.68 -60.72 -41.38
C PHE H 142 -6.83 -59.50 -41.05
N ARG H 143 -6.27 -58.92 -42.11
CA ARG H 143 -5.31 -57.83 -42.02
C ARG H 143 -5.63 -56.76 -43.08
N ILE H 144 -6.83 -56.20 -43.01
CA ILE H 144 -7.18 -55.06 -43.86
C ILE H 144 -6.12 -53.97 -43.70
N LEU H 145 -5.66 -53.44 -44.83
CA LEU H 145 -4.76 -52.30 -44.89
C LEU H 145 -5.39 -51.18 -45.71
N VAL H 146 -4.74 -50.03 -45.66
CA VAL H 146 -5.06 -48.92 -46.54
C VAL H 146 -3.76 -48.23 -46.91
N GLY H 147 -3.72 -47.72 -48.14
CA GLY H 147 -2.56 -47.01 -48.63
C GLY H 147 -2.94 -45.80 -49.45
N ASN H 148 -2.44 -44.65 -49.04
CA ASN H 148 -2.69 -43.38 -49.68
C ASN H 148 -1.43 -42.88 -50.35
N LYS H 149 -1.62 -42.02 -51.35
CA LYS H 149 -0.50 -41.44 -52.09
C LYS H 149 -0.83 -39.99 -52.42
N GLY H 150 0.06 -39.09 -52.02
CA GLY H 150 -0.17 -37.67 -52.17
C GLY H 150 -1.49 -37.27 -51.55
N CYS H 151 -1.59 -37.36 -50.23
CA CYS H 151 -2.85 -37.10 -49.56
C CYS H 151 -2.66 -36.38 -48.22
N SER H 152 -1.49 -35.81 -47.98
CA SER H 152 -1.29 -35.02 -46.77
C SER H 152 -2.03 -33.70 -46.84
N HIS H 153 -2.15 -33.12 -48.03
CA HIS H 153 -3.02 -31.99 -48.29
C HIS H 153 -4.14 -32.46 -49.19
N PRO H 154 -5.39 -32.55 -48.71
CA PRO H 154 -6.48 -33.05 -49.57
C PRO H 154 -6.64 -32.24 -50.83
N SER H 155 -6.84 -32.94 -51.94
CA SER H 155 -6.99 -32.33 -53.25
C SER H 155 -7.62 -33.35 -54.19
N VAL H 156 -7.70 -32.99 -55.48
CA VAL H 156 -8.23 -33.88 -56.50
C VAL H 156 -7.41 -35.14 -56.71
N LYS H 157 -6.19 -35.16 -56.15
CA LYS H 157 -5.19 -36.20 -56.02
C LYS H 157 -5.67 -37.12 -54.90
N CYS H 158 -4.78 -37.95 -54.33
CA CYS H 158 -5.12 -38.85 -53.24
C CYS H 158 -6.08 -39.91 -53.73
N LYS H 159 -5.62 -40.72 -54.68
CA LYS H 159 -6.26 -41.98 -54.99
C LYS H 159 -5.79 -43.03 -53.99
N LYS H 160 -6.73 -43.69 -53.33
CA LYS H 160 -6.41 -44.68 -52.32
C LYS H 160 -6.07 -46.03 -52.94
N ARG H 161 -5.39 -46.85 -52.15
CA ARG H 161 -5.15 -48.25 -52.48
C ARG H 161 -5.43 -49.08 -51.25
N VAL H 162 -6.25 -50.11 -51.43
CA VAL H 162 -6.76 -50.93 -50.33
C VAL H 162 -6.39 -52.37 -50.61
N THR H 163 -5.66 -52.99 -49.68
CA THR H 163 -5.19 -54.36 -49.80
C THR H 163 -5.65 -55.11 -48.56
N ILE H 164 -6.53 -56.09 -48.76
CA ILE H 164 -7.18 -56.80 -47.67
C ILE H 164 -6.78 -58.27 -47.72
N LEU H 165 -6.34 -58.80 -46.58
CA LEU H 165 -5.62 -60.06 -46.49
C LEU H 165 -6.38 -60.98 -45.54
N VAL H 166 -7.24 -61.84 -46.09
CA VAL H 166 -8.03 -62.77 -45.31
C VAL H 166 -8.04 -64.15 -45.96
N GLU H 167 -7.97 -65.19 -45.13
CA GLU H 167 -7.95 -66.57 -45.60
C GLU H 167 -6.79 -66.80 -46.57
N GLY H 168 -5.64 -66.23 -46.23
CA GLY H 168 -4.47 -66.34 -47.08
C GLY H 168 -4.65 -65.74 -48.46
N GLY H 169 -5.62 -64.86 -48.65
CA GLY H 169 -5.89 -64.25 -49.93
C GLY H 169 -5.25 -62.89 -50.09
N GLU H 170 -5.35 -62.37 -51.31
CA GLU H 170 -4.90 -61.02 -51.63
C GLU H 170 -5.83 -60.50 -52.71
N ILE H 171 -6.89 -59.81 -52.27
CA ILE H 171 -7.78 -59.05 -53.14
C ILE H 171 -7.60 -57.59 -52.79
N GLU H 172 -7.49 -56.73 -53.79
CA GLU H 172 -7.20 -55.33 -53.59
C GLU H 172 -7.94 -54.53 -54.64
N LEU H 173 -8.06 -53.23 -54.39
CA LEU H 173 -8.86 -52.37 -55.25
C LEU H 173 -8.27 -50.97 -55.28
N PHE H 174 -8.32 -50.36 -56.47
CA PHE H 174 -8.07 -48.95 -56.66
C PHE H 174 -8.41 -48.62 -58.10
N ASP H 175 -8.65 -47.34 -58.35
CA ASP H 175 -8.90 -46.79 -59.69
C ASP H 175 -10.24 -47.29 -60.24
N GLY H 176 -11.22 -47.49 -59.36
CA GLY H 176 -12.57 -47.84 -59.74
C GLY H 176 -12.96 -49.28 -59.57
N GLU H 177 -12.06 -50.21 -59.88
CA GLU H 177 -12.35 -51.63 -59.88
C GLU H 177 -11.61 -52.35 -58.77
N VAL H 178 -12.06 -53.56 -58.50
CA VAL H 178 -11.39 -54.49 -57.59
C VAL H 178 -10.50 -55.43 -58.40
N ASN H 179 -9.46 -55.95 -57.77
CA ASN H 179 -8.51 -56.84 -58.41
C ASN H 179 -8.11 -57.94 -57.45
N VAL H 180 -8.21 -59.18 -57.90
CA VAL H 180 -7.77 -60.34 -57.13
C VAL H 180 -6.35 -60.65 -57.57
N LYS H 181 -5.45 -60.71 -56.59
CA LYS H 181 -4.06 -61.10 -56.82
C LYS H 181 -3.80 -62.53 -56.39
N ARG H 182 -4.52 -63.00 -55.38
CA ARG H 182 -4.41 -64.36 -54.89
C ARG H 182 -5.77 -64.79 -54.36
N PRO H 183 -6.50 -65.69 -55.03
CA PRO H 183 -7.79 -66.11 -54.49
C PRO H 183 -7.62 -66.87 -53.18
N MET H 184 -8.55 -66.62 -52.28
CA MET H 184 -8.54 -67.31 -50.99
C MET H 184 -9.21 -68.66 -51.08
N LYS H 185 -8.87 -69.53 -50.13
CA LYS H 185 -9.28 -70.94 -50.12
C LYS H 185 -10.79 -71.08 -50.12
N ASP H 186 -11.44 -70.63 -49.05
CA ASP H 186 -12.89 -70.68 -48.84
C ASP H 186 -13.54 -69.58 -49.66
N GLU H 187 -13.72 -69.87 -50.95
CA GLU H 187 -14.46 -69.01 -51.85
C GLU H 187 -15.95 -68.92 -51.51
N THR H 188 -16.44 -69.78 -50.62
CA THR H 188 -17.87 -69.83 -50.34
C THR H 188 -18.38 -68.53 -49.73
N HIS H 189 -17.68 -68.00 -48.72
CA HIS H 189 -18.12 -66.77 -48.07
C HIS H 189 -17.90 -65.54 -48.94
N PHE H 190 -17.01 -65.62 -49.93
CA PHE H 190 -16.73 -64.49 -50.80
C PHE H 190 -18.00 -64.05 -51.53
N GLU H 191 -18.09 -62.75 -51.78
CA GLU H 191 -19.28 -62.14 -52.35
C GLU H 191 -18.97 -60.69 -52.67
N VAL H 192 -19.46 -60.22 -53.82
CA VAL H 192 -19.26 -58.85 -54.27
C VAL H 192 -20.56 -58.37 -54.88
N VAL H 193 -21.01 -57.19 -54.47
CA VAL H 193 -22.29 -56.60 -54.84
C VAL H 193 -22.01 -55.17 -55.28
N GLU H 194 -21.88 -54.98 -56.60
CA GLU H 194 -21.72 -53.64 -57.18
C GLU H 194 -23.07 -52.97 -57.39
N SER H 195 -23.70 -52.60 -56.28
CA SER H 195 -25.02 -51.97 -56.26
C SER H 195 -24.85 -50.47 -56.07
N GLY H 196 -25.22 -49.71 -57.09
CA GLY H 196 -25.20 -48.26 -56.99
C GLY H 196 -23.80 -47.70 -57.01
N ARG H 197 -23.56 -46.67 -56.19
CA ARG H 197 -22.23 -46.08 -56.07
C ARG H 197 -21.22 -47.03 -55.45
N TYR H 198 -21.68 -48.04 -54.71
CA TYR H 198 -20.85 -48.76 -53.76
C TYR H 198 -20.38 -50.10 -54.29
N ILE H 199 -19.34 -50.59 -53.61
CA ILE H 199 -18.86 -51.96 -53.77
C ILE H 199 -19.01 -52.60 -52.40
N ILE H 200 -20.16 -53.20 -52.15
CA ILE H 200 -20.34 -53.98 -50.93
C ILE H 200 -19.63 -55.31 -51.08
N LEU H 201 -19.01 -55.76 -50.00
CA LEU H 201 -17.96 -56.78 -50.10
C LEU H 201 -17.97 -57.58 -48.80
N LEU H 202 -18.62 -58.73 -48.82
CA LEU H 202 -18.59 -59.65 -47.70
C LEU H 202 -17.34 -60.52 -47.77
N LEU H 203 -16.94 -61.01 -46.61
CA LEU H 203 -15.80 -61.90 -46.50
C LEU H 203 -16.00 -63.02 -45.50
N GLY H 204 -17.17 -63.12 -44.88
CA GLY H 204 -17.37 -64.11 -43.84
C GLY H 204 -18.65 -63.84 -43.09
N LYS H 205 -18.79 -64.58 -42.00
CA LYS H 205 -19.97 -64.43 -41.14
C LYS H 205 -19.94 -63.12 -40.35
N ALA H 206 -18.76 -62.58 -40.08
CA ALA H 206 -18.57 -61.44 -39.19
C ALA H 206 -17.62 -60.42 -39.79
N LEU H 207 -17.84 -60.07 -41.05
CA LEU H 207 -17.00 -59.08 -41.70
C LEU H 207 -17.68 -58.62 -42.99
N SER H 208 -17.41 -57.38 -43.38
CA SER H 208 -17.98 -56.70 -44.52
C SER H 208 -17.23 -55.39 -44.76
N VAL H 209 -17.25 -54.92 -46.00
CA VAL H 209 -16.55 -53.72 -46.41
C VAL H 209 -17.42 -53.01 -47.44
N VAL H 210 -17.27 -51.69 -47.52
CA VAL H 210 -17.98 -50.79 -48.42
C VAL H 210 -16.98 -49.79 -48.98
N TRP H 211 -17.23 -49.33 -50.20
CA TRP H 211 -16.32 -48.46 -50.91
C TRP H 211 -17.10 -47.66 -51.93
N ASP H 212 -17.03 -46.32 -51.83
CA ASP H 212 -17.81 -45.47 -52.72
C ASP H 212 -17.13 -45.21 -54.05
N ARG H 213 -16.15 -46.04 -54.41
CA ARG H 213 -15.46 -45.98 -55.70
C ARG H 213 -14.50 -44.80 -55.78
N HIS H 214 -14.51 -43.90 -54.80
CA HIS H 214 -13.67 -42.71 -54.81
C HIS H 214 -12.72 -42.65 -53.61
N LEU H 215 -13.22 -42.59 -52.37
CA LEU H 215 -12.34 -42.61 -51.20
C LEU H 215 -12.85 -43.40 -49.99
N SER H 216 -14.15 -43.55 -49.80
CA SER H 216 -14.65 -43.95 -48.48
C SER H 216 -14.36 -45.41 -48.22
N ILE H 217 -13.92 -45.70 -47.00
CA ILE H 217 -13.68 -47.06 -46.54
C ILE H 217 -14.43 -47.27 -45.24
N SER H 218 -15.48 -48.08 -45.29
CA SER H 218 -16.36 -48.32 -44.15
C SER H 218 -16.54 -49.83 -43.94
N VAL H 219 -15.59 -50.42 -43.21
CA VAL H 219 -15.58 -51.80 -42.75
C VAL H 219 -16.58 -51.95 -41.61
N VAL H 220 -17.28 -53.08 -41.59
CA VAL H 220 -18.40 -53.32 -40.69
C VAL H 220 -18.20 -54.69 -40.04
N LEU H 221 -18.20 -54.70 -38.72
CA LEU H 221 -17.98 -55.91 -37.93
C LEU H 221 -19.24 -56.26 -37.15
N LYS H 222 -19.25 -57.46 -36.60
CA LYS H 222 -20.38 -58.00 -35.87
C LYS H 222 -20.03 -58.15 -34.39
N GLN H 223 -20.96 -58.72 -33.62
CA GLN H 223 -20.77 -59.01 -32.20
C GLN H 223 -19.62 -59.96 -31.89
N THR H 224 -19.05 -60.62 -32.89
CA THR H 224 -18.18 -61.77 -32.63
C THR H 224 -16.91 -61.35 -31.89
N TYR H 225 -16.33 -60.22 -32.25
CA TYR H 225 -14.97 -59.91 -31.79
C TYR H 225 -14.97 -59.35 -30.38
N GLN H 226 -15.50 -58.14 -30.20
CA GLN H 226 -15.59 -57.50 -28.89
C GLN H 226 -14.23 -57.49 -28.18
N GLU H 227 -13.35 -56.63 -28.69
CA GLU H 227 -11.95 -56.56 -28.31
C GLU H 227 -11.17 -57.78 -28.77
N LYS H 228 -11.06 -57.93 -30.09
CA LYS H 228 -10.09 -58.83 -30.70
C LYS H 228 -9.22 -58.15 -31.74
N VAL H 229 -9.37 -56.85 -31.98
CA VAL H 229 -8.73 -56.15 -33.09
C VAL H 229 -7.86 -55.02 -32.55
N CYS H 230 -7.12 -54.40 -33.47
CA CYS H 230 -6.48 -53.12 -33.23
C CYS H 230 -5.99 -52.58 -34.57
N GLY H 231 -5.50 -51.36 -34.54
CA GLY H 231 -5.15 -50.61 -35.72
C GLY H 231 -5.54 -49.16 -35.56
N LEU H 232 -5.86 -48.52 -36.69
CA LEU H 232 -6.35 -47.14 -36.62
C LEU H 232 -7.73 -47.02 -36.01
N CYS H 233 -8.68 -47.87 -36.39
CA CYS H 233 -10.03 -47.80 -35.87
C CYS H 233 -10.16 -48.20 -34.40
N GLY H 234 -9.08 -48.59 -33.74
CA GLY H 234 -9.14 -48.93 -32.34
C GLY H 234 -9.49 -50.38 -32.10
N ASN H 235 -10.03 -50.63 -30.91
CA ASN H 235 -10.10 -51.98 -30.35
C ASN H 235 -11.50 -52.59 -30.38
N PHE H 236 -12.55 -51.80 -30.59
CA PHE H 236 -13.93 -52.29 -30.63
C PHE H 236 -14.30 -52.93 -29.29
N ASP H 237 -14.33 -52.09 -28.26
CA ASP H 237 -14.66 -52.50 -26.90
C ASP H 237 -15.81 -51.73 -26.28
N GLY H 238 -16.30 -50.66 -26.90
CA GLY H 238 -17.30 -49.80 -26.29
C GLY H 238 -16.68 -48.59 -25.61
N ILE H 239 -15.48 -48.79 -25.05
CA ILE H 239 -14.75 -47.67 -24.45
C ILE H 239 -14.16 -46.83 -25.57
N GLN H 240 -14.40 -45.52 -25.51
CA GLN H 240 -14.14 -44.63 -26.63
C GLN H 240 -12.81 -43.90 -26.53
N ASN H 241 -12.25 -43.76 -25.33
CA ASN H 241 -11.00 -43.02 -25.15
C ASN H 241 -9.77 -43.90 -25.30
N ASN H 242 -9.95 -45.23 -25.33
CA ASN H 242 -8.87 -46.16 -25.60
C ASN H 242 -8.76 -46.60 -27.05
N ASP H 243 -9.19 -45.74 -27.97
CA ASP H 243 -8.95 -45.94 -29.40
C ASP H 243 -7.69 -45.24 -29.89
N LEU H 244 -6.80 -44.84 -28.98
CA LEU H 244 -5.48 -44.35 -29.32
C LEU H 244 -4.40 -45.23 -28.71
N THR H 245 -4.65 -46.54 -28.67
CA THR H 245 -3.70 -47.51 -28.14
C THR H 245 -2.72 -47.92 -29.24
N SER H 246 -1.57 -47.26 -29.27
CA SER H 246 -0.61 -47.44 -30.36
C SER H 246 -0.10 -48.88 -30.37
N SER H 247 0.65 -49.20 -31.43
CA SER H 247 1.16 -50.56 -31.61
C SER H 247 2.07 -50.98 -30.46
N ASN H 248 2.72 -50.02 -29.81
CA ASN H 248 3.57 -50.30 -28.67
C ASN H 248 2.81 -50.39 -27.35
N LEU H 249 1.47 -50.50 -27.40
CA LEU H 249 0.60 -50.80 -26.27
C LEU H 249 0.62 -49.70 -25.20
N GLN H 250 0.21 -48.51 -25.62
CA GLN H 250 -0.03 -47.41 -24.71
C GLN H 250 -0.96 -46.42 -25.39
N VAL H 251 -1.62 -45.61 -24.58
CA VAL H 251 -2.50 -44.57 -25.10
C VAL H 251 -1.68 -43.31 -25.35
N GLU H 252 -1.79 -42.77 -26.56
CA GLU H 252 -1.33 -41.43 -26.87
C GLU H 252 -2.49 -40.42 -26.81
N GLU H 253 -2.14 -39.16 -27.02
CA GLU H 253 -2.94 -37.93 -26.97
C GLU H 253 -2.92 -37.15 -28.27
N ASP H 254 -1.88 -37.31 -29.07
CA ASP H 254 -1.73 -36.57 -30.32
C ASP H 254 -1.81 -37.57 -31.48
N PRO H 255 -2.96 -37.68 -32.16
CA PRO H 255 -3.13 -38.81 -33.09
C PRO H 255 -2.17 -38.82 -34.26
N VAL H 256 -1.51 -37.70 -34.56
CA VAL H 256 -0.51 -37.70 -35.61
C VAL H 256 0.65 -38.62 -35.27
N ASP H 257 0.95 -38.78 -33.99
CA ASP H 257 1.94 -39.76 -33.53
C ASP H 257 1.37 -41.15 -33.41
N PHE H 258 0.05 -41.29 -33.37
CA PHE H 258 -0.59 -42.59 -33.29
C PHE H 258 -0.42 -43.37 -34.58
N GLY H 259 -0.92 -42.82 -35.69
CA GLY H 259 -0.87 -43.52 -36.95
C GLY H 259 0.54 -43.78 -37.45
N ASN H 260 1.49 -42.92 -37.05
CA ASN H 260 2.88 -43.16 -37.41
C ASN H 260 3.41 -44.47 -36.84
N SER H 261 2.81 -44.97 -35.76
CA SER H 261 3.16 -46.28 -35.24
C SER H 261 2.63 -47.41 -36.10
N TRP H 262 1.53 -47.19 -36.82
CA TRP H 262 0.83 -48.25 -37.51
C TRP H 262 1.20 -48.38 -38.99
N LYS H 263 2.17 -47.61 -39.47
CA LYS H 263 2.54 -47.74 -40.86
C LYS H 263 3.25 -49.07 -41.11
N VAL H 264 3.17 -49.53 -42.36
CA VAL H 264 3.79 -50.81 -42.72
C VAL H 264 5.27 -50.62 -42.98
N SER H 265 5.61 -49.84 -44.00
CA SER H 265 7.00 -49.56 -44.32
C SER H 265 7.58 -48.69 -43.22
N SER H 266 8.36 -49.29 -42.34
CA SER H 266 8.90 -48.60 -41.19
C SER H 266 10.05 -47.67 -41.51
N GLN H 267 10.37 -47.50 -42.80
CA GLN H 267 11.43 -46.60 -43.22
C GLN H 267 10.95 -45.52 -44.18
N CYS H 268 9.64 -45.44 -44.44
CA CYS H 268 9.09 -44.33 -45.21
C CYS H 268 8.83 -43.17 -44.25
N ALA H 269 8.09 -42.16 -44.72
CA ALA H 269 8.02 -40.89 -44.02
C ALA H 269 6.96 -40.89 -42.94
N ASP H 270 7.37 -40.53 -41.73
CA ASP H 270 6.44 -40.15 -40.69
C ASP H 270 5.97 -38.72 -40.93
N THR H 271 4.66 -38.51 -40.78
CA THR H 271 4.10 -37.22 -41.09
C THR H 271 4.52 -36.17 -40.06
N ARG H 272 4.28 -34.91 -40.41
CA ARG H 272 4.83 -33.77 -39.70
C ARG H 272 3.75 -33.15 -38.84
N LYS H 273 4.08 -32.86 -37.59
CA LYS H 273 3.14 -32.21 -36.69
C LYS H 273 2.84 -30.79 -37.16
N VAL H 274 1.67 -30.62 -37.77
CA VAL H 274 1.20 -29.34 -38.26
C VAL H 274 0.86 -28.35 -37.15
N PRO H 275 1.18 -27.05 -37.27
CA PRO H 275 0.65 -26.09 -36.29
C PRO H 275 -0.86 -25.94 -36.38
N LEU H 276 -1.54 -26.26 -35.28
CA LEU H 276 -2.99 -26.30 -35.29
C LEU H 276 -3.57 -24.91 -35.52
N ASP H 277 -4.67 -24.86 -36.26
CA ASP H 277 -5.36 -23.62 -36.58
C ASP H 277 -6.67 -23.97 -37.27
N SER H 278 -7.68 -23.12 -37.08
CA SER H 278 -9.00 -23.39 -37.62
C SER H 278 -9.09 -23.18 -39.13
N SER H 279 -8.03 -22.68 -39.77
CA SER H 279 -8.01 -22.43 -41.21
C SER H 279 -6.89 -23.24 -41.85
N PRO H 280 -7.18 -24.16 -42.78
CA PRO H 280 -6.09 -24.83 -43.51
C PRO H 280 -5.38 -23.92 -44.49
N ALA H 281 -4.52 -24.52 -45.32
CA ALA H 281 -3.54 -23.78 -46.13
C ALA H 281 -4.17 -22.62 -46.90
N THR H 282 -5.16 -22.91 -47.74
CA THR H 282 -5.73 -21.85 -48.58
C THR H 282 -6.55 -20.87 -47.75
N CYS H 283 -7.48 -21.38 -46.93
CA CYS H 283 -8.31 -20.52 -46.08
C CYS H 283 -7.48 -19.72 -45.07
N HIS H 284 -6.25 -20.13 -44.80
CA HIS H 284 -5.38 -19.38 -43.91
C HIS H 284 -5.11 -17.99 -44.50
N ASN H 285 -5.50 -16.95 -43.77
CA ASN H 285 -5.34 -15.56 -44.21
C ASN H 285 -6.13 -15.27 -45.50
N ASN H 286 -7.24 -15.96 -45.70
CA ASN H 286 -8.16 -15.68 -46.80
C ASN H 286 -9.60 -15.72 -46.30
N ILE H 287 -9.87 -14.95 -45.24
CA ILE H 287 -11.12 -14.90 -44.48
C ILE H 287 -12.37 -14.88 -45.37
N MET H 288 -12.32 -14.23 -46.54
CA MET H 288 -13.42 -14.16 -47.50
C MET H 288 -13.86 -15.56 -47.91
N LYS H 289 -12.94 -16.31 -48.52
CA LYS H 289 -13.24 -17.66 -48.98
C LYS H 289 -13.75 -18.54 -47.85
N GLN H 290 -13.27 -18.29 -46.63
CA GLN H 290 -13.64 -19.11 -45.49
CA GLN H 290 -13.65 -19.12 -45.50
C GLN H 290 -15.13 -19.03 -45.17
N THR H 291 -15.78 -17.93 -45.53
CA THR H 291 -17.18 -17.75 -45.22
C THR H 291 -18.10 -18.24 -46.32
N MET H 292 -17.57 -18.41 -47.53
CA MET H 292 -18.34 -19.01 -48.60
C MET H 292 -18.36 -20.53 -48.49
N VAL H 293 -17.31 -21.11 -47.90
CA VAL H 293 -17.25 -22.53 -47.58
C VAL H 293 -18.01 -22.83 -46.29
N ASP H 294 -17.89 -21.95 -45.30
CA ASP H 294 -18.63 -22.09 -44.04
C ASP H 294 -20.12 -22.16 -44.31
N SER H 295 -20.65 -21.16 -45.01
CA SER H 295 -22.06 -21.15 -45.38
C SER H 295 -22.43 -22.39 -46.18
N SER H 296 -21.64 -22.72 -47.19
CA SER H 296 -22.01 -23.83 -48.06
C SER H 296 -21.90 -25.17 -47.36
N CYS H 297 -21.09 -25.28 -46.31
CA CYS H 297 -21.04 -26.41 -45.40
C CYS H 297 -22.17 -26.41 -44.38
N ARG H 298 -22.97 -25.34 -44.31
CA ARG H 298 -24.16 -25.37 -43.46
C ARG H 298 -25.33 -26.07 -44.14
N ILE H 299 -25.14 -26.71 -45.29
CA ILE H 299 -26.16 -27.63 -45.76
C ILE H 299 -26.31 -28.77 -44.76
N LEU H 300 -25.23 -29.10 -44.05
CA LEU H 300 -25.31 -30.08 -42.97
C LEU H 300 -26.21 -29.62 -41.83
N THR H 301 -26.60 -28.34 -41.80
CA THR H 301 -27.70 -27.86 -40.97
C THR H 301 -28.63 -27.10 -41.92
N SER H 302 -29.48 -27.84 -42.60
CA SER H 302 -30.47 -27.26 -43.52
C SER H 302 -31.84 -27.84 -43.22
N ASP H 303 -32.85 -27.34 -43.92
CA ASP H 303 -34.23 -27.73 -43.63
C ASP H 303 -34.47 -29.20 -43.91
N VAL H 304 -33.73 -29.76 -44.88
CA VAL H 304 -34.00 -31.14 -45.30
C VAL H 304 -33.37 -32.16 -44.36
N PHE H 305 -32.28 -31.82 -43.69
CA PHE H 305 -31.57 -32.65 -42.72
C PHE H 305 -32.14 -32.55 -41.30
N GLN H 306 -33.15 -31.71 -41.08
CA GLN H 306 -33.63 -31.46 -39.72
C GLN H 306 -34.03 -32.73 -38.96
N ASP H 307 -34.42 -33.79 -39.66
CA ASP H 307 -34.69 -35.05 -38.99
C ASP H 307 -33.40 -35.68 -38.48
N CYS H 308 -32.36 -35.69 -39.32
CA CYS H 308 -31.12 -36.35 -38.96
C CYS H 308 -30.26 -35.50 -38.04
N ASN H 309 -30.43 -34.19 -38.05
CA ASN H 309 -29.71 -33.34 -37.12
C ASN H 309 -30.01 -33.71 -35.68
N LYS H 310 -31.23 -34.21 -35.42
CA LYS H 310 -31.59 -34.62 -34.07
C LYS H 310 -30.84 -35.87 -33.61
N LEU H 311 -30.59 -36.82 -34.51
CA LEU H 311 -30.01 -38.10 -34.13
C LEU H 311 -28.48 -38.06 -34.17
N VAL H 312 -27.93 -37.72 -35.32
CA VAL H 312 -26.50 -37.80 -35.57
C VAL H 312 -25.94 -36.38 -35.52
N ASP H 313 -25.06 -36.14 -34.57
CA ASP H 313 -24.46 -34.82 -34.42
C ASP H 313 -23.71 -34.46 -35.69
N PRO H 314 -24.02 -33.32 -36.34
CA PRO H 314 -23.27 -32.93 -37.53
C PRO H 314 -21.99 -32.18 -37.24
N GLU H 315 -21.73 -31.80 -36.00
CA GLU H 315 -20.52 -31.05 -35.69
C GLU H 315 -19.26 -31.80 -36.07
N PRO H 316 -19.14 -33.11 -35.88
CA PRO H 316 -18.01 -33.81 -36.52
C PRO H 316 -17.93 -33.69 -38.03
N TYR H 317 -18.97 -34.12 -38.77
CA TYR H 317 -18.95 -34.10 -40.22
C TYR H 317 -18.84 -32.68 -40.79
N LEU H 318 -19.15 -31.66 -39.99
CA LEU H 318 -18.99 -30.29 -40.44
C LEU H 318 -17.53 -29.90 -40.51
N ASP H 319 -16.78 -30.16 -39.44
CA ASP H 319 -15.39 -29.73 -39.38
C ASP H 319 -14.55 -30.32 -40.51
N VAL H 320 -14.97 -31.45 -41.06
CA VAL H 320 -14.27 -32.03 -42.19
C VAL H 320 -14.59 -31.28 -43.47
N CYS H 321 -15.85 -30.87 -43.63
CA CYS H 321 -16.27 -30.11 -44.80
C CYS H 321 -15.44 -28.85 -44.97
N ILE H 322 -15.11 -28.20 -43.86
CA ILE H 322 -14.35 -26.96 -43.92
C ILE H 322 -12.87 -27.25 -44.03
N TYR H 323 -12.43 -28.40 -43.54
CA TYR H 323 -11.01 -28.74 -43.59
C TYR H 323 -10.58 -29.14 -45.00
N ASP H 324 -11.38 -29.97 -45.67
CA ASP H 324 -10.97 -30.48 -46.98
C ASP H 324 -11.00 -29.38 -48.03
N THR H 325 -12.16 -28.75 -48.21
CA THR H 325 -12.35 -27.85 -49.34
C THR H 325 -11.52 -26.58 -49.23
N CYS H 326 -11.07 -26.21 -48.05
CA CYS H 326 -10.01 -25.21 -47.96
C CYS H 326 -8.75 -25.70 -48.66
N SER H 327 -8.18 -26.80 -48.17
CA SER H 327 -7.05 -27.43 -48.85
C SER H 327 -7.34 -27.74 -50.32
N CYS H 328 -8.41 -28.50 -50.60
CA CYS H 328 -8.71 -28.92 -51.95
C CYS H 328 -9.00 -27.74 -52.85
N GLU H 329 -8.35 -27.73 -54.02
CA GLU H 329 -8.59 -26.74 -55.05
C GLU H 329 -9.56 -27.38 -56.06
N SER H 330 -10.83 -27.40 -55.69
CA SER H 330 -11.86 -27.92 -56.57
C SER H 330 -12.02 -27.00 -57.77
N ILE H 331 -11.88 -27.56 -58.97
CA ILE H 331 -11.89 -26.79 -60.20
C ILE H 331 -12.98 -27.33 -61.12
N GLY H 332 -12.83 -28.57 -61.56
CA GLY H 332 -13.73 -29.18 -62.50
C GLY H 332 -14.65 -30.17 -61.80
N ASP H 333 -14.06 -30.96 -60.92
CA ASP H 333 -14.79 -31.89 -60.07
C ASP H 333 -14.88 -31.25 -58.68
N CYS H 334 -16.10 -30.91 -58.27
CA CYS H 334 -16.35 -30.51 -56.89
C CYS H 334 -16.59 -31.71 -55.98
N ALA H 335 -15.74 -32.72 -56.07
CA ALA H 335 -15.97 -33.97 -55.36
C ALA H 335 -15.41 -33.95 -53.95
N CYS H 336 -14.42 -33.11 -53.67
CA CYS H 336 -13.94 -32.94 -52.31
C CYS H 336 -14.90 -32.16 -51.44
N PHE H 337 -16.04 -31.73 -51.97
CA PHE H 337 -17.17 -31.22 -51.20
C PHE H 337 -18.36 -32.15 -51.24
N CYS H 338 -18.76 -32.57 -52.44
CA CYS H 338 -19.94 -33.40 -52.62
C CYS H 338 -19.85 -34.73 -51.90
N ASP H 339 -18.64 -35.23 -51.64
CA ASP H 339 -18.47 -36.54 -51.01
C ASP H 339 -18.63 -36.50 -49.50
N THR H 340 -18.44 -35.34 -48.88
CA THR H 340 -18.51 -35.26 -47.42
C THR H 340 -19.95 -35.27 -46.93
N ILE H 341 -20.89 -34.77 -47.72
CA ILE H 341 -22.28 -34.73 -47.30
C ILE H 341 -22.93 -36.09 -47.52
N ALA H 342 -22.58 -36.76 -48.62
CA ALA H 342 -23.04 -38.13 -48.82
C ALA H 342 -22.55 -39.03 -47.70
N ALA H 343 -21.36 -38.74 -47.16
CA ALA H 343 -20.88 -39.48 -46.01
C ALA H 343 -21.69 -39.16 -44.76
N TYR H 344 -22.40 -38.03 -44.76
CA TYR H 344 -23.35 -37.73 -43.69
C TYR H 344 -24.72 -38.27 -44.03
N ALA H 345 -25.11 -38.20 -45.30
CA ALA H 345 -26.42 -38.67 -45.71
C ALA H 345 -26.56 -40.16 -45.52
N HIS H 346 -25.50 -40.92 -45.82
CA HIS H 346 -25.57 -42.37 -45.67
C HIS H 346 -25.80 -42.76 -44.23
N VAL H 347 -25.07 -42.13 -43.31
CA VAL H 347 -25.21 -42.38 -41.87
C VAL H 347 -26.60 -41.98 -41.40
N CYS H 348 -27.19 -40.97 -42.03
CA CYS H 348 -28.57 -40.64 -41.74
C CYS H 348 -29.51 -41.75 -42.22
N ALA H 349 -29.16 -42.39 -43.34
CA ALA H 349 -30.01 -43.44 -43.87
C ALA H 349 -29.94 -44.71 -43.04
N GLN H 350 -28.76 -45.01 -42.48
CA GLN H 350 -28.60 -46.22 -41.69
C GLN H 350 -29.51 -46.22 -40.47
N HIS H 351 -29.81 -45.04 -39.94
CA HIS H 351 -30.79 -44.79 -38.89
C HIS H 351 -32.20 -44.64 -39.44
N GLY H 352 -32.43 -45.04 -40.69
CA GLY H 352 -33.76 -45.08 -41.25
C GLY H 352 -34.28 -43.78 -41.82
N LYS H 353 -33.43 -42.76 -41.93
CA LYS H 353 -33.84 -41.44 -42.40
C LYS H 353 -33.28 -41.24 -43.81
N VAL H 354 -34.09 -41.59 -44.80
CA VAL H 354 -33.76 -41.28 -46.18
C VAL H 354 -33.71 -39.77 -46.34
N VAL H 355 -32.87 -39.29 -47.25
CA VAL H 355 -32.81 -37.88 -47.58
C VAL H 355 -32.58 -37.74 -49.08
N THR H 356 -33.22 -36.74 -49.68
CA THR H 356 -32.96 -36.33 -51.05
C THR H 356 -32.52 -34.87 -50.97
N TRP H 357 -31.21 -34.68 -51.04
CA TRP H 357 -30.58 -33.37 -50.91
C TRP H 357 -29.85 -32.93 -52.19
N ARG H 358 -29.91 -33.74 -53.24
CA ARG H 358 -29.04 -33.62 -54.39
C ARG H 358 -29.81 -33.10 -55.60
N THR H 359 -29.53 -31.87 -56.02
CA THR H 359 -30.24 -31.22 -57.10
C THR H 359 -29.27 -30.93 -58.25
N ALA H 360 -29.76 -30.19 -59.25
CA ALA H 360 -29.04 -30.04 -60.52
C ALA H 360 -27.97 -28.98 -60.44
N THR H 361 -28.16 -27.93 -59.64
CA THR H 361 -27.11 -26.96 -59.41
C THR H 361 -26.12 -27.42 -58.35
N LEU H 362 -26.33 -28.60 -57.76
CA LEU H 362 -25.56 -29.03 -56.60
C LEU H 362 -25.33 -30.53 -56.65
N CYS H 363 -24.19 -30.93 -57.20
CA CYS H 363 -23.60 -32.25 -57.25
C CYS H 363 -24.54 -33.21 -58.00
N PRO H 364 -24.74 -33.02 -59.30
CA PRO H 364 -25.93 -33.62 -59.95
C PRO H 364 -26.03 -35.13 -59.92
N GLN H 365 -24.99 -35.85 -60.31
CA GLN H 365 -25.01 -37.32 -60.36
C GLN H 365 -26.10 -37.83 -61.31
N SER H 366 -25.87 -37.57 -62.60
CA SER H 366 -26.69 -38.19 -63.64
C SER H 366 -26.47 -39.70 -63.66
N CYS H 367 -27.33 -40.39 -64.42
CA CYS H 367 -27.23 -41.83 -64.60
C CYS H 367 -27.53 -42.24 -66.04
N GLU H 368 -27.56 -41.28 -66.95
CA GLU H 368 -28.07 -41.38 -68.32
C GLU H 368 -27.10 -42.03 -69.29
N GLU H 369 -25.80 -42.04 -68.99
CA GLU H 369 -24.84 -42.65 -69.88
C GLU H 369 -25.04 -44.16 -70.00
N ARG H 370 -25.68 -44.78 -69.01
CA ARG H 370 -25.85 -46.22 -69.05
C ARG H 370 -26.96 -46.64 -70.01
N ASN H 371 -28.05 -45.87 -70.07
CA ASN H 371 -29.13 -46.14 -71.03
C ASN H 371 -28.77 -45.61 -72.42
N LEU H 372 -27.61 -46.06 -72.92
CA LEU H 372 -27.02 -45.53 -74.14
C LEU H 372 -26.63 -46.59 -75.16
N MET H 373 -26.02 -47.69 -74.71
CA MET H 373 -25.54 -48.73 -75.66
C MET H 373 -26.69 -49.18 -76.55
N GLU H 374 -27.85 -49.51 -75.95
CA GLU H 374 -28.98 -49.97 -76.72
C GLU H 374 -29.50 -48.82 -77.57
N ASN H 375 -29.63 -49.05 -78.88
CA ASN H 375 -30.23 -48.05 -79.75
C ASN H 375 -31.62 -47.66 -79.29
N GLY H 376 -32.45 -48.63 -78.90
CA GLY H 376 -33.66 -48.33 -78.16
C GLY H 376 -33.31 -47.74 -76.81
N TYR H 377 -34.10 -46.77 -76.35
CA TYR H 377 -33.86 -46.09 -75.09
C TYR H 377 -34.95 -46.51 -74.11
N GLU H 378 -34.72 -47.64 -73.43
CA GLU H 378 -35.70 -48.12 -72.42
C GLU H 378 -35.61 -47.21 -71.19
N CYS H 379 -34.40 -46.75 -70.85
CA CYS H 379 -34.20 -45.87 -69.67
C CYS H 379 -34.80 -46.54 -68.43
N MET H 380 -34.22 -47.67 -68.00
CA MET H 380 -34.71 -48.37 -66.79
C MET H 380 -33.83 -48.01 -65.59
N TRP H 381 -32.77 -47.23 -65.83
CA TRP H 381 -31.82 -46.86 -64.74
C TRP H 381 -32.24 -45.53 -64.13
N ARG H 382 -32.05 -45.36 -62.81
CA ARG H 382 -32.54 -44.13 -62.12
C ARG H 382 -31.64 -43.83 -60.92
N TYR H 383 -31.37 -42.54 -60.68
CA TYR H 383 -30.76 -42.12 -59.39
C TYR H 383 -31.89 -41.73 -58.42
N ASN H 384 -31.96 -42.41 -57.28
CA ASN H 384 -33.08 -42.20 -56.33
C ASN H 384 -32.58 -42.32 -54.89
N SER H 385 -32.73 -41.24 -54.11
CA SER H 385 -32.67 -41.28 -52.62
C SER H 385 -31.75 -42.41 -52.15
N CYS H 386 -32.32 -43.59 -51.86
CA CYS H 386 -31.64 -44.62 -51.08
C CYS H 386 -32.39 -45.93 -51.33
N ALA H 387 -31.83 -46.75 -52.22
CA ALA H 387 -32.43 -48.03 -52.57
C ALA H 387 -31.69 -49.17 -51.89
N PRO H 388 -32.31 -50.36 -51.69
CA PRO H 388 -31.67 -51.45 -50.95
C PRO H 388 -30.24 -51.70 -51.43
N ALA H 389 -29.26 -51.47 -50.55
CA ALA H 389 -27.84 -51.74 -50.87
C ALA H 389 -27.69 -53.19 -51.36
N CYS H 390 -28.47 -54.11 -50.79
CA CYS H 390 -28.42 -55.54 -51.18
C CYS H 390 -29.54 -55.84 -52.17
N GLN H 391 -29.29 -56.74 -53.13
CA GLN H 391 -30.31 -57.14 -54.13
C GLN H 391 -29.87 -58.45 -54.80
N VAL H 392 -30.72 -59.01 -55.67
CA VAL H 392 -30.40 -60.29 -56.37
C VAL H 392 -30.37 -60.03 -57.88
N THR H 393 -29.56 -60.81 -58.60
CA THR H 393 -29.42 -60.65 -60.08
C THR H 393 -29.26 -62.02 -60.73
N CYS H 394 -29.20 -62.06 -62.07
CA CYS H 394 -28.78 -63.29 -62.78
C CYS H 394 -27.44 -63.76 -62.22
N GLN H 395 -26.61 -62.82 -61.77
CA GLN H 395 -25.26 -63.11 -61.24
C GLN H 395 -25.38 -63.53 -59.76
N HIS H 396 -26.38 -63.01 -59.06
CA HIS H 396 -26.59 -63.35 -57.63
C HIS H 396 -28.08 -63.61 -57.36
N PRO H 397 -28.68 -64.67 -57.93
CA PRO H 397 -30.10 -64.95 -57.72
C PRO H 397 -30.38 -65.19 -56.23
N GLU H 398 -29.45 -65.88 -55.56
CA GLU H 398 -29.53 -66.08 -54.08
C GLU H 398 -29.51 -64.72 -53.40
N PRO H 399 -30.23 -64.52 -52.28
CA PRO H 399 -30.17 -63.27 -51.53
C PRO H 399 -28.81 -63.11 -50.83
N LEU H 400 -28.34 -61.87 -50.70
CA LEU H 400 -27.01 -61.60 -50.08
C LEU H 400 -27.20 -60.80 -48.79
N ALA H 401 -26.40 -61.10 -47.76
CA ALA H 401 -26.49 -60.37 -46.47
C ALA H 401 -26.44 -58.86 -46.73
N CYS H 402 -27.12 -58.07 -45.89
CA CYS H 402 -27.27 -56.61 -46.11
C CYS H 402 -26.58 -55.85 -44.98
N PRO H 403 -25.24 -55.65 -45.02
CA PRO H 403 -24.54 -54.89 -43.99
C PRO H 403 -25.01 -53.43 -44.01
N VAL H 404 -25.59 -52.99 -45.13
CA VAL H 404 -26.20 -51.64 -45.25
C VAL H 404 -27.62 -51.79 -45.81
N GLN H 405 -28.61 -51.18 -45.15
CA GLN H 405 -30.03 -51.29 -45.60
C GLN H 405 -30.12 -50.78 -47.04
N CYS H 406 -30.08 -49.46 -47.23
CA CYS H 406 -30.18 -48.85 -48.57
C CYS H 406 -28.97 -47.94 -48.82
N VAL H 407 -28.69 -47.63 -50.09
CA VAL H 407 -27.57 -46.72 -50.46
C VAL H 407 -28.02 -45.79 -51.59
N GLU H 408 -27.24 -44.76 -51.88
CA GLU H 408 -27.48 -43.88 -53.06
C GLU H 408 -26.95 -44.57 -54.31
N GLY H 409 -26.85 -43.82 -55.42
CA GLY H 409 -26.26 -44.36 -56.66
C GLY H 409 -27.32 -44.59 -57.73
N CYS H 410 -26.89 -45.11 -58.89
CA CYS H 410 -27.80 -45.33 -60.04
C CYS H 410 -28.37 -46.75 -59.99
N HIS H 411 -29.69 -46.88 -60.03
CA HIS H 411 -30.35 -48.19 -59.76
C HIS H 411 -31.37 -48.50 -60.88
N ALA H 412 -31.42 -49.76 -61.29
CA ALA H 412 -32.37 -50.23 -62.30
C ALA H 412 -33.77 -50.41 -61.71
N HIS H 413 -34.78 -50.18 -62.54
CA HIS H 413 -36.19 -50.44 -62.24
C HIS H 413 -36.95 -50.63 -63.54
N CYS H 414 -37.33 -51.87 -63.81
CA CYS H 414 -38.27 -52.23 -64.85
C CYS H 414 -39.42 -52.99 -64.23
N PRO H 415 -40.52 -53.20 -64.96
CA PRO H 415 -41.66 -53.91 -64.37
C PRO H 415 -41.29 -55.30 -63.86
N PRO H 416 -42.10 -55.89 -62.98
CA PRO H 416 -41.76 -57.22 -62.47
C PRO H 416 -41.69 -58.30 -63.54
N GLY H 417 -41.28 -59.51 -63.15
CA GLY H 417 -40.93 -60.60 -64.04
C GLY H 417 -39.71 -60.34 -64.89
N LYS H 418 -38.86 -59.39 -64.48
CA LYS H 418 -37.60 -59.11 -65.17
C LYS H 418 -36.55 -58.80 -64.11
N ILE H 419 -35.51 -59.63 -64.08
CA ILE H 419 -34.45 -59.54 -63.08
C ILE H 419 -33.15 -59.11 -63.73
N LEU H 420 -32.37 -58.35 -62.98
CA LEU H 420 -31.20 -57.68 -63.51
C LEU H 420 -30.00 -58.58 -63.76
N ASP H 421 -29.24 -58.26 -64.80
CA ASP H 421 -27.91 -58.79 -65.04
C ASP H 421 -27.00 -57.62 -65.38
N GLU H 422 -25.79 -57.62 -64.81
CA GLU H 422 -24.89 -56.49 -64.98
C GLU H 422 -24.15 -56.49 -66.31
N LEU H 423 -23.82 -57.66 -66.87
CA LEU H 423 -23.12 -57.70 -68.14
C LEU H 423 -23.95 -57.06 -69.26
N LEU H 424 -25.19 -57.52 -69.42
CA LEU H 424 -26.15 -56.82 -70.26
C LEU H 424 -26.85 -55.75 -69.44
N GLN H 425 -26.51 -54.49 -69.68
CA GLN H 425 -26.88 -53.39 -68.80
C GLN H 425 -28.39 -53.29 -68.54
N THR H 426 -29.22 -53.88 -69.39
CA THR H 426 -30.66 -53.89 -69.17
C THR H 426 -31.08 -55.06 -68.29
N CYS H 427 -32.24 -54.92 -67.66
CA CYS H 427 -32.87 -56.01 -66.95
C CYS H 427 -33.42 -57.03 -67.94
N VAL H 428 -33.80 -58.20 -67.42
CA VAL H 428 -34.19 -59.33 -68.26
C VAL H 428 -35.00 -60.35 -67.47
N ASP H 429 -35.78 -61.15 -68.19
CA ASP H 429 -36.62 -62.18 -67.58
C ASP H 429 -35.80 -63.15 -66.72
N PRO H 430 -36.46 -63.90 -65.84
CA PRO H 430 -35.71 -64.90 -65.03
C PRO H 430 -34.98 -65.97 -65.83
N GLU H 431 -35.61 -66.53 -66.87
CA GLU H 431 -35.04 -67.69 -67.54
C GLU H 431 -33.76 -67.36 -68.29
N ASP H 432 -33.59 -66.11 -68.72
CA ASP H 432 -32.37 -65.72 -69.41
C ASP H 432 -31.16 -65.66 -68.48
N CYS H 433 -31.35 -65.80 -67.18
CA CYS H 433 -30.22 -65.90 -66.26
C CYS H 433 -29.46 -67.20 -66.46
N PRO H 434 -28.12 -67.18 -66.43
CA PRO H 434 -27.39 -68.46 -66.35
C PRO H 434 -27.49 -69.06 -64.96
N VAL H 435 -28.66 -69.55 -64.64
CA VAL H 435 -28.97 -70.11 -63.33
C VAL H 435 -28.76 -71.62 -63.31
N CYS H 436 -28.52 -72.17 -62.11
CA CYS H 436 -28.21 -73.59 -61.94
C CYS H 436 -29.06 -74.22 -60.85
N GLU H 437 -29.73 -75.32 -61.19
CA GLU H 437 -30.47 -76.16 -60.24
C GLU H 437 -30.24 -77.64 -60.56
N VAL H 438 -29.19 -78.21 -59.98
CA VAL H 438 -28.80 -79.59 -60.26
C VAL H 438 -29.24 -80.52 -59.13
N ALA H 439 -30.00 -81.57 -59.49
CA ALA H 439 -30.65 -82.58 -58.67
C ALA H 439 -31.63 -81.98 -57.66
N GLY H 440 -32.23 -80.85 -58.02
CA GLY H 440 -33.40 -80.34 -57.31
C GLY H 440 -33.18 -79.17 -56.35
N ARG H 441 -32.12 -79.20 -55.55
CA ARG H 441 -32.01 -78.24 -54.46
C ARG H 441 -31.71 -76.84 -54.98
N ARG H 442 -32.32 -75.86 -54.33
CA ARG H 442 -32.12 -74.45 -54.64
C ARG H 442 -30.83 -73.90 -54.03
N PHE H 443 -29.99 -73.30 -54.87
CA PHE H 443 -28.68 -72.72 -54.55
C PHE H 443 -28.39 -71.56 -55.49
N ALA H 444 -27.12 -71.16 -55.55
CA ALA H 444 -26.71 -70.01 -56.34
C ALA H 444 -26.73 -70.34 -57.84
N SER H 445 -26.35 -69.35 -58.65
CA SER H 445 -26.34 -69.47 -60.11
C SER H 445 -25.00 -70.05 -60.58
N GLY H 446 -24.75 -71.29 -60.17
CA GLY H 446 -23.57 -72.01 -60.61
C GLY H 446 -22.27 -71.38 -60.14
N LYS H 447 -22.11 -71.26 -58.82
CA LYS H 447 -20.83 -70.90 -58.26
C LYS H 447 -19.71 -71.85 -58.67
N LYS H 448 -18.49 -71.34 -58.71
CA LYS H 448 -17.32 -72.14 -59.11
C LYS H 448 -16.59 -72.59 -57.85
N VAL H 449 -17.19 -73.59 -57.19
CA VAL H 449 -16.73 -74.12 -55.92
C VAL H 449 -16.85 -75.63 -55.97
N THR H 450 -15.87 -76.32 -55.40
CA THR H 450 -15.82 -77.78 -55.23
C THR H 450 -16.46 -78.14 -53.89
N LEU H 451 -17.71 -78.57 -53.92
CA LEU H 451 -18.50 -78.98 -52.76
C LEU H 451 -17.99 -80.29 -52.17
N ASN H 452 -18.32 -80.51 -50.91
CA ASN H 452 -18.08 -81.76 -50.20
C ASN H 452 -16.61 -82.16 -50.19
N PRO H 453 -15.74 -81.42 -49.49
CA PRO H 453 -14.39 -81.93 -49.22
C PRO H 453 -14.29 -82.82 -48.00
N SER H 454 -15.37 -83.01 -47.25
CA SER H 454 -15.27 -83.63 -45.93
C SER H 454 -14.93 -85.12 -46.00
N ASP H 455 -15.88 -85.97 -46.54
CA ASP H 455 -16.17 -87.40 -46.76
C ASP H 455 -15.72 -87.87 -48.14
N PRO H 456 -14.78 -88.83 -48.27
CA PRO H 456 -14.40 -89.31 -49.61
C PRO H 456 -15.50 -90.17 -50.25
N GLU H 457 -16.06 -91.09 -49.47
CA GLU H 457 -17.06 -92.05 -49.94
C GLU H 457 -18.31 -91.36 -50.45
N HIS H 458 -18.74 -90.29 -49.80
CA HIS H 458 -19.85 -89.42 -50.16
C HIS H 458 -19.45 -88.33 -51.15
N CYS H 459 -18.26 -88.42 -51.75
CA CYS H 459 -17.84 -87.39 -52.69
C CYS H 459 -18.69 -87.54 -53.95
N GLN H 460 -19.88 -86.95 -53.91
CA GLN H 460 -20.80 -86.92 -55.05
C GLN H 460 -20.90 -85.48 -55.52
N ILE H 461 -19.97 -85.08 -56.36
CA ILE H 461 -19.80 -83.70 -56.77
C ILE H 461 -20.77 -83.39 -57.90
N CYS H 462 -21.23 -82.14 -57.95
CA CYS H 462 -22.09 -81.59 -59.01
C CYS H 462 -21.78 -80.10 -59.13
N HIS H 463 -20.92 -79.76 -60.09
CA HIS H 463 -20.70 -78.38 -60.46
C HIS H 463 -21.77 -77.91 -61.44
N CYS H 464 -21.71 -76.62 -61.77
CA CYS H 464 -22.54 -76.07 -62.85
C CYS H 464 -21.90 -74.76 -63.29
N ASP H 465 -21.46 -74.71 -64.54
CA ASP H 465 -20.83 -73.50 -65.05
C ASP H 465 -21.84 -72.37 -65.27
N VAL H 466 -22.83 -72.58 -66.14
CA VAL H 466 -23.83 -71.56 -66.43
C VAL H 466 -25.22 -72.15 -66.27
N VAL H 467 -25.50 -73.27 -66.95
CA VAL H 467 -26.79 -73.94 -66.85
C VAL H 467 -26.65 -75.46 -66.70
N ASN H 468 -25.47 -76.02 -66.96
CA ASN H 468 -25.33 -77.45 -67.24
C ASN H 468 -25.83 -78.35 -66.11
N LEU H 469 -26.65 -79.33 -66.50
CA LEU H 469 -27.26 -80.30 -65.60
C LEU H 469 -26.31 -81.49 -65.38
N THR H 470 -25.10 -81.15 -64.92
CA THR H 470 -23.95 -82.05 -64.97
C THR H 470 -23.49 -82.41 -63.55
N CYS H 471 -22.82 -83.56 -63.46
CA CYS H 471 -22.18 -83.99 -62.23
C CYS H 471 -20.88 -84.73 -62.55
N GLU H 472 -19.77 -84.22 -62.05
CA GLU H 472 -18.45 -84.80 -62.30
C GLU H 472 -18.18 -86.00 -61.41
N ALA H 473 -17.07 -86.68 -61.71
CA ALA H 473 -16.60 -87.81 -60.91
C ALA H 473 -15.45 -87.37 -60.01
N CYS H 474 -15.40 -87.94 -58.80
CA CYS H 474 -14.33 -87.66 -57.87
C CYS H 474 -13.13 -88.59 -58.08
N GLN H 475 -11.93 -88.01 -58.08
CA GLN H 475 -10.71 -88.80 -58.18
C GLN H 475 -10.42 -89.49 -56.86
N GLU H 476 -10.31 -90.82 -56.89
CA GLU H 476 -10.11 -91.57 -55.67
C GLU H 476 -8.69 -91.33 -55.14
N PRO H 477 -8.50 -91.39 -53.81
CA PRO H 477 -7.13 -91.28 -53.30
C PRO H 477 -6.29 -92.52 -53.56
N GLY H 478 -6.88 -93.71 -53.47
CA GLY H 478 -6.16 -94.94 -53.74
C GLY H 478 -5.74 -95.07 -55.19
CA CA I . -41.84 -0.73 -34.97
CA CA J . -5.75 -7.89 -95.05
C1 NAG K . -43.88 -11.12 -34.73
C2 NAG K . -45.26 -11.77 -34.80
C3 NAG K . -45.57 -12.53 -33.51
C4 NAG K . -44.42 -13.44 -33.11
C5 NAG K . -43.11 -12.64 -33.12
C6 NAG K . -41.93 -13.50 -32.70
C7 NAG K . -46.04 -9.47 -35.11
C8 NAG K . -47.24 -8.56 -35.21
N2 NAG K . -46.29 -10.78 -35.05
O3 NAG K . -46.79 -13.26 -33.67
O4 NAG K . -44.54 -13.90 -31.76
O5 NAG K . -42.90 -12.10 -34.41
O6 NAG K . -40.82 -13.08 -33.47
O7 NAG K . -44.90 -9.01 -35.09
C1 NAG L . -11.65 13.18 -41.23
C2 NAG L . -11.68 12.07 -40.17
C3 NAG L . -10.26 11.63 -39.80
C4 NAG L . -9.43 11.34 -41.05
C5 NAG L . -9.54 12.51 -42.00
C6 NAG L . -8.71 12.30 -43.26
C7 NAG L . -13.68 12.32 -38.77
C8 NAG L . -14.28 12.99 -37.56
N2 NAG L . -12.37 12.52 -38.98
O3 NAG L . -10.33 10.49 -38.94
O4 NAG L . -8.03 11.24 -40.75
O5 NAG L . -10.89 12.73 -42.35
O6 NAG L . -9.29 11.21 -43.96
O7 NAG L . -14.36 11.63 -39.51
C1 NAG M . -32.17 31.00 95.94
C2 NAG M . -30.93 31.80 96.38
C3 NAG M . -31.33 32.96 97.29
C4 NAG M . -32.41 33.81 96.64
C5 NAG M . -33.59 32.92 96.25
C6 NAG M . -34.70 33.66 95.55
C7 NAG M . -28.88 30.43 96.49
C8 NAG M . -28.04 29.55 97.38
N2 NAG M . -29.99 30.93 97.06
O3 NAG M . -30.18 33.76 97.55
O4 NAG M . -32.86 34.82 97.54
O5 NAG M . -33.14 31.90 95.37
O6 NAG M . -35.97 33.10 95.85
O7 NAG M . -28.58 30.66 95.33
CA CA N . -26.82 13.78 48.12
CA CA O . -21.03 -1.78 70.67
C1 NAG P . -36.54 -10.67 55.66
C2 NAG P . -37.35 -11.91 55.27
C3 NAG P . -38.86 -11.68 55.50
C4 NAG P . -39.11 -11.12 56.89
C5 NAG P . -38.21 -9.91 57.12
C6 NAG P . -38.45 -9.29 58.48
C7 NAG P . -36.09 -13.01 53.47
C8 NAG P . -35.91 -13.15 51.99
N2 NAG P . -37.13 -12.27 53.87
O3 NAG P . -39.55 -12.92 55.28
O4 NAG P . -40.45 -10.60 57.01
O5 NAG P . -36.85 -10.30 56.99
O6 NAG P . -37.43 -9.76 59.35
O7 NAG P . -35.33 -13.56 54.26
C1 NAG Q . -8.48 3.28 78.58
C2 NAG Q . -7.48 3.31 79.74
C3 NAG Q . -7.92 2.39 80.88
C4 NAG Q . -9.38 2.63 81.25
C5 NAG Q . -10.22 2.58 79.99
C6 NAG Q . -11.70 2.78 80.29
C7 NAG Q . -5.23 3.82 78.88
C8 NAG Q . -3.97 3.24 78.30
N2 NAG Q . -6.15 2.93 79.29
O3 NAG Q . -7.05 2.59 82.00
O4 NAG Q . -9.90 1.58 82.07
O5 NAG Q . -9.78 3.57 79.07
O6 NAG Q . -11.85 4.11 80.78
O7 NAG Q . -5.40 5.03 78.97
CA CA R . 18.85 -47.24 -77.69
CA CA S . -18.32 -41.51 -18.11
C1 NAG T . 9.19 -45.23 -83.40
C2 NAG T . 8.47 -46.20 -84.34
C3 NAG T . 8.63 -45.76 -85.80
C4 NAG T . 8.28 -44.27 -85.97
C5 NAG T . 9.07 -43.47 -84.95
C6 NAG T . 8.79 -41.98 -85.08
C7 NAG T . 8.43 -48.44 -83.35
C8 NAG T . 9.17 -49.74 -83.18
N2 NAG T . 8.98 -47.55 -84.19
O3 NAG T . 7.79 -46.58 -86.63
O4 NAG T . 8.72 -43.78 -87.24
O5 NAG T . 8.74 -43.90 -83.63
O6 NAG T . 7.43 -41.76 -84.75
O7 NAG T . 7.37 -48.23 -82.76
C1 NAG U . 26.61 -29.19 -49.22
C2 NAG U . 26.29 -27.76 -49.65
C3 NAG U . 26.84 -26.79 -48.62
C4 NAG U . 26.26 -27.14 -47.25
C5 NAG U . 26.58 -28.58 -46.91
C6 NAG U . 25.96 -28.95 -45.56
C7 NAG U . 26.20 -27.69 -52.07
C8 NAG U . 27.03 -27.94 -53.29
N2 NAG U . 26.88 -27.48 -50.94
O3 NAG U . 26.48 -25.46 -48.98
O4 NAG U . 26.82 -26.27 -46.27
O5 NAG U . 26.06 -29.45 -47.92
O6 NAG U . 24.53 -28.83 -45.65
O7 NAG U . 24.97 -27.67 -52.10
C1 NAG V . 25.95 -15.62 97.23
C2 NAG V . 24.81 -16.32 96.47
C3 NAG V . 24.91 -17.83 96.61
C4 NAG V . 26.29 -18.32 96.22
C5 NAG V . 27.35 -17.58 97.04
C6 NAG V . 28.76 -17.96 96.67
C7 NAG V . 22.76 -14.95 96.35
C8 NAG V . 21.46 -14.60 97.03
N2 NAG V . 23.52 -15.85 96.97
O3 NAG V . 23.93 -18.45 95.79
O4 NAG V . 26.41 -19.72 96.47
O5 NAG V . 27.21 -16.17 96.80
O6 NAG V . 29.62 -17.88 97.81
O7 NAG V . 23.09 -14.44 95.29
CA CA W . 41.40 26.33 72.45
CA CA X . 22.99 26.99 93.56
C1 NAG Y . 41.52 39.87 96.62
C2 NAG Y . 42.54 40.98 96.89
C3 NAG Y . 43.73 40.45 97.69
C4 NAG Y . 43.27 39.66 98.91
C5 NAG Y . 42.25 38.61 98.47
C6 NAG Y . 41.77 37.77 99.63
C7 NAG Y . 43.63 40.86 94.69
C8 NAG Y . 44.19 41.65 93.54
N2 NAG Y . 43.01 41.57 95.65
O3 NAG Y . 44.57 41.55 98.06
O4 NAG Y . 44.34 38.89 99.48
O5 NAG Y . 41.15 39.27 97.85
O6 NAG Y . 42.27 36.46 99.44
O7 NAG Y . 43.73 39.65 94.74
C1 NAG Z . 10.97 19.65 90.97
C2 NAG Z . 9.69 19.81 91.80
C3 NAG Z . 9.98 19.63 93.29
C4 NAG Z . 10.79 18.37 93.54
C5 NAG Z . 12.01 18.36 92.63
C6 NAG Z . 12.88 17.14 92.86
C7 NAG Z . 8.14 21.32 90.66
C8 NAG Z . 7.73 22.75 90.44
N2 NAG Z . 9.07 21.11 91.58
O3 NAG Z . 8.74 19.60 94.00
O4 NAG Z . 11.34 18.34 94.87
O5 NAG Z . 11.59 18.41 91.27
O6 NAG Z . 12.13 16.00 92.46
O7 NAG Z . 7.62 20.41 90.01
CA CA AA . -2.14 62.57 68.53
CA CA BA . -25.44 1.58 42.04
C1 NAG CA . 3.19 56.14 76.98
C2 NAG CA . 2.59 56.43 78.37
C3 NAG CA . 3.66 57.00 79.31
C4 NAG CA . 4.94 56.15 79.27
C5 NAG CA . 5.36 55.95 77.84
C6 NAG CA . 6.64 55.14 77.74
C7 NAG CA . 0.21 56.95 78.17
C8 NAG CA . -0.81 58.03 77.92
N2 NAG CA . 1.48 57.35 78.28
O3 NAG CA . 3.12 57.09 80.63
O4 NAG CA . 6.04 56.84 79.89
O5 NAG CA . 4.32 55.30 77.11
O6 NAG CA . 6.36 53.83 78.22
O7 NAG CA . -0.12 55.78 78.27
C1 NAG DA . -2.30 52.00 34.76
C2 NAG DA . -1.02 52.20 35.59
C3 NAG DA . 0.20 51.69 34.82
C4 NAG DA . -0.03 50.28 34.28
C5 NAG DA . -1.35 50.26 33.52
C6 NAG DA . -1.63 48.89 32.93
C7 NAG DA . -1.28 54.14 37.06
C8 NAG DA . -1.15 55.64 37.18
N2 NAG DA . -0.84 53.60 35.92
O3 NAG DA . 1.34 51.73 35.69
O4 NAG DA . 0.96 49.92 33.31
O5 NAG DA . -2.42 50.64 34.38
O6 NAG DA . -1.82 47.98 34.02
O7 NAG DA . -1.76 53.47 37.97
CA CA EA . 18.78 -20.09 47.31
CA CA FA . 41.53 40.17 75.85
C1 NAG GA . 9.59 -19.19 53.04
C2 NAG GA . 9.30 -20.52 53.76
C3 NAG GA . 8.08 -21.21 53.15
C4 NAG GA . 6.89 -20.26 53.03
C5 NAG GA . 7.36 -18.99 52.32
C6 NAG GA . 6.22 -18.00 52.15
C7 NAG GA . 11.40 -21.46 54.63
C8 NAG GA . 12.60 -22.31 54.33
N2 NAG GA . 10.45 -21.41 53.68
O3 NAG GA . 7.75 -22.36 53.96
O4 NAG GA . 5.86 -20.78 52.20
O5 NAG GA . 8.42 -18.39 53.05
O6 NAG GA . 5.83 -17.57 53.43
O7 NAG GA . 11.29 -20.85 55.69
C1 NAG HA . 33.08 5.48 30.01
C2 NAG HA . 31.64 6.00 30.13
C3 NAG HA . 31.36 7.08 29.07
C4 NAG HA . 32.45 8.14 29.06
C5 NAG HA . 33.80 7.46 28.97
C6 NAG HA . 34.94 8.47 28.93
C7 NAG HA . 30.18 4.23 31.01
C8 NAG HA . 29.34 3.03 30.67
N2 NAG HA . 30.68 4.92 29.98
O3 NAG HA . 30.07 7.65 29.33
O4 NAG HA . 32.38 8.97 27.90
O5 NAG HA . 33.98 6.57 30.07
O6 NAG HA . 34.96 9.13 30.19
O7 NAG HA . 30.40 4.55 32.17
C1 NAG IA . -63.54 -17.65 -77.24
C2 NAG IA . -63.72 -18.14 -75.80
C3 NAG IA . -65.10 -17.75 -75.26
C4 NAG IA . -65.36 -16.27 -75.46
C5 NAG IA . -65.16 -15.90 -76.93
C6 NAG IA . -65.34 -14.43 -77.22
C7 NAG IA . -62.43 -20.17 -75.28
C8 NAG IA . -62.45 -21.67 -75.27
N2 NAG IA . -63.55 -19.58 -75.71
O3 NAG IA . -65.18 -18.07 -73.88
O4 NAG IA . -66.68 -15.94 -75.06
O5 NAG IA . -63.83 -16.25 -77.32
O6 NAG IA . -65.87 -14.22 -78.52
O7 NAG IA . -61.44 -19.53 -74.91
CA CA JA . -15.26 -3.31 -85.88
CA CA KA . -24.97 -28.78 -92.29
C1 NAG LA . -16.36 -17.92 -109.19
C2 NAG LA . -17.68 -17.17 -109.38
C3 NAG LA . -18.51 -17.81 -110.51
C4 NAG LA . -17.68 -18.01 -111.77
C5 NAG LA . -16.39 -18.74 -111.40
C6 NAG LA . -15.52 -19.01 -112.61
C7 NAG LA . -18.39 -16.17 -107.26
C8 NAG LA . -19.12 -16.38 -105.96
N2 NAG LA . -18.45 -17.16 -108.16
O3 NAG LA . -19.65 -16.97 -110.77
O4 NAG LA . -18.33 -18.87 -112.70
O5 NAG LA . -15.67 -17.98 -110.43
O6 NAG LA . -15.09 -17.76 -113.10
O7 NAG LA . -17.76 -15.14 -107.46
C1 NAG MA . -30.35 -37.52 -79.73
C2 NAG MA . -31.21 -37.35 -80.98
C3 NAG MA . -30.94 -38.46 -81.99
C4 NAG MA . -29.44 -38.63 -82.24
C5 NAG MA . -28.73 -38.76 -80.90
C6 NAG MA . -27.24 -38.95 -81.08
C7 NAG MA . -33.32 -36.23 -80.38
C8 NAG MA . -34.72 -36.42 -79.88
N2 NAG MA . -32.62 -37.35 -80.63
O3 NAG MA . -31.64 -38.18 -83.21
O4 NAG MA . -29.15 -39.85 -82.93
O5 NAG MA . -28.98 -37.61 -80.11
O6 NAG MA . -26.72 -37.77 -81.65
O7 NAG MA . -32.85 -35.12 -80.55
C1 NAG NA . -21.13 -78.29 -68.20
C2 NAG NA . -20.72 -77.60 -69.51
C3 NAG NA . -20.16 -78.61 -70.50
C4 NAG NA . -19.07 -79.46 -69.86
C5 NAG NA . -19.59 -80.10 -68.59
C6 NAG NA . -18.56 -80.91 -67.85
C7 NAG NA . -22.03 -75.57 -70.00
C8 NAG NA . -23.26 -75.03 -70.67
N2 NAG NA . -21.84 -76.90 -70.10
O3 NAG NA . -19.64 -77.93 -71.64
O4 NAG NA . -18.64 -80.47 -70.77
O5 NAG NA . -20.04 -79.07 -67.69
O6 NAG NA . -19.15 -82.01 -67.18
O7 NAG NA . -21.24 -74.83 -69.41
CA CA OA . -11.90 -48.29 -27.86
CA CA PA . -36.94 -49.81 -40.32
C1 NAG QA . -36.03 -55.50 -17.61
C2 NAG QA . -36.11 -55.18 -16.11
C3 NAG QA . -36.82 -56.30 -15.34
C4 NAG QA . -38.14 -56.68 -16.01
C5 NAG QA . -37.88 -56.94 -17.50
C6 NAG QA . -39.15 -57.36 -18.22
C7 NAG QA . -34.21 -53.77 -15.46
C8 NAG QA . -32.78 -53.75 -15.01
N2 NAG QA . -34.79 -54.97 -15.55
O3 NAG QA . -37.03 -55.88 -13.99
O4 NAG QA . -38.65 -57.92 -15.52
O5 NAG QA . -37.34 -55.78 -18.10
O6 NAG QA . -40.03 -56.25 -18.21
O7 NAG QA . -34.81 -52.73 -15.73
C1 NAG RA . -37.65 -43.37 -54.77
C2 NAG RA . -39.00 -43.63 -55.42
C3 NAG RA . -40.00 -44.19 -54.40
C4 NAG RA . -39.41 -45.35 -53.63
C5 NAG RA . -38.05 -44.94 -53.07
C6 NAG RA . -37.41 -46.05 -52.26
C7 NAG RA . -39.33 -42.06 -57.29
C8 NAG RA . -39.81 -40.69 -57.69
N2 NAG RA . -39.54 -42.41 -56.01
O3 NAG RA . -41.19 -44.57 -55.10
O4 NAG RA . -40.19 -45.67 -52.48
O5 NAG RA . -37.19 -44.56 -54.13
O6 NAG RA . -37.11 -47.12 -53.15
O7 NAG RA . -38.80 -42.81 -58.10
#